data_6L56
#
_entry.id   6L56
#
_cell.length_a   181.900
_cell.length_b   182.000
_cell.length_c   182.030
_cell.angle_alpha   90.000
_cell.angle_beta   90.000
_cell.angle_gamma   90.000
#
_symmetry.space_group_name_H-M   'P 2 2 2'
#
loop_
_entity.id
_entity.type
_entity.pdbx_description
1 polymer Ferritin
2 non-polymer 'FE (III) ION'
3 non-polymer 'FE (II) ION'
4 non-polymer 'SODIUM ION'
5 water water
#
_entity_poly.entity_id   1
_entity_poly.type   'polypeptide(L)'
_entity_poly.pdbx_seq_one_letter_code
;MAQTQPRQNFHVESEAGINKQINMELYASYVYQSMYMYFDRDDVALPSFAKYFKHNSEEEREHAEKLMKYQNKRGGRIVL
QDIQKPDLDEWGSPLEAMQTTLALEKSVNQALLDLHKIADKHGDAQMMDFLEGEYLKEQVDAIEEISDHITNLKRVGTGL
GEYMYDKETMSS
;
_entity_poly.pdbx_strand_id   A,B,C,D,E,F,G,H,I,J,K,L,M,N,O,P,Q,R,S,T,U,V,W,X
#
loop_
_chem_comp.id
_chem_comp.type
_chem_comp.name
_chem_comp.formula
FE non-polymer 'FE (III) ION' 'Fe 3'
FE2 non-polymer 'FE (II) ION' 'Fe 2'
NA non-polymer 'SODIUM ION' 'Na 1'
#
# COMPACT_ATOMS: atom_id res chain seq x y z
N GLN A 3 10.50 -40.41 46.93
CA GLN A 3 9.26 -39.88 47.46
C GLN A 3 9.01 -38.47 46.94
N THR A 4 9.68 -38.10 45.86
CA THR A 4 9.45 -36.80 45.25
C THR A 4 8.02 -36.74 44.71
N GLN A 5 7.46 -35.53 44.67
CA GLN A 5 6.06 -35.34 44.26
C GLN A 5 5.68 -36.04 42.97
N PRO A 6 6.45 -35.94 41.88
CA PRO A 6 5.99 -36.49 40.60
C PRO A 6 6.13 -37.99 40.49
N ARG A 7 6.90 -38.62 41.37
CA ARG A 7 7.46 -39.93 41.06
C ARG A 7 6.36 -40.98 40.95
N GLN A 8 6.36 -41.69 39.83
CA GLN A 8 5.36 -42.73 39.61
C GLN A 8 5.89 -43.68 38.54
N ASN A 9 5.98 -44.97 38.86
CA ASN A 9 6.46 -45.98 37.91
C ASN A 9 7.87 -45.67 37.42
N PHE A 10 8.71 -45.09 38.30
CA PHE A 10 10.05 -44.63 37.93
C PHE A 10 11.05 -45.30 38.86
N HIS A 11 11.83 -46.23 38.32
CA HIS A 11 12.73 -47.07 39.12
C HIS A 11 14.07 -46.40 39.34
N VAL A 12 14.67 -46.66 40.51
CA VAL A 12 15.97 -46.06 40.81
C VAL A 12 17.02 -46.48 39.79
N GLU A 13 16.87 -47.67 39.18
CA GLU A 13 17.85 -48.06 38.16
C GLU A 13 17.73 -47.18 36.91
N SER A 14 16.51 -46.77 36.57
CA SER A 14 16.31 -45.90 35.42
C SER A 14 16.83 -44.50 35.70
N GLU A 15 16.56 -44.00 36.90
CA GLU A 15 17.10 -42.72 37.33
C GLU A 15 18.62 -42.70 37.23
N ALA A 16 19.27 -43.76 37.71
CA ALA A 16 20.74 -43.83 37.65
C ALA A 16 21.23 -43.90 36.21
N GLY A 17 20.54 -44.68 35.37
CA GLY A 17 20.93 -44.77 33.96
C GLY A 17 20.81 -43.44 33.24
N ILE A 18 19.80 -42.65 33.60
CA ILE A 18 19.65 -41.32 33.01
C ILE A 18 20.81 -40.42 33.42
N ASN A 19 21.20 -40.45 34.69
CA ASN A 19 22.37 -39.66 35.10
C ASN A 19 23.62 -40.09 34.35
N LYS A 20 23.79 -41.38 34.12
CA LYS A 20 24.96 -41.81 33.35
C LYS A 20 24.88 -41.32 31.91
N GLN A 21 23.69 -41.36 31.30
CA GLN A 21 23.56 -40.92 29.92
C GLN A 21 23.77 -39.43 29.78
N ILE A 22 23.32 -38.65 30.77
CA ILE A 22 23.57 -37.20 30.78
C ILE A 22 25.07 -36.93 30.63
N ASN A 23 25.89 -37.63 31.42
CA ASN A 23 27.33 -37.41 31.35
C ASN A 23 27.87 -37.77 29.98
N MET A 24 27.35 -38.84 29.36
CA MET A 24 27.86 -39.25 28.06
C MET A 24 27.50 -38.22 26.99
N GLU A 25 26.30 -37.65 27.06
CA GLU A 25 25.91 -36.60 26.12
C GLU A 25 26.82 -35.38 26.28
N LEU A 26 27.08 -34.97 27.52
CA LEU A 26 28.02 -33.87 27.78
C LEU A 26 29.40 -34.21 27.25
N TYR A 27 29.86 -35.44 27.45
CA TYR A 27 31.16 -35.85 26.93
C TYR A 27 31.21 -35.72 25.42
N ALA A 28 30.17 -36.17 24.73
CA ALA A 28 30.13 -36.05 23.27
C ALA A 28 30.11 -34.58 22.85
N SER A 29 29.40 -33.74 23.59
CA SER A 29 29.44 -32.31 23.30
C SER A 29 30.87 -31.78 23.37
N TYR A 30 31.64 -32.24 24.36
CA TYR A 30 33.01 -31.76 24.53
C TYR A 30 33.90 -32.25 23.39
N VAL A 31 33.75 -33.52 22.98
CA VAL A 31 34.50 -34.02 21.84
C VAL A 31 34.26 -33.13 20.61
N TYR A 32 32.99 -32.82 20.31
CA TYR A 32 32.70 -32.02 19.12
C TYR A 32 33.21 -30.60 19.27
N GLN A 33 33.21 -30.06 20.49
CA GLN A 33 33.80 -28.74 20.69
C GLN A 33 35.29 -28.77 20.37
N SER A 34 35.98 -29.83 20.80
CA SER A 34 37.39 -29.97 20.47
C SER A 34 37.59 -30.05 18.96
N MET A 35 36.79 -30.87 18.28
CA MET A 35 36.93 -30.98 16.82
C MET A 35 36.63 -29.65 16.14
N TYR A 36 35.63 -28.93 16.65
CA TYR A 36 35.34 -27.59 16.16
C TYR A 36 36.59 -26.73 16.18
N MET A 37 37.21 -26.61 17.34
CA MET A 37 38.38 -25.74 17.47
C MET A 37 39.61 -26.29 16.78
N TYR A 38 39.66 -27.61 16.54
CA TYR A 38 40.77 -28.18 15.76
C TYR A 38 40.68 -27.75 14.30
N PHE A 39 39.49 -27.86 13.71
CA PHE A 39 39.36 -27.42 12.33
C PHE A 39 39.41 -25.90 12.19
N ASP A 40 39.27 -25.17 13.30
CA ASP A 40 39.52 -23.73 13.37
C ASP A 40 41.00 -23.36 13.41
N ARG A 41 41.90 -24.32 13.64
CA ARG A 41 43.33 -23.99 13.69
C ARG A 41 43.81 -23.41 12.36
N ASP A 42 44.79 -22.51 12.45
CA ASP A 42 45.35 -21.87 11.26
C ASP A 42 46.01 -22.87 10.32
N ASP A 43 46.50 -24.00 10.85
CA ASP A 43 47.17 -24.99 10.03
C ASP A 43 46.24 -26.14 9.63
N VAL A 44 44.94 -26.00 9.91
CA VAL A 44 43.93 -26.92 9.41
C VAL A 44 42.98 -26.11 8.52
N ALA A 45 42.31 -25.12 9.12
CA ALA A 45 41.65 -24.03 8.37
C ALA A 45 40.58 -24.55 7.39
N LEU A 46 39.66 -25.35 7.92
CA LEU A 46 38.50 -25.80 7.15
C LEU A 46 37.27 -25.29 7.88
N PRO A 47 36.79 -24.09 7.54
CA PRO A 47 35.82 -23.40 8.42
C PRO A 47 34.44 -23.99 8.39
N SER A 48 34.04 -24.69 7.32
CA SER A 48 32.70 -25.28 7.33
C SER A 48 32.67 -26.62 8.07
N PHE A 49 33.74 -27.40 7.97
CA PHE A 49 33.93 -28.49 8.94
C PHE A 49 33.87 -27.97 10.37
N ALA A 50 34.56 -26.86 10.62
CA ALA A 50 34.53 -26.28 11.97
C ALA A 50 33.09 -26.01 12.41
N LYS A 51 32.31 -25.37 11.54
CA LYS A 51 30.95 -25.02 11.91
C LYS A 51 30.09 -26.26 12.12
N TYR A 52 30.34 -27.30 11.33
CA TYR A 52 29.59 -28.54 11.49
C TYR A 52 29.78 -29.12 12.88
N PHE A 53 31.03 -29.17 13.36
CA PHE A 53 31.27 -29.71 14.70
C PHE A 53 30.81 -28.76 15.80
N LYS A 54 30.86 -27.45 15.54
CA LYS A 54 30.24 -26.50 16.47
C LYS A 54 28.77 -26.81 16.65
N HIS A 55 28.05 -27.00 15.54
CA HIS A 55 26.63 -27.31 15.60
C HIS A 55 26.39 -28.63 16.31
N ASN A 56 27.20 -29.66 16.01
CA ASN A 56 26.97 -30.93 16.66
C ASN A 56 27.31 -30.87 18.15
N SER A 57 28.26 -30.01 18.55
CA SER A 57 28.51 -29.81 19.97
C SER A 57 27.29 -29.22 20.67
N GLU A 58 26.69 -28.19 20.06
CA GLU A 58 25.47 -27.59 20.60
C GLU A 58 24.33 -28.62 20.68
N GLU A 59 24.16 -29.43 19.63
CA GLU A 59 23.11 -30.45 19.63
C GLU A 59 23.30 -31.43 20.79
N GLU A 60 24.53 -31.90 21.01
CA GLU A 60 24.77 -32.82 22.12
C GLU A 60 24.47 -32.16 23.45
N ARG A 61 24.82 -30.88 23.59
CA ARG A 61 24.47 -30.15 24.81
C ARG A 61 22.96 -30.14 25.01
N GLU A 62 22.20 -29.92 23.93
CA GLU A 62 20.74 -29.97 24.05
C GLU A 62 20.25 -31.37 24.41
N HIS A 63 20.85 -32.41 23.81
CA HIS A 63 20.48 -33.76 24.21
C HIS A 63 20.66 -33.97 25.70
N ALA A 64 21.76 -33.47 26.24
CA ALA A 64 22.04 -33.61 27.67
C ALA A 64 21.00 -32.87 28.49
N GLU A 65 20.67 -31.64 28.10
CA GLU A 65 19.73 -30.85 28.87
C GLU A 65 18.32 -31.41 28.78
N LYS A 66 17.96 -32.04 27.65
CA LYS A 66 16.65 -32.65 27.56
C LYS A 66 16.53 -33.86 28.49
N LEU A 67 17.62 -34.60 28.67
CA LEU A 67 17.64 -35.67 29.65
C LEU A 67 17.60 -35.14 31.08
N MET A 68 18.30 -34.04 31.34
CA MET A 68 18.20 -33.42 32.66
C MET A 68 16.76 -33.00 32.96
N LYS A 69 16.10 -32.37 31.98
CA LYS A 69 14.72 -31.96 32.19
C LYS A 69 13.81 -33.17 32.39
N TYR A 70 14.07 -34.24 31.63
CA TYR A 70 13.28 -35.45 31.80
C TYR A 70 13.47 -36.06 33.18
N GLN A 71 14.72 -36.11 33.66
CA GLN A 71 14.98 -36.55 35.03
C GLN A 71 14.11 -35.79 36.03
N ASN A 72 14.15 -34.45 35.96
CA ASN A 72 13.33 -33.66 36.87
C ASN A 72 11.84 -33.96 36.71
N LYS A 73 11.38 -34.09 35.47
CA LYS A 73 9.95 -34.29 35.23
C LYS A 73 9.45 -35.56 35.88
N ARG A 74 10.26 -36.61 35.86
CA ARG A 74 9.83 -37.87 36.45
C ARG A 74 10.05 -37.92 37.97
N GLY A 75 10.67 -36.89 38.56
CA GLY A 75 10.95 -36.91 39.97
C GLY A 75 12.28 -37.49 40.35
N GLY A 76 13.13 -37.78 39.37
CA GLY A 76 14.49 -38.18 39.65
C GLY A 76 15.32 -36.98 40.04
N ARG A 77 16.55 -37.23 40.48
CA ARG A 77 17.43 -36.15 40.90
C ARG A 77 18.71 -36.21 40.10
N ILE A 78 19.04 -35.08 39.45
CA ILE A 78 20.23 -34.99 38.62
C ILE A 78 21.46 -35.02 39.50
N VAL A 79 22.39 -35.91 39.17
CA VAL A 79 23.69 -35.98 39.82
C VAL A 79 24.76 -35.89 38.73
N LEU A 80 25.46 -34.76 38.68
CA LEU A 80 26.46 -34.53 37.64
C LEU A 80 27.79 -35.15 38.02
N GLN A 81 28.57 -35.52 37.01
CA GLN A 81 29.91 -36.03 37.21
C GLN A 81 30.87 -35.19 36.36
N ASP A 82 32.17 -35.31 36.63
CA ASP A 82 33.13 -34.62 35.78
C ASP A 82 32.89 -34.95 34.32
N ILE A 83 33.09 -33.97 33.44
CA ILE A 83 33.06 -34.21 32.00
C ILE A 83 34.51 -34.44 31.57
N GLN A 84 34.83 -35.68 31.18
CA GLN A 84 36.20 -36.02 30.84
C GLN A 84 36.62 -35.35 29.53
N LYS A 85 37.88 -34.93 29.48
CA LYS A 85 38.41 -34.34 28.27
C LYS A 85 38.46 -35.39 27.17
N PRO A 86 38.35 -34.98 25.90
CA PRO A 86 38.38 -35.94 24.80
C PRO A 86 39.67 -36.74 24.77
N ASP A 87 39.63 -37.84 24.03
CA ASP A 87 40.73 -38.79 24.03
C ASP A 87 41.98 -38.24 23.32
N LEU A 88 41.78 -37.35 22.33
CA LEU A 88 42.87 -36.77 21.56
C LEU A 88 42.79 -35.25 21.66
N ASP A 89 43.92 -34.59 21.42
CA ASP A 89 43.94 -33.13 21.29
C ASP A 89 43.82 -32.66 19.85
N GLU A 90 44.16 -33.52 18.89
CA GLU A 90 44.05 -33.21 17.47
C GLU A 90 43.48 -34.43 16.76
N TRP A 91 42.80 -34.19 15.65
CA TRP A 91 41.87 -35.18 15.11
C TRP A 91 42.21 -35.64 13.70
N GLY A 92 43.37 -35.27 13.17
CA GLY A 92 43.82 -35.79 11.89
C GLY A 92 43.09 -35.16 10.70
N SER A 93 42.85 -35.97 9.68
CA SER A 93 42.22 -35.49 8.46
C SER A 93 40.71 -35.35 8.66
N PRO A 94 40.03 -34.63 7.76
CA PRO A 94 38.57 -34.65 7.79
C PRO A 94 38.00 -36.05 7.80
N LEU A 95 38.56 -36.96 7.00
CA LEU A 95 38.08 -38.34 6.98
C LEU A 95 38.28 -39.01 8.33
N GLU A 96 39.47 -38.86 8.92
CA GLU A 96 39.73 -39.47 10.22
C GLU A 96 38.81 -38.91 11.30
N ALA A 97 38.56 -37.60 11.27
CA ALA A 97 37.64 -37.01 12.26
C ALA A 97 36.22 -37.54 12.08
N MET A 98 35.76 -37.71 10.83
CA MET A 98 34.43 -38.25 10.62
C MET A 98 34.36 -39.71 11.06
N GLN A 99 35.41 -40.48 10.81
CA GLN A 99 35.43 -41.86 11.29
C GLN A 99 35.36 -41.91 12.81
N THR A 100 36.15 -41.07 13.50
CA THR A 100 36.04 -40.95 14.95
C THR A 100 34.61 -40.60 15.36
N THR A 101 33.98 -39.69 14.62
CA THR A 101 32.62 -39.27 14.95
C THR A 101 31.62 -40.42 14.81
N LEU A 102 31.79 -41.26 13.78
CA LEU A 102 30.90 -42.41 13.64
C LEU A 102 31.00 -43.33 14.84
N ALA A 103 32.24 -43.63 15.26
CA ALA A 103 32.42 -44.49 16.43
C ALA A 103 31.80 -43.87 17.68
N LEU A 104 31.94 -42.54 17.85
CA LEU A 104 31.33 -41.89 19.00
C LEU A 104 29.81 -42.02 18.96
N GLU A 105 29.20 -41.76 17.81
CA GLU A 105 27.74 -41.78 17.76
C GLU A 105 27.20 -43.20 17.94
N LYS A 106 27.93 -44.22 17.47
CA LYS A 106 27.49 -45.59 17.72
C LYS A 106 27.65 -45.96 19.19
N SER A 107 28.69 -45.45 19.83
CA SER A 107 28.85 -45.68 21.27
C SER A 107 27.67 -45.09 22.03
N VAL A 108 27.32 -43.83 21.72
CA VAL A 108 26.16 -43.20 22.36
C VAL A 108 24.89 -43.98 22.06
N ASN A 109 24.72 -44.43 20.82
CA ASN A 109 23.54 -45.19 20.44
C ASN A 109 23.42 -46.48 21.25
N GLN A 110 24.52 -47.23 21.38
CA GLN A 110 24.47 -48.44 22.19
C GLN A 110 24.12 -48.11 23.64
N ALA A 111 24.66 -47.00 24.17
CA ALA A 111 24.32 -46.62 25.53
C ALA A 111 22.83 -46.32 25.66
N LEU A 112 22.25 -45.65 24.67
CA LEU A 112 20.82 -45.35 24.73
C LEU A 112 20.00 -46.62 24.62
N LEU A 113 20.41 -47.55 23.75
CA LEU A 113 19.72 -48.83 23.67
C LEU A 113 19.79 -49.58 24.99
N ASP A 114 20.93 -49.51 25.67
CA ASP A 114 21.03 -50.16 26.98
C ASP A 114 20.13 -49.47 28.01
N LEU A 115 20.03 -48.13 27.95
CA LEU A 115 19.13 -47.43 28.85
C LEU A 115 17.68 -47.79 28.56
N HIS A 116 17.33 -47.90 27.28
CA HIS A 116 16.00 -48.35 26.90
C HIS A 116 15.70 -49.73 27.48
N LYS A 117 16.70 -50.63 27.51
CA LYS A 117 16.49 -51.95 28.09
C LYS A 117 16.19 -51.88 29.59
N ILE A 118 16.83 -50.95 30.30
CA ILE A 118 16.54 -50.75 31.71
C ILE A 118 15.09 -50.32 31.90
N ALA A 119 14.63 -49.35 31.09
CA ALA A 119 13.24 -48.91 31.20
C ALA A 119 12.28 -50.06 30.91
N ASP A 120 12.58 -50.84 29.88
CA ASP A 120 11.74 -51.98 29.51
C ASP A 120 11.65 -52.99 30.65
N LYS A 121 12.82 -53.36 31.19
CA LYS A 121 12.90 -54.25 32.36
C LYS A 121 11.95 -53.83 33.48
N HIS A 122 11.81 -52.52 33.72
CA HIS A 122 10.97 -52.05 34.82
C HIS A 122 9.60 -51.58 34.36
N GLY A 123 9.19 -51.92 33.15
CA GLY A 123 7.86 -51.56 32.68
C GLY A 123 7.64 -50.07 32.57
N ASP A 124 8.69 -49.30 32.28
CA ASP A 124 8.55 -47.85 32.18
C ASP A 124 8.18 -47.52 30.75
N ALA A 125 6.87 -47.64 30.46
CA ALA A 125 6.38 -47.42 29.12
C ALA A 125 6.64 -45.99 28.64
N GLN A 126 6.46 -45.01 29.51
CA GLN A 126 6.61 -43.63 29.06
C GLN A 126 8.07 -43.30 28.78
N MET A 127 8.99 -43.83 29.60
CA MET A 127 10.42 -43.60 29.35
C MET A 127 10.87 -44.28 28.06
N MET A 128 10.37 -45.48 27.77
CA MET A 128 10.74 -46.12 26.51
C MET A 128 10.28 -45.27 25.33
N ASP A 129 9.06 -44.74 25.40
CA ASP A 129 8.58 -43.91 24.29
C ASP A 129 9.36 -42.61 24.18
N PHE A 130 9.70 -42.02 25.33
CA PHE A 130 10.54 -40.82 25.33
C PHE A 130 11.88 -41.10 24.67
N LEU A 131 12.54 -42.20 25.07
CA LEU A 131 13.84 -42.54 24.48
C LEU A 131 13.73 -42.83 22.99
N GLU A 132 12.71 -43.58 22.58
CA GLU A 132 12.57 -43.92 21.16
C GLU A 132 12.38 -42.67 20.31
N GLY A 133 11.41 -41.82 20.68
CA GLY A 133 11.07 -40.68 19.86
C GLY A 133 12.12 -39.59 19.90
N GLU A 134 12.67 -39.33 21.08
CA GLU A 134 13.58 -38.20 21.25
C GLU A 134 15.06 -38.55 21.13
N TYR A 135 15.43 -39.83 21.18
CA TYR A 135 16.86 -40.16 21.11
C TYR A 135 17.18 -41.22 20.07
N LEU A 136 16.48 -42.35 20.09
CA LEU A 136 16.84 -43.44 19.18
C LEU A 136 16.68 -43.04 17.72
N LYS A 137 15.63 -42.29 17.41
CA LYS A 137 15.40 -41.86 16.03
C LYS A 137 16.51 -40.95 15.54
N GLU A 138 16.85 -39.93 16.34
CA GLU A 138 17.93 -39.02 15.97
C GLU A 138 19.25 -39.78 15.81
N GLN A 139 19.48 -40.81 16.63
CA GLN A 139 20.76 -41.51 16.51
C GLN A 139 20.87 -42.24 15.18
N VAL A 140 19.81 -42.89 14.70
CA VAL A 140 20.01 -43.58 13.42
C VAL A 140 20.13 -42.58 12.29
N ASP A 141 19.43 -41.43 12.36
CA ASP A 141 19.64 -40.39 11.35
C ASP A 141 21.08 -39.88 11.37
N ALA A 142 21.63 -39.63 12.56
CA ALA A 142 22.97 -39.08 12.66
C ALA A 142 24.02 -40.07 12.16
N ILE A 143 23.85 -41.35 12.51
CA ILE A 143 24.78 -42.40 12.06
C ILE A 143 24.77 -42.50 10.54
N GLU A 144 23.59 -42.45 9.93
CA GLU A 144 23.53 -42.51 8.48
C GLU A 144 24.19 -41.30 7.85
N GLU A 145 23.97 -40.12 8.43
CA GLU A 145 24.54 -38.89 7.87
C GLU A 145 26.06 -38.90 7.93
N ILE A 146 26.61 -39.33 9.07
CA ILE A 146 28.06 -39.46 9.20
C ILE A 146 28.60 -40.50 8.22
N SER A 147 27.87 -41.61 8.05
CA SER A 147 28.28 -42.60 7.07
C SER A 147 28.35 -41.99 5.68
N ASP A 148 27.38 -41.15 5.31
CA ASP A 148 27.45 -40.46 4.02
C ASP A 148 28.70 -39.60 3.93
N HIS A 149 29.01 -38.86 5.01
CA HIS A 149 30.20 -38.00 4.97
C HIS A 149 31.46 -38.82 4.72
N ILE A 150 31.58 -39.97 5.40
CA ILE A 150 32.79 -40.78 5.28
C ILE A 150 32.94 -41.27 3.84
N THR A 151 31.84 -41.75 3.25
CA THR A 151 31.90 -42.24 1.87
C THR A 151 32.35 -41.12 0.93
N ASN A 152 31.74 -39.94 1.05
CA ASN A 152 32.10 -38.85 0.17
C ASN A 152 33.54 -38.42 0.37
N LEU A 153 34.02 -38.40 1.62
CA LEU A 153 35.41 -38.01 1.85
C LEU A 153 36.38 -39.03 1.26
N LYS A 154 36.03 -40.33 1.34
CA LYS A 154 36.83 -41.32 0.62
C LYS A 154 36.80 -41.07 -0.88
N ARG A 155 35.64 -40.68 -1.43
CA ARG A 155 35.52 -40.46 -2.87
C ARG A 155 36.38 -39.28 -3.33
N VAL A 156 36.32 -38.15 -2.61
CA VAL A 156 36.99 -36.95 -3.12
C VAL A 156 38.50 -36.96 -2.87
N GLY A 157 38.99 -37.75 -1.91
CA GLY A 157 40.42 -37.83 -1.64
C GLY A 157 40.93 -36.64 -0.84
N THR A 158 42.25 -36.61 -0.65
CA THR A 158 42.91 -35.53 0.08
C THR A 158 43.26 -34.36 -0.84
N GLY A 159 43.49 -33.21 -0.23
CA GLY A 159 43.90 -32.02 -0.98
C GLY A 159 42.69 -31.24 -1.49
N LEU A 160 42.62 -31.02 -2.80
CA LEU A 160 41.52 -30.25 -3.35
C LEU A 160 40.17 -30.86 -2.96
N GLY A 161 40.11 -32.18 -2.85
CA GLY A 161 38.84 -32.83 -2.51
C GLY A 161 38.31 -32.42 -1.15
N GLU A 162 39.19 -32.35 -0.14
CA GLU A 162 38.77 -31.92 1.18
C GLU A 162 38.27 -30.48 1.17
N TYR A 163 39.01 -29.61 0.49
CA TYR A 163 38.60 -28.21 0.34
C TYR A 163 37.22 -28.09 -0.31
N MET A 164 37.00 -28.82 -1.42
CA MET A 164 35.72 -28.71 -2.12
C MET A 164 34.58 -29.28 -1.29
N TYR A 165 34.84 -30.36 -0.54
CA TYR A 165 33.80 -30.90 0.33
C TYR A 165 33.42 -29.90 1.40
N ASP A 166 34.42 -29.19 1.95
CA ASP A 166 34.15 -28.12 2.90
C ASP A 166 33.25 -27.05 2.27
N LYS A 167 33.54 -26.67 1.03
CA LYS A 167 32.78 -25.61 0.38
C LYS A 167 31.39 -26.06 -0.09
N GLU A 168 31.27 -27.30 -0.53
CA GLU A 168 30.01 -27.73 -1.15
C GLU A 168 29.07 -28.37 -0.14
N THR A 169 29.51 -29.45 0.51
CA THR A 169 28.60 -30.20 1.37
C THR A 169 28.52 -29.59 2.77
N MET A 170 29.67 -29.25 3.36
CA MET A 170 29.67 -28.84 4.76
C MET A 170 29.11 -27.44 4.96
N SER A 171 29.09 -26.61 3.92
CA SER A 171 28.61 -25.23 4.06
C SER A 171 27.10 -25.15 4.27
N GLN B 3 57.79 -22.54 14.76
CA GLN B 3 56.61 -21.89 15.36
C GLN B 3 55.39 -22.02 14.46
N THR B 4 54.21 -21.85 15.03
CA THR B 4 53.00 -21.80 14.21
C THR B 4 53.01 -20.52 13.37
N GLN B 5 52.29 -20.56 12.26
CA GLN B 5 52.33 -19.44 11.31
C GLN B 5 52.01 -18.10 11.94
N PRO B 6 50.97 -17.97 12.76
CA PRO B 6 50.60 -16.63 13.25
C PRO B 6 51.49 -16.12 14.36
N ARG B 7 52.30 -16.97 14.99
CA ARG B 7 52.84 -16.63 16.30
C ARG B 7 53.76 -15.41 16.25
N GLN B 8 53.47 -14.43 17.09
CA GLN B 8 54.32 -13.24 17.18
C GLN B 8 54.05 -12.57 18.52
N ASN B 9 55.11 -12.38 19.32
CA ASN B 9 55.00 -11.71 20.62
C ASN B 9 54.05 -12.45 21.56
N PHE B 10 54.04 -13.79 21.48
CA PHE B 10 53.09 -14.62 22.21
C PHE B 10 53.88 -15.65 23.01
N HIS B 11 53.93 -15.47 24.32
CA HIS B 11 54.80 -16.26 25.18
C HIS B 11 54.12 -17.57 25.57
N VAL B 12 54.93 -18.62 25.78
CA VAL B 12 54.36 -19.91 26.16
C VAL B 12 53.61 -19.81 27.49
N GLU B 13 54.03 -18.91 28.38
CA GLU B 13 53.32 -18.79 29.65
C GLU B 13 51.93 -18.19 29.43
N SER B 14 51.80 -17.26 28.49
CA SER B 14 50.49 -16.70 28.16
C SER B 14 49.61 -17.75 27.50
N GLU B 15 50.19 -18.54 26.59
CA GLU B 15 49.48 -19.64 25.97
C GLU B 15 48.95 -20.62 27.02
N ALA B 16 49.81 -21.00 27.97
CA ALA B 16 49.37 -21.92 29.01
C ALA B 16 48.28 -21.28 29.88
N GLY B 17 48.45 -20.00 30.20
CA GLY B 17 47.45 -19.32 31.02
C GLY B 17 46.09 -19.26 30.36
N ILE B 18 46.05 -19.08 29.04
CA ILE B 18 44.79 -19.10 28.31
C ILE B 18 44.14 -20.47 28.40
N ASN B 19 44.93 -21.55 28.28
CA ASN B 19 44.35 -22.89 28.42
C ASN B 19 43.75 -23.08 29.81
N LYS B 20 44.42 -22.56 30.85
CA LYS B 20 43.87 -22.65 32.19
C LYS B 20 42.56 -21.89 32.30
N GLN B 21 42.51 -20.67 31.75
CA GLN B 21 41.29 -19.88 31.83
C GLN B 21 40.14 -20.50 31.04
N ILE B 22 40.44 -21.10 29.88
CA ILE B 22 39.42 -21.80 29.12
C ILE B 22 38.71 -22.82 30.01
N ASN B 23 39.49 -23.63 30.74
CA ASN B 23 38.86 -24.61 31.62
C ASN B 23 38.03 -23.94 32.71
N MET B 24 38.51 -22.83 33.26
CA MET B 24 37.75 -22.17 34.30
C MET B 24 36.41 -21.66 33.78
N GLU B 25 36.39 -21.11 32.56
CA GLU B 25 35.12 -20.67 31.98
C GLU B 25 34.18 -21.84 31.78
N LEU B 26 34.69 -22.97 31.29
CA LEU B 26 33.86 -24.16 31.14
C LEU B 26 33.33 -24.63 32.49
N TYR B 27 34.19 -24.61 33.51
CA TYR B 27 33.75 -24.96 34.86
C TYR B 27 32.60 -24.08 35.32
N ALA B 28 32.74 -22.76 35.13
CA ALA B 28 31.65 -21.85 35.52
C ALA B 28 30.37 -22.18 34.76
N SER B 29 30.48 -22.48 33.47
CA SER B 29 29.31 -22.87 32.69
C SER B 29 28.62 -24.07 33.31
N TYR B 30 29.39 -25.05 33.76
CA TYR B 30 28.83 -26.27 34.36
C TYR B 30 28.14 -25.96 35.69
N VAL B 31 28.75 -25.11 36.51
CA VAL B 31 28.10 -24.68 37.76
C VAL B 31 26.74 -24.05 37.45
N TYR B 32 26.69 -23.13 36.50
CA TYR B 32 25.41 -22.49 36.19
C TYR B 32 24.41 -23.48 35.60
N GLN B 33 24.88 -24.44 34.80
CA GLN B 33 23.96 -25.44 34.27
C GLN B 33 23.35 -26.26 35.41
N SER B 34 24.13 -26.55 36.45
CA SER B 34 23.62 -27.24 37.62
C SER B 34 22.59 -26.40 38.37
N MET B 35 22.87 -25.11 38.55
CA MET B 35 21.90 -24.24 39.21
C MET B 35 20.61 -24.12 38.40
N TYR B 36 20.75 -23.99 37.08
CA TYR B 36 19.60 -24.01 36.19
C TYR B 36 18.69 -25.20 36.47
N MET B 37 19.26 -26.40 36.48
CA MET B 37 18.45 -27.60 36.65
C MET B 37 18.00 -27.79 38.09
N TYR B 38 18.70 -27.18 39.05
CA TYR B 38 18.25 -27.21 40.43
C TYR B 38 16.98 -26.37 40.61
N PHE B 39 16.97 -25.15 40.06
CA PHE B 39 15.76 -24.34 40.17
C PHE B 39 14.63 -24.85 39.27
N ASP B 40 14.93 -25.74 38.33
CA ASP B 40 13.94 -26.48 37.56
C ASP B 40 13.32 -27.65 38.32
N ARG B 41 13.87 -28.04 39.47
CA ARG B 41 13.29 -29.17 40.22
C ARG B 41 11.85 -28.85 40.64
N ASP B 42 11.03 -29.90 40.72
CA ASP B 42 9.63 -29.73 41.09
C ASP B 42 9.48 -29.20 42.51
N ASP B 43 10.45 -29.46 43.38
CA ASP B 43 10.39 -29.01 44.77
C ASP B 43 11.13 -27.70 44.99
N VAL B 44 11.57 -27.05 43.92
CA VAL B 44 12.13 -25.70 43.97
C VAL B 44 11.25 -24.79 43.11
N ALA B 45 11.17 -25.06 41.82
CA ALA B 45 10.09 -24.53 40.97
C ALA B 45 10.10 -22.99 40.90
N LEU B 46 11.26 -22.42 40.63
CA LEU B 46 11.38 -20.99 40.36
C LEU B 46 11.88 -20.82 38.93
N PRO B 47 10.97 -20.71 37.96
CA PRO B 47 11.37 -20.88 36.55
C PRO B 47 12.17 -19.72 35.98
N SER B 48 12.01 -18.50 36.50
CA SER B 48 12.80 -17.39 35.97
C SER B 48 14.23 -17.39 36.53
N PHE B 49 14.40 -17.77 37.80
CA PHE B 49 15.73 -18.11 38.30
C PHE B 49 16.38 -19.17 37.42
N ALA B 50 15.63 -20.24 37.12
CA ALA B 50 16.16 -21.29 36.27
C ALA B 50 16.66 -20.72 34.94
N LYS B 51 15.84 -19.92 34.28
CA LYS B 51 16.23 -19.33 33.00
C LYS B 51 17.43 -18.42 33.15
N TYR B 52 17.53 -17.71 34.26
CA TYR B 52 18.67 -16.84 34.50
C TYR B 52 19.97 -17.63 34.50
N PHE B 53 20.01 -18.74 35.24
CA PHE B 53 21.22 -19.55 35.26
C PHE B 53 21.46 -20.28 33.95
N LYS B 54 20.38 -20.64 33.24
CA LYS B 54 20.55 -21.17 31.88
C LYS B 54 21.28 -20.16 31.00
N HIS B 55 20.82 -18.92 30.99
CA HIS B 55 21.48 -17.86 30.22
C HIS B 55 22.94 -17.68 30.67
N ASN B 56 23.18 -17.65 31.98
CA ASN B 56 24.55 -17.47 32.44
C ASN B 56 25.43 -18.67 32.07
N SER B 57 24.88 -19.87 32.05
CA SER B 57 25.67 -21.02 31.60
C SER B 57 26.06 -20.86 30.14
N GLU B 58 25.13 -20.40 29.29
CA GLU B 58 25.47 -20.16 27.88
C GLU B 58 26.53 -19.07 27.75
N GLU B 59 26.41 -17.98 28.50
CA GLU B 59 27.42 -16.91 28.41
C GLU B 59 28.81 -17.40 28.79
N GLU B 60 28.91 -18.21 29.85
CA GLU B 60 30.22 -18.74 30.22
C GLU B 60 30.78 -19.65 29.14
N ARG B 61 29.92 -20.45 28.51
CA ARG B 61 30.40 -21.28 27.42
C ARG B 61 30.90 -20.41 26.27
N GLU B 62 30.19 -19.30 25.98
CA GLU B 62 30.67 -18.35 24.97
C GLU B 62 31.99 -17.71 25.38
N HIS B 63 32.13 -17.37 26.67
CA HIS B 63 33.43 -16.86 27.15
C HIS B 63 34.54 -17.86 26.87
N ALA B 64 34.29 -19.15 27.13
CA ALA B 64 35.28 -20.18 26.86
C ALA B 64 35.61 -20.25 25.38
N GLU B 65 34.59 -20.25 24.52
CA GLU B 65 34.85 -20.40 23.09
C GLU B 65 35.57 -19.17 22.52
N LYS B 66 35.27 -17.97 23.03
CA LYS B 66 35.99 -16.79 22.59
C LYS B 66 37.47 -16.88 22.96
N LEU B 67 37.78 -17.44 24.14
CA LEU B 67 39.18 -17.66 24.50
C LEU B 67 39.83 -18.74 23.65
N MET B 68 39.09 -19.80 23.32
CA MET B 68 39.64 -20.81 22.41
C MET B 68 39.96 -20.20 21.05
N LYS B 69 39.03 -19.39 20.53
CA LYS B 69 39.27 -18.71 19.26
C LYS B 69 40.50 -17.82 19.34
N TYR B 70 40.68 -17.13 20.47
CA TYR B 70 41.82 -16.23 20.63
C TYR B 70 43.12 -17.02 20.67
N GLN B 71 43.14 -18.13 21.40
CA GLN B 71 44.29 -19.03 21.40
C GLN B 71 44.71 -19.37 19.97
N ASN B 72 43.76 -19.83 19.16
CA ASN B 72 44.08 -20.18 17.77
C ASN B 72 44.58 -18.97 16.99
N LYS B 73 43.92 -17.82 17.17
CA LYS B 73 44.29 -16.62 16.44
C LYS B 73 45.75 -16.24 16.70
N ARG B 74 46.22 -16.40 17.93
CA ARG B 74 47.60 -16.04 18.26
C ARG B 74 48.60 -17.14 17.92
N GLY B 75 48.14 -18.28 17.44
CA GLY B 75 49.04 -19.38 17.13
C GLY B 75 49.32 -20.29 18.30
N GLY B 76 48.59 -20.14 19.41
CA GLY B 76 48.64 -21.11 20.48
C GLY B 76 47.85 -22.36 20.13
N ARG B 77 48.00 -23.38 20.97
CA ARG B 77 47.29 -24.63 20.76
C ARG B 77 46.43 -24.93 21.98
N ILE B 78 45.14 -25.11 21.72
CA ILE B 78 44.18 -25.43 22.77
C ILE B 78 44.48 -26.81 23.32
N VAL B 79 44.62 -26.88 24.64
CA VAL B 79 44.74 -28.15 25.34
C VAL B 79 43.62 -28.18 26.37
N LEU B 80 42.63 -29.03 26.14
CA LEU B 80 41.48 -29.11 27.02
C LEU B 80 41.79 -30.00 28.22
N GLN B 81 41.12 -29.72 29.33
CA GLN B 81 41.21 -30.52 30.54
C GLN B 81 39.81 -30.95 30.95
N ASP B 82 39.73 -31.93 31.86
CA ASP B 82 38.43 -32.34 32.37
C ASP B 82 37.70 -31.13 32.94
N ILE B 83 36.37 -31.12 32.79
CA ILE B 83 35.53 -30.11 33.42
C ILE B 83 35.01 -30.71 34.72
N GLN B 84 35.54 -30.22 35.84
CA GLN B 84 35.19 -30.79 37.14
C GLN B 84 33.73 -30.51 37.48
N LYS B 85 33.07 -31.49 38.09
CA LYS B 85 31.68 -31.28 38.48
C LYS B 85 31.60 -30.21 39.58
N PRO B 86 30.45 -29.53 39.70
CA PRO B 86 30.31 -28.48 40.72
C PRO B 86 30.43 -29.05 42.13
N ASP B 87 30.74 -28.16 43.07
CA ASP B 87 30.99 -28.59 44.45
C ASP B 87 29.76 -29.13 45.14
N LEU B 88 28.57 -28.75 44.71
CA LEU B 88 27.33 -29.17 45.33
C LEU B 88 26.39 -29.74 44.28
N ASP B 89 25.48 -30.60 44.72
CA ASP B 89 24.39 -31.04 43.85
C ASP B 89 23.13 -30.20 44.01
N GLU B 90 22.98 -29.51 45.15
CA GLU B 90 21.83 -28.67 45.46
C GLU B 90 22.35 -27.36 45.98
N TRP B 91 21.62 -26.26 45.70
CA TRP B 91 22.19 -24.94 45.90
C TRP B 91 21.43 -24.08 46.91
N GLY B 92 20.50 -24.65 47.67
CA GLY B 92 19.86 -23.89 48.75
C GLY B 92 18.78 -22.93 48.27
N SER B 93 18.68 -21.80 48.96
CA SER B 93 17.71 -20.78 48.61
C SER B 93 18.20 -19.93 47.44
N PRO B 94 17.30 -19.18 46.80
CA PRO B 94 17.75 -18.18 45.81
C PRO B 94 18.87 -17.29 46.33
N LEU B 95 18.76 -16.83 47.59
CA LEU B 95 19.82 -15.99 48.16
C LEU B 95 21.15 -16.75 48.23
N GLU B 96 21.11 -17.98 48.72
CA GLU B 96 22.34 -18.76 48.84
C GLU B 96 22.97 -19.03 47.48
N ALA B 97 22.14 -19.34 46.48
CA ALA B 97 22.66 -19.56 45.13
C ALA B 97 23.31 -18.29 44.58
N MET B 98 22.69 -17.12 44.81
CA MET B 98 23.28 -15.88 44.33
C MET B 98 24.59 -15.59 45.04
N GLN B 99 24.66 -15.85 46.34
CA GLN B 99 25.91 -15.64 47.07
C GLN B 99 26.99 -16.58 46.55
N THR B 100 26.63 -17.82 46.23
CA THR B 100 27.59 -18.73 45.60
C THR B 100 28.05 -18.18 44.25
N THR B 101 27.14 -17.63 43.46
CA THR B 101 27.56 -17.12 42.16
C THR B 101 28.45 -15.88 42.29
N LEU B 102 28.22 -15.03 43.30
CA LEU B 102 29.13 -13.91 43.51
C LEU B 102 30.56 -14.41 43.77
N ALA B 103 30.69 -15.43 44.62
CA ALA B 103 32.02 -15.98 44.88
C ALA B 103 32.64 -16.57 43.61
N LEU B 104 31.84 -17.27 42.80
CA LEU B 104 32.35 -17.82 41.56
C LEU B 104 32.84 -16.72 40.62
N GLU B 105 32.04 -15.68 40.44
CA GLU B 105 32.41 -14.63 39.50
C GLU B 105 33.64 -13.87 39.99
N LYS B 106 33.80 -13.74 41.31
CA LYS B 106 35.02 -13.11 41.83
C LYS B 106 36.24 -14.00 41.65
N SER B 107 36.08 -15.31 41.77
CA SER B 107 37.19 -16.21 41.48
C SER B 107 37.60 -16.12 40.02
N VAL B 108 36.61 -16.13 39.11
CA VAL B 108 36.89 -16.00 37.68
C VAL B 108 37.58 -14.66 37.41
N ASN B 109 37.09 -13.59 38.04
CA ASN B 109 37.70 -12.28 37.84
C ASN B 109 39.15 -12.27 38.34
N GLN B 110 39.43 -12.87 39.49
CA GLN B 110 40.81 -12.88 39.95
C GLN B 110 41.70 -13.66 39.00
N ALA B 111 41.20 -14.77 38.45
CA ALA B 111 41.99 -15.54 37.50
C ALA B 111 42.28 -14.74 36.23
N LEU B 112 41.29 -13.98 35.75
CA LEU B 112 41.51 -13.11 34.59
C LEU B 112 42.53 -12.03 34.89
N LEU B 113 42.47 -11.43 36.09
CA LEU B 113 43.46 -10.42 36.44
C LEU B 113 44.86 -11.02 36.51
N ASP B 114 44.96 -12.25 37.03
CA ASP B 114 46.26 -12.92 37.04
C ASP B 114 46.74 -13.24 35.63
N LEU B 115 45.81 -13.60 34.74
CA LEU B 115 46.20 -13.86 33.35
C LEU B 115 46.66 -12.57 32.68
N HIS B 116 45.99 -11.46 32.98
CA HIS B 116 46.42 -10.16 32.49
C HIS B 116 47.84 -9.84 32.95
N LYS B 117 48.17 -10.18 34.19
CA LYS B 117 49.52 -9.93 34.70
C LYS B 117 50.56 -10.70 33.92
N ILE B 118 50.22 -11.93 33.50
CA ILE B 118 51.15 -12.71 32.68
C ILE B 118 51.39 -12.00 31.35
N ALA B 119 50.31 -11.56 30.71
CA ALA B 119 50.46 -10.82 29.45
C ALA B 119 51.32 -9.59 29.64
N ASP B 120 51.08 -8.84 30.72
CA ASP B 120 51.85 -7.63 31.01
C ASP B 120 53.32 -7.96 31.18
N LYS B 121 53.62 -9.01 31.96
CA LYS B 121 54.99 -9.43 32.22
C LYS B 121 55.77 -9.67 30.93
N HIS B 122 55.10 -10.19 29.89
CA HIS B 122 55.75 -10.50 28.63
C HIS B 122 55.48 -9.47 27.54
N GLY B 123 55.03 -8.28 27.94
CA GLY B 123 54.83 -7.20 26.97
C GLY B 123 53.81 -7.51 25.91
N ASP B 124 52.80 -8.31 26.24
CA ASP B 124 51.79 -8.70 25.26
C ASP B 124 50.67 -7.65 25.28
N ALA B 125 50.92 -6.55 24.57
CA ALA B 125 49.99 -5.43 24.58
C ALA B 125 48.63 -5.82 24.01
N GLN B 126 48.63 -6.62 22.93
CA GLN B 126 47.36 -6.98 22.31
C GLN B 126 46.56 -7.92 23.19
N MET B 127 47.22 -8.86 23.86
CA MET B 127 46.49 -9.74 24.76
C MET B 127 45.92 -8.97 25.95
N MET B 128 46.67 -8.00 26.48
CA MET B 128 46.12 -7.17 27.56
C MET B 128 44.86 -6.43 27.12
N ASP B 129 44.87 -5.87 25.91
CA ASP B 129 43.69 -5.16 25.43
C ASP B 129 42.52 -6.12 25.20
N PHE B 130 42.80 -7.29 24.65
CA PHE B 130 41.75 -8.29 24.48
C PHE B 130 41.11 -8.66 25.81
N LEU B 131 41.94 -8.94 26.83
CA LEU B 131 41.40 -9.31 28.13
C LEU B 131 40.61 -8.16 28.76
N GLU B 132 41.13 -6.95 28.67
CA GLU B 132 40.45 -5.80 29.29
C GLU B 132 39.08 -5.58 28.67
N GLY B 133 39.01 -5.50 27.34
CA GLY B 133 37.77 -5.14 26.67
C GLY B 133 36.76 -6.28 26.61
N GLU B 134 37.23 -7.52 26.48
CA GLU B 134 36.33 -8.65 26.30
C GLU B 134 36.05 -9.44 27.56
N TYR B 135 36.83 -9.25 28.63
CA TYR B 135 36.66 -10.06 29.83
C TYR B 135 36.58 -9.23 31.11
N LEU B 136 37.55 -8.33 31.33
CA LEU B 136 37.55 -7.59 32.59
C LEU B 136 36.35 -6.67 32.72
N LYS B 137 35.97 -6.00 31.64
CA LYS B 137 34.79 -5.13 31.71
C LYS B 137 33.53 -5.93 32.04
N GLU B 138 33.34 -7.05 31.35
CA GLU B 138 32.16 -7.88 31.59
C GLU B 138 32.12 -8.39 33.03
N GLN B 139 33.27 -8.77 33.59
CA GLN B 139 33.29 -9.28 34.96
C GLN B 139 32.86 -8.21 35.96
N VAL B 140 33.31 -6.97 35.76
CA VAL B 140 32.90 -5.90 36.67
C VAL B 140 31.39 -5.69 36.61
N ASP B 141 30.83 -5.68 35.40
CA ASP B 141 29.37 -5.55 35.26
C ASP B 141 28.65 -6.73 35.91
N ALA B 142 29.17 -7.95 35.72
CA ALA B 142 28.51 -9.13 36.26
C ALA B 142 28.55 -9.14 37.79
N ILE B 143 29.67 -8.73 38.37
CA ILE B 143 29.79 -8.75 39.83
C ILE B 143 28.83 -7.74 40.43
N GLU B 144 28.68 -6.58 39.80
CA GLU B 144 27.74 -5.59 40.33
C GLU B 144 26.30 -6.09 40.20
N GLU B 145 25.99 -6.75 39.08
CA GLU B 145 24.62 -7.23 38.88
C GLU B 145 24.26 -8.28 39.92
N ILE B 146 25.17 -9.21 40.21
CA ILE B 146 24.90 -10.22 41.22
C ILE B 146 24.79 -9.58 42.60
N SER B 147 25.59 -8.55 42.87
CA SER B 147 25.48 -7.87 44.15
C SER B 147 24.11 -7.24 44.32
N ASP B 148 23.57 -6.66 43.24
CA ASP B 148 22.20 -6.14 43.27
C ASP B 148 21.21 -7.25 43.62
N HIS B 149 21.35 -8.41 42.98
CA HIS B 149 20.43 -9.53 43.24
C HIS B 149 20.46 -9.90 44.72
N ILE B 150 21.65 -10.03 45.30
CA ILE B 150 21.79 -10.44 46.70
C ILE B 150 21.09 -9.44 47.61
N THR B 151 21.36 -8.15 47.40
CA THR B 151 20.72 -7.11 48.19
C THR B 151 19.20 -7.21 48.11
N ASN B 152 18.65 -7.31 46.89
CA ASN B 152 17.20 -7.40 46.76
C ASN B 152 16.65 -8.67 47.40
N LEU B 153 17.38 -9.78 47.30
CA LEU B 153 16.88 -11.02 47.89
C LEU B 153 16.87 -10.94 49.41
N LYS B 154 17.87 -10.26 49.99
CA LYS B 154 17.82 -9.99 51.43
C LYS B 154 16.64 -9.09 51.77
N ARG B 155 16.34 -8.12 50.91
CA ARG B 155 15.26 -7.19 51.21
C ARG B 155 13.89 -7.87 51.17
N VAL B 156 13.64 -8.71 50.16
CA VAL B 156 12.31 -9.28 50.04
C VAL B 156 12.10 -10.49 50.95
N GLY B 157 13.17 -11.12 51.44
CA GLY B 157 13.03 -12.22 52.39
C GLY B 157 12.56 -13.49 51.73
N THR B 158 12.31 -14.51 52.55
CA THR B 158 11.92 -15.82 52.05
C THR B 158 10.41 -15.92 51.86
N GLY B 159 9.99 -16.89 51.07
CA GLY B 159 8.57 -17.15 50.83
C GLY B 159 8.04 -16.29 49.69
N LEU B 160 7.02 -15.49 49.97
CA LEU B 160 6.40 -14.67 48.92
C LEU B 160 7.43 -13.77 48.25
N GLY B 161 8.39 -13.26 49.01
CA GLY B 161 9.41 -12.39 48.42
C GLY B 161 10.22 -13.07 47.34
N GLU B 162 10.62 -14.32 47.59
CA GLU B 162 11.34 -15.08 46.57
C GLU B 162 10.51 -15.27 45.32
N TYR B 163 9.22 -15.61 45.50
CA TYR B 163 8.32 -15.79 44.37
C TYR B 163 8.17 -14.50 43.58
N MET B 164 7.97 -13.38 44.27
CA MET B 164 7.79 -12.12 43.55
C MET B 164 9.07 -11.72 42.84
N TYR B 165 10.24 -11.96 43.45
CA TYR B 165 11.49 -11.64 42.77
C TYR B 165 11.63 -12.44 41.49
N ASP B 166 11.26 -13.72 41.53
CA ASP B 166 11.26 -14.55 40.33
C ASP B 166 10.39 -13.92 39.25
N LYS B 167 9.22 -13.42 39.63
CA LYS B 167 8.25 -12.89 38.67
C LYS B 167 8.62 -11.49 38.19
N GLU B 168 9.16 -10.65 39.08
CA GLU B 168 9.36 -9.25 38.72
C GLU B 168 10.75 -8.98 38.15
N THR B 169 11.80 -9.37 38.86
CA THR B 169 13.16 -9.05 38.41
C THR B 169 13.74 -10.13 37.49
N MET B 170 13.65 -11.40 37.89
CA MET B 170 14.35 -12.45 37.14
C MET B 170 13.72 -12.72 35.78
N SER B 171 12.45 -12.42 35.60
CA SER B 171 11.80 -12.78 34.35
C SER B 171 10.75 -11.75 34.00
N GLN C 3 56.42 -12.70 -27.09
CA GLN C 3 55.59 -11.54 -26.74
C GLN C 3 54.34 -11.96 -25.95
N THR C 4 53.79 -11.03 -25.18
CA THR C 4 52.62 -11.33 -24.37
C THR C 4 51.40 -11.56 -25.26
N GLN C 5 50.46 -12.39 -24.75
CA GLN C 5 49.30 -12.80 -25.54
C GLN C 5 48.55 -11.64 -26.19
N PRO C 6 48.23 -10.56 -25.49
CA PRO C 6 47.38 -9.52 -26.09
C PRO C 6 48.10 -8.63 -27.07
N ARG C 7 49.44 -8.65 -27.09
CA ARG C 7 50.17 -7.52 -27.63
C ARG C 7 49.95 -7.37 -29.13
N GLN C 8 49.56 -6.17 -29.54
CA GLN C 8 49.34 -5.92 -30.97
C GLN C 8 49.37 -4.42 -31.20
N ASN C 9 50.25 -3.96 -32.11
CA ASN C 9 50.36 -2.54 -32.42
C ASN C 9 50.72 -1.71 -31.18
N PHE C 10 51.53 -2.29 -30.29
CA PHE C 10 51.86 -1.67 -29.01
C PHE C 10 53.38 -1.58 -28.87
N HIS C 11 53.91 -0.38 -28.99
CA HIS C 11 55.35 -0.16 -29.08
C HIS C 11 55.97 -0.10 -27.69
N VAL C 12 57.23 -0.56 -27.57
CA VAL C 12 57.89 -0.53 -26.27
C VAL C 12 58.02 0.91 -25.76
N GLU C 13 58.14 1.89 -26.67
CA GLU C 13 58.21 3.27 -26.21
C GLU C 13 56.90 3.71 -25.54
N SER C 14 55.77 3.22 -26.06
CA SER C 14 54.49 3.56 -25.48
C SER C 14 54.30 2.90 -24.13
N GLU C 15 54.68 1.62 -24.05
CA GLU C 15 54.70 0.89 -22.78
C GLU C 15 55.52 1.63 -21.72
N ALA C 16 56.73 2.06 -22.09
CA ALA C 16 57.58 2.77 -21.13
C ALA C 16 56.97 4.11 -20.71
N GLY C 17 56.37 4.83 -21.67
CA GLY C 17 55.72 6.09 -21.34
C GLY C 17 54.54 5.91 -20.40
N ILE C 18 53.80 4.81 -20.53
CA ILE C 18 52.70 4.55 -19.61
C ILE C 18 53.23 4.30 -18.21
N ASN C 19 54.32 3.52 -18.07
CA ASN C 19 54.90 3.32 -16.75
C ASN C 19 55.34 4.65 -16.13
N LYS C 20 55.90 5.55 -16.94
CA LYS C 20 56.28 6.85 -16.41
C LYS C 20 55.05 7.65 -15.97
N GLN C 21 53.98 7.62 -16.77
CA GLN C 21 52.77 8.35 -16.39
C GLN C 21 52.12 7.77 -15.14
N ILE C 22 52.15 6.44 -14.98
CA ILE C 22 51.62 5.84 -13.76
C ILE C 22 52.28 6.46 -12.53
N ASN C 23 53.61 6.57 -12.55
CA ASN C 23 54.30 7.15 -11.40
C ASN C 23 53.87 8.60 -11.18
N MET C 24 53.68 9.36 -12.26
CA MET C 24 53.31 10.76 -12.09
C MET C 24 51.92 10.89 -11.49
N GLU C 25 50.99 10.02 -11.90
CA GLU C 25 49.66 10.05 -11.31
C GLU C 25 49.71 9.71 -9.82
N LEU C 26 50.50 8.69 -9.45
CA LEU C 26 50.68 8.37 -8.03
C LEU C 26 51.31 9.55 -7.28
N TYR C 27 52.31 10.18 -7.89
CA TYR C 27 52.91 11.37 -7.27
C TYR C 27 51.86 12.45 -7.01
N ALA C 28 51.02 12.74 -8.00
CA ALA C 28 49.99 13.77 -7.79
C ALA C 28 49.01 13.34 -6.71
N SER C 29 48.68 12.04 -6.65
CA SER C 29 47.86 11.55 -5.55
C SER C 29 48.49 11.87 -4.21
N TYR C 30 49.80 11.68 -4.09
CA TYR C 30 50.48 11.93 -2.83
C TYR C 30 50.47 13.42 -2.48
N VAL C 31 50.71 14.28 -3.47
CA VAL C 31 50.64 15.72 -3.23
C VAL C 31 49.30 16.09 -2.63
N TYR C 32 48.21 15.61 -3.25
CA TYR C 32 46.87 15.95 -2.75
C TYR C 32 46.60 15.35 -1.38
N GLN C 33 47.16 14.18 -1.09
CA GLN C 33 47.01 13.63 0.25
C GLN C 33 47.69 14.52 1.28
N SER C 34 48.87 15.05 0.93
CA SER C 34 49.56 15.98 1.81
C SER C 34 48.73 17.25 2.04
N MET C 35 48.19 17.82 0.95
CA MET C 35 47.38 19.03 1.10
C MET C 35 46.13 18.74 1.92
N TYR C 36 45.54 17.56 1.72
CA TYR C 36 44.40 17.13 2.52
C TYR C 36 44.72 17.23 4.01
N MET C 37 45.81 16.59 4.43
CA MET C 37 46.14 16.56 5.84
C MET C 37 46.68 17.89 6.34
N TYR C 38 47.17 18.74 5.45
CA TYR C 38 47.58 20.09 5.85
C TYR C 38 46.37 20.94 6.22
N PHE C 39 45.33 20.93 5.40
CA PHE C 39 44.14 21.69 5.77
C PHE C 39 43.36 21.04 6.91
N ASP C 40 43.68 19.79 7.24
CA ASP C 40 43.18 19.12 8.44
C ASP C 40 43.91 19.54 9.71
N ARG C 41 45.04 20.25 9.63
CA ARG C 41 45.77 20.66 10.82
C ARG C 41 44.92 21.58 11.69
N ASP C 42 45.12 21.47 13.01
CA ASP C 42 44.35 22.29 13.95
C ASP C 42 44.59 23.78 13.74
N ASP C 43 45.75 24.16 13.21
CA ASP C 43 46.08 25.57 13.01
C ASP C 43 45.81 26.04 11.60
N VAL C 44 45.12 25.22 10.80
CA VAL C 44 44.64 25.61 9.47
C VAL C 44 43.13 25.46 9.49
N ALA C 45 42.65 24.23 9.71
CA ALA C 45 41.27 23.96 10.12
C ALA C 45 40.25 24.47 9.09
N LEU C 46 40.44 24.09 7.83
CA LEU C 46 39.47 24.38 6.78
C LEU C 46 39.00 23.02 6.25
N PRO C 47 37.93 22.47 6.84
CA PRO C 47 37.61 21.04 6.61
C PRO C 47 37.07 20.73 5.24
N SER C 48 36.45 21.70 4.55
CA SER C 48 35.94 21.41 3.21
C SER C 48 37.04 21.52 2.17
N PHE C 49 37.99 22.44 2.33
CA PHE C 49 39.24 22.35 1.58
C PHE C 49 39.91 21.00 1.79
N ALA C 50 39.97 20.54 3.05
CA ALA C 50 40.58 19.24 3.31
C ALA C 50 39.89 18.15 2.49
N LYS C 51 38.55 18.12 2.52
CA LYS C 51 37.81 17.09 1.80
C LYS C 51 38.02 17.19 0.30
N TYR C 52 38.10 18.42 -0.22
CA TYR C 52 38.37 18.60 -1.64
C TYR C 52 39.67 17.92 -2.04
N PHE C 53 40.73 18.10 -1.25
CA PHE C 53 42.01 17.49 -1.63
C PHE C 53 42.01 16.00 -1.35
N LYS C 54 41.28 15.55 -0.34
CA LYS C 54 41.09 14.11 -0.14
C LYS C 54 40.48 13.49 -1.39
N HIS C 55 39.41 14.09 -1.91
CA HIS C 55 38.78 13.60 -3.13
C HIS C 55 39.73 13.63 -4.31
N ASN C 56 40.48 14.73 -4.47
CA ASN C 56 41.38 14.78 -5.61
C ASN C 56 42.52 13.77 -5.46
N SER C 57 42.93 13.47 -4.23
CA SER C 57 43.92 12.42 -4.04
C SER C 57 43.39 11.08 -4.52
N GLU C 58 42.14 10.76 -4.13
CA GLU C 58 41.52 9.51 -4.56
C GLU C 58 41.36 9.46 -6.07
N GLU C 59 40.95 10.57 -6.69
CA GLU C 59 40.81 10.59 -8.15
C GLU C 59 42.14 10.33 -8.85
N GLU C 60 43.23 10.92 -8.34
CA GLU C 60 44.54 10.68 -8.95
C GLU C 60 44.96 9.22 -8.80
N ARG C 61 44.64 8.59 -7.66
CA ARG C 61 44.95 7.18 -7.53
C ARG C 61 44.17 6.35 -8.53
N GLU C 62 42.91 6.72 -8.77
CA GLU C 62 42.13 6.02 -9.80
C GLU C 62 42.73 6.25 -11.18
N HIS C 63 43.17 7.48 -11.49
CA HIS C 63 43.84 7.71 -12.76
C HIS C 63 45.04 6.77 -12.92
N ALA C 64 45.83 6.62 -11.86
CA ALA C 64 46.98 5.72 -11.90
C ALA C 64 46.54 4.29 -12.17
N GLU C 65 45.51 3.83 -11.45
CA GLU C 65 45.10 2.44 -11.58
C GLU C 65 44.47 2.18 -12.95
N LYS C 66 43.78 3.17 -13.53
CA LYS C 66 43.25 2.98 -14.87
C LYS C 66 44.36 2.83 -15.90
N LEU C 67 45.46 3.57 -15.71
CA LEU C 67 46.63 3.39 -16.57
C LEU C 67 47.28 2.03 -16.35
N MET C 68 47.39 1.59 -15.10
CA MET C 68 47.90 0.24 -14.84
C MET C 68 47.04 -0.82 -15.54
N LYS C 69 45.71 -0.70 -15.43
CA LYS C 69 44.85 -1.67 -16.09
C LYS C 69 45.01 -1.61 -17.59
N TYR C 70 45.16 -0.40 -18.15
CA TYR C 70 45.38 -0.27 -19.58
C TYR C 70 46.69 -0.92 -20.01
N GLN C 71 47.76 -0.70 -19.23
CA GLN C 71 49.02 -1.38 -19.50
C GLN C 71 48.83 -2.89 -19.62
N ASN C 72 48.15 -3.50 -18.64
CA ASN C 72 47.91 -4.94 -18.70
C ASN C 72 47.06 -5.33 -19.90
N LYS C 73 46.03 -4.53 -20.21
CA LYS C 73 45.14 -4.87 -21.31
C LYS C 73 45.88 -4.94 -22.63
N ARG C 74 46.84 -4.04 -22.84
CA ARG C 74 47.58 -4.04 -24.10
C ARG C 74 48.71 -5.06 -24.12
N GLY C 75 48.98 -5.74 -23.01
CA GLY C 75 50.07 -6.66 -22.96
C GLY C 75 51.37 -6.05 -22.50
N GLY C 76 51.35 -4.81 -22.04
CA GLY C 76 52.51 -4.23 -21.40
C GLY C 76 52.70 -4.78 -20.00
N ARG C 77 53.84 -4.45 -19.40
CA ARG C 77 54.15 -4.92 -18.06
C ARG C 77 54.41 -3.73 -17.16
N ILE C 78 53.64 -3.65 -16.06
CA ILE C 78 53.76 -2.55 -15.11
C ILE C 78 55.08 -2.66 -14.38
N VAL C 79 55.84 -1.56 -14.37
CA VAL C 79 57.07 -1.46 -13.60
C VAL C 79 56.93 -0.23 -12.73
N LEU C 80 56.76 -0.45 -11.43
CA LEU C 80 56.56 0.64 -10.48
C LEU C 80 57.89 1.25 -10.06
N GLN C 81 57.86 2.53 -9.73
CA GLN C 81 59.01 3.23 -9.16
C GLN C 81 58.61 3.87 -7.83
N ASP C 82 59.60 4.30 -7.06
CA ASP C 82 59.31 5.01 -5.82
C ASP C 82 58.35 6.15 -6.08
N ILE C 83 57.44 6.41 -5.15
CA ILE C 83 56.60 7.59 -5.22
C ILE C 83 57.27 8.66 -4.36
N GLN C 84 57.77 9.71 -5.02
CA GLN C 84 58.52 10.74 -4.30
C GLN C 84 57.59 11.56 -3.42
N LYS C 85 58.09 11.92 -2.24
CA LYS C 85 57.32 12.77 -1.34
C LYS C 85 57.11 14.15 -1.97
N PRO C 86 56.03 14.83 -1.63
CA PRO C 86 55.77 16.15 -2.22
C PRO C 86 56.90 17.12 -1.92
N ASP C 87 56.90 18.21 -2.68
CA ASP C 87 57.99 19.18 -2.62
C ASP C 87 57.99 19.97 -1.31
N LEU C 88 56.82 20.19 -0.72
CA LEU C 88 56.68 20.92 0.52
C LEU C 88 55.98 20.05 1.56
N ASP C 89 56.18 20.40 2.84
CA ASP C 89 55.43 19.79 3.93
C ASP C 89 54.19 20.59 4.31
N GLU C 90 54.16 21.89 3.98
CA GLU C 90 53.02 22.75 4.25
C GLU C 90 52.80 23.66 3.05
N TRP C 91 51.55 24.08 2.85
CA TRP C 91 51.13 24.56 1.55
C TRP C 91 50.61 26.00 1.57
N GLY C 92 50.76 26.72 2.68
CA GLY C 92 50.40 28.13 2.74
C GLY C 92 48.89 28.36 2.80
N SER C 93 48.46 29.45 2.18
CA SER C 93 47.06 29.84 2.18
C SER C 93 46.25 28.96 1.23
N PRO C 94 44.92 28.96 1.37
CA PRO C 94 44.09 28.31 0.34
C PRO C 94 44.42 28.77 -1.07
N LEU C 95 44.65 30.07 -1.27
CA LEU C 95 45.00 30.56 -2.60
C LEU C 95 46.31 29.98 -3.07
N GLU C 96 47.34 29.98 -2.21
CA GLU C 96 48.64 29.43 -2.60
C GLU C 96 48.54 27.94 -2.91
N ALA C 97 47.75 27.19 -2.14
CA ALA C 97 47.61 25.76 -2.42
C ALA C 97 46.90 25.52 -3.76
N MET C 98 45.90 26.33 -4.07
CA MET C 98 45.22 26.18 -5.35
C MET C 98 46.16 26.55 -6.50
N GLN C 99 46.98 27.58 -6.31
CA GLN C 99 47.95 27.93 -7.34
C GLN C 99 48.96 26.79 -7.56
N THR C 100 49.46 26.20 -6.48
CA THR C 100 50.29 25.00 -6.60
C THR C 100 49.55 23.89 -7.35
N THR C 101 48.26 23.72 -7.05
CA THR C 101 47.46 22.68 -7.69
C THR C 101 47.31 22.94 -9.20
N LEU C 102 47.15 24.20 -9.59
CA LEU C 102 47.09 24.51 -11.00
C LEU C 102 48.37 24.12 -11.71
N ALA C 103 49.51 24.46 -11.11
CA ALA C 103 50.79 24.10 -11.72
C ALA C 103 50.94 22.59 -11.81
N LEU C 104 50.52 21.86 -10.77
CA LEU C 104 50.62 20.40 -10.82
C LEU C 104 49.78 19.83 -11.96
N GLU C 105 48.53 20.29 -12.09
CA GLU C 105 47.65 19.70 -13.11
C GLU C 105 48.11 20.04 -14.52
N LYS C 106 48.70 21.22 -14.72
CA LYS C 106 49.27 21.54 -16.03
C LYS C 106 50.51 20.70 -16.31
N SER C 107 51.29 20.39 -15.28
CA SER C 107 52.43 19.50 -15.48
C SER C 107 51.96 18.12 -15.91
N VAL C 108 50.97 17.57 -15.22
CA VAL C 108 50.40 16.28 -15.60
C VAL C 108 49.83 16.35 -17.01
N ASN C 109 49.12 17.43 -17.34
CA ASN C 109 48.54 17.56 -18.67
C ASN C 109 49.63 17.55 -19.75
N GLN C 110 50.70 18.30 -19.54
CA GLN C 110 51.78 18.28 -20.53
C GLN C 110 52.36 16.87 -20.67
N ALA C 111 52.53 16.17 -19.54
CA ALA C 111 53.05 14.81 -19.63
C ALA C 111 52.11 13.92 -20.43
N LEU C 112 50.79 14.08 -20.24
CA LEU C 112 49.84 13.27 -21.00
C LEU C 112 49.88 13.63 -22.48
N LEU C 113 49.98 14.93 -22.80
CA LEU C 113 50.10 15.31 -24.20
C LEU C 113 51.37 14.72 -24.81
N ASP C 114 52.47 14.67 -24.06
CA ASP C 114 53.69 14.06 -24.57
C ASP C 114 53.52 12.55 -24.77
N LEU C 115 52.79 11.89 -23.87
CA LEU C 115 52.52 10.46 -24.05
C LEU C 115 51.65 10.24 -25.28
N HIS C 116 50.68 11.11 -25.49
CA HIS C 116 49.87 11.04 -26.70
C HIS C 116 50.72 11.16 -27.96
N LYS C 117 51.74 12.02 -27.93
CA LYS C 117 52.63 12.15 -29.09
C LYS C 117 53.38 10.85 -29.37
N ILE C 118 53.79 10.15 -28.30
CA ILE C 118 54.45 8.86 -28.48
C ILE C 118 53.52 7.88 -29.17
N ALA C 119 52.27 7.80 -28.70
CA ALA C 119 51.30 6.91 -29.34
C ALA C 119 51.11 7.27 -30.80
N ASP C 120 50.97 8.57 -31.09
CA ASP C 120 50.75 9.03 -32.46
C ASP C 120 51.93 8.64 -33.36
N LYS C 121 53.14 8.90 -32.89
CA LYS C 121 54.37 8.51 -33.59
C LYS C 121 54.35 7.06 -34.03
N HIS C 122 53.83 6.16 -33.20
CA HIS C 122 53.82 4.74 -33.54
C HIS C 122 52.48 4.27 -34.07
N GLY C 123 51.60 5.19 -34.48
CA GLY C 123 50.35 4.77 -35.08
C GLY C 123 49.45 3.98 -34.14
N ASP C 124 49.53 4.27 -32.85
CA ASP C 124 48.70 3.56 -31.87
C ASP C 124 47.38 4.31 -31.75
N ALA C 125 46.48 4.02 -32.70
CA ALA C 125 45.20 4.71 -32.77
C ALA C 125 44.37 4.46 -31.50
N GLN C 126 44.37 3.23 -31.00
CA GLN C 126 43.54 2.95 -29.85
C GLN C 126 44.06 3.63 -28.59
N MET C 127 45.39 3.68 -28.43
CA MET C 127 45.96 4.37 -27.27
C MET C 127 45.67 5.88 -27.33
N MET C 128 45.75 6.49 -28.52
CA MET C 128 45.43 7.91 -28.61
C MET C 128 43.99 8.18 -28.18
N ASP C 129 43.05 7.35 -28.65
CA ASP C 129 41.66 7.53 -28.27
C ASP C 129 41.45 7.30 -26.77
N PHE C 130 42.12 6.28 -26.21
CA PHE C 130 42.06 6.06 -24.78
C PHE C 130 42.56 7.28 -24.01
N LEU C 131 43.71 7.82 -24.40
CA LEU C 131 44.23 8.99 -23.71
C LEU C 131 43.33 10.21 -23.86
N GLU C 132 42.79 10.43 -25.06
CA GLU C 132 41.95 11.60 -25.28
C GLU C 132 40.69 11.53 -24.43
N GLY C 133 39.97 10.40 -24.49
CA GLY C 133 38.70 10.31 -23.82
C GLY C 133 38.81 10.17 -22.32
N GLU C 134 39.80 9.40 -21.85
CA GLU C 134 39.93 9.09 -20.43
C GLU C 134 40.87 10.03 -19.67
N TYR C 135 41.71 10.80 -20.36
CA TYR C 135 42.68 11.64 -19.64
C TYR C 135 42.68 13.09 -20.08
N LEU C 136 42.81 13.35 -21.39
CA LEU C 136 42.95 14.73 -21.83
C LEU C 136 41.69 15.55 -21.54
N LYS C 137 40.52 14.95 -21.72
CA LYS C 137 39.28 15.66 -21.44
C LYS C 137 39.17 16.03 -19.97
N GLU C 138 39.48 15.08 -19.09
CA GLU C 138 39.45 15.34 -17.66
C GLU C 138 40.43 16.43 -17.26
N GLN C 139 41.61 16.45 -17.89
CA GLN C 139 42.61 17.46 -17.51
C GLN C 139 42.14 18.87 -17.85
N VAL C 140 41.52 19.07 -19.03
CA VAL C 140 41.02 20.40 -19.36
C VAL C 140 39.93 20.83 -18.39
N ASP C 141 39.04 19.90 -17.99
CA ASP C 141 38.01 20.25 -17.01
C ASP C 141 38.63 20.61 -15.66
N ALA C 142 39.60 19.81 -15.21
CA ALA C 142 40.23 20.07 -13.91
C ALA C 142 40.97 21.41 -13.90
N ILE C 143 41.70 21.72 -14.97
CA ILE C 143 42.43 22.97 -15.06
C ILE C 143 41.47 24.17 -15.01
N GLU C 144 40.35 24.07 -15.73
CA GLU C 144 39.39 25.18 -15.68
C GLU C 144 38.79 25.33 -14.29
N GLU C 145 38.45 24.21 -13.64
CA GLU C 145 37.86 24.28 -12.31
C GLU C 145 38.82 24.88 -11.30
N ILE C 146 40.11 24.49 -11.37
CA ILE C 146 41.09 25.09 -10.47
C ILE C 146 41.27 26.58 -10.77
N SER C 147 41.27 26.95 -12.05
CA SER C 147 41.32 28.36 -12.39
C SER C 147 40.16 29.13 -11.77
N ASP C 148 38.96 28.54 -11.79
CA ASP C 148 37.82 29.18 -11.13
C ASP C 148 38.07 29.37 -9.63
N HIS C 149 38.62 28.35 -8.97
CA HIS C 149 38.90 28.47 -7.54
C HIS C 149 39.86 29.60 -7.25
N ILE C 150 40.92 29.72 -8.07
CA ILE C 150 41.92 30.76 -7.83
C ILE C 150 41.30 32.14 -7.95
N THR C 151 40.51 32.34 -9.00
CA THR C 151 39.84 33.64 -9.18
C THR C 151 38.95 33.97 -7.99
N ASN C 152 38.13 33.01 -7.55
CA ASN C 152 37.25 33.28 -6.42
C ASN C 152 38.05 33.54 -5.16
N LEU C 153 39.13 32.80 -4.93
CA LEU C 153 39.92 33.04 -3.73
C LEU C 153 40.56 34.42 -3.76
N LYS C 154 41.01 34.86 -4.94
CA LYS C 154 41.48 36.24 -5.06
C LYS C 154 40.36 37.24 -4.79
N ARG C 155 39.15 36.92 -5.22
CA ARG C 155 38.04 37.86 -5.03
C ARG C 155 37.68 37.99 -3.55
N VAL C 156 37.60 36.87 -2.82
CA VAL C 156 37.10 36.96 -1.44
C VAL C 156 38.16 37.43 -0.44
N GLY C 157 39.46 37.31 -0.77
CA GLY C 157 40.51 37.77 0.12
C GLY C 157 40.76 36.80 1.25
N THR C 158 41.65 37.21 2.15
CA THR C 158 42.00 36.41 3.31
C THR C 158 41.05 36.66 4.47
N GLY C 159 41.04 35.71 5.41
CA GLY C 159 40.25 35.87 6.63
C GLY C 159 38.83 35.34 6.43
N LEU C 160 37.84 36.21 6.66
CA LEU C 160 36.45 35.77 6.53
C LEU C 160 36.20 35.18 5.15
N GLY C 161 36.83 35.72 4.11
CA GLY C 161 36.60 35.23 2.76
C GLY C 161 37.01 33.78 2.56
N GLU C 162 38.15 33.40 3.13
CA GLU C 162 38.59 32.00 3.05
C GLU C 162 37.62 31.08 3.75
N TYR C 163 37.17 31.47 4.95
CA TYR C 163 36.19 30.70 5.70
C TYR C 163 34.90 30.51 4.90
N MET C 164 34.37 31.61 4.33
CA MET C 164 33.10 31.51 3.60
C MET C 164 33.25 30.68 2.33
N TYR C 165 34.39 30.78 1.66
CA TYR C 165 34.61 29.95 0.48
C TYR C 165 34.63 28.48 0.86
N ASP C 166 35.25 28.16 2.01
CA ASP C 166 35.21 26.79 2.53
C ASP C 166 33.77 26.36 2.75
N LYS C 167 32.95 27.23 3.34
CA LYS C 167 31.58 26.84 3.67
C LYS C 167 30.66 26.81 2.45
N GLU C 168 30.88 27.68 1.46
CA GLU C 168 29.95 27.77 0.35
C GLU C 168 30.38 26.93 -0.84
N THR C 169 31.54 27.24 -1.42
CA THR C 169 31.92 26.54 -2.65
C THR C 169 32.51 25.17 -2.35
N MET C 170 33.44 25.07 -1.39
CA MET C 170 34.18 23.83 -1.21
C MET C 170 33.32 22.73 -0.58
N SER C 171 32.20 23.08 0.06
CA SER C 171 31.36 22.07 0.71
C SER C 171 30.53 21.27 -0.29
N GLN D 3 54.27 25.44 21.58
CA GLN D 3 53.69 24.16 21.22
C GLN D 3 52.42 24.36 20.39
N THR D 4 52.04 23.34 19.63
CA THR D 4 50.76 23.38 18.94
C THR D 4 49.63 23.39 19.97
N GLN D 5 48.49 23.96 19.56
CA GLN D 5 47.36 24.12 20.48
C GLN D 5 46.96 22.82 21.18
N PRO D 6 46.84 21.68 20.50
CA PRO D 6 46.31 20.48 21.16
C PRO D 6 47.31 19.77 22.03
N ARG D 7 48.60 20.08 21.92
CA ARG D 7 49.62 19.15 22.41
C ARG D 7 49.54 18.99 23.92
N GLN D 8 49.46 17.73 24.35
CA GLN D 8 49.46 17.45 25.79
C GLN D 8 49.86 16.00 25.98
N ASN D 9 50.91 15.78 26.78
CA ASN D 9 51.40 14.42 27.08
C ASN D 9 51.78 13.67 25.80
N PHE D 10 52.38 14.39 24.86
CA PHE D 10 52.70 13.85 23.54
C PHE D 10 54.18 14.12 23.25
N HIS D 11 55.00 13.06 23.31
CA HIS D 11 56.46 13.22 23.25
C HIS D 11 56.92 13.30 21.81
N VAL D 12 58.05 13.98 21.58
CA VAL D 12 58.56 14.08 20.22
C VAL D 12 58.92 12.72 19.65
N GLU D 13 59.34 11.77 20.51
CA GLU D 13 59.67 10.44 19.99
C GLU D 13 58.44 9.70 19.49
N SER D 14 57.29 9.90 20.16
CA SER D 14 56.05 9.31 19.71
C SER D 14 55.59 9.94 18.40
N GLU D 15 55.72 11.27 18.31
CA GLU D 15 55.41 11.97 17.07
C GLU D 15 56.27 11.45 15.91
N ALA D 16 57.58 11.30 16.14
CA ALA D 16 58.44 10.77 15.08
C ALA D 16 58.07 9.33 14.76
N GLY D 17 57.76 8.53 15.78
CA GLY D 17 57.38 7.14 15.53
C GLY D 17 56.12 7.03 14.68
N ILE D 18 55.15 7.91 14.91
CA ILE D 18 53.94 7.88 14.09
C ILE D 18 54.26 8.25 12.64
N ASN D 19 55.14 9.22 12.42
CA ASN D 19 55.52 9.53 11.05
C ASN D 19 56.18 8.33 10.37
N LYS D 20 57.01 7.59 11.10
CA LYS D 20 57.62 6.39 10.53
C LYS D 20 56.56 5.35 10.17
N GLN D 21 55.59 5.14 11.07
CA GLN D 21 54.56 4.14 10.83
C GLN D 21 53.65 4.55 9.66
N ILE D 22 53.35 5.85 9.53
CA ILE D 22 52.58 6.33 8.38
C ILE D 22 53.23 5.86 7.09
N ASN D 23 54.54 6.04 6.98
CA ASN D 23 55.23 5.63 5.76
C ASN D 23 55.14 4.11 5.58
N MET D 24 55.24 3.36 6.68
CA MET D 24 55.19 1.91 6.54
C MET D 24 53.82 1.44 6.04
N GLU D 25 52.74 2.07 6.53
CA GLU D 25 51.40 1.72 6.04
C GLU D 25 51.27 2.06 4.56
N LEU D 26 51.79 3.21 4.13
CA LEU D 26 51.74 3.55 2.70
C LEU D 26 52.54 2.56 1.87
N TYR D 27 53.71 2.15 2.38
CA TYR D 27 54.51 1.14 1.69
C TYR D 27 53.73 -0.15 1.51
N ALA D 28 53.10 -0.63 2.59
CA ALA D 28 52.28 -1.84 2.48
C ALA D 28 51.18 -1.66 1.45
N SER D 29 50.54 -0.50 1.44
CA SER D 29 49.51 -0.23 0.44
C SER D 29 50.07 -0.39 -0.97
N TYR D 30 51.30 0.07 -1.19
CA TYR D 30 51.91 -0.01 -2.52
C TYR D 30 52.24 -1.46 -2.89
N VAL D 31 52.73 -2.24 -1.93
CA VAL D 31 52.95 -3.66 -2.17
C VAL D 31 51.66 -4.33 -2.64
N TYR D 32 50.56 -4.11 -1.91
CA TYR D 32 49.30 -4.75 -2.28
C TYR D 32 48.80 -4.26 -3.63
N GLN D 33 48.98 -2.97 -3.94
CA GLN D 33 48.59 -2.48 -5.26
C GLN D 33 49.38 -3.18 -6.35
N SER D 34 50.66 -3.46 -6.10
CA SER D 34 51.45 -4.21 -7.07
C SER D 34 50.95 -5.64 -7.23
N MET D 35 50.62 -6.31 -6.12
CA MET D 35 50.08 -7.67 -6.21
C MET D 35 48.74 -7.66 -6.93
N TYR D 36 47.89 -6.69 -6.62
CA TYR D 36 46.62 -6.53 -7.33
C TYR D 36 46.84 -6.52 -8.84
N MET D 37 47.74 -5.67 -9.32
CA MET D 37 47.95 -5.54 -10.76
C MET D 37 48.71 -6.73 -11.34
N TYR D 38 49.46 -7.46 -10.51
CA TYR D 38 50.11 -8.68 -10.96
C TYR D 38 49.10 -9.78 -11.22
N PHE D 39 48.17 -10.01 -10.29
CA PHE D 39 47.14 -11.02 -10.55
C PHE D 39 46.13 -10.58 -11.61
N ASP D 40 46.12 -9.29 -11.97
CA ASP D 40 45.36 -8.79 -13.11
C ASP D 40 46.03 -9.04 -14.46
N ARG D 41 47.30 -9.46 -14.48
CA ARG D 41 47.97 -9.71 -15.76
C ARG D 41 47.27 -10.80 -16.55
N ASP D 42 47.33 -10.68 -17.88
CA ASP D 42 46.66 -11.67 -18.73
C ASP D 42 47.26 -13.05 -18.57
N ASP D 43 48.54 -13.15 -18.19
CA ASP D 43 49.19 -14.44 -18.02
C ASP D 43 49.16 -14.94 -16.58
N VAL D 44 48.38 -14.28 -15.70
CA VAL D 44 48.11 -14.76 -14.35
C VAL D 44 46.61 -14.98 -14.21
N ALA D 45 45.83 -13.90 -14.37
CA ALA D 45 44.39 -14.01 -14.64
C ALA D 45 43.63 -14.70 -13.51
N LEU D 46 43.86 -14.27 -12.27
CA LEU D 46 43.11 -14.73 -11.12
C LEU D 46 42.37 -13.53 -10.52
N PRO D 47 41.15 -13.25 -10.97
CA PRO D 47 40.55 -11.94 -10.69
C PRO D 47 40.08 -11.75 -9.26
N SER D 48 39.75 -12.81 -8.52
CA SER D 48 39.35 -12.62 -7.13
C SER D 48 40.56 -12.42 -6.22
N PHE D 49 41.68 -13.11 -6.49
CA PHE D 49 42.95 -12.72 -5.88
C PHE D 49 43.27 -11.26 -6.15
N ALA D 50 43.12 -10.84 -7.41
CA ALA D 50 43.38 -9.44 -7.73
C ALA D 50 42.54 -8.51 -6.86
N LYS D 51 41.25 -8.80 -6.75
CA LYS D 51 40.36 -7.95 -5.95
C LYS D 51 40.72 -8.01 -4.47
N TYR D 52 41.14 -9.17 -3.98
CA TYR D 52 41.57 -9.26 -2.59
C TYR D 52 42.71 -8.29 -2.31
N PHE D 53 43.71 -8.24 -3.19
CA PHE D 53 44.83 -7.35 -2.96
C PHE D 53 44.46 -5.89 -3.19
N LYS D 54 43.55 -5.63 -4.14
CA LYS D 54 43.01 -4.28 -4.28
C LYS D 54 42.40 -3.79 -2.97
N HIS D 55 41.55 -4.64 -2.36
CA HIS D 55 40.93 -4.29 -1.07
C HIS D 55 41.98 -4.10 0.02
N ASN D 56 42.97 -4.97 0.09
CA ASN D 56 43.98 -4.81 1.12
C ASN D 56 44.84 -3.58 0.89
N SER D 57 45.07 -3.21 -0.37
CA SER D 57 45.77 -1.96 -0.64
C SER D 57 44.98 -0.77 -0.12
N GLU D 58 43.66 -0.77 -0.34
CA GLU D 58 42.84 0.33 0.17
C GLU D 58 42.82 0.34 1.70
N GLU D 59 42.71 -0.82 2.34
CA GLU D 59 42.76 -0.88 3.81
C GLU D 59 44.05 -0.28 4.37
N GLU D 60 45.20 -0.61 3.76
CA GLU D 60 46.46 -0.05 4.24
C GLU D 60 46.51 1.46 4.03
N ARG D 61 45.98 1.95 2.91
CA ARG D 61 45.91 3.40 2.74
C ARG D 61 45.04 4.02 3.82
N GLU D 62 43.93 3.36 4.17
CA GLU D 62 43.09 3.86 5.27
C GLU D 62 43.83 3.80 6.60
N HIS D 63 44.62 2.74 6.84
CA HIS D 63 45.43 2.70 8.06
C HIS D 63 46.38 3.89 8.13
N ALA D 64 47.00 4.24 7.00
CA ALA D 64 47.91 5.37 6.96
C ALA D 64 47.18 6.68 7.26
N GLU D 65 46.02 6.88 6.65
CA GLU D 65 45.30 8.14 6.85
C GLU D 65 44.76 8.26 8.27
N LYS D 66 44.36 7.15 8.89
CA LYS D 66 43.93 7.20 10.28
C LYS D 66 45.09 7.64 11.19
N LEU D 67 46.30 7.17 10.90
CA LEU D 67 47.47 7.62 11.67
C LEU D 67 47.79 9.08 11.39
N MET D 68 47.63 9.54 10.15
CA MET D 68 47.82 10.95 9.84
C MET D 68 46.83 11.80 10.62
N LYS D 69 45.56 11.39 10.61
CA LYS D 69 44.55 12.10 11.40
C LYS D 69 44.91 12.12 12.87
N TYR D 70 45.46 11.02 13.39
CA TYR D 70 45.79 10.94 14.82
C TYR D 70 46.97 11.87 15.14
N GLN D 71 47.99 11.86 14.28
CA GLN D 71 49.08 12.82 14.41
C GLN D 71 48.54 14.24 14.57
N ASN D 72 47.65 14.65 13.67
CA ASN D 72 47.11 16.00 13.74
C ASN D 72 46.32 16.21 15.03
N LYS D 73 45.50 15.22 15.41
CA LYS D 73 44.66 15.35 16.60
C LYS D 73 45.51 15.60 17.85
N ARG D 74 46.67 14.97 17.95
CA ARG D 74 47.55 15.14 19.10
C ARG D 74 48.43 16.38 18.99
N GLY D 75 48.36 17.12 17.90
CA GLY D 75 49.21 18.28 17.74
C GLY D 75 50.59 17.97 17.19
N GLY D 76 50.82 16.74 16.71
CA GLY D 76 52.00 16.46 15.95
C GLY D 76 51.90 17.03 14.54
N ARG D 77 53.01 16.97 13.81
CA ARG D 77 53.06 17.45 12.45
C ARG D 77 53.48 16.31 11.53
N ILE D 78 52.64 16.02 10.53
CA ILE D 78 52.91 14.98 9.56
C ILE D 78 54.10 15.39 8.71
N VAL D 79 55.08 14.50 8.62
CA VAL D 79 56.22 14.65 7.71
C VAL D 79 56.25 13.41 6.85
N LEU D 80 55.93 13.58 5.57
CA LEU D 80 55.88 12.46 4.64
C LEU D 80 57.27 12.14 4.10
N GLN D 81 57.47 10.89 3.71
CA GLN D 81 58.70 10.41 3.10
C GLN D 81 58.35 9.71 1.80
N ASP D 82 59.37 9.47 0.96
CA ASP D 82 59.12 8.72 -0.27
C ASP D 82 58.50 7.37 0.06
N ILE D 83 57.62 6.89 -0.82
CA ILE D 83 57.07 5.55 -0.71
C ILE D 83 57.88 4.66 -1.62
N GLN D 84 58.69 3.79 -1.01
CA GLN D 84 59.61 2.95 -1.76
C GLN D 84 58.84 1.93 -2.59
N LYS D 85 59.33 1.67 -3.80
CA LYS D 85 58.64 0.66 -4.61
C LYS D 85 58.83 -0.72 -3.99
N PRO D 86 57.90 -1.65 -4.26
CA PRO D 86 58.01 -3.01 -3.70
C PRO D 86 59.27 -3.72 -4.15
N ASP D 87 59.65 -4.75 -3.39
CA ASP D 87 60.91 -5.45 -3.63
C ASP D 87 60.89 -6.23 -4.93
N LEU D 88 59.71 -6.60 -5.44
CA LEU D 88 59.58 -7.41 -6.64
C LEU D 88 58.61 -6.75 -7.60
N ASP D 89 58.78 -7.02 -8.90
CA ASP D 89 57.78 -6.64 -9.90
C ASP D 89 56.75 -7.74 -10.13
N GLU D 90 57.08 -8.99 -9.83
CA GLU D 90 56.22 -10.15 -10.03
C GLU D 90 56.24 -10.96 -8.76
N TRP D 91 55.10 -11.59 -8.42
CA TRP D 91 54.94 -12.16 -7.09
C TRP D 91 54.76 -13.68 -7.07
N GLY D 92 54.97 -14.36 -8.19
CA GLY D 92 54.95 -15.82 -8.19
C GLY D 92 53.57 -16.44 -8.16
N SER D 93 53.44 -17.58 -7.48
CA SER D 93 52.16 -18.27 -7.35
C SER D 93 51.27 -17.59 -6.31
N PRO D 94 49.96 -17.88 -6.31
CA PRO D 94 49.11 -17.44 -5.21
C PRO D 94 49.69 -17.79 -3.84
N LEU D 95 50.21 -19.02 -3.67
CA LEU D 95 50.83 -19.39 -2.39
C LEU D 95 52.01 -18.47 -2.05
N GLU D 96 52.90 -18.25 -3.02
CA GLU D 96 54.06 -17.40 -2.76
C GLU D 96 53.65 -15.98 -2.41
N ALA D 97 52.66 -15.44 -3.12
CA ALA D 97 52.19 -14.09 -2.81
C ALA D 97 51.62 -14.03 -1.39
N MET D 98 50.88 -15.07 -0.97
CA MET D 98 50.32 -15.04 0.38
C MET D 98 51.42 -15.17 1.43
N GLN D 99 52.44 -15.97 1.17
CA GLN D 99 53.56 -16.06 2.10
C GLN D 99 54.31 -14.73 2.21
N THR D 100 54.49 -14.05 1.08
CA THR D 100 55.05 -12.70 1.13
C THR D 100 54.19 -11.77 1.96
N THR D 101 52.87 -11.86 1.78
CA THR D 101 51.95 -11.01 2.53
C THR D 101 52.02 -11.29 4.02
N LEU D 102 52.14 -12.55 4.42
CA LEU D 102 52.29 -12.86 5.84
C LEU D 102 53.53 -12.17 6.41
N ALA D 103 54.66 -12.26 5.72
CA ALA D 103 55.87 -11.61 6.20
C ALA D 103 55.69 -10.10 6.31
N LEU D 104 55.01 -9.50 5.32
CA LEU D 104 54.76 -8.06 5.37
C LEU D 104 53.90 -7.68 6.57
N GLU D 105 52.82 -8.43 6.79
CA GLU D 105 51.92 -8.08 7.89
C GLU D 105 52.59 -8.30 9.24
N LYS D 106 53.50 -9.28 9.34
CA LYS D 106 54.24 -9.46 10.57
C LYS D 106 55.26 -8.34 10.79
N SER D 107 55.90 -7.86 9.72
CA SER D 107 56.81 -6.73 9.91
C SER D 107 56.04 -5.47 10.32
N VAL D 108 54.87 -5.22 9.71
CA VAL D 108 54.04 -4.10 10.13
C VAL D 108 53.64 -4.25 11.60
N ASN D 109 53.22 -5.46 11.99
CA ASN D 109 52.84 -5.69 13.38
C ASN D 109 54.02 -5.45 14.32
N GLN D 110 55.22 -5.89 13.96
CA GLN D 110 56.35 -5.64 14.84
C GLN D 110 56.63 -4.14 14.97
N ALA D 111 56.50 -3.39 13.87
CA ALA D 111 56.68 -1.94 13.93
C ALA D 111 55.64 -1.29 14.84
N LEU D 112 54.39 -1.76 14.77
CA LEU D 112 53.34 -1.22 15.65
C LEU D 112 53.63 -1.55 17.11
N LEU D 113 54.11 -2.75 17.39
CA LEU D 113 54.44 -3.09 18.77
C LEU D 113 55.60 -2.23 19.27
N ASP D 114 56.58 -1.96 18.40
CA ASP D 114 57.66 -1.06 18.79
C ASP D 114 57.15 0.35 19.02
N LEU D 115 56.20 0.80 18.20
CA LEU D 115 55.62 2.14 18.40
C LEU D 115 54.84 2.19 19.71
N HIS D 116 54.11 1.13 20.03
CA HIS D 116 53.44 1.04 21.31
C HIS D 116 54.43 1.15 22.47
N LYS D 117 55.60 0.53 22.33
CA LYS D 117 56.62 0.61 23.39
C LYS D 117 57.07 2.04 23.61
N ILE D 118 57.19 2.82 22.52
CA ILE D 118 57.56 4.22 22.66
C ILE D 118 56.49 4.97 23.45
N ALA D 119 55.22 4.76 23.11
CA ALA D 119 54.13 5.40 23.84
C ALA D 119 54.17 5.02 25.32
N ASP D 120 54.37 3.73 25.60
CA ASP D 120 54.47 3.25 26.98
C ASP D 120 55.61 3.92 27.72
N LYS D 121 56.79 3.96 27.09
CA LYS D 121 57.96 4.60 27.67
C LYS D 121 57.66 6.03 28.15
N HIS D 122 56.86 6.78 27.40
CA HIS D 122 56.57 8.16 27.75
C HIS D 122 55.22 8.33 28.42
N GLY D 123 54.64 7.25 28.95
CA GLY D 123 53.39 7.36 29.69
C GLY D 123 52.22 7.85 28.87
N ASP D 124 52.22 7.59 27.56
CA ASP D 124 51.17 8.09 26.67
C ASP D 124 50.04 7.07 26.67
N ALA D 125 49.20 7.15 27.70
CA ALA D 125 48.14 6.17 27.88
C ALA D 125 47.14 6.19 26.73
N GLN D 126 46.78 7.39 26.26
CA GLN D 126 45.80 7.48 25.17
C GLN D 126 46.37 6.92 23.87
N MET D 127 47.64 7.19 23.58
CA MET D 127 48.23 6.64 22.36
C MET D 127 48.30 5.12 22.43
N MET D 128 48.63 4.56 23.60
CA MET D 128 48.64 3.11 23.74
C MET D 128 47.25 2.53 23.45
N ASP D 129 46.20 3.15 23.99
CA ASP D 129 44.85 2.63 23.74
C ASP D 129 44.47 2.76 22.28
N PHE D 130 44.82 3.89 21.65
CA PHE D 130 44.56 4.06 20.23
C PHE D 130 45.23 2.96 19.40
N LEU D 131 46.51 2.71 19.68
CA LEU D 131 47.24 1.68 18.94
C LEU D 131 46.66 0.29 19.17
N GLU D 132 46.30 -0.03 20.41
CA GLU D 132 45.75 -1.35 20.73
C GLU D 132 44.44 -1.59 20.00
N GLY D 133 43.49 -0.67 20.14
CA GLY D 133 42.16 -0.87 19.60
C GLY D 133 42.07 -0.72 18.10
N GLU D 134 42.83 0.23 17.54
CA GLU D 134 42.73 0.54 16.11
C GLU D 134 43.77 -0.16 15.25
N TYR D 135 44.85 -0.70 15.82
CA TYR D 135 45.91 -1.28 14.99
C TYR D 135 46.30 -2.68 15.43
N LEU D 136 46.62 -2.88 16.72
CA LEU D 136 47.12 -4.18 17.15
C LEU D 136 46.07 -5.27 16.99
N LYS D 137 44.81 -4.95 17.31
CA LYS D 137 43.76 -5.95 17.15
C LYS D 137 43.60 -6.35 15.68
N GLU D 138 43.57 -5.36 14.78
CA GLU D 138 43.41 -5.66 13.36
C GLU D 138 44.57 -6.52 12.85
N GLN D 139 45.79 -6.27 13.34
CA GLN D 139 46.95 -7.02 12.85
C GLN D 139 46.87 -8.50 13.25
N VAL D 140 46.40 -8.81 14.46
CA VAL D 140 46.30 -10.23 14.81
C VAL D 140 45.24 -10.90 13.94
N ASP D 141 44.11 -10.21 13.70
CA ASP D 141 43.10 -10.76 12.79
C ASP D 141 43.65 -10.97 11.38
N ALA D 142 44.37 -9.98 10.85
CA ALA D 142 44.93 -10.10 9.51
C ALA D 142 45.94 -11.25 9.43
N ILE D 143 46.79 -11.38 10.44
CA ILE D 143 47.82 -12.41 10.38
C ILE D 143 47.20 -13.80 10.40
N GLU D 144 46.14 -13.98 11.19
CA GLU D 144 45.48 -15.28 11.21
C GLU D 144 44.77 -15.56 9.89
N GLU D 145 44.15 -14.52 9.30
CA GLU D 145 43.45 -14.72 8.03
C GLU D 145 44.43 -15.13 6.93
N ILE D 146 45.59 -14.47 6.87
CA ILE D 146 46.59 -14.83 5.88
C ILE D 146 47.11 -16.23 6.14
N SER D 147 47.29 -16.59 7.41
CA SER D 147 47.74 -17.95 7.72
C SER D 147 46.75 -18.99 7.22
N ASP D 148 45.46 -18.72 7.39
CA ASP D 148 44.42 -19.60 6.81
C ASP D 148 44.58 -19.73 5.30
N HIS D 149 44.77 -18.60 4.60
CA HIS D 149 44.93 -18.64 3.16
C HIS D 149 46.09 -19.54 2.76
N ILE D 150 47.22 -19.43 3.46
CA ILE D 150 48.42 -20.20 3.12
C ILE D 150 48.16 -21.68 3.29
N THR D 151 47.56 -22.05 4.43
CA THR D 151 47.23 -23.45 4.67
C THR D 151 46.33 -24.00 3.57
N ASN D 152 45.29 -23.25 3.21
CA ASN D 152 44.37 -23.73 2.19
C ASN D 152 45.06 -23.82 0.83
N LEU D 153 45.95 -22.87 0.53
CA LEU D 153 46.65 -22.91 -0.76
C LEU D 153 47.58 -24.12 -0.82
N LYS D 154 48.23 -24.45 0.30
CA LYS D 154 49.01 -25.69 0.35
C LYS D 154 48.12 -26.90 0.16
N ARG D 155 46.91 -26.88 0.73
CA ARG D 155 46.03 -28.04 0.62
C ARG D 155 45.53 -28.25 -0.81
N VAL D 156 45.14 -27.18 -1.49
CA VAL D 156 44.54 -27.37 -2.81
C VAL D 156 45.57 -27.60 -3.91
N GLY D 157 46.82 -27.18 -3.70
CA GLY D 157 47.87 -27.43 -4.68
C GLY D 157 47.78 -26.48 -5.86
N THR D 158 48.62 -26.72 -6.86
CA THR D 158 48.69 -25.85 -8.02
C THR D 158 47.71 -26.31 -9.11
N GLY D 159 47.42 -25.40 -10.03
CA GLY D 159 46.54 -25.67 -11.14
C GLY D 159 45.08 -25.49 -10.78
N LEU D 160 44.28 -26.56 -10.91
CA LEU D 160 42.86 -26.45 -10.65
C LEU D 160 42.58 -25.94 -9.23
N GLY D 161 43.40 -26.36 -8.25
CA GLY D 161 43.20 -25.89 -6.88
C GLY D 161 43.30 -24.38 -6.75
N GLU D 162 44.28 -23.78 -7.41
CA GLU D 162 44.40 -22.32 -7.40
C GLU D 162 43.16 -21.67 -7.99
N TYR D 163 42.68 -22.21 -9.10
CA TYR D 163 41.50 -21.65 -9.75
C TYR D 163 40.27 -21.76 -8.84
N MET D 164 40.08 -22.92 -8.21
CA MET D 164 38.91 -23.09 -7.36
C MET D 164 39.02 -22.23 -6.11
N TYR D 165 40.22 -22.05 -5.58
CA TYR D 165 40.37 -21.16 -4.43
C TYR D 165 39.97 -19.74 -4.79
N ASP D 166 40.37 -19.29 -5.99
CA ASP D 166 39.96 -17.99 -6.47
C ASP D 166 38.45 -17.87 -6.54
N LYS D 167 37.78 -18.92 -7.02
CA LYS D 167 36.33 -18.87 -7.19
C LYS D 167 35.57 -19.08 -5.91
N GLU D 168 36.06 -19.91 -5.00
CA GLU D 168 35.31 -20.20 -3.77
C GLU D 168 35.66 -19.21 -2.66
N THR D 169 36.90 -19.25 -2.18
CA THR D 169 37.25 -18.48 -1.00
C THR D 169 37.48 -17.00 -1.31
N MET D 170 38.25 -16.70 -2.36
CA MET D 170 38.62 -15.31 -2.59
C MET D 170 37.46 -14.46 -3.12
N SER D 171 36.41 -15.08 -3.64
CA SER D 171 35.26 -14.34 -4.17
C SER D 171 34.40 -13.73 -3.07
N GLN E 3 -18.84 -53.33 -29.52
CA GLN E 3 -17.63 -52.53 -29.29
C GLN E 3 -17.87 -51.51 -28.18
N THR E 4 -16.79 -51.00 -27.59
CA THR E 4 -16.92 -49.95 -26.58
C THR E 4 -17.41 -48.67 -27.22
N GLN E 5 -18.07 -47.82 -26.42
CA GLN E 5 -18.68 -46.60 -26.93
C GLN E 5 -17.73 -45.74 -27.75
N PRO E 6 -16.49 -45.48 -27.31
CA PRO E 6 -15.63 -44.55 -28.06
C PRO E 6 -15.06 -45.13 -29.33
N ARG E 7 -15.05 -46.45 -29.48
CA ARG E 7 -14.10 -47.07 -30.42
C ARG E 7 -14.37 -46.65 -31.86
N GLN E 8 -13.33 -46.17 -32.53
CA GLN E 8 -13.43 -45.76 -33.93
C GLN E 8 -12.03 -45.73 -34.52
N ASN E 9 -11.83 -46.48 -35.61
CA ASN E 9 -10.54 -46.52 -36.29
C ASN E 9 -9.41 -46.96 -35.35
N PHE E 10 -9.69 -47.93 -34.47
CA PHE E 10 -8.75 -48.35 -33.43
C PHE E 10 -8.59 -49.87 -33.51
N HIS E 11 -7.44 -50.33 -33.98
CA HIS E 11 -7.27 -51.75 -34.27
C HIS E 11 -6.88 -52.52 -33.01
N VAL E 12 -7.29 -53.80 -32.95
CA VAL E 12 -6.94 -54.61 -31.79
C VAL E 12 -5.43 -54.73 -31.66
N GLU E 13 -4.70 -54.70 -32.77
CA GLU E 13 -3.23 -54.80 -32.69
C GLU E 13 -2.65 -53.55 -32.04
N SER E 14 -3.23 -52.38 -32.33
CA SER E 14 -2.79 -51.15 -31.67
C SER E 14 -3.11 -51.17 -30.19
N GLU E 15 -4.29 -51.69 -29.85
CA GLU E 15 -4.69 -51.83 -28.44
C GLU E 15 -3.72 -52.73 -27.70
N ALA E 16 -3.37 -53.88 -28.30
CA ALA E 16 -2.42 -54.79 -27.66
C ALA E 16 -1.05 -54.13 -27.53
N GLY E 17 -0.63 -53.40 -28.55
CA GLY E 17 0.68 -52.77 -28.51
C GLY E 17 0.77 -51.71 -27.42
N ILE E 18 -0.33 -50.98 -27.18
CA ILE E 18 -0.33 -50.00 -26.09
C ILE E 18 -0.22 -50.71 -24.73
N ASN E 19 -0.91 -51.83 -24.55
CA ASN E 19 -0.78 -52.57 -23.29
C ASN E 19 0.67 -53.02 -23.07
N LYS E 20 1.33 -53.49 -24.12
CA LYS E 20 2.75 -53.87 -24.00
C LYS E 20 3.60 -52.66 -23.60
N GLN E 21 3.37 -51.52 -24.25
CA GLN E 21 4.18 -50.34 -23.97
C GLN E 21 3.93 -49.82 -22.55
N ILE E 22 2.69 -49.91 -22.07
CA ILE E 22 2.42 -49.52 -20.68
C ILE E 22 3.32 -50.29 -19.72
N ASN E 23 3.45 -51.60 -19.94
CA ASN E 23 4.31 -52.41 -19.08
C ASN E 23 5.76 -51.97 -19.18
N MET E 24 6.21 -51.65 -20.38
CA MET E 24 7.61 -51.26 -20.54
C MET E 24 7.89 -49.93 -19.85
N GLU E 25 6.94 -48.99 -19.90
CA GLU E 25 7.10 -47.72 -19.17
C GLU E 25 7.15 -47.97 -17.66
N LEU E 26 6.28 -48.86 -17.15
CA LEU E 26 6.32 -49.19 -15.73
C LEU E 26 7.64 -49.85 -15.37
N TYR E 27 8.11 -50.74 -16.23
CA TYR E 27 9.43 -51.35 -16.02
C TYR E 27 10.51 -50.28 -15.92
N ALA E 28 10.55 -49.34 -16.87
CA ALA E 28 11.57 -48.28 -16.81
C ALA E 28 11.45 -47.49 -15.52
N SER E 29 10.23 -47.21 -15.07
CA SER E 29 10.05 -46.51 -13.81
C SER E 29 10.71 -47.27 -12.67
N TYR E 30 10.54 -48.59 -12.65
CA TYR E 30 11.11 -49.42 -11.58
C TYR E 30 12.63 -49.41 -11.63
N VAL E 31 13.21 -49.51 -12.82
CA VAL E 31 14.66 -49.40 -12.96
C VAL E 31 15.16 -48.10 -12.32
N TYR E 32 14.56 -46.97 -12.70
CA TYR E 32 15.01 -45.70 -12.14
C TYR E 32 14.80 -45.63 -10.65
N GLN E 33 13.69 -46.20 -10.15
CA GLN E 33 13.50 -46.26 -8.71
C GLN E 33 14.64 -47.02 -8.04
N SER E 34 15.10 -48.11 -8.65
CA SER E 34 16.21 -48.86 -8.09
C SER E 34 17.50 -48.03 -8.11
N MET E 35 17.75 -47.31 -9.20
CA MET E 35 18.95 -46.47 -9.26
C MET E 35 18.88 -45.35 -8.23
N TYR E 36 17.71 -44.73 -8.09
CA TYR E 36 17.49 -43.72 -7.05
C TYR E 36 17.94 -44.25 -5.69
N MET E 37 17.44 -45.42 -5.29
CA MET E 37 17.75 -45.95 -3.97
C MET E 37 19.17 -46.50 -3.88
N TYR E 38 19.77 -46.84 -5.01
CA TYR E 38 21.19 -47.23 -5.02
C TYR E 38 22.08 -46.03 -4.74
N PHE E 39 21.82 -44.89 -5.40
CA PHE E 39 22.65 -43.73 -5.12
C PHE E 39 22.35 -43.12 -3.75
N ASP E 40 21.25 -43.51 -3.12
CA ASP E 40 20.95 -43.15 -1.73
C ASP E 40 21.66 -44.04 -0.70
N ARG E 41 22.33 -45.11 -1.12
CA ARG E 41 23.03 -45.97 -0.17
C ARG E 41 24.14 -45.20 0.54
N ASP E 42 24.39 -45.56 1.81
CA ASP E 42 25.42 -44.86 2.59
C ASP E 42 26.81 -45.05 1.98
N ASP E 43 27.04 -46.13 1.25
CA ASP E 43 28.34 -46.39 0.64
C ASP E 43 28.40 -45.93 -0.82
N VAL E 44 27.40 -45.20 -1.29
CA VAL E 44 27.44 -44.55 -2.60
C VAL E 44 27.29 -43.04 -2.37
N ALA E 45 26.14 -42.64 -1.84
CA ALA E 45 25.96 -41.34 -1.20
C ALA E 45 26.18 -40.18 -2.18
N LEU E 46 25.51 -40.24 -3.32
CA LEU E 46 25.50 -39.13 -4.28
C LEU E 46 24.06 -38.65 -4.36
N PRO E 47 23.68 -37.67 -3.54
CA PRO E 47 22.26 -37.36 -3.36
C PRO E 47 21.61 -36.66 -4.56
N SER E 48 22.37 -35.95 -5.39
CA SER E 48 21.74 -35.32 -6.54
C SER E 48 21.55 -36.30 -7.69
N PHE E 49 22.50 -37.23 -7.89
CA PHE E 49 22.24 -38.39 -8.74
C PHE E 49 21.00 -39.13 -8.27
N ALA E 50 20.90 -39.37 -6.96
CA ALA E 50 19.72 -40.03 -6.42
C ALA E 50 18.44 -39.30 -6.83
N LYS E 51 18.39 -37.99 -6.61
CA LYS E 51 17.18 -37.23 -6.91
C LYS E 51 16.90 -37.18 -8.42
N TYR E 52 17.95 -37.20 -9.25
CA TYR E 52 17.75 -37.25 -10.69
C TYR E 52 17.03 -38.53 -11.12
N PHE E 53 17.43 -39.67 -10.54
CA PHE E 53 16.75 -40.92 -10.89
C PHE E 53 15.38 -41.02 -10.25
N LYS E 54 15.19 -40.42 -9.06
CA LYS E 54 13.85 -40.31 -8.50
C LYS E 54 12.92 -39.58 -9.48
N HIS E 55 13.40 -38.46 -10.03
CA HIS E 55 12.62 -37.71 -11.00
C HIS E 55 12.34 -38.55 -12.26
N ASN E 56 13.38 -39.20 -12.79
CA ASN E 56 13.17 -40.04 -13.97
C ASN E 56 12.15 -41.13 -13.70
N SER E 57 12.19 -41.72 -12.50
CA SER E 57 11.21 -42.74 -12.15
C SER E 57 9.79 -42.19 -12.16
N GLU E 58 9.61 -40.98 -11.60
CA GLU E 58 8.28 -40.39 -11.61
C GLU E 58 7.84 -40.07 -13.04
N GLU E 59 8.76 -39.59 -13.88
CA GLU E 59 8.40 -39.28 -15.26
C GLU E 59 7.97 -40.55 -16.00
N GLU E 60 8.69 -41.65 -15.80
CA GLU E 60 8.31 -42.89 -16.49
C GLU E 60 6.94 -43.37 -16.03
N ARG E 61 6.64 -43.26 -14.74
CA ARG E 61 5.29 -43.59 -14.27
C ARG E 61 4.25 -42.69 -14.93
N GLU E 62 4.57 -41.41 -15.11
CA GLU E 62 3.65 -40.53 -15.83
C GLU E 62 3.48 -40.97 -17.27
N HIS E 63 4.58 -41.38 -17.94
CA HIS E 63 4.44 -41.89 -19.31
C HIS E 63 3.50 -43.09 -19.36
N ALA E 64 3.61 -43.98 -18.38
CA ALA E 64 2.73 -45.15 -18.35
C ALA E 64 1.27 -44.75 -18.15
N GLU E 65 1.02 -43.83 -17.22
CA GLU E 65 -0.36 -43.44 -16.93
C GLU E 65 -0.98 -42.69 -18.11
N LYS E 66 -0.18 -41.90 -18.84
CA LYS E 66 -0.70 -41.22 -20.02
C LYS E 66 -1.10 -42.21 -21.10
N LEU E 67 -0.34 -43.30 -21.25
CA LEU E 67 -0.74 -44.36 -22.17
C LEU E 67 -1.99 -45.11 -21.68
N MET E 68 -2.08 -45.36 -20.37
CA MET E 68 -3.31 -45.95 -19.85
C MET E 68 -4.51 -45.05 -20.15
N LYS E 69 -4.37 -43.75 -19.92
CA LYS E 69 -5.47 -42.83 -20.21
C LYS E 69 -5.80 -42.84 -21.70
N TYR E 70 -4.78 -42.94 -22.56
CA TYR E 70 -5.04 -42.94 -23.99
C TYR E 70 -5.79 -44.21 -24.40
N GLN E 71 -5.39 -45.35 -23.84
CA GLN E 71 -6.11 -46.60 -24.07
C GLN E 71 -7.60 -46.44 -23.77
N ASN E 72 -7.93 -45.94 -22.58
CA ASN E 72 -9.34 -45.72 -22.23
C ASN E 72 -10.01 -44.75 -23.19
N LYS E 73 -9.33 -43.66 -23.53
CA LYS E 73 -9.94 -42.65 -24.40
C LYS E 73 -10.33 -43.23 -25.75
N ARG E 74 -9.49 -44.11 -26.31
CA ARG E 74 -9.80 -44.73 -27.59
C ARG E 74 -10.78 -45.90 -27.47
N GLY E 75 -11.19 -46.27 -26.25
CA GLY E 75 -12.08 -47.40 -26.09
C GLY E 75 -11.36 -48.73 -25.99
N GLY E 76 -10.05 -48.72 -25.84
CA GLY E 76 -9.35 -49.95 -25.55
C GLY E 76 -9.49 -50.30 -24.07
N ARG E 77 -9.00 -51.47 -23.72
CA ARG E 77 -9.10 -51.95 -22.34
C ARG E 77 -7.70 -52.26 -21.82
N ILE E 78 -7.34 -51.62 -20.70
CA ILE E 78 -6.05 -51.82 -20.08
C ILE E 78 -5.95 -53.23 -19.52
N VAL E 79 -4.90 -53.95 -19.89
CA VAL E 79 -4.59 -55.25 -19.32
C VAL E 79 -3.17 -55.15 -18.77
N LEU E 80 -3.05 -55.15 -17.45
CA LEU E 80 -1.77 -55.00 -16.77
C LEU E 80 -1.04 -56.33 -16.70
N GLN E 81 0.30 -56.27 -16.65
CA GLN E 81 1.12 -57.45 -16.46
C GLN E 81 2.08 -57.21 -15.29
N ASP E 82 2.73 -58.28 -14.81
CA ASP E 82 3.72 -58.10 -13.76
C ASP E 82 4.77 -57.09 -14.21
N ILE E 83 5.25 -56.29 -13.26
CA ILE E 83 6.37 -55.39 -13.53
C ILE E 83 7.63 -56.11 -13.07
N GLN E 84 8.47 -56.51 -14.03
CA GLN E 84 9.66 -57.27 -13.68
C GLN E 84 10.65 -56.43 -12.91
N LYS E 85 11.32 -57.05 -11.94
CA LYS E 85 12.35 -56.34 -11.20
C LYS E 85 13.51 -55.99 -12.14
N PRO E 86 14.27 -54.94 -11.83
CA PRO E 86 15.36 -54.55 -12.72
C PRO E 86 16.42 -55.64 -12.84
N ASP E 87 17.24 -55.50 -13.88
CA ASP E 87 18.23 -56.51 -14.22
C ASP E 87 19.30 -56.67 -13.15
N LEU E 88 19.63 -55.58 -12.47
CA LEU E 88 20.68 -55.56 -11.46
C LEU E 88 20.11 -55.04 -10.14
N ASP E 89 20.79 -55.38 -9.05
CA ASP E 89 20.50 -54.82 -7.74
C ASP E 89 21.38 -53.63 -7.39
N GLU E 90 22.51 -53.47 -8.07
CA GLU E 90 23.40 -52.35 -7.87
C GLU E 90 23.96 -51.95 -9.23
N TRP E 91 24.28 -50.67 -9.39
CA TRP E 91 24.42 -50.12 -10.73
C TRP E 91 25.82 -49.57 -11.03
N GLY E 92 26.79 -49.85 -10.18
CA GLY E 92 28.16 -49.43 -10.48
C GLY E 92 28.39 -47.95 -10.24
N SER E 93 29.29 -47.38 -11.04
CA SER E 93 29.64 -45.97 -10.93
C SER E 93 28.56 -45.10 -11.54
N PRO E 94 28.60 -43.78 -11.26
CA PRO E 94 27.72 -42.87 -12.01
C PRO E 94 27.80 -43.06 -13.53
N LEU E 95 29.01 -43.12 -14.09
CA LEU E 95 29.14 -43.34 -15.53
C LEU E 95 28.41 -44.60 -15.97
N GLU E 96 28.67 -45.72 -15.28
CA GLU E 96 28.02 -46.98 -15.63
C GLU E 96 26.51 -46.88 -15.54
N ALA E 97 25.98 -46.25 -14.49
CA ALA E 97 24.53 -46.12 -14.38
C ALA E 97 23.96 -45.29 -15.53
N MET E 98 24.67 -44.24 -15.94
CA MET E 98 24.18 -43.44 -17.05
C MET E 98 24.24 -44.22 -18.35
N GLN E 99 25.27 -45.03 -18.54
CA GLN E 99 25.35 -45.87 -19.73
C GLN E 99 24.20 -46.87 -19.76
N THR E 100 23.88 -47.48 -18.62
CA THR E 100 22.71 -48.35 -18.55
C THR E 100 21.44 -47.57 -18.90
N THR E 101 21.33 -46.34 -18.39
CA THR E 101 20.16 -45.50 -18.67
C THR E 101 20.03 -45.20 -20.17
N LEU E 102 21.15 -44.93 -20.85
CA LEU E 102 21.07 -44.70 -22.29
C LEU E 102 20.53 -45.93 -23.01
N ALA E 103 21.02 -47.11 -22.65
CA ALA E 103 20.54 -48.32 -23.31
C ALA E 103 19.05 -48.54 -23.03
N LEU E 104 18.60 -48.24 -21.82
CA LEU E 104 17.19 -48.38 -21.50
C LEU E 104 16.33 -47.43 -22.34
N GLU E 105 16.72 -46.16 -22.39
CA GLU E 105 15.90 -45.19 -23.14
C GLU E 105 15.91 -45.49 -24.63
N LYS E 106 17.02 -46.00 -25.16
CA LYS E 106 17.02 -46.40 -26.56
C LYS E 106 16.12 -47.60 -26.79
N SER E 107 16.09 -48.55 -25.85
CA SER E 107 15.20 -49.69 -26.06
C SER E 107 13.74 -49.26 -25.95
N VAL E 108 13.43 -48.35 -25.02
CA VAL E 108 12.07 -47.80 -24.96
C VAL E 108 11.73 -47.06 -26.26
N ASN E 109 12.68 -46.27 -26.77
CA ASN E 109 12.45 -45.54 -28.01
C ASN E 109 12.17 -46.50 -29.17
N GLN E 110 12.94 -47.58 -29.27
CA GLN E 110 12.68 -48.54 -30.35
C GLN E 110 11.30 -49.16 -30.21
N ALA E 111 10.89 -49.49 -28.99
CA ALA E 111 9.55 -50.02 -28.77
C ALA E 111 8.47 -49.02 -29.23
N LEU E 112 8.67 -47.74 -28.92
CA LEU E 112 7.69 -46.74 -29.34
C LEU E 112 7.66 -46.60 -30.86
N LEU E 113 8.83 -46.64 -31.49
CA LEU E 113 8.87 -46.60 -32.95
C LEU E 113 8.16 -47.81 -33.55
N ASP E 114 8.29 -48.97 -32.90
CA ASP E 114 7.58 -50.15 -33.40
C ASP E 114 6.07 -50.00 -33.19
N LEU E 115 5.65 -49.39 -32.08
CA LEU E 115 4.22 -49.16 -31.85
C LEU E 115 3.66 -48.18 -32.87
N HIS E 116 4.43 -47.13 -33.18
CA HIS E 116 4.08 -46.20 -34.25
C HIS E 116 3.88 -46.93 -35.57
N LYS E 117 4.73 -47.92 -35.88
CA LYS E 117 4.57 -48.67 -37.11
C LYS E 117 3.25 -49.43 -37.13
N ILE E 118 2.83 -49.96 -35.98
CA ILE E 118 1.53 -50.63 -35.90
C ILE E 118 0.41 -49.64 -36.19
N ALA E 119 0.45 -48.46 -35.57
CA ALA E 119 -0.59 -47.46 -35.83
C ALA E 119 -0.62 -47.08 -37.31
N ASP E 120 0.55 -46.89 -37.90
CA ASP E 120 0.65 -46.54 -39.31
C ASP E 120 0.06 -47.62 -40.20
N LYS E 121 0.47 -48.88 -39.95
CA LYS E 121 -0.08 -50.03 -40.67
C LYS E 121 -1.61 -50.01 -40.73
N HIS E 122 -2.26 -49.58 -39.65
CA HIS E 122 -3.72 -49.60 -39.59
C HIS E 122 -4.35 -48.25 -39.86
N GLY E 123 -3.59 -47.30 -40.42
CA GLY E 123 -4.15 -46.00 -40.73
C GLY E 123 -4.66 -45.24 -39.52
N ASP E 124 -4.05 -45.44 -38.35
CA ASP E 124 -4.49 -44.74 -37.13
C ASP E 124 -3.75 -43.41 -37.06
N ALA E 125 -4.27 -42.45 -37.80
CA ALA E 125 -3.64 -41.14 -37.90
C ALA E 125 -3.54 -40.46 -36.53
N GLN E 126 -4.60 -40.56 -35.72
CA GLN E 126 -4.56 -39.86 -34.45
C GLN E 126 -3.59 -40.51 -33.48
N MET E 127 -3.52 -41.85 -33.48
CA MET E 127 -2.56 -42.51 -32.62
C MET E 127 -1.12 -42.17 -33.02
N MET E 128 -0.86 -42.09 -34.33
CA MET E 128 0.48 -41.70 -34.76
C MET E 128 0.85 -40.31 -34.24
N ASP E 129 -0.08 -39.35 -34.33
CA ASP E 129 0.20 -38.00 -33.86
C ASP E 129 0.38 -37.96 -32.35
N PHE E 130 -0.45 -38.69 -31.61
CA PHE E 130 -0.28 -38.82 -30.16
C PHE E 130 1.11 -39.35 -29.83
N LEU E 131 1.51 -40.45 -30.49
CA LEU E 131 2.83 -41.03 -30.21
C LEU E 131 3.97 -40.06 -30.57
N GLU E 132 3.85 -39.38 -31.71
CA GLU E 132 4.93 -38.48 -32.12
C GLU E 132 5.10 -37.34 -31.13
N GLY E 133 4.00 -36.64 -30.83
CA GLY E 133 4.12 -35.44 -30.00
C GLY E 133 4.31 -35.72 -28.54
N GLU E 134 3.75 -36.81 -28.02
CA GLU E 134 3.81 -37.08 -26.60
C GLU E 134 4.91 -38.05 -26.20
N TYR E 135 5.49 -38.80 -27.15
CA TYR E 135 6.46 -39.84 -26.78
C TYR E 135 7.75 -39.77 -27.58
N LEU E 136 7.64 -39.69 -28.91
CA LEU E 136 8.85 -39.73 -29.73
C LEU E 136 9.71 -38.49 -29.49
N LYS E 137 9.09 -37.31 -29.36
CA LYS E 137 9.85 -36.09 -29.14
C LYS E 137 10.58 -36.15 -27.80
N GLU E 138 9.87 -36.59 -26.76
CA GLU E 138 10.49 -36.71 -25.44
C GLU E 138 11.67 -37.68 -25.47
N GLN E 139 11.55 -38.78 -26.21
CA GLN E 139 12.63 -39.76 -26.22
C GLN E 139 13.89 -39.21 -26.87
N VAL E 140 13.76 -38.45 -27.97
CA VAL E 140 14.98 -37.89 -28.57
C VAL E 140 15.63 -36.89 -27.61
N ASP E 141 14.82 -36.08 -26.93
CA ASP E 141 15.37 -35.18 -25.92
C ASP E 141 16.08 -35.95 -24.80
N ALA E 142 15.46 -37.02 -24.31
CA ALA E 142 16.03 -37.77 -23.20
C ALA E 142 17.34 -38.45 -23.59
N ILE E 143 17.38 -39.03 -24.78
CA ILE E 143 18.58 -39.73 -25.24
C ILE E 143 19.74 -38.77 -25.38
N GLU E 144 19.47 -37.55 -25.88
CA GLU E 144 20.55 -36.57 -26.01
C GLU E 144 21.02 -36.10 -24.64
N GLU E 145 20.08 -35.88 -23.71
CA GLU E 145 20.45 -35.46 -22.35
C GLU E 145 21.35 -36.49 -21.69
N ILE E 146 21.01 -37.78 -21.82
CA ILE E 146 21.82 -38.82 -21.21
C ILE E 146 23.17 -38.92 -21.91
N SER E 147 23.19 -38.74 -23.24
CA SER E 147 24.45 -38.71 -23.96
C SER E 147 25.38 -37.61 -23.41
N ASP E 148 24.83 -36.42 -23.14
CA ASP E 148 25.61 -35.35 -22.53
C ASP E 148 26.17 -35.77 -21.18
N HIS E 149 25.34 -36.41 -20.34
CA HIS E 149 25.80 -36.85 -19.02
C HIS E 149 26.99 -37.78 -19.14
N ILE E 150 26.91 -38.75 -20.07
CA ILE E 150 27.97 -39.73 -20.23
C ILE E 150 29.26 -39.04 -20.65
N THR E 151 29.16 -38.13 -21.62
CA THR E 151 30.35 -37.41 -22.05
C THR E 151 30.98 -36.65 -20.90
N ASN E 152 30.17 -35.95 -20.11
CA ASN E 152 30.74 -35.18 -19.01
C ASN E 152 31.32 -36.09 -17.94
N LEU E 153 30.68 -37.22 -17.65
CA LEU E 153 31.21 -38.11 -16.64
C LEU E 153 32.53 -38.72 -17.08
N LYS E 154 32.67 -39.02 -18.37
CA LYS E 154 33.98 -39.44 -18.87
C LYS E 154 35.00 -38.32 -18.74
N ARG E 155 34.57 -37.08 -18.97
CA ARG E 155 35.50 -35.95 -18.88
C ARG E 155 35.99 -35.75 -17.46
N VAL E 156 35.10 -35.78 -16.47
CA VAL E 156 35.52 -35.43 -15.11
C VAL E 156 36.23 -36.57 -14.41
N GLY E 157 36.03 -37.81 -14.85
CA GLY E 157 36.71 -38.93 -14.24
C GLY E 157 36.10 -39.34 -12.91
N THR E 158 36.77 -40.29 -12.24
CA THR E 158 36.29 -40.82 -10.97
C THR E 158 36.82 -40.01 -9.79
N GLY E 159 36.13 -40.12 -8.67
CA GLY E 159 36.56 -39.47 -7.43
C GLY E 159 35.99 -38.05 -7.32
N LEU E 160 36.90 -37.07 -7.20
CA LEU E 160 36.43 -35.69 -7.05
C LEU E 160 35.50 -35.30 -8.20
N GLY E 161 35.80 -35.78 -9.41
CA GLY E 161 34.96 -35.40 -10.56
C GLY E 161 33.52 -35.88 -10.44
N GLU E 162 33.32 -37.10 -9.94
CA GLU E 162 31.96 -37.58 -9.70
C GLU E 162 31.26 -36.70 -8.67
N TYR E 163 31.96 -36.39 -7.58
CA TYR E 163 31.38 -35.54 -6.56
C TYR E 163 30.99 -34.18 -7.12
N MET E 164 31.90 -33.56 -7.87
CA MET E 164 31.59 -32.23 -8.42
C MET E 164 30.46 -32.28 -9.44
N TYR E 165 30.34 -33.37 -10.19
CA TYR E 165 29.24 -33.47 -11.16
C TYR E 165 27.91 -33.57 -10.43
N ASP E 166 27.87 -34.32 -9.34
CA ASP E 166 26.71 -34.33 -8.44
C ASP E 166 26.36 -32.92 -7.99
N LYS E 167 27.36 -32.13 -7.60
CA LYS E 167 27.07 -30.82 -7.02
C LYS E 167 26.75 -29.75 -8.05
N GLU E 168 27.25 -29.88 -9.28
CA GLU E 168 27.20 -28.79 -10.25
C GLU E 168 26.22 -29.01 -11.38
N THR E 169 26.09 -30.23 -11.89
CA THR E 169 25.10 -30.51 -12.93
C THR E 169 23.86 -31.18 -12.37
N MET E 170 24.03 -32.24 -11.58
CA MET E 170 22.88 -33.03 -11.17
C MET E 170 21.97 -32.29 -10.19
N SER E 171 22.44 -31.24 -9.53
CA SER E 171 21.60 -30.59 -8.50
C SER E 171 20.87 -29.36 -9.03
N GLN F 3 30.40 -55.55 7.84
CA GLN F 3 29.09 -54.91 7.93
C GLN F 3 29.08 -53.53 7.27
N THR F 4 27.91 -53.09 6.84
CA THR F 4 27.77 -51.73 6.34
C THR F 4 28.02 -50.71 7.45
N GLN F 5 28.46 -49.52 7.06
CA GLN F 5 28.84 -48.51 8.04
C GLN F 5 27.77 -48.22 9.08
N PRO F 6 26.48 -48.07 8.73
CA PRO F 6 25.50 -47.69 9.75
C PRO F 6 25.12 -48.81 10.68
N ARG F 7 25.36 -50.06 10.30
CA ARG F 7 24.63 -51.17 10.90
C ARG F 7 24.88 -51.27 12.38
N GLN F 8 23.79 -51.27 13.15
CA GLN F 8 23.88 -51.41 14.60
C GLN F 8 22.54 -51.90 15.09
N ASN F 9 22.52 -53.04 15.80
CA ASN F 9 21.29 -53.59 16.38
C ASN F 9 20.23 -53.87 15.30
N PHE F 10 20.66 -54.28 14.10
CA PHE F 10 19.78 -54.49 12.95
C PHE F 10 19.95 -55.93 12.45
N HIS F 11 18.95 -56.78 12.69
CA HIS F 11 19.05 -58.20 12.39
C HIS F 11 18.76 -58.48 10.92
N VAL F 12 19.40 -59.52 10.39
CA VAL F 12 19.16 -59.90 8.99
C VAL F 12 17.71 -60.29 8.77
N GLU F 13 17.04 -60.85 9.78
CA GLU F 13 15.63 -61.19 9.61
C GLU F 13 14.77 -59.94 9.48
N SER F 14 15.14 -58.85 10.18
CA SER F 14 14.41 -57.60 10.03
C SER F 14 14.66 -57.00 8.66
N GLU F 15 15.92 -57.04 8.20
CA GLU F 15 16.28 -56.56 6.87
C GLU F 15 15.49 -57.31 5.80
N ALA F 16 15.41 -58.63 5.90
CA ALA F 16 14.64 -59.40 4.91
C ALA F 16 13.15 -59.04 5.00
N GLY F 17 12.64 -58.85 6.21
CA GLY F 17 11.24 -58.53 6.37
C GLY F 17 10.89 -57.19 5.76
N ILE F 18 11.80 -56.22 5.87
CA ILE F 18 11.57 -54.92 5.26
C ILE F 18 11.53 -55.05 3.74
N ASN F 19 12.41 -55.88 3.17
CA ASN F 19 12.37 -56.07 1.73
C ASN F 19 11.04 -56.69 1.30
N LYS F 20 10.51 -57.63 2.08
CA LYS F 20 9.22 -58.20 1.74
C LYS F 20 8.11 -57.16 1.84
N GLN F 21 8.15 -56.32 2.86
CA GLN F 21 7.13 -55.29 3.01
C GLN F 21 7.22 -54.26 1.89
N ILE F 22 8.44 -53.89 1.46
CA ILE F 22 8.57 -52.98 0.33
C ILE F 22 7.80 -53.51 -0.87
N ASN F 23 7.99 -54.79 -1.19
CA ASN F 23 7.27 -55.35 -2.34
C ASN F 23 5.76 -55.31 -2.13
N MET F 24 5.29 -55.55 -0.90
CA MET F 24 3.85 -55.56 -0.67
C MET F 24 3.25 -54.18 -0.84
N GLU F 25 3.97 -53.14 -0.40
CA GLU F 25 3.52 -51.77 -0.61
C GLU F 25 3.47 -51.42 -2.09
N LEU F 26 4.49 -51.84 -2.85
CA LEU F 26 4.45 -51.61 -4.30
C LEU F 26 3.29 -52.35 -4.93
N TYR F 27 3.04 -53.58 -4.48
CA TYR F 27 1.90 -54.35 -4.97
C TYR F 27 0.59 -53.61 -4.71
N ALA F 28 0.44 -53.07 -3.50
CA ALA F 28 -0.78 -52.31 -3.18
C ALA F 28 -0.90 -51.08 -4.07
N SER F 29 0.22 -50.39 -4.32
CA SER F 29 0.22 -49.26 -5.24
C SER F 29 -0.33 -49.66 -6.61
N TYR F 30 0.10 -50.83 -7.11
CA TYR F 30 -0.33 -51.31 -8.43
C TYR F 30 -1.81 -51.65 -8.44
N VAL F 31 -2.32 -52.25 -7.36
CA VAL F 31 -3.75 -52.51 -7.29
C VAL F 31 -4.53 -51.21 -7.41
N TYR F 32 -4.14 -50.20 -6.63
CA TYR F 32 -4.87 -48.93 -6.68
C TYR F 32 -4.74 -48.27 -8.03
N GLN F 33 -3.58 -48.40 -8.68
CA GLN F 33 -3.45 -47.84 -10.02
C GLN F 33 -4.42 -48.52 -10.99
N SER F 34 -4.59 -49.83 -10.86
CA SER F 34 -5.57 -50.52 -11.69
C SER F 34 -7.00 -50.05 -11.41
N MET F 35 -7.34 -49.88 -10.14
CA MET F 35 -8.69 -49.40 -9.81
C MET F 35 -8.90 -47.97 -10.31
N TYR F 36 -7.89 -47.13 -10.17
CA TYR F 36 -7.91 -45.78 -10.74
C TYR F 36 -8.31 -45.82 -12.22
N MET F 37 -7.59 -46.61 -13.02
CA MET F 37 -7.87 -46.63 -14.44
C MET F 37 -9.14 -47.39 -14.80
N TYR F 38 -9.61 -48.27 -13.91
CA TYR F 38 -10.90 -48.90 -14.10
C TYR F 38 -12.04 -47.88 -13.95
N PHE F 39 -11.97 -47.04 -12.90
CA PHE F 39 -13.03 -46.04 -12.77
C PHE F 39 -12.89 -44.91 -13.79
N ASP F 40 -11.76 -44.82 -14.48
CA ASP F 40 -11.56 -43.92 -15.61
C ASP F 40 -12.19 -44.44 -16.90
N ARG F 41 -12.58 -45.71 -16.97
CA ARG F 41 -13.17 -46.26 -18.19
C ARG F 41 -14.43 -45.51 -18.59
N ASP F 42 -14.66 -45.43 -19.91
CA ASP F 42 -15.83 -44.72 -20.41
C ASP F 42 -17.13 -45.37 -19.97
N ASP F 43 -17.12 -46.68 -19.70
CA ASP F 43 -18.33 -47.38 -19.26
C ASP F 43 -18.41 -47.52 -17.75
N VAL F 44 -17.56 -46.83 -17.01
CA VAL F 44 -17.66 -46.75 -15.55
C VAL F 44 -17.83 -45.28 -15.18
N ALA F 45 -16.84 -44.46 -15.52
CA ALA F 45 -16.98 -43.01 -15.61
C ALA F 45 -17.39 -42.38 -14.27
N LEU F 46 -16.67 -42.75 -13.21
CA LEU F 46 -16.83 -42.11 -11.90
C LEU F 46 -15.51 -41.43 -11.58
N PRO F 47 -15.36 -40.15 -11.92
CA PRO F 47 -14.03 -39.53 -11.91
C PRO F 47 -13.48 -39.25 -10.52
N SER F 48 -14.34 -39.03 -9.52
CA SER F 48 -13.81 -38.80 -8.18
C SER F 48 -13.37 -40.10 -7.51
N PHE F 49 -14.09 -41.20 -7.76
CA PHE F 49 -13.54 -42.50 -7.40
C PHE F 49 -12.19 -42.73 -8.07
N ALA F 50 -12.09 -42.40 -9.35
CA ALA F 50 -10.82 -42.57 -10.04
C ALA F 50 -9.71 -41.81 -9.32
N LYS F 51 -9.95 -40.53 -9.02
CA LYS F 51 -8.92 -39.71 -8.37
C LYS F 51 -8.58 -40.23 -6.98
N TYR F 52 -9.58 -40.75 -6.26
CA TYR F 52 -9.33 -41.34 -4.95
C TYR F 52 -8.33 -42.49 -5.05
N PHE F 53 -8.55 -43.42 -5.99
CA PHE F 53 -7.62 -44.53 -6.14
C PHE F 53 -6.28 -44.06 -6.71
N LYS F 54 -6.28 -43.01 -7.54
CA LYS F 54 -5.01 -42.42 -7.96
C LYS F 54 -4.20 -41.95 -6.77
N HIS F 55 -4.84 -41.25 -5.83
CA HIS F 55 -4.15 -40.76 -4.64
C HIS F 55 -3.68 -41.92 -3.75
N ASN F 56 -4.53 -42.93 -3.57
CA ASN F 56 -4.13 -44.12 -2.80
C ASN F 56 -2.93 -44.80 -3.44
N SER F 57 -2.90 -44.88 -4.77
CA SER F 57 -1.75 -45.48 -5.45
C SER F 57 -0.47 -44.70 -5.15
N GLU F 58 -0.54 -43.37 -5.18
CA GLU F 58 0.64 -42.57 -4.89
C GLU F 58 1.05 -42.72 -3.43
N GLU F 59 0.07 -42.73 -2.51
CA GLU F 59 0.40 -42.95 -1.10
C GLU F 59 1.13 -44.27 -0.90
N GLU F 60 0.68 -45.34 -1.54
CA GLU F 60 1.31 -46.64 -1.34
C GLU F 60 2.74 -46.65 -1.89
N ARG F 61 2.96 -45.96 -3.00
CA ARG F 61 4.33 -45.85 -3.51
C ARG F 61 5.22 -45.07 -2.53
N GLU F 62 4.66 -44.02 -1.92
CA GLU F 62 5.41 -43.29 -0.87
C GLU F 62 5.69 -44.18 0.33
N HIS F 63 4.72 -45.03 0.71
CA HIS F 63 4.98 -45.98 1.79
C HIS F 63 6.15 -46.89 1.43
N ALA F 64 6.20 -47.35 0.17
CA ALA F 64 7.29 -48.23 -0.24
C ALA F 64 8.62 -47.49 -0.21
N GLU F 65 8.64 -46.25 -0.70
CA GLU F 65 9.91 -45.52 -0.75
C GLU F 65 10.37 -45.13 0.65
N LYS F 66 9.44 -44.85 1.57
CA LYS F 66 9.87 -44.58 2.94
C LYS F 66 10.51 -45.80 3.58
N LEU F 67 10.04 -47.02 3.25
CA LEU F 67 10.67 -48.23 3.75
C LEU F 67 12.02 -48.48 3.09
N MET F 68 12.14 -48.18 1.79
CA MET F 68 13.44 -48.28 1.14
C MET F 68 14.45 -47.33 1.78
N LYS F 69 14.04 -46.09 2.02
CA LYS F 69 14.91 -45.13 2.71
C LYS F 69 15.32 -45.65 4.08
N TYR F 70 14.37 -46.26 4.80
CA TYR F 70 14.68 -46.78 6.13
C TYR F 70 15.67 -47.95 6.05
N GLN F 71 15.45 -48.86 5.09
CA GLN F 71 16.43 -49.93 4.86
C GLN F 71 17.84 -49.36 4.71
N ASN F 72 18.01 -48.37 3.83
CA ASN F 72 19.32 -47.75 3.65
C ASN F 72 19.82 -47.10 4.94
N LYS F 73 18.93 -46.41 5.66
CA LYS F 73 19.37 -45.70 6.87
C LYS F 73 19.97 -46.67 7.88
N ARG F 74 19.38 -47.85 8.01
CA ARG F 74 19.83 -48.82 8.99
C ARG F 74 21.03 -49.62 8.49
N GLY F 75 21.44 -49.45 7.24
CA GLY F 75 22.54 -50.22 6.70
C GLY F 75 22.12 -51.53 6.06
N GLY F 76 20.82 -51.78 5.91
CA GLY F 76 20.36 -52.90 5.12
C GLY F 76 20.51 -52.63 3.64
N ARG F 77 20.26 -53.65 2.83
CA ARG F 77 20.37 -53.52 1.39
C ARG F 77 19.04 -53.88 0.74
N ILE F 78 18.51 -52.94 -0.05
CA ILE F 78 17.26 -53.14 -0.77
C ILE F 78 17.44 -54.20 -1.84
N VAL F 79 16.58 -55.20 -1.82
CA VAL F 79 16.52 -56.23 -2.86
C VAL F 79 15.10 -56.21 -3.38
N LEU F 80 14.92 -55.74 -4.61
CA LEU F 80 13.59 -55.61 -5.18
C LEU F 80 13.15 -56.93 -5.82
N GLN F 81 11.84 -57.15 -5.86
CA GLN F 81 11.26 -58.31 -6.52
C GLN F 81 10.23 -57.83 -7.53
N ASP F 82 9.79 -58.73 -8.40
CA ASP F 82 8.75 -58.36 -9.37
C ASP F 82 7.53 -57.80 -8.65
N ILE F 83 6.86 -56.85 -9.28
CA ILE F 83 5.58 -56.36 -8.76
C ILE F 83 4.49 -57.14 -9.47
N GLN F 84 3.85 -58.06 -8.76
CA GLN F 84 2.84 -58.91 -9.35
C GLN F 84 1.63 -58.08 -9.79
N LYS F 85 1.04 -58.44 -10.93
CA LYS F 85 -0.14 -57.73 -11.37
C LYS F 85 -1.33 -58.03 -10.45
N PRO F 86 -2.31 -57.11 -10.38
CA PRO F 86 -3.46 -57.33 -9.49
C PRO F 86 -4.26 -58.56 -9.90
N ASP F 87 -5.06 -59.05 -8.95
CA ASP F 87 -5.78 -60.30 -9.16
C ASP F 87 -6.85 -60.19 -10.22
N LEU F 88 -7.41 -59.00 -10.42
CA LEU F 88 -8.50 -58.77 -11.35
C LEU F 88 -8.11 -57.67 -12.35
N ASP F 89 -8.74 -57.70 -13.52
CA ASP F 89 -8.61 -56.57 -14.45
C ASP F 89 -9.73 -55.55 -14.27
N GLU F 90 -10.85 -55.97 -13.70
CA GLU F 90 -12.04 -55.15 -13.52
C GLU F 90 -12.51 -55.32 -12.09
N TRP F 91 -13.06 -54.26 -11.50
CA TRP F 91 -13.29 -54.25 -10.05
C TRP F 91 -14.75 -54.08 -9.65
N GLY F 92 -15.68 -54.20 -10.58
CA GLY F 92 -17.09 -54.24 -10.22
C GLY F 92 -17.66 -52.87 -9.86
N SER F 93 -18.57 -52.87 -8.90
CA SER F 93 -19.21 -51.64 -8.48
C SER F 93 -18.31 -50.86 -7.53
N PRO F 94 -18.63 -49.58 -7.29
CA PRO F 94 -17.93 -48.84 -6.23
C PRO F 94 -17.89 -49.60 -4.91
N LEU F 95 -19.02 -50.17 -4.50
CA LEU F 95 -19.05 -50.91 -3.25
C LEU F 95 -18.09 -52.10 -3.27
N GLU F 96 -18.11 -52.88 -4.36
CA GLU F 96 -17.22 -54.03 -4.44
C GLU F 96 -15.76 -53.61 -4.43
N ALA F 97 -15.42 -52.54 -5.16
CA ALA F 97 -14.05 -52.05 -5.15
C ALA F 97 -13.61 -51.63 -3.74
N MET F 98 -14.50 -50.96 -3.00
CA MET F 98 -14.13 -50.55 -1.65
C MET F 98 -13.97 -51.74 -0.73
N GLN F 99 -14.81 -52.77 -0.90
CA GLN F 99 -14.65 -53.97 -0.08
C GLN F 99 -13.34 -54.67 -0.38
N THR F 100 -12.95 -54.71 -1.65
CA THR F 100 -11.65 -55.26 -2.01
C THR F 100 -10.52 -54.46 -1.37
N THR F 101 -10.66 -53.14 -1.35
CA THR F 101 -9.67 -52.27 -0.72
C THR F 101 -9.55 -52.53 0.77
N LEU F 102 -10.66 -52.74 1.47
CA LEU F 102 -10.58 -53.06 2.89
C LEU F 102 -9.77 -54.33 3.10
N ALA F 103 -10.03 -55.37 2.29
CA ALA F 103 -9.29 -56.61 2.44
C ALA F 103 -7.79 -56.39 2.17
N LEU F 104 -7.47 -55.58 1.16
CA LEU F 104 -6.08 -55.28 0.87
C LEU F 104 -5.41 -54.56 2.04
N GLU F 105 -6.05 -53.50 2.57
CA GLU F 105 -5.42 -52.75 3.64
C GLU F 105 -5.29 -53.58 4.92
N LYS F 106 -6.23 -54.50 5.19
CA LYS F 106 -6.08 -55.38 6.34
C LYS F 106 -4.96 -56.37 6.10
N SER F 107 -4.80 -56.83 4.86
CA SER F 107 -3.68 -57.72 4.58
C SER F 107 -2.36 -57.00 4.79
N VAL F 108 -2.25 -55.76 4.31
CA VAL F 108 -1.05 -54.96 4.52
C VAL F 108 -0.81 -54.74 6.01
N ASN F 109 -1.89 -54.45 6.75
CA ASN F 109 -1.76 -54.23 8.18
C ASN F 109 -1.24 -55.47 8.89
N GLN F 110 -1.77 -56.64 8.56
CA GLN F 110 -1.26 -57.85 9.21
C GLN F 110 0.20 -58.05 8.90
N ALA F 111 0.64 -57.73 7.68
CA ALA F 111 2.05 -57.88 7.33
C ALA F 111 2.93 -56.95 8.15
N LEU F 112 2.46 -55.71 8.37
CA LEU F 112 3.20 -54.77 9.20
C LEU F 112 3.26 -55.24 10.65
N LEU F 113 2.15 -55.77 11.17
CA LEU F 113 2.16 -56.30 12.52
C LEU F 113 3.12 -57.48 12.64
N ASP F 114 3.19 -58.34 11.60
CA ASP F 114 4.15 -59.43 11.62
C ASP F 114 5.58 -58.90 11.56
N LEU F 115 5.82 -57.86 10.77
CA LEU F 115 7.16 -57.27 10.70
C LEU F 115 7.56 -56.64 12.03
N HIS F 116 6.59 -55.98 12.70
CA HIS F 116 6.83 -55.44 14.03
C HIS F 116 7.25 -56.54 15.00
N LYS F 117 6.63 -57.73 14.89
CA LYS F 117 6.99 -58.83 15.78
C LYS F 117 8.42 -59.29 15.56
N ILE F 118 8.90 -59.23 14.33
CA ILE F 118 10.30 -59.56 14.06
C ILE F 118 11.22 -58.55 14.74
N ALA F 119 10.93 -57.26 14.59
CA ALA F 119 11.72 -56.24 15.27
C ALA F 119 11.73 -56.47 16.78
N ASP F 120 10.56 -56.77 17.35
CA ASP F 120 10.44 -57.02 18.79
C ASP F 120 11.30 -58.21 19.19
N LYS F 121 11.17 -59.32 18.47
CA LYS F 121 11.94 -60.53 18.74
C LYS F 121 13.43 -60.23 18.84
N HIS F 122 13.93 -59.32 18.01
CA HIS F 122 15.36 -59.02 17.98
C HIS F 122 15.73 -57.76 18.74
N GLY F 123 14.83 -57.26 19.61
CA GLY F 123 15.16 -56.12 20.44
C GLY F 123 15.40 -54.84 19.67
N ASP F 124 14.81 -54.71 18.48
CA ASP F 124 15.04 -53.54 17.64
C ASP F 124 14.05 -52.45 18.02
N ALA F 125 14.39 -51.73 19.09
CA ALA F 125 13.46 -50.75 19.64
C ALA F 125 13.20 -49.62 18.65
N GLN F 126 14.22 -49.22 17.89
CA GLN F 126 14.02 -48.09 16.98
C GLN F 126 13.15 -48.50 15.80
N MET F 127 13.33 -49.72 15.29
CA MET F 127 12.48 -50.18 14.20
C MET F 127 11.03 -50.31 14.63
N MET F 128 10.78 -50.82 15.84
CA MET F 128 9.42 -50.88 16.36
C MET F 128 8.77 -49.49 16.39
N ASP F 129 9.51 -48.51 16.89
CA ASP F 129 8.95 -47.15 16.96
C ASP F 129 8.72 -46.59 15.57
N PHE F 130 9.66 -46.82 14.65
CA PHE F 130 9.47 -46.40 13.26
C PHE F 130 8.19 -47.01 12.68
N LEU F 131 8.02 -48.32 12.84
CA LEU F 131 6.83 -48.98 12.27
C LEU F 131 5.54 -48.49 12.93
N GLU F 132 5.58 -48.27 14.25
CA GLU F 132 4.38 -47.83 14.96
C GLU F 132 3.93 -46.46 14.49
N GLY F 133 4.85 -45.49 14.48
CA GLY F 133 4.47 -44.12 14.18
C GLY F 133 4.26 -43.84 12.72
N GLU F 134 4.97 -44.55 11.84
CA GLU F 134 4.91 -44.24 10.42
C GLU F 134 4.03 -45.18 9.62
N TYR F 135 3.68 -46.35 10.17
CA TYR F 135 2.92 -47.35 9.40
C TYR F 135 1.67 -47.83 10.12
N LEU F 136 1.81 -48.23 11.39
CA LEU F 136 0.67 -48.82 12.11
C LEU F 136 -0.45 -47.80 12.31
N LYS F 137 -0.09 -46.57 12.69
CA LYS F 137 -1.10 -45.54 12.91
C LYS F 137 -1.86 -45.25 11.63
N GLU F 138 -1.13 -45.11 10.52
CA GLU F 138 -1.77 -44.81 9.25
C GLU F 138 -2.68 -45.97 8.82
N GLN F 139 -2.27 -47.21 9.09
CA GLN F 139 -3.11 -48.33 8.69
C GLN F 139 -4.44 -48.34 9.44
N VAL F 140 -4.45 -48.05 10.73
CA VAL F 140 -5.72 -48.02 11.46
C VAL F 140 -6.61 -46.89 10.95
N ASP F 141 -6.01 -45.73 10.62
CA ASP F 141 -6.79 -44.64 10.03
C ASP F 141 -7.38 -45.05 8.68
N ALA F 142 -6.58 -45.69 7.82
CA ALA F 142 -7.05 -46.08 6.49
C ALA F 142 -8.18 -47.10 6.59
N ILE F 143 -8.03 -48.09 7.46
CA ILE F 143 -9.03 -49.14 7.58
C ILE F 143 -10.37 -48.55 8.03
N GLU F 144 -10.32 -47.60 8.96
CA GLU F 144 -11.58 -46.98 9.41
C GLU F 144 -12.19 -46.11 8.31
N GLU F 145 -11.36 -45.40 7.55
CA GLU F 145 -11.90 -44.58 6.46
C GLU F 145 -12.56 -45.46 5.40
N ILE F 146 -11.93 -46.59 5.06
CA ILE F 146 -12.54 -47.46 4.07
C ILE F 146 -13.83 -48.07 4.60
N SER F 147 -13.86 -48.40 5.89
CA SER F 147 -15.09 -48.91 6.50
C SER F 147 -16.22 -47.88 6.37
N ASP F 148 -15.91 -46.61 6.64
CA ASP F 148 -16.90 -45.54 6.45
C ASP F 148 -17.42 -45.54 5.01
N HIS F 149 -16.50 -45.64 4.04
CA HIS F 149 -16.91 -45.64 2.63
C HIS F 149 -17.88 -46.78 2.34
N ILE F 150 -17.57 -47.97 2.84
CA ILE F 150 -18.41 -49.14 2.56
C ILE F 150 -19.80 -48.94 3.14
N THR F 151 -19.86 -48.45 4.38
CA THR F 151 -21.16 -48.20 5.01
C THR F 151 -21.97 -47.21 4.19
N ASN F 152 -21.34 -46.11 3.77
CA ASN F 152 -22.09 -45.11 3.00
C ASN F 152 -22.53 -45.65 1.65
N LEU F 153 -21.69 -46.48 1.00
CA LEU F 153 -22.08 -47.03 -0.29
C LEU F 153 -23.26 -47.99 -0.15
N LYS F 154 -23.29 -48.77 0.93
CA LYS F 154 -24.47 -49.58 1.20
C LYS F 154 -25.69 -48.71 1.44
N ARG F 155 -25.51 -47.59 2.14
CA ARG F 155 -26.65 -46.73 2.46
C ARG F 155 -27.25 -46.11 1.21
N VAL F 156 -26.42 -45.57 0.31
CA VAL F 156 -26.93 -44.84 -0.84
C VAL F 156 -27.40 -45.77 -1.97
N GLY F 157 -26.97 -47.03 -2.01
CA GLY F 157 -27.40 -47.95 -3.03
C GLY F 157 -26.77 -47.67 -4.40
N THR F 158 -27.21 -48.44 -5.38
CA THR F 158 -26.68 -48.34 -6.73
C THR F 158 -27.44 -47.29 -7.55
N GLY F 159 -26.84 -46.85 -8.63
CA GLY F 159 -27.47 -45.89 -9.53
C GLY F 159 -27.21 -44.46 -9.09
N LEU F 160 -28.27 -43.69 -8.87
CA LEU F 160 -28.07 -42.30 -8.46
C LEU F 160 -27.22 -42.21 -7.20
N GLY F 161 -27.34 -43.18 -6.29
CA GLY F 161 -26.55 -43.12 -5.07
C GLY F 161 -25.05 -43.15 -5.32
N GLU F 162 -24.62 -44.01 -6.25
CA GLU F 162 -23.19 -44.06 -6.56
C GLU F 162 -22.72 -42.75 -7.17
N TYR F 163 -23.55 -42.17 -8.05
CA TYR F 163 -23.20 -40.90 -8.67
C TYR F 163 -23.06 -39.81 -7.61
N MET F 164 -24.03 -39.72 -6.70
CA MET F 164 -23.99 -38.67 -5.68
C MET F 164 -22.81 -38.86 -4.73
N TYR F 165 -22.48 -40.11 -4.41
CA TYR F 165 -21.32 -40.34 -3.53
C TYR F 165 -20.04 -39.87 -4.21
N ASP F 166 -19.93 -40.14 -5.51
CA ASP F 166 -18.79 -39.61 -6.27
C ASP F 166 -18.73 -38.10 -6.15
N LYS F 167 -19.88 -37.41 -6.28
CA LYS F 167 -19.87 -35.95 -6.29
C LYS F 167 -19.71 -35.34 -4.90
N GLU F 168 -20.23 -35.99 -3.86
CA GLU F 168 -20.31 -35.35 -2.55
C GLU F 168 -19.23 -35.78 -1.56
N THR F 169 -18.87 -37.06 -1.52
CA THR F 169 -17.84 -37.52 -0.60
C THR F 169 -16.49 -37.67 -1.29
N MET F 170 -16.45 -38.33 -2.45
CA MET F 170 -15.18 -38.61 -3.09
C MET F 170 -14.54 -37.36 -3.68
N SER F 171 -15.27 -36.27 -3.84
CA SER F 171 -14.71 -35.06 -4.46
C SER F 171 -13.85 -34.26 -3.48
N GLN G 3 34.18 -5.25 53.53
CA GLN G 3 34.18 -4.51 52.28
C GLN G 3 32.80 -4.55 51.62
N THR G 4 32.55 -3.63 50.68
CA THR G 4 31.32 -3.71 49.90
C THR G 4 31.33 -4.97 49.04
N GLN G 5 30.13 -5.44 48.70
CA GLN G 5 30.00 -6.69 47.96
C GLN G 5 30.83 -6.75 46.68
N PRO G 6 30.83 -5.73 45.81
CA PRO G 6 31.54 -5.85 44.53
C PRO G 6 33.05 -5.71 44.63
N ARG G 7 33.58 -5.21 45.73
CA ARG G 7 34.94 -4.68 45.72
C ARG G 7 35.97 -5.76 45.44
N GLN G 8 36.81 -5.52 44.43
CA GLN G 8 37.87 -6.45 44.09
C GLN G 8 38.93 -5.70 43.30
N ASN G 9 40.17 -5.72 43.79
CA ASN G 9 41.29 -5.05 43.11
C ASN G 9 41.04 -3.55 42.95
N PHE G 10 40.40 -2.94 43.95
CA PHE G 10 39.98 -1.54 43.88
C PHE G 10 40.53 -0.80 45.10
N HIS G 11 41.53 0.05 44.89
CA HIS G 11 42.27 0.67 45.98
C HIS G 11 41.56 1.93 46.48
N VAL G 12 41.74 2.24 47.78
CA VAL G 12 41.10 3.42 48.33
C VAL G 12 41.59 4.69 47.64
N GLU G 13 42.84 4.69 47.14
CA GLU G 13 43.33 5.88 46.46
C GLU G 13 42.64 6.08 45.11
N SER G 14 42.31 4.98 44.42
CA SER G 14 41.54 5.08 43.18
C SER G 14 40.12 5.54 43.46
N GLU G 15 39.51 5.01 44.52
CA GLU G 15 38.19 5.46 44.95
C GLU G 15 38.18 6.96 45.23
N ALA G 16 39.18 7.44 46.00
CA ALA G 16 39.23 8.87 46.29
C ALA G 16 39.47 9.68 45.02
N GLY G 17 40.35 9.20 44.14
CA GLY G 17 40.60 9.91 42.89
C GLY G 17 39.36 10.02 42.01
N ILE G 18 38.54 8.97 41.99
CA ILE G 18 37.29 9.05 41.22
C ILE G 18 36.37 10.10 41.82
N ASN G 19 36.29 10.19 43.15
CA ASN G 19 35.45 11.23 43.74
C ASN G 19 35.94 12.63 43.38
N LYS G 20 37.26 12.82 43.34
CA LYS G 20 37.79 14.11 42.92
C LYS G 20 37.44 14.41 41.46
N GLN G 21 37.57 13.42 40.58
CA GLN G 21 37.25 13.65 39.17
C GLN G 21 35.76 13.91 38.96
N ILE G 22 34.90 13.25 39.73
CA ILE G 22 33.46 13.53 39.64
C ILE G 22 33.22 15.02 39.86
N ASN G 23 33.83 15.58 40.89
CA ASN G 23 33.61 17.00 41.17
C ASN G 23 34.15 17.86 40.04
N MET G 24 35.30 17.49 39.47
CA MET G 24 35.86 18.28 38.37
C MET G 24 34.95 18.26 37.15
N GLU G 25 34.35 17.10 36.84
CA GLU G 25 33.41 17.05 35.72
C GLU G 25 32.20 17.95 36.00
N LEU G 26 31.66 17.91 37.22
CA LEU G 26 30.55 18.80 37.56
C LEU G 26 30.97 20.26 37.45
N TYR G 27 32.17 20.59 37.92
CA TYR G 27 32.67 21.96 37.79
C TYR G 27 32.69 22.39 36.32
N ALA G 28 33.23 21.54 35.44
CA ALA G 28 33.25 21.88 34.01
C ALA G 28 31.84 22.09 33.49
N SER G 29 30.89 21.23 33.90
CA SER G 29 29.50 21.39 33.48
C SER G 29 28.98 22.77 33.87
N TYR G 30 29.33 23.23 35.07
CA TYR G 30 28.87 24.53 35.55
C TYR G 30 29.50 25.67 34.75
N VAL G 31 30.80 25.56 34.45
CA VAL G 31 31.44 26.56 33.59
C VAL G 31 30.69 26.67 32.26
N TYR G 32 30.41 25.53 31.62
CA TYR G 32 29.73 25.59 30.33
C TYR G 32 28.31 26.13 30.46
N GLN G 33 27.63 25.81 31.55
CA GLN G 33 26.29 26.37 31.75
C GLN G 33 26.36 27.89 31.85
N SER G 34 27.41 28.40 32.48
CA SER G 34 27.59 29.85 32.57
C SER G 34 27.87 30.46 31.20
N MET G 35 28.71 29.83 30.40
CA MET G 35 28.98 30.33 29.05
C MET G 35 27.73 30.29 28.19
N TYR G 36 26.97 29.20 28.31
CA TYR G 36 25.68 29.08 27.64
C TYR G 36 24.81 30.30 27.91
N MET G 37 24.60 30.62 29.19
CA MET G 37 23.73 31.75 29.52
C MET G 37 24.36 33.09 29.23
N TYR G 38 25.69 33.16 29.15
CA TYR G 38 26.34 34.41 28.78
C TYR G 38 26.10 34.72 27.30
N PHE G 39 26.25 33.72 26.43
CA PHE G 39 25.96 33.97 25.02
C PHE G 39 24.47 34.11 24.74
N ASP G 40 23.62 33.71 25.69
CA ASP G 40 22.18 33.98 25.64
C ASP G 40 21.81 35.41 26.04
N ARG G 41 22.74 36.18 26.59
CA ARG G 41 22.43 37.56 26.98
C ARG G 41 22.00 38.40 25.77
N ASP G 42 21.11 39.38 26.02
CA ASP G 42 20.62 40.22 24.94
C ASP G 42 21.73 41.05 24.31
N ASP G 43 22.78 41.35 25.08
CA ASP G 43 23.89 42.16 24.56
C ASP G 43 25.04 41.31 24.05
N VAL G 44 24.85 39.99 23.93
CA VAL G 44 25.81 39.10 23.27
C VAL G 44 25.11 38.44 22.09
N ALA G 45 24.04 37.70 22.36
CA ALA G 45 23.07 37.30 21.33
C ALA G 45 23.69 36.48 20.20
N LEU G 46 24.47 35.47 20.56
CA LEU G 46 24.99 34.49 19.61
C LEU G 46 24.39 33.13 19.93
N PRO G 47 23.24 32.80 19.34
CA PRO G 47 22.46 31.67 19.86
C PRO G 47 23.02 30.29 19.56
N SER G 48 23.81 30.13 18.49
CA SER G 48 24.41 28.82 18.25
C SER G 48 25.63 28.57 19.13
N PHE G 49 26.41 29.61 19.43
CA PHE G 49 27.38 29.51 20.51
C PHE G 49 26.70 29.10 21.81
N ALA G 50 25.60 29.77 22.15
CA ALA G 50 24.88 29.43 23.37
C ALA G 50 24.49 27.95 23.38
N LYS G 51 23.92 27.47 22.27
CA LYS G 51 23.55 26.06 22.15
C LYS G 51 24.76 25.14 22.27
N TYR G 52 25.89 25.54 21.68
CA TYR G 52 27.10 24.72 21.79
C TYR G 52 27.50 24.52 23.24
N PHE G 53 27.48 25.60 24.04
CA PHE G 53 27.89 25.46 25.43
C PHE G 53 26.83 24.74 26.25
N LYS G 54 25.55 24.89 25.88
CA LYS G 54 24.50 24.09 26.52
C LYS G 54 24.78 22.61 26.33
N HIS G 55 25.11 22.20 25.09
CA HIS G 55 25.42 20.80 24.81
C HIS G 55 26.65 20.34 25.58
N ASN G 56 27.71 21.16 25.61
CA ASN G 56 28.90 20.74 26.34
C ASN G 56 28.64 20.69 27.85
N SER G 57 27.76 21.55 28.37
CA SER G 57 27.41 21.45 29.78
C SER G 57 26.73 20.11 30.05
N GLU G 58 25.82 19.69 29.17
CA GLU G 58 25.16 18.40 29.36
C GLU G 58 26.14 17.24 29.24
N GLU G 59 27.06 17.29 28.27
CA GLU G 59 28.08 16.25 28.13
C GLU G 59 28.93 16.12 29.39
N GLU G 60 29.33 17.24 29.99
CA GLU G 60 30.15 17.14 31.21
C GLU G 60 29.34 16.54 32.35
N ARG G 61 28.06 16.89 32.44
CA ARG G 61 27.23 16.28 33.48
C ARG G 61 27.12 14.77 33.26
N GLU G 62 27.02 14.34 31.99
CA GLU G 62 27.02 12.91 31.69
C GLU G 62 28.36 12.26 32.04
N HIS G 63 29.47 12.97 31.78
CA HIS G 63 30.78 12.44 32.19
C HIS G 63 30.81 12.21 33.70
N ALA G 64 30.27 13.17 34.46
CA ALA G 64 30.24 13.01 35.92
C ALA G 64 29.40 11.82 36.32
N GLU G 65 28.21 11.68 35.73
CA GLU G 65 27.33 10.58 36.13
C GLU G 65 27.91 9.22 35.73
N LYS G 66 28.63 9.15 34.60
CA LYS G 66 29.25 7.88 34.23
C LYS G 66 30.33 7.48 35.23
N LEU G 67 31.07 8.46 35.77
CA LEU G 67 32.05 8.16 36.81
C LEU G 67 31.38 7.80 38.13
N MET G 68 30.23 8.44 38.45
CA MET G 68 29.48 8.04 39.63
C MET G 68 29.00 6.60 39.50
N LYS G 69 28.44 6.23 38.34
CA LYS G 69 28.03 4.85 38.11
C LYS G 69 29.19 3.90 38.26
N TYR G 70 30.36 4.28 37.75
CA TYR G 70 31.53 3.41 37.81
C TYR G 70 32.00 3.23 39.25
N GLN G 71 32.01 4.32 40.03
CA GLN G 71 32.31 4.22 41.45
C GLN G 71 31.44 3.17 42.13
N ASN G 72 30.12 3.24 41.90
CA ASN G 72 29.23 2.25 42.50
C ASN G 72 29.51 0.85 41.98
N LYS G 73 29.75 0.72 40.67
CA LYS G 73 29.99 -0.60 40.08
C LYS G 73 31.18 -1.30 40.74
N ARG G 74 32.23 -0.55 41.05
CA ARG G 74 33.42 -1.11 41.68
C ARG G 74 33.29 -1.27 43.19
N GLY G 75 32.20 -0.84 43.79
CA GLY G 75 32.05 -0.93 45.23
C GLY G 75 32.60 0.24 46.00
N GLY G 76 33.02 1.31 45.32
CA GLY G 76 33.34 2.54 45.99
C GLY G 76 32.10 3.29 46.42
N ARG G 77 32.30 4.35 47.18
CA ARG G 77 31.21 5.16 47.70
C ARG G 77 31.40 6.60 47.24
N ILE G 78 30.40 7.11 46.52
CA ILE G 78 30.39 8.47 46.03
C ILE G 78 30.34 9.43 47.22
N VAL G 79 31.26 10.37 47.24
CA VAL G 79 31.25 11.46 48.21
C VAL G 79 31.28 12.76 47.42
N LEU G 80 30.16 13.47 47.43
CA LEU G 80 30.06 14.70 46.67
C LEU G 80 30.67 15.87 47.43
N GLN G 81 31.15 16.85 46.68
CA GLN G 81 31.69 18.09 47.22
C GLN G 81 30.95 19.26 46.59
N ASP G 82 31.10 20.45 47.19
CA ASP G 82 30.48 21.63 46.60
C ASP G 82 30.96 21.79 45.16
N ILE G 83 30.09 22.31 44.30
CA ILE G 83 30.46 22.65 42.93
C ILE G 83 30.77 24.14 42.92
N GLN G 84 32.05 24.45 42.81
CA GLN G 84 32.51 25.83 42.89
C GLN G 84 32.01 26.63 41.69
N LYS G 85 31.62 27.88 41.92
CA LYS G 85 31.16 28.69 40.81
C LYS G 85 32.32 28.99 39.85
N PRO G 86 32.03 29.27 38.59
CA PRO G 86 33.10 29.56 37.62
C PRO G 86 33.87 30.82 37.99
N ASP G 87 35.07 30.93 37.43
CA ASP G 87 35.99 32.01 37.81
C ASP G 87 35.50 33.38 37.34
N LEU G 88 34.65 33.44 36.33
CA LEU G 88 34.17 34.69 35.75
C LEU G 88 32.65 34.65 35.65
N ASP G 89 32.03 35.83 35.69
CA ASP G 89 30.62 35.93 35.37
C ASP G 89 30.37 36.20 33.90
N GLU G 90 31.36 36.74 33.19
CA GLU G 90 31.26 37.10 31.77
C GLU G 90 32.51 36.57 31.07
N TRP G 91 32.35 36.15 29.83
CA TRP G 91 33.41 35.37 29.19
C TRP G 91 34.01 36.04 27.96
N GLY G 92 33.71 37.31 27.69
CA GLY G 92 34.40 38.03 26.63
C GLY G 92 33.87 37.70 25.24
N SER G 93 34.78 37.73 24.25
CA SER G 93 34.43 37.42 22.88
C SER G 93 34.29 35.92 22.68
N PRO G 94 33.65 35.49 21.58
CA PRO G 94 33.68 34.07 21.23
C PRO G 94 35.08 33.48 21.24
N LEU G 95 36.07 34.19 20.70
CA LEU G 95 37.45 33.69 20.72
C LEU G 95 37.95 33.48 22.13
N GLU G 96 37.72 34.48 23.00
CA GLU G 96 38.18 34.36 24.39
C GLU G 96 37.50 33.21 25.10
N ALA G 97 36.20 33.03 24.87
CA ALA G 97 35.51 31.92 25.50
C ALA G 97 36.06 30.58 25.02
N MET G 98 36.37 30.46 23.73
CA MET G 98 36.92 29.20 23.24
C MET G 98 38.32 28.96 23.82
N GLN G 99 39.13 30.01 23.95
CA GLN G 99 40.45 29.85 24.57
C GLN G 99 40.33 29.43 26.02
N THR G 100 39.37 30.01 26.74
CA THR G 100 39.09 29.55 28.10
C THR G 100 38.69 28.09 28.12
N THR G 101 37.85 27.68 27.16
CA THR G 101 37.40 26.29 27.10
C THR G 101 38.56 25.35 26.82
N LEU G 102 39.49 25.74 25.95
CA LEU G 102 40.65 24.90 25.70
C LEU G 102 41.43 24.66 26.98
N ALA G 103 41.67 25.72 27.77
CA ALA G 103 42.38 25.56 29.02
C ALA G 103 41.63 24.65 29.99
N LEU G 104 40.31 24.78 30.05
CA LEU G 104 39.51 23.94 30.92
C LEU G 104 39.62 22.47 30.51
N GLU G 105 39.49 22.19 29.21
CA GLU G 105 39.54 20.80 28.77
C GLU G 105 40.93 20.19 28.96
N LYS G 106 41.98 21.00 28.83
CA LYS G 106 43.33 20.48 29.11
C LYS G 106 43.53 20.22 30.60
N SER G 107 42.95 21.06 31.47
CA SER G 107 43.09 20.77 32.89
C SER G 107 42.33 19.49 33.25
N VAL G 108 41.13 19.30 32.69
CA VAL G 108 40.39 18.05 32.91
C VAL G 108 41.19 16.86 32.38
N ASN G 109 41.78 17.01 31.19
CA ASN G 109 42.58 15.92 30.64
C ASN G 109 43.77 15.59 31.53
N GLN G 110 44.46 16.60 32.06
CA GLN G 110 45.58 16.30 32.94
C GLN G 110 45.11 15.57 34.19
N ALA G 111 43.95 15.95 34.74
CA ALA G 111 43.43 15.28 35.91
C ALA G 111 43.08 13.82 35.61
N LEU G 112 42.50 13.55 34.44
CA LEU G 112 42.22 12.18 34.04
C LEU G 112 43.50 11.38 33.88
N LEU G 113 44.55 11.98 33.29
CA LEU G 113 45.81 11.27 33.16
C LEU G 113 46.41 10.96 34.52
N ASP G 114 46.30 11.90 35.46
CA ASP G 114 46.78 11.64 36.81
C ASP G 114 45.95 10.54 37.48
N LEU G 115 44.65 10.50 37.21
CA LEU G 115 43.82 9.44 37.78
C LEU G 115 44.18 8.09 37.18
N HIS G 116 44.48 8.06 35.88
CA HIS G 116 44.96 6.84 35.24
C HIS G 116 46.25 6.35 35.88
N LYS G 117 47.14 7.28 36.25
CA LYS G 117 48.39 6.91 36.90
C LYS G 117 48.14 6.25 38.26
N ILE G 118 47.14 6.73 38.99
CA ILE G 118 46.78 6.08 40.25
C ILE G 118 46.33 4.65 39.99
N ALA G 119 45.44 4.46 39.01
CA ALA G 119 45.00 3.11 38.69
C ALA G 119 46.17 2.22 38.30
N ASP G 120 47.08 2.74 37.47
CA ASP G 120 48.25 1.98 37.04
C ASP G 120 49.11 1.58 38.25
N LYS G 121 49.35 2.53 39.15
CA LYS G 121 50.15 2.27 40.33
C LYS G 121 49.62 1.09 41.14
N HIS G 122 48.30 0.92 41.18
CA HIS G 122 47.69 -0.14 41.98
C HIS G 122 47.25 -1.33 41.13
N GLY G 123 47.78 -1.46 39.91
CA GLY G 123 47.46 -2.61 39.08
C GLY G 123 45.99 -2.73 38.72
N ASP G 124 45.27 -1.61 38.64
CA ASP G 124 43.84 -1.66 38.35
C ASP G 124 43.66 -1.65 36.82
N ALA G 125 43.80 -2.83 36.23
CA ALA G 125 43.77 -2.93 34.78
C ALA G 125 42.41 -2.53 34.21
N GLN G 126 41.33 -2.91 34.89
CA GLN G 126 40.01 -2.58 34.38
C GLN G 126 39.73 -1.08 34.48
N MET G 127 40.15 -0.44 35.58
CA MET G 127 39.96 1.01 35.68
C MET G 127 40.77 1.75 34.62
N MET G 128 41.99 1.30 34.35
CA MET G 128 42.77 1.93 33.27
C MET G 128 42.03 1.83 31.93
N ASP G 129 41.48 0.66 31.61
CA ASP G 129 40.79 0.51 30.34
C ASP G 129 39.52 1.36 30.29
N PHE G 130 38.79 1.42 31.41
CA PHE G 130 37.62 2.28 31.49
C PHE G 130 38.00 3.74 31.22
N LEU G 131 39.03 4.24 31.89
CA LEU G 131 39.44 5.63 31.70
C LEU G 131 39.91 5.88 30.26
N GLU G 132 40.68 4.96 29.69
CA GLU G 132 41.19 5.15 28.34
C GLU G 132 40.06 5.25 27.32
N GLY G 133 39.15 4.27 27.33
CA GLY G 133 38.12 4.21 26.30
C GLY G 133 36.99 5.20 26.51
N GLU G 134 36.64 5.49 27.76
CA GLU G 134 35.49 6.34 28.04
C GLU G 134 35.84 7.79 28.34
N TYR G 135 37.11 8.11 28.61
CA TYR G 135 37.47 9.48 28.99
C TYR G 135 38.65 10.03 28.21
N LEU G 136 39.78 9.30 28.17
CA LEU G 136 40.96 9.84 27.51
C LEU G 136 40.72 10.03 26.02
N LYS G 137 40.05 9.08 25.37
CA LYS G 137 39.81 9.24 23.93
C LYS G 137 38.94 10.47 23.67
N GLU G 138 37.87 10.63 24.43
CA GLU G 138 36.98 11.78 24.24
C GLU G 138 37.72 13.10 24.46
N GLN G 139 38.62 13.16 25.44
CA GLN G 139 39.34 14.40 25.71
C GLN G 139 40.24 14.79 24.56
N VAL G 140 40.91 13.82 23.94
CA VAL G 140 41.74 14.12 22.78
C VAL G 140 40.89 14.68 21.65
N ASP G 141 39.73 14.08 21.39
CA ASP G 141 38.82 14.61 20.37
C ASP G 141 38.35 16.02 20.73
N ALA G 142 37.95 16.23 21.98
CA ALA G 142 37.44 17.53 22.39
C ALA G 142 38.50 18.61 22.25
N ILE G 143 39.74 18.30 22.64
CA ILE G 143 40.79 19.30 22.60
C ILE G 143 41.09 19.71 21.16
N GLU G 144 41.07 18.75 20.24
CA GLU G 144 41.32 19.10 18.84
C GLU G 144 40.17 19.91 18.27
N GLU G 145 38.93 19.56 18.64
CA GLU G 145 37.78 20.31 18.15
C GLU G 145 37.81 21.76 18.60
N ILE G 146 38.15 21.99 19.87
CA ILE G 146 38.25 23.35 20.37
C ILE G 146 39.39 24.10 19.70
N SER G 147 40.50 23.40 19.44
CA SER G 147 41.61 24.04 18.75
C SER G 147 41.19 24.50 17.36
N ASP G 148 40.41 23.67 16.67
CA ASP G 148 39.84 24.07 15.37
C ASP G 148 38.99 25.34 15.51
N HIS G 149 38.13 25.39 16.52
CA HIS G 149 37.28 26.56 16.73
C HIS G 149 38.12 27.82 16.89
N ILE G 150 39.19 27.74 17.70
CA ILE G 150 40.02 28.89 17.98
C ILE G 150 40.69 29.40 16.71
N THR G 151 41.24 28.48 15.92
CA THR G 151 41.87 28.84 14.66
C THR G 151 40.88 29.55 13.74
N ASN G 152 39.68 28.98 13.60
CA ASN G 152 38.69 29.59 12.72
C ASN G 152 38.25 30.95 13.25
N LEU G 153 38.11 31.09 14.58
CA LEU G 153 37.71 32.37 15.14
C LEU G 153 38.78 33.43 14.90
N LYS G 154 40.05 33.05 14.97
CA LYS G 154 41.13 33.97 14.62
C LYS G 154 41.08 34.33 13.14
N ARG G 155 40.71 33.36 12.29
CA ARG G 155 40.68 33.64 10.86
C ARG G 155 39.55 34.61 10.50
N VAL G 156 38.35 34.42 11.06
CA VAL G 156 37.23 35.23 10.61
C VAL G 156 37.23 36.61 11.26
N GLY G 157 37.91 36.80 12.40
CA GLY G 157 37.99 38.10 13.04
C GLY G 157 36.72 38.47 13.78
N THR G 158 36.67 39.70 14.26
CA THR G 158 35.53 40.16 15.05
C THR G 158 34.45 40.78 14.14
N GLY G 159 33.25 40.88 14.69
CA GLY G 159 32.13 41.50 13.98
C GLY G 159 31.42 40.51 13.08
N LEU G 160 31.40 40.78 11.77
CA LEU G 160 30.67 39.91 10.85
C LEU G 160 31.20 38.48 10.92
N GLY G 161 32.52 38.31 11.09
CA GLY G 161 33.08 36.97 11.15
C GLY G 161 32.50 36.15 12.29
N GLU G 162 32.33 36.77 13.47
CA GLU G 162 31.75 36.05 14.60
C GLU G 162 30.32 35.64 14.30
N TYR G 163 29.54 36.54 13.70
CA TYR G 163 28.17 36.23 13.35
C TYR G 163 28.09 35.08 12.35
N MET G 164 28.94 35.12 11.32
CA MET G 164 28.92 34.04 10.33
C MET G 164 29.37 32.73 10.94
N TYR G 165 30.37 32.77 11.83
CA TYR G 165 30.79 31.53 12.47
C TYR G 165 29.64 30.92 13.28
N ASP G 166 28.89 31.77 13.98
CA ASP G 166 27.71 31.31 14.70
C ASP G 166 26.73 30.63 13.76
N LYS G 167 26.53 31.20 12.56
CA LYS G 167 25.54 30.68 11.63
C LYS G 167 26.05 29.47 10.86
N GLU G 168 27.33 29.44 10.51
CA GLU G 168 27.82 28.38 9.62
C GLU G 168 28.35 27.17 10.39
N THR G 169 29.28 27.39 11.32
CA THR G 169 29.88 26.24 11.99
C THR G 169 29.15 25.83 13.25
N MET G 170 28.76 26.79 14.10
CA MET G 170 28.19 26.42 15.39
C MET G 170 26.76 25.90 15.27
N SER G 171 26.08 26.17 14.18
CA SER G 171 24.69 25.72 14.01
C SER G 171 24.63 24.46 13.15
N GLN H 3 21.27 51.19 31.61
CA GLN H 3 20.38 50.04 31.78
C GLN H 3 20.47 49.09 30.58
N THR H 4 20.28 47.81 30.81
CA THR H 4 20.27 46.84 29.71
C THR H 4 19.08 47.12 28.79
N GLN H 5 19.24 46.74 27.51
CA GLN H 5 18.22 47.02 26.50
C GLN H 5 16.81 46.60 26.90
N PRO H 6 16.57 45.40 27.40
CA PRO H 6 15.18 44.94 27.62
C PRO H 6 14.54 45.53 28.86
N ARG H 7 15.32 46.12 29.75
CA ARG H 7 14.87 46.31 31.13
C ARG H 7 13.68 47.26 31.20
N GLN H 8 12.62 46.81 31.85
CA GLN H 8 11.43 47.66 32.00
C GLN H 8 10.59 47.11 33.14
N ASN H 9 10.29 47.96 34.13
CA ASN H 9 9.50 47.53 35.28
C ASN H 9 10.15 46.35 36.02
N PHE H 10 11.48 46.32 36.05
CA PHE H 10 12.22 45.18 36.62
C PHE H 10 13.16 45.71 37.70
N HIS H 11 12.85 45.42 38.95
CA HIS H 11 13.53 46.01 40.09
C HIS H 11 14.77 45.20 40.47
N VAL H 12 15.79 45.89 40.98
CA VAL H 12 17.01 45.17 41.35
C VAL H 12 16.74 44.14 42.43
N GLU H 13 15.74 44.36 43.28
CA GLU H 13 15.43 43.35 44.31
C GLU H 13 14.91 42.07 43.68
N SER H 14 14.13 42.20 42.59
CA SER H 14 13.61 41.02 41.91
C SER H 14 14.72 40.28 41.20
N GLU H 15 15.60 41.03 40.54
CA GLU H 15 16.79 40.47 39.89
C GLU H 15 17.64 39.68 40.89
N ALA H 16 17.87 40.25 42.08
CA ALA H 16 18.67 39.54 43.09
C ALA H 16 17.95 38.29 43.59
N GLY H 17 16.64 38.37 43.80
CA GLY H 17 15.89 37.21 44.25
C GLY H 17 15.88 36.08 43.23
N ILE H 18 15.86 36.43 41.94
CA ILE H 18 15.94 35.40 40.90
C ILE H 18 17.29 34.68 40.96
N ASN H 19 18.39 35.44 41.13
CA ASN H 19 19.70 34.82 41.27
C ASN H 19 19.73 33.88 42.48
N LYS H 20 19.12 34.28 43.58
CA LYS H 20 19.08 33.39 44.74
C LYS H 20 18.27 32.12 44.45
N GLN H 21 17.14 32.27 43.75
CA GLN H 21 16.33 31.10 43.43
C GLN H 21 17.03 30.18 42.45
N ILE H 22 17.78 30.73 41.50
CA ILE H 22 18.57 29.90 40.59
C ILE H 22 19.46 28.95 41.40
N ASN H 23 20.17 29.50 42.39
CA ASN H 23 21.06 28.65 43.17
C ASN H 23 20.28 27.56 43.90
N MET H 24 19.10 27.89 44.41
CA MET H 24 18.34 26.91 45.17
C MET H 24 17.84 25.79 44.28
N GLU H 25 17.42 26.12 43.06
CA GLU H 25 17.03 25.10 42.09
C GLU H 25 18.20 24.18 41.76
N LEU H 26 19.39 24.75 41.54
CA LEU H 26 20.58 23.94 41.30
C LEU H 26 20.90 23.07 42.52
N TYR H 27 20.78 23.63 43.71
CA TYR H 27 20.98 22.84 44.93
C TYR H 27 20.03 21.66 44.99
N ALA H 28 18.75 21.88 44.68
CA ALA H 28 17.79 20.78 44.73
C ALA H 28 18.12 19.73 43.66
N SER H 29 18.59 20.16 42.50
CA SER H 29 19.05 19.22 41.48
C SER H 29 20.17 18.35 42.02
N TYR H 30 21.10 18.95 42.76
CA TYR H 30 22.22 18.18 43.30
C TYR H 30 21.75 17.17 44.34
N VAL H 31 20.82 17.59 45.22
CA VAL H 31 20.26 16.64 46.20
C VAL H 31 19.68 15.42 45.49
N TYR H 32 18.87 15.65 44.46
CA TYR H 32 18.25 14.52 43.77
C TYR H 32 19.28 13.68 43.02
N GLN H 33 20.33 14.30 42.50
CA GLN H 33 21.40 13.52 41.88
C GLN H 33 22.04 12.61 42.91
N SER H 34 22.25 13.10 44.13
CA SER H 34 22.81 12.27 45.18
C SER H 34 21.88 11.12 45.54
N MET H 35 20.58 11.41 45.67
CA MET H 35 19.63 10.33 45.97
C MET H 35 19.59 9.32 44.84
N TYR H 36 19.65 9.79 43.60
CA TYR H 36 19.73 8.90 42.45
C TYR H 36 20.85 7.90 42.62
N MET H 37 22.07 8.39 42.85
CA MET H 37 23.21 7.50 42.93
C MET H 37 23.23 6.68 44.22
N TYR H 38 22.53 7.15 45.26
CA TYR H 38 22.39 6.36 46.47
C TYR H 38 21.53 5.12 46.22
N PHE H 39 20.38 5.30 45.58
CA PHE H 39 19.56 4.13 45.29
C PHE H 39 20.16 3.26 44.20
N ASP H 40 21.15 3.77 43.47
CA ASP H 40 21.96 2.97 42.55
C ASP H 40 23.04 2.13 43.25
N ARG H 41 23.29 2.34 44.54
CA ARG H 41 24.32 1.56 45.22
C ARG H 41 23.97 0.07 45.24
N ASP H 42 25.01 -0.77 45.17
CA ASP H 42 24.81 -2.23 45.17
C ASP H 42 24.11 -2.70 46.44
N ASP H 43 24.25 -1.99 47.54
CA ASP H 43 23.65 -2.39 48.82
C ASP H 43 22.34 -1.68 49.09
N VAL H 44 21.80 -0.96 48.09
CA VAL H 44 20.47 -0.39 48.17
C VAL H 44 19.65 -0.97 47.03
N ALA H 45 20.10 -0.74 45.79
CA ALA H 45 19.68 -1.53 44.62
C ALA H 45 18.17 -1.46 44.38
N LEU H 46 17.62 -0.24 44.35
CA LEU H 46 16.23 -0.02 43.98
C LEU H 46 16.23 0.84 42.72
N PRO H 47 16.24 0.23 41.53
CA PRO H 47 16.59 0.98 40.31
C PRO H 47 15.48 1.90 39.83
N SER H 48 14.23 1.66 40.20
CA SER H 48 13.17 2.57 39.78
C SER H 48 13.08 3.79 40.69
N PHE H 49 13.34 3.62 41.99
CA PHE H 49 13.62 4.78 42.83
C PHE H 49 14.80 5.59 42.29
N ALA H 50 15.88 4.91 41.92
CA ALA H 50 17.02 5.61 41.34
C ALA H 50 16.58 6.46 40.15
N LYS H 51 15.81 5.87 39.23
CA LYS H 51 15.40 6.59 38.03
C LYS H 51 14.48 7.75 38.36
N TYR H 52 13.62 7.58 39.37
CA TYR H 52 12.76 8.68 39.79
C TYR H 52 13.58 9.89 40.21
N PHE H 53 14.61 9.66 41.03
CA PHE H 53 15.40 10.81 41.49
C PHE H 53 16.31 11.34 40.37
N LYS H 54 16.74 10.48 39.46
CA LYS H 54 17.42 10.97 38.26
C LYS H 54 16.54 11.96 37.50
N HIS H 55 15.28 11.58 37.27
CA HIS H 55 14.36 12.45 36.56
C HIS H 55 14.11 13.74 37.32
N ASN H 56 13.94 13.64 38.65
CA ASN H 56 13.70 14.87 39.40
C ASN H 56 14.93 15.76 39.44
N SER H 57 16.12 15.17 39.39
CA SER H 57 17.33 15.99 39.29
C SER H 57 17.34 16.77 37.98
N GLU H 58 17.02 16.09 36.87
CA GLU H 58 16.98 16.76 35.58
C GLU H 58 15.90 17.85 35.56
N GLU H 59 14.75 17.59 36.16
CA GLU H 59 13.68 18.60 36.20
C GLU H 59 14.12 19.84 36.98
N GLU H 60 14.82 19.64 38.11
CA GLU H 60 15.29 20.80 38.87
C GLU H 60 16.33 21.61 38.08
N ARG H 61 17.16 20.93 37.30
CA ARG H 61 18.11 21.68 36.47
C ARG H 61 17.38 22.50 35.42
N GLU H 62 16.30 21.96 34.85
CA GLU H 62 15.49 22.74 33.92
C GLU H 62 14.81 23.91 34.61
N HIS H 63 14.31 23.71 35.84
CA HIS H 63 13.77 24.82 36.59
C HIS H 63 14.80 25.94 36.74
N ALA H 64 16.04 25.57 37.07
CA ALA H 64 17.09 26.57 37.20
C ALA H 64 17.35 27.28 35.87
N GLU H 65 17.44 26.53 34.78
CA GLU H 65 17.76 27.15 33.50
C GLU H 65 16.62 28.01 32.98
N LYS H 66 15.37 27.66 33.30
CA LYS H 66 14.25 28.51 32.93
C LYS H 66 14.31 29.84 33.67
N LEU H 67 14.73 29.83 34.94
CA LEU H 67 14.94 31.08 35.66
C LEU H 67 16.12 31.86 35.10
N MET H 68 17.20 31.18 34.73
CA MET H 68 18.30 31.88 34.08
C MET H 68 17.84 32.54 32.78
N LYS H 69 17.06 31.83 31.96
CA LYS H 69 16.57 32.42 30.73
C LYS H 69 15.64 33.60 31.01
N TYR H 70 14.82 33.49 32.06
CA TYR H 70 13.94 34.59 32.42
C TYR H 70 14.74 35.80 32.89
N GLN H 71 15.76 35.58 33.71
CA GLN H 71 16.65 36.67 34.10
C GLN H 71 17.17 37.44 32.88
N ASN H 72 17.72 36.70 31.90
CA ASN H 72 18.21 37.36 30.69
C ASN H 72 17.10 38.09 29.94
N LYS H 73 15.91 37.46 29.84
CA LYS H 73 14.83 38.09 29.07
C LYS H 73 14.43 39.43 29.66
N ARG H 74 14.43 39.55 30.98
CA ARG H 74 14.03 40.81 31.60
C ARG H 74 15.16 41.83 31.63
N GLY H 75 16.36 41.47 31.21
CA GLY H 75 17.48 42.37 31.27
C GLY H 75 18.28 42.29 32.56
N GLY H 76 17.99 41.31 33.40
CA GLY H 76 18.82 41.06 34.56
C GLY H 76 20.10 40.36 34.17
N ARG H 77 21.01 40.24 35.13
CA ARG H 77 22.30 39.60 34.87
C ARG H 77 22.47 38.44 35.84
N ILE H 78 22.71 37.24 35.28
CA ILE H 78 22.89 36.04 36.07
C ILE H 78 24.21 36.12 36.83
N VAL H 79 24.16 35.90 38.14
CA VAL H 79 25.35 35.80 38.97
C VAL H 79 25.25 34.45 39.69
N LEU H 80 26.10 33.51 39.30
CA LEU H 80 26.10 32.17 39.89
C LEU H 80 26.85 32.14 41.21
N GLN H 81 26.45 31.22 42.07
CA GLN H 81 27.16 30.97 43.32
C GLN H 81 27.51 29.49 43.39
N ASP H 82 28.41 29.14 44.31
CA ASP H 82 28.71 27.73 44.52
C ASP H 82 27.43 26.94 44.74
N ILE H 83 27.38 25.72 44.22
CA ILE H 83 26.29 24.81 44.51
C ILE H 83 26.72 23.94 45.67
N GLN H 84 26.09 24.12 46.83
CA GLN H 84 26.53 23.41 48.02
C GLN H 84 26.19 21.93 47.91
N LYS H 85 27.09 21.09 48.44
CA LYS H 85 26.82 19.66 48.45
C LYS H 85 25.63 19.37 49.36
N PRO H 86 24.89 18.28 49.09
CA PRO H 86 23.73 17.95 49.92
C PRO H 86 24.13 17.72 51.36
N ASP H 87 23.11 17.73 52.23
CA ASP H 87 23.35 17.69 53.66
C ASP H 87 23.83 16.32 54.13
N LEU H 88 23.47 15.26 53.42
CA LEU H 88 23.83 13.90 53.76
C LEU H 88 24.51 13.24 52.57
N ASP H 89 25.30 12.21 52.85
CA ASP H 89 25.87 11.37 51.79
C ASP H 89 25.03 10.13 51.50
N GLU H 90 24.19 9.71 52.44
CA GLU H 90 23.28 8.58 52.26
C GLU H 90 21.93 8.93 52.88
N TRP H 91 20.88 8.33 52.35
CA TRP H 91 19.54 8.87 52.55
C TRP H 91 18.58 7.91 53.23
N GLY H 92 19.08 6.80 53.79
CA GLY H 92 18.24 5.90 54.57
C GLY H 92 17.28 5.09 53.71
N SER H 93 16.08 4.87 54.25
CA SER H 93 15.10 4.05 53.57
C SER H 93 14.42 4.84 52.46
N PRO H 94 13.73 4.15 51.55
CA PRO H 94 12.87 4.85 50.59
C PRO H 94 11.92 5.83 51.27
N LEU H 95 11.32 5.43 52.39
CA LEU H 95 10.42 6.33 53.10
C LEU H 95 11.16 7.55 53.63
N GLU H 96 12.33 7.35 54.22
CA GLU H 96 13.10 8.48 54.75
C GLU H 96 13.53 9.42 53.62
N ALA H 97 13.92 8.87 52.47
CA ALA H 97 14.33 9.73 51.35
C ALA H 97 13.14 10.53 50.82
N MET H 98 11.95 9.91 50.77
CA MET H 98 10.78 10.65 50.32
C MET H 98 10.39 11.73 51.32
N GLN H 99 10.51 11.44 52.62
CA GLN H 99 10.23 12.47 53.62
C GLN H 99 11.22 13.64 53.48
N THR H 100 12.50 13.33 53.29
CA THR H 100 13.47 14.38 53.00
C THR H 100 13.08 15.17 51.76
N THR H 101 12.61 14.48 50.73
CA THR H 101 12.22 15.15 49.49
C THR H 101 11.03 16.09 49.72
N LEU H 102 10.07 15.69 50.56
CA LEU H 102 8.94 16.57 50.83
C LEU H 102 9.41 17.85 51.50
N ALA H 103 10.30 17.73 52.48
CA ALA H 103 10.82 18.92 53.15
C ALA H 103 11.57 19.81 52.17
N LEU H 104 12.33 19.21 51.25
CA LEU H 104 13.05 20.00 50.26
C LEU H 104 12.08 20.77 49.36
N GLU H 105 11.05 20.09 48.85
CA GLU H 105 10.15 20.74 47.92
C GLU H 105 9.34 21.84 48.61
N LYS H 106 9.02 21.67 49.90
CA LYS H 106 8.32 22.73 50.62
C LYS H 106 9.22 23.92 50.88
N SER H 107 10.52 23.70 51.10
CA SER H 107 11.40 24.85 51.27
C SER H 107 11.56 25.61 49.96
N VAL H 108 11.71 24.89 48.85
CA VAL H 108 11.74 25.53 47.54
C VAL H 108 10.45 26.31 47.31
N ASN H 109 9.31 25.71 47.66
CA ASN H 109 8.02 26.39 47.47
C ASN H 109 7.94 27.67 48.30
N GLN H 110 8.33 27.62 49.57
CA GLN H 110 8.32 28.84 50.37
C GLN H 110 9.24 29.89 49.76
N ALA H 111 10.40 29.48 49.26
CA ALA H 111 11.30 30.45 48.64
C ALA H 111 10.66 31.08 47.40
N LEU H 112 9.94 30.28 46.60
CA LEU H 112 9.27 30.84 45.43
C LEU H 112 8.14 31.78 45.83
N LEU H 113 7.40 31.42 46.88
CA LEU H 113 6.36 32.31 47.38
C LEU H 113 6.98 33.62 47.87
N ASP H 114 8.15 33.55 48.50
CA ASP H 114 8.82 34.78 48.93
C ASP H 114 9.28 35.61 47.73
N LEU H 115 9.75 34.95 46.67
CA LEU H 115 10.14 35.68 45.47
C LEU H 115 8.93 36.33 44.82
N HIS H 116 7.81 35.62 44.81
CA HIS H 116 6.57 36.20 44.31
C HIS H 116 6.20 37.45 45.10
N LYS H 117 6.43 37.46 46.43
CA LYS H 117 6.11 38.64 47.23
C LYS H 117 6.99 39.82 46.85
N ILE H 118 8.25 39.58 46.49
CA ILE H 118 9.13 40.65 46.02
C ILE H 118 8.59 41.25 44.72
N ALA H 119 8.20 40.39 43.78
CA ALA H 119 7.63 40.89 42.53
C ALA H 119 6.37 41.71 42.80
N ASP H 120 5.51 41.20 43.69
CA ASP H 120 4.27 41.90 44.01
C ASP H 120 4.57 43.28 44.59
N LYS H 121 5.50 43.34 45.56
CA LYS H 121 5.89 44.60 46.17
C LYS H 121 6.30 45.65 45.14
N HIS H 122 6.94 45.23 44.05
CA HIS H 122 7.39 46.20 43.05
C HIS H 122 6.47 46.26 41.83
N GLY H 123 5.25 45.73 41.95
CA GLY H 123 4.31 45.82 40.85
C GLY H 123 4.76 45.12 39.59
N ASP H 124 5.52 44.04 39.72
CA ASP H 124 6.01 43.31 38.57
C ASP H 124 4.95 42.28 38.19
N ALA H 125 3.94 42.75 37.46
CA ALA H 125 2.82 41.89 37.09
C ALA H 125 3.28 40.70 36.26
N GLN H 126 4.19 40.94 35.31
CA GLN H 126 4.59 39.85 34.42
C GLN H 126 5.41 38.80 35.16
N MET H 127 6.28 39.23 36.09
CA MET H 127 7.04 38.26 36.87
C MET H 127 6.14 37.43 37.79
N MET H 128 5.12 38.05 38.39
CA MET H 128 4.20 37.26 39.21
C MET H 128 3.51 36.19 38.38
N ASP H 129 3.04 36.55 37.19
CA ASP H 129 2.37 35.56 36.34
C ASP H 129 3.33 34.47 35.89
N PHE H 130 4.57 34.84 35.58
CA PHE H 130 5.58 33.85 35.23
C PHE H 130 5.80 32.88 36.39
N LEU H 131 5.98 33.41 37.61
CA LEU H 131 6.19 32.55 38.76
C LEU H 131 4.98 31.65 39.02
N GLU H 132 3.77 32.21 38.94
CA GLU H 132 2.57 31.41 39.23
C GLU H 132 2.44 30.26 38.24
N GLY H 133 2.48 30.57 36.95
CA GLY H 133 2.21 29.55 35.94
C GLY H 133 3.35 28.54 35.79
N GLU H 134 4.60 29.02 35.89
CA GLU H 134 5.75 28.16 35.62
C GLU H 134 6.38 27.54 36.86
N TYR H 135 6.07 28.03 38.07
CA TYR H 135 6.73 27.49 39.26
C TYR H 135 5.76 27.11 40.37
N LEU H 136 4.86 28.03 40.75
CA LEU H 136 3.99 27.73 41.88
C LEU H 136 3.06 26.56 41.59
N LYS H 137 2.55 26.47 40.36
CA LYS H 137 1.66 25.36 40.00
C LYS H 137 2.39 24.04 40.10
N GLU H 138 3.58 23.95 39.50
CA GLU H 138 4.35 22.70 39.55
C GLU H 138 4.69 22.33 40.98
N GLN H 139 4.94 23.31 41.85
CA GLN H 139 5.30 22.98 43.23
C GLN H 139 4.13 22.33 43.97
N VAL H 140 2.90 22.82 43.81
CA VAL H 140 1.85 22.15 44.56
C VAL H 140 1.58 20.76 43.98
N ASP H 141 1.74 20.57 42.66
CA ASP H 141 1.63 19.22 42.11
C ASP H 141 2.73 18.31 42.67
N ALA H 142 3.96 18.80 42.75
CA ALA H 142 5.06 17.95 43.22
C ALA H 142 4.91 17.59 44.70
N ILE H 143 4.47 18.56 45.51
CA ILE H 143 4.26 18.31 46.93
C ILE H 143 3.18 17.26 47.15
N GLU H 144 2.07 17.35 46.40
CA GLU H 144 1.02 16.36 46.53
C GLU H 144 1.52 14.98 46.11
N GLU H 145 2.30 14.92 45.01
CA GLU H 145 2.80 13.64 44.52
C GLU H 145 3.73 12.98 45.53
N ILE H 146 4.62 13.76 46.14
CA ILE H 146 5.52 13.23 47.17
C ILE H 146 4.73 12.80 48.39
N SER H 147 3.69 13.56 48.77
CA SER H 147 2.84 13.15 49.87
C SER H 147 2.20 11.79 49.59
N ASP H 148 1.75 11.56 48.35
CA ASP H 148 1.21 10.25 47.98
C ASP H 148 2.25 9.16 48.16
N HIS H 149 3.49 9.42 47.73
CA HIS H 149 4.53 8.41 47.87
C HIS H 149 4.75 8.05 49.34
N ILE H 150 4.79 9.05 50.22
CA ILE H 150 5.05 8.79 51.63
C ILE H 150 3.94 7.93 52.21
N THR H 151 2.69 8.26 51.91
CA THR H 151 1.57 7.46 52.41
C THR H 151 1.67 6.01 51.95
N ASN H 152 1.94 5.81 50.65
CA ASN H 152 2.05 4.44 50.13
C ASN H 152 3.22 3.71 50.76
N LEU H 153 4.36 4.39 50.95
CA LEU H 153 5.50 3.72 51.55
C LEU H 153 5.21 3.32 52.99
N LYS H 154 4.49 4.17 53.74
CA LYS H 154 4.04 3.78 55.07
C LYS H 154 3.10 2.57 55.01
N ARG H 155 2.22 2.54 54.00
CA ARG H 155 1.27 1.44 53.90
C ARG H 155 1.96 0.10 53.61
N VAL H 156 2.93 0.09 52.69
CA VAL H 156 3.51 -1.20 52.28
C VAL H 156 4.57 -1.71 53.24
N GLY H 157 5.16 -0.85 54.08
CA GLY H 157 6.12 -1.30 55.06
C GLY H 157 7.49 -1.53 54.43
N THR H 158 8.42 -2.02 55.26
CA THR H 158 9.77 -2.32 54.80
C THR H 158 9.86 -3.75 54.24
N GLY H 159 10.90 -3.98 53.46
CA GLY H 159 11.17 -5.31 52.92
C GLY H 159 10.46 -5.51 51.57
N LEU H 160 9.64 -6.56 51.48
CA LEU H 160 8.96 -6.84 50.23
C LEU H 160 8.15 -5.64 49.77
N GLY H 161 7.61 -4.85 50.70
CA GLY H 161 6.81 -3.70 50.32
C GLY H 161 7.60 -2.65 49.55
N GLU H 162 8.83 -2.38 49.99
CA GLU H 162 9.67 -1.43 49.28
C GLU H 162 10.00 -1.92 47.87
N TYR H 163 10.34 -3.20 47.75
CA TYR H 163 10.61 -3.80 46.44
C TYR H 163 9.41 -3.68 45.51
N MET H 164 8.21 -4.04 46.00
CA MET H 164 7.03 -3.99 45.14
C MET H 164 6.68 -2.56 44.75
N TYR H 165 6.88 -1.61 45.67
CA TYR H 165 6.63 -0.22 45.31
C TYR H 165 7.57 0.25 44.22
N ASP H 166 8.83 -0.18 44.30
CA ASP H 166 9.78 0.08 43.23
C ASP H 166 9.28 -0.51 41.91
N LYS H 167 8.76 -1.73 41.93
CA LYS H 167 8.33 -2.35 40.68
C LYS H 167 7.00 -1.83 40.17
N GLU H 168 6.10 -1.39 41.05
CA GLU H 168 4.71 -1.14 40.66
C GLU H 168 4.38 0.34 40.52
N THR H 169 4.88 1.19 41.40
CA THR H 169 4.60 2.62 41.28
C THR H 169 5.76 3.38 40.66
N MET H 170 6.99 3.13 41.12
CA MET H 170 8.11 3.97 40.69
C MET H 170 8.53 3.67 39.26
N SER H 171 8.09 2.54 38.71
CA SER H 171 8.42 2.21 37.33
C SER H 171 8.45 0.70 37.24
N GLN I 3 -26.01 -15.71 56.14
CA GLN I 3 -26.20 -16.09 54.74
C GLN I 3 -25.02 -15.59 53.88
N THR I 4 -24.94 -16.07 52.64
CA THR I 4 -23.85 -15.66 51.77
C THR I 4 -23.95 -14.17 51.44
N GLN I 5 -22.80 -13.59 51.09
CA GLN I 5 -22.73 -12.15 50.84
C GLN I 5 -23.72 -11.66 49.80
N PRO I 6 -23.86 -12.31 48.64
CA PRO I 6 -24.73 -11.74 47.60
C PRO I 6 -26.20 -11.93 47.89
N ARG I 7 -26.58 -12.82 48.80
CA ARG I 7 -27.94 -13.34 48.80
C ARG I 7 -28.97 -12.25 49.07
N GLN I 8 -29.97 -12.16 48.19
CA GLN I 8 -31.05 -11.20 48.36
C GLN I 8 -32.22 -11.63 47.50
N ASN I 9 -33.39 -11.77 48.12
CA ASN I 9 -34.60 -12.20 47.40
C ASN I 9 -34.40 -13.54 46.69
N PHE I 10 -33.66 -14.47 47.30
CA PHE I 10 -33.30 -15.74 46.67
C PHE I 10 -33.67 -16.88 47.60
N HIS I 11 -34.72 -17.63 47.25
CA HIS I 11 -35.33 -18.63 48.11
C HIS I 11 -34.60 -19.97 47.99
N VAL I 12 -34.60 -20.73 49.08
CA VAL I 12 -33.91 -22.02 49.07
C VAL I 12 -34.52 -22.97 48.05
N GLU I 13 -35.83 -22.86 47.82
CA GLU I 13 -36.47 -23.72 46.83
C GLU I 13 -35.99 -23.39 45.42
N SER I 14 -35.74 -22.10 45.14
CA SER I 14 -35.16 -21.73 43.86
C SER I 14 -33.73 -22.24 43.73
N GLU I 15 -32.94 -22.08 44.79
CA GLU I 15 -31.59 -22.61 44.84
C GLU I 15 -31.58 -24.11 44.55
N ALA I 16 -32.50 -24.85 45.17
CA ALA I 16 -32.55 -26.29 44.95
C ALA I 16 -32.97 -26.62 43.52
N GLY I 17 -33.96 -25.90 42.99
CA GLY I 17 -34.40 -26.17 41.63
C GLY I 17 -33.29 -25.90 40.62
N ILE I 18 -32.46 -24.89 40.89
CA ILE I 18 -31.34 -24.61 39.98
C ILE I 18 -30.35 -25.77 39.98
N ASN I 19 -30.05 -26.32 41.16
CA ASN I 19 -29.18 -27.49 41.24
C ASN I 19 -29.77 -28.67 40.47
N LYS I 20 -31.08 -28.88 40.57
CA LYS I 20 -31.70 -29.96 39.80
C LYS I 20 -31.57 -29.70 38.30
N GLN I 21 -31.80 -28.46 37.88
CA GLN I 21 -31.70 -28.13 36.45
C GLN I 21 -30.27 -28.29 35.94
N ILE I 22 -29.28 -27.89 36.75
CA ILE I 22 -27.89 -28.08 36.36
C ILE I 22 -27.63 -29.54 36.00
N ASN I 23 -28.13 -30.46 36.81
CA ASN I 23 -27.89 -31.88 36.54
C ASN I 23 -28.58 -32.31 35.24
N MET I 24 -29.77 -31.78 34.98
CA MET I 24 -30.50 -32.17 33.78
C MET I 24 -29.82 -31.65 32.51
N GLU I 25 -29.24 -30.45 32.57
CA GLU I 25 -28.48 -29.94 31.43
C GLU I 25 -27.25 -30.80 31.17
N LEU I 26 -26.53 -31.18 32.24
CA LEU I 26 -25.38 -32.08 32.07
C LEU I 26 -25.82 -33.41 31.48
N TYR I 27 -26.95 -33.94 31.95
CA TYR I 27 -27.50 -35.17 31.40
C TYR I 27 -27.76 -35.04 29.91
N ALA I 28 -28.41 -33.96 29.49
CA ALA I 28 -28.68 -33.75 28.08
C ALA I 28 -27.37 -33.65 27.28
N SER I 29 -26.38 -32.95 27.83
CA SER I 29 -25.07 -32.91 27.20
C SER I 29 -24.53 -34.32 26.97
N TYR I 30 -24.70 -35.20 27.95
CA TYR I 30 -24.17 -36.56 27.84
C TYR I 30 -24.92 -37.36 26.79
N VAL I 31 -26.24 -37.16 26.69
CA VAL I 31 -27.01 -37.83 25.65
C VAL I 31 -26.49 -37.42 24.27
N TYR I 32 -26.30 -36.13 24.05
CA TYR I 32 -25.81 -35.69 22.75
C TYR I 32 -24.40 -36.18 22.49
N GLN I 33 -23.56 -36.29 23.51
CA GLN I 33 -22.24 -36.88 23.31
C GLN I 33 -22.36 -38.31 22.80
N SER I 34 -23.27 -39.08 23.39
CA SER I 34 -23.47 -40.46 22.95
C SER I 34 -23.93 -40.50 21.50
N MET I 35 -24.90 -39.66 21.14
CA MET I 35 -25.38 -39.63 19.76
C MET I 35 -24.28 -39.22 18.80
N TYR I 36 -23.49 -38.22 19.18
CA TYR I 36 -22.30 -37.84 18.43
C TYR I 36 -21.44 -39.06 18.10
N MET I 37 -21.04 -39.81 19.14
CA MET I 37 -20.14 -40.93 18.91
C MET I 37 -20.84 -42.10 18.24
N TYR I 38 -22.16 -42.19 18.34
CA TYR I 38 -22.89 -43.24 17.62
C TYR I 38 -22.87 -42.97 16.12
N PHE I 39 -23.13 -41.72 15.70
CA PHE I 39 -23.06 -41.43 14.28
C PHE I 39 -21.64 -41.42 13.73
N ASP I 40 -20.62 -41.39 14.61
CA ASP I 40 -19.21 -41.58 14.28
C ASP I 40 -18.82 -43.05 14.09
N ARG I 41 -19.70 -43.98 14.43
CA ARG I 41 -19.40 -45.40 14.24
C ARG I 41 -19.19 -45.71 12.76
N ASP I 42 -18.26 -46.63 12.49
CA ASP I 42 -17.97 -47.03 11.11
C ASP I 42 -19.18 -47.65 10.43
N ASP I 43 -20.12 -48.22 11.18
CA ASP I 43 -21.32 -48.81 10.60
C ASP I 43 -22.51 -47.87 10.64
N VAL I 44 -22.29 -46.59 10.96
CA VAL I 44 -23.31 -45.56 10.82
C VAL I 44 -22.76 -44.49 9.86
N ALA I 45 -21.64 -43.89 10.24
CA ALA I 45 -20.78 -43.13 9.32
C ALA I 45 -21.52 -41.97 8.65
N LEU I 46 -22.18 -41.15 9.47
CA LEU I 46 -22.82 -39.91 9.00
C LEU I 46 -22.13 -38.74 9.71
N PRO I 47 -21.08 -38.20 9.11
CA PRO I 47 -20.20 -37.29 9.86
C PRO I 47 -20.80 -35.94 10.18
N SER I 48 -21.75 -35.44 9.37
CA SER I 48 -22.34 -34.15 9.71
C SER I 48 -23.42 -34.28 10.78
N PHE I 49 -24.16 -35.38 10.78
CA PHE I 49 -24.99 -35.68 11.95
C PHE I 49 -24.14 -35.76 13.21
N ALA I 50 -23.00 -36.46 13.12
CA ALA I 50 -22.10 -36.56 14.27
C ALA I 50 -21.70 -35.18 14.77
N LYS I 51 -21.28 -34.30 13.86
CA LYS I 51 -20.86 -32.96 14.26
C LYS I 51 -22.02 -32.16 14.84
N TYR I 52 -23.23 -32.36 14.32
CA TYR I 52 -24.39 -31.68 14.88
C TYR I 52 -24.60 -32.04 16.33
N PHE I 53 -24.47 -33.32 16.67
CA PHE I 53 -24.67 -33.73 18.06
C PHE I 53 -23.48 -33.32 18.94
N LYS I 54 -22.27 -33.32 18.37
CA LYS I 54 -21.14 -32.76 19.10
C LYS I 54 -21.42 -31.32 19.51
N HIS I 55 -21.93 -30.52 18.58
CA HIS I 55 -22.25 -29.13 18.88
C HIS I 55 -23.35 -29.02 19.93
N ASN I 56 -24.43 -29.80 19.78
CA ASN I 56 -25.50 -29.78 20.78
C ASN I 56 -24.97 -30.16 22.15
N SER I 57 -24.06 -31.13 22.21
CA SER I 57 -23.49 -31.56 23.49
C SER I 57 -22.73 -30.41 24.14
N GLU I 58 -21.96 -29.68 23.34
CA GLU I 58 -21.25 -28.51 23.86
C GLU I 58 -22.23 -27.43 24.32
N GLU I 59 -23.29 -27.18 23.54
CA GLU I 59 -24.28 -26.19 23.95
C GLU I 59 -24.89 -26.54 25.31
N GLU I 60 -25.24 -27.80 25.52
CA GLU I 60 -25.87 -28.18 26.79
C GLU I 60 -24.90 -28.02 27.95
N ARG I 61 -23.64 -28.37 27.74
CA ARG I 61 -22.64 -28.12 28.78
C ARG I 61 -22.56 -26.64 29.12
N GLU I 62 -22.63 -25.77 28.10
CA GLU I 62 -22.64 -24.32 28.35
C GLU I 62 -23.89 -23.90 29.11
N HIS I 63 -25.06 -24.44 28.74
CA HIS I 63 -26.27 -24.16 29.51
C HIS I 63 -26.08 -24.52 30.98
N ALA I 64 -25.49 -25.69 31.24
CA ALA I 64 -25.25 -26.10 32.62
C ALA I 64 -24.30 -25.14 33.33
N GLU I 65 -23.20 -24.75 32.67
CA GLU I 65 -22.25 -23.87 33.33
C GLU I 65 -22.80 -22.47 33.56
N LYS I 66 -23.66 -21.98 32.66
CA LYS I 66 -24.30 -20.69 32.87
C LYS I 66 -25.24 -20.73 34.07
N LEU I 67 -25.92 -21.86 34.30
CA LEU I 67 -26.73 -22.00 35.52
C LEU I 67 -25.84 -22.10 36.76
N MET I 68 -24.71 -22.81 36.66
CA MET I 68 -23.79 -22.84 37.80
C MET I 68 -23.31 -21.43 38.14
N LYS I 69 -22.91 -20.66 37.13
CA LYS I 69 -22.51 -19.27 37.36
C LYS I 69 -23.63 -18.48 38.00
N TYR I 70 -24.87 -18.69 37.54
CA TYR I 70 -25.99 -17.94 38.09
C TYR I 70 -26.22 -18.31 39.54
N GLN I 71 -26.14 -19.61 39.85
CA GLN I 71 -26.21 -20.05 41.25
C GLN I 71 -25.22 -19.27 42.12
N ASN I 72 -23.96 -19.20 41.68
CA ASN I 72 -22.94 -18.49 42.45
C ASN I 72 -23.27 -17.00 42.56
N LYS I 73 -23.73 -16.40 41.45
CA LYS I 73 -23.98 -14.96 41.43
C LYS I 73 -25.05 -14.58 42.46
N ARG I 74 -26.07 -15.42 42.63
CA ARG I 74 -27.14 -15.14 43.58
C ARG I 74 -26.79 -15.52 45.01
N GLY I 75 -25.64 -16.15 45.22
CA GLY I 75 -25.26 -16.60 46.55
C GLY I 75 -25.75 -17.98 46.91
N GLY I 76 -26.30 -18.71 45.94
CA GLY I 76 -26.59 -20.12 46.16
C GLY I 76 -25.31 -20.94 46.13
N ARG I 77 -25.44 -22.21 46.49
CA ARG I 77 -24.29 -23.10 46.53
C ARG I 77 -24.55 -24.28 45.61
N ILE I 78 -23.65 -24.48 44.63
CA ILE I 78 -23.76 -25.56 43.67
C ILE I 78 -23.56 -26.89 44.39
N VAL I 79 -24.51 -27.81 44.19
CA VAL I 79 -24.41 -29.18 44.71
C VAL I 79 -24.60 -30.13 43.53
N LEU I 80 -23.52 -30.77 43.10
CA LEU I 80 -23.53 -31.61 41.92
C LEU I 80 -24.01 -33.01 42.27
N GLN I 81 -24.59 -33.70 41.29
CA GLN I 81 -25.03 -35.08 41.46
C GLN I 81 -24.45 -35.91 40.32
N ASP I 82 -24.49 -37.24 40.47
CA ASP I 82 -24.04 -38.09 39.38
C ASP I 82 -24.73 -37.70 38.08
N ILE I 83 -24.02 -37.79 36.97
CA ILE I 83 -24.61 -37.59 35.65
C ILE I 83 -24.98 -38.98 35.12
N GLN I 84 -26.28 -39.28 35.06
CA GLN I 84 -26.71 -40.60 34.65
C GLN I 84 -26.36 -40.85 33.18
N LYS I 85 -25.97 -42.09 32.89
CA LYS I 85 -25.70 -42.45 31.50
C LYS I 85 -26.99 -42.41 30.68
N PRO I 86 -26.90 -42.19 29.37
CA PRO I 86 -28.11 -42.09 28.55
C PRO I 86 -28.90 -43.40 28.55
N ASP I 87 -30.17 -43.28 28.16
CA ASP I 87 -31.10 -44.41 28.25
C ASP I 87 -30.71 -45.55 27.31
N LEU I 88 -30.09 -45.23 26.18
CA LEU I 88 -29.73 -46.21 25.16
C LEU I 88 -28.24 -46.09 24.86
N ASP I 89 -27.65 -47.18 24.33
CA ASP I 89 -26.27 -47.15 23.82
C ASP I 89 -26.21 -46.89 22.32
N GLU I 90 -27.32 -47.11 21.61
CA GLU I 90 -27.43 -46.97 20.17
C GLU I 90 -28.74 -46.25 19.88
N TRP I 91 -28.77 -45.42 18.84
CA TRP I 91 -29.85 -44.47 18.66
C TRP I 91 -30.63 -44.66 17.37
N GLY I 92 -30.36 -45.72 16.63
CA GLY I 92 -31.18 -46.05 15.47
C GLY I 92 -30.90 -45.21 14.26
N SER I 93 -31.95 -44.90 13.49
CA SER I 93 -31.79 -44.11 12.28
C SER I 93 -31.67 -42.63 12.61
N PRO I 94 -31.21 -41.82 11.65
CA PRO I 94 -31.25 -40.37 11.86
C PRO I 94 -32.62 -39.88 12.29
N LEU I 95 -33.69 -40.33 11.65
CA LEU I 95 -35.03 -39.91 12.05
C LEU I 95 -35.31 -40.26 13.50
N GLU I 96 -35.00 -41.51 13.90
CA GLU I 96 -35.25 -41.93 15.28
C GLU I 96 -34.45 -41.11 16.27
N ALA I 97 -33.18 -40.81 15.96
CA ALA I 97 -32.37 -40.01 16.87
C ALA I 97 -32.92 -38.59 17.01
N MET I 98 -33.43 -38.01 15.92
CA MET I 98 -34.01 -36.68 16.01
C MET I 98 -35.32 -36.69 16.80
N GLN I 99 -36.11 -37.76 16.66
CA GLN I 99 -37.32 -37.88 17.45
C GLN I 99 -36.99 -38.00 18.95
N THR I 100 -35.96 -38.77 19.28
CA THR I 100 -35.49 -38.83 20.67
C THR I 100 -35.07 -37.45 21.16
N THR I 101 -34.34 -36.72 20.33
CA THR I 101 -33.87 -35.38 20.68
C THR I 101 -35.04 -34.42 20.93
N LEU I 102 -36.09 -34.49 20.11
CA LEU I 102 -37.26 -33.65 20.36
C LEU I 102 -37.83 -33.94 21.75
N ALA I 103 -37.98 -35.22 22.10
CA ALA I 103 -38.53 -35.56 23.40
C ALA I 103 -37.63 -35.07 24.51
N LEU I 104 -36.31 -35.19 24.32
CA LEU I 104 -35.38 -34.68 25.32
C LEU I 104 -35.53 -33.17 25.50
N GLU I 105 -35.52 -32.42 24.40
CA GLU I 105 -35.59 -30.97 24.51
C GLU I 105 -36.92 -30.52 25.12
N LYS I 106 -38.00 -31.23 24.81
CA LYS I 106 -39.30 -30.87 25.41
C LYS I 106 -39.31 -31.19 26.90
N SER I 107 -38.63 -32.26 27.30
CA SER I 107 -38.51 -32.57 28.72
C SER I 107 -37.71 -31.50 29.45
N VAL I 108 -36.58 -31.09 28.87
CA VAL I 108 -35.80 -30.01 29.46
C VAL I 108 -36.63 -28.73 29.52
N ASN I 109 -37.39 -28.43 28.46
CA ASN I 109 -38.21 -27.24 28.45
C ASN I 109 -39.25 -27.25 29.57
N GLN I 110 -39.92 -28.38 29.77
CA GLN I 110 -40.90 -28.45 30.85
C GLN I 110 -40.24 -28.26 32.21
N ALA I 111 -39.03 -28.80 32.39
CA ALA I 111 -38.31 -28.60 33.64
C ALA I 111 -37.97 -27.13 33.86
N LEU I 112 -37.59 -26.42 32.79
CA LEU I 112 -37.31 -24.99 32.91
C LEU I 112 -38.57 -24.21 33.24
N LEU I 113 -39.69 -24.56 32.61
CA LEU I 113 -40.95 -23.89 32.94
C LEU I 113 -41.35 -24.15 34.38
N ASP I 114 -41.10 -25.36 34.88
CA ASP I 114 -41.36 -25.64 36.29
C ASP I 114 -40.45 -24.81 37.20
N LEU I 115 -39.18 -24.65 36.81
CA LEU I 115 -38.26 -23.83 37.60
C LEU I 115 -38.68 -22.36 37.58
N HIS I 116 -39.14 -21.89 36.43
CA HIS I 116 -39.69 -20.54 36.35
C HIS I 116 -40.86 -20.36 37.30
N LYS I 117 -41.70 -21.40 37.46
CA LYS I 117 -42.84 -21.29 38.37
C LYS I 117 -42.37 -21.14 39.82
N ILE I 118 -41.29 -21.82 40.19
CA ILE I 118 -40.75 -21.68 41.53
C ILE I 118 -40.31 -20.24 41.76
N ALA I 119 -39.56 -19.66 40.80
CA ALA I 119 -39.13 -18.28 40.94
C ALA I 119 -40.32 -17.33 41.06
N ASP I 120 -41.35 -17.56 40.24
CA ASP I 120 -42.55 -16.73 40.30
C ASP I 120 -43.22 -16.84 41.66
N LYS I 121 -43.35 -18.07 42.16
CA LYS I 121 -43.96 -18.33 43.46
C LYS I 121 -43.32 -17.48 44.55
N HIS I 122 -42.01 -17.31 44.49
CA HIS I 122 -41.27 -16.57 45.52
C HIS I 122 -40.94 -15.15 45.10
N GLY I 123 -41.58 -14.64 44.05
CA GLY I 123 -41.38 -13.26 43.65
C GLY I 123 -39.98 -12.95 43.19
N ASP I 124 -39.28 -13.93 42.61
CA ASP I 124 -37.91 -13.72 42.16
C ASP I 124 -37.95 -13.18 40.74
N ALA I 125 -38.14 -11.86 40.64
CA ALA I 125 -38.32 -11.24 39.33
C ALA I 125 -37.05 -11.39 38.47
N GLN I 126 -35.88 -11.24 39.09
CA GLN I 126 -34.64 -11.31 38.32
C GLN I 126 -34.37 -12.73 37.82
N MET I 127 -34.65 -13.74 38.64
CA MET I 127 -34.50 -15.11 38.18
C MET I 127 -35.49 -15.44 37.07
N MET I 128 -36.72 -14.94 37.16
CA MET I 128 -37.67 -15.17 36.06
C MET I 128 -37.14 -14.59 34.75
N ASP I 129 -36.63 -13.35 34.79
CA ASP I 129 -36.11 -12.73 33.58
C ASP I 129 -34.87 -13.46 33.07
N PHE I 130 -34.00 -13.89 33.97
CA PHE I 130 -32.85 -14.69 33.57
C PHE I 130 -33.28 -15.95 32.84
N LEU I 131 -34.24 -16.67 33.40
CA LEU I 131 -34.72 -17.91 32.78
C LEU I 131 -35.36 -17.65 31.44
N GLU I 132 -36.24 -16.64 31.37
CA GLU I 132 -36.91 -16.32 30.11
C GLU I 132 -35.90 -16.02 29.01
N GLY I 133 -35.00 -15.07 29.26
CA GLY I 133 -34.12 -14.60 28.21
C GLY I 133 -33.01 -15.58 27.86
N GLU I 134 -32.46 -16.26 28.86
CA GLU I 134 -31.32 -17.15 28.63
C GLU I 134 -31.69 -18.60 28.40
N TYR I 135 -32.90 -19.04 28.77
CA TYR I 135 -33.24 -20.46 28.64
C TYR I 135 -34.52 -20.71 27.87
N LEU I 136 -35.61 -20.01 28.22
CA LEU I 136 -36.89 -20.31 27.59
C LEU I 136 -36.88 -19.96 26.09
N LYS I 137 -36.29 -18.82 25.73
CA LYS I 137 -36.23 -18.46 24.31
C LYS I 137 -35.48 -19.51 23.50
N GLU I 138 -34.29 -19.89 23.99
CA GLU I 138 -33.48 -20.87 23.26
C GLU I 138 -34.20 -22.21 23.11
N GLN I 139 -34.95 -22.63 24.15
CA GLN I 139 -35.67 -23.89 24.04
C GLN I 139 -36.72 -23.85 22.94
N VAL I 140 -37.49 -22.76 22.84
CA VAL I 140 -38.47 -22.67 21.77
C VAL I 140 -37.78 -22.72 20.41
N ASP I 141 -36.64 -22.05 20.27
CA ASP I 141 -35.90 -22.13 19.01
C ASP I 141 -35.41 -23.55 18.72
N ALA I 142 -34.89 -24.23 19.75
CA ALA I 142 -34.36 -25.58 19.55
C ALA I 142 -35.47 -26.56 19.19
N ILE I 143 -36.62 -26.45 19.83
CA ILE I 143 -37.72 -27.38 19.57
C ILE I 143 -38.21 -27.22 18.13
N GLU I 144 -38.30 -25.97 17.65
CA GLU I 144 -38.70 -25.76 16.27
C GLU I 144 -37.66 -26.31 15.30
N GLU I 145 -36.37 -26.06 15.57
CA GLU I 145 -35.33 -26.56 14.69
C GLU I 145 -35.36 -28.08 14.57
N ILE I 146 -35.56 -28.77 15.70
CA ILE I 146 -35.60 -30.24 15.66
C ILE I 146 -36.85 -30.72 14.93
N SER I 147 -37.98 -30.02 15.13
CA SER I 147 -39.20 -30.37 14.40
C SER I 147 -38.97 -30.31 12.89
N ASP I 148 -38.26 -29.27 12.43
CA ASP I 148 -37.89 -29.15 11.02
C ASP I 148 -37.07 -30.34 10.55
N HIS I 149 -36.04 -30.71 11.33
CA HIS I 149 -35.21 -31.86 10.95
C HIS I 149 -36.06 -33.12 10.79
N ILE I 150 -37.00 -33.36 11.71
CA ILE I 150 -37.82 -34.56 11.67
C ILE I 150 -38.68 -34.56 10.42
N THR I 151 -39.31 -33.43 10.11
CA THR I 151 -40.10 -33.33 8.89
C THR I 151 -39.25 -33.64 7.66
N ASN I 152 -38.06 -33.05 7.58
CA ASN I 152 -37.25 -33.27 6.39
C ASN I 152 -36.76 -34.70 6.30
N LEU I 153 -36.44 -35.31 7.44
CA LEU I 153 -36.02 -36.71 7.43
C LEU I 153 -37.15 -37.62 6.97
N LYS I 154 -38.38 -37.33 7.39
CA LYS I 154 -39.53 -38.08 6.87
C LYS I 154 -39.68 -37.87 5.38
N ARG I 155 -39.49 -36.64 4.90
CA ARG I 155 -39.64 -36.35 3.48
C ARG I 155 -38.60 -37.11 2.64
N VAL I 156 -37.33 -37.10 3.06
CA VAL I 156 -36.29 -37.68 2.20
C VAL I 156 -36.23 -39.21 2.28
N GLY I 157 -36.73 -39.81 3.36
CA GLY I 157 -36.76 -41.26 3.48
C GLY I 157 -35.40 -41.83 3.83
N THR I 158 -35.31 -43.15 3.83
CA THR I 158 -34.09 -43.85 4.21
C THR I 158 -33.17 -44.04 3.00
N GLY I 159 -31.90 -44.27 3.28
CA GLY I 159 -30.92 -44.57 2.23
C GLY I 159 -30.27 -43.30 1.68
N LEU I 160 -30.40 -43.09 0.36
CA LEU I 160 -29.81 -41.90 -0.24
C LEU I 160 -30.32 -40.62 0.41
N GLY I 161 -31.58 -40.60 0.84
CA GLY I 161 -32.10 -39.38 1.46
C GLY I 161 -31.35 -39.00 2.72
N GLU I 162 -31.05 -40.00 3.56
CA GLU I 162 -30.29 -39.75 4.79
C GLU I 162 -28.90 -39.23 4.47
N TYR I 163 -28.26 -39.81 3.47
CA TYR I 163 -26.93 -39.38 3.06
C TYR I 163 -26.97 -37.93 2.56
N MET I 164 -27.97 -37.60 1.75
CA MET I 164 -28.04 -36.25 1.19
C MET I 164 -28.37 -35.23 2.28
N TYR I 165 -29.24 -35.59 3.23
CA TYR I 165 -29.54 -34.66 4.31
C TYR I 165 -28.28 -34.36 5.12
N ASP I 166 -27.45 -35.37 5.33
CA ASP I 166 -26.15 -35.18 5.97
C ASP I 166 -25.30 -34.17 5.19
N LYS I 167 -25.28 -34.28 3.86
CA LYS I 167 -24.40 -33.43 3.06
C LYS I 167 -24.97 -32.02 2.88
N GLU I 168 -26.30 -31.89 2.81
CA GLU I 168 -26.89 -30.59 2.50
C GLU I 168 -27.27 -29.82 3.75
N THR I 169 -28.16 -30.36 4.57
CA THR I 169 -28.65 -29.60 5.72
C THR I 169 -27.68 -29.68 6.89
N MET I 170 -27.23 -30.89 7.24
CA MET I 170 -26.45 -31.02 8.47
C MET I 170 -25.05 -30.43 8.33
N SER I 171 -24.57 -30.18 7.12
CA SER I 171 -23.21 -29.68 6.94
C SER I 171 -23.10 -28.20 7.31
N GLN J 3 -17.86 -59.78 13.43
CA GLN J 3 -16.94 -58.70 13.79
C GLN J 3 -17.26 -57.39 13.08
N THR J 4 -17.00 -56.27 13.75
CA THR J 4 -17.11 -54.98 13.08
C THR J 4 -16.08 -54.88 11.96
N GLN J 5 -16.40 -54.05 10.95
CA GLN J 5 -15.54 -53.91 9.78
C GLN J 5 -14.09 -53.61 10.11
N PRO J 6 -13.76 -52.64 10.97
CA PRO J 6 -12.35 -52.30 11.17
C PRO J 6 -11.56 -53.34 11.96
N ARG J 7 -12.23 -54.23 12.68
CA ARG J 7 -11.56 -54.91 13.79
C ARG J 7 -10.39 -55.75 13.30
N GLN J 8 -9.21 -55.52 13.89
CA GLN J 8 -8.03 -56.30 13.59
C GLN J 8 -7.04 -56.16 14.73
N ASN J 9 -6.61 -57.29 15.28
CA ASN J 9 -5.64 -57.32 16.38
C ASN J 9 -6.12 -56.50 17.59
N PHE J 10 -7.43 -56.54 17.86
CA PHE J 10 -8.05 -55.70 18.90
C PHE J 10 -8.83 -56.62 19.85
N HIS J 11 -8.30 -56.80 21.06
CA HIS J 11 -8.86 -57.76 21.99
C HIS J 11 -10.04 -57.16 22.77
N VAL J 12 -11.01 -58.02 23.12
CA VAL J 12 -12.17 -57.53 23.87
C VAL J 12 -11.75 -56.97 25.23
N GLU J 13 -10.64 -57.43 25.80
CA GLU J 13 -10.20 -56.87 27.08
C GLU J 13 -9.69 -55.44 26.89
N SER J 14 -9.02 -55.17 25.77
CA SER J 14 -8.60 -53.82 25.45
C SER J 14 -9.80 -52.91 25.20
N GLU J 15 -10.77 -53.41 24.44
CA GLU J 15 -12.04 -52.69 24.24
C GLU J 15 -12.68 -52.32 25.58
N ALA J 16 -12.78 -53.30 26.49
CA ALA J 16 -13.40 -53.03 27.79
C ALA J 16 -12.55 -52.05 28.60
N GLY J 17 -11.23 -52.16 28.50
CA GLY J 17 -10.37 -51.24 29.22
C GLY J 17 -10.48 -49.80 28.73
N ILE J 18 -10.66 -49.62 27.42
CA ILE J 18 -10.86 -48.28 26.87
C ILE J 18 -12.17 -47.70 27.39
N ASN J 19 -13.22 -48.50 27.46
CA ASN J 19 -14.48 -47.98 27.96
C ASN J 19 -14.34 -47.55 29.42
N LYS J 20 -13.59 -48.31 30.23
CA LYS J 20 -13.37 -47.90 31.61
C LYS J 20 -12.59 -46.60 31.66
N GLN J 21 -11.57 -46.45 30.82
CA GLN J 21 -10.76 -45.23 30.85
C GLN J 21 -11.55 -44.03 30.37
N ILE J 22 -12.44 -44.22 29.39
CA ILE J 22 -13.30 -43.13 28.96
C ILE J 22 -14.07 -42.56 30.14
N ASN J 23 -14.64 -43.44 30.97
CA ASN J 23 -15.40 -42.96 32.12
C ASN J 23 -14.50 -42.22 33.10
N MET J 24 -13.26 -42.69 33.27
CA MET J 24 -12.37 -42.04 34.23
C MET J 24 -12.00 -40.64 33.76
N GLU J 25 -11.78 -40.46 32.46
CA GLU J 25 -11.49 -39.13 31.93
C GLU J 25 -12.69 -38.20 32.14
N LEU J 26 -13.90 -38.69 31.88
CA LEU J 26 -15.10 -37.89 32.13
C LEU J 26 -15.23 -37.55 33.60
N TYR J 27 -14.94 -38.52 34.47
CA TYR J 27 -14.95 -38.24 35.90
C TYR J 27 -13.96 -37.12 36.26
N ALA J 28 -12.74 -37.20 35.74
CA ALA J 28 -11.76 -36.16 36.03
C ALA J 28 -12.23 -34.81 35.52
N SER J 29 -12.88 -34.78 34.35
CA SER J 29 -13.46 -33.55 33.84
C SER J 29 -14.46 -32.96 34.81
N TYR J 30 -15.30 -33.82 35.42
CA TYR J 30 -16.32 -33.34 36.36
C TYR J 30 -15.70 -32.80 37.65
N VAL J 31 -14.67 -33.48 38.16
CA VAL J 31 -13.94 -32.95 39.31
C VAL J 31 -13.43 -31.53 39.02
N TYR J 32 -12.77 -31.35 37.87
CA TYR J 32 -12.22 -30.02 37.57
C TYR J 32 -13.33 -28.99 37.38
N GLN J 33 -14.46 -29.40 36.78
CA GLN J 33 -15.58 -28.47 36.66
C GLN J 33 -16.05 -28.02 38.03
N SER J 34 -16.10 -28.95 38.99
CA SER J 34 -16.51 -28.60 40.35
C SER J 34 -15.51 -27.62 40.96
N MET J 35 -14.21 -27.87 40.76
CA MET J 35 -13.20 -26.97 41.29
C MET J 35 -13.30 -25.58 40.66
N TYR J 36 -13.52 -25.54 39.35
CA TYR J 36 -13.74 -24.28 38.64
C TYR J 36 -14.83 -23.45 39.32
N MET J 37 -16.01 -24.06 39.51
CA MET J 37 -17.13 -23.33 40.10
C MET J 37 -16.92 -23.05 41.58
N TYR J 38 -16.08 -23.84 42.26
CA TYR J 38 -15.74 -23.54 43.64
C TYR J 38 -14.89 -22.28 43.73
N PHE J 39 -13.85 -22.17 42.92
CA PHE J 39 -13.05 -20.94 42.96
C PHE J 39 -13.80 -19.75 42.36
N ASP J 40 -14.91 -19.98 41.67
CA ASP J 40 -15.82 -18.92 41.21
C ASP J 40 -16.75 -18.43 42.31
N ARG J 41 -16.81 -19.08 43.46
CA ARG J 41 -17.70 -18.65 44.54
C ARG J 41 -17.33 -17.26 45.04
N ASP J 42 -18.35 -16.49 45.45
CA ASP J 42 -18.10 -15.13 45.94
C ASP J 42 -17.23 -15.12 47.18
N ASP J 43 -17.25 -16.20 47.97
CA ASP J 43 -16.46 -16.27 49.18
C ASP J 43 -15.14 -17.00 48.99
N VAL J 44 -14.74 -17.25 47.75
CA VAL J 44 -13.43 -17.79 47.42
C VAL J 44 -12.74 -16.82 46.46
N ALA J 45 -13.36 -16.61 45.29
CA ALA J 45 -13.09 -15.45 44.44
C ALA J 45 -11.63 -15.37 43.99
N LEU J 46 -11.14 -16.46 43.41
CA LEU J 46 -9.81 -16.51 42.80
C LEU J 46 -10.04 -16.86 41.33
N PRO J 47 -10.19 -15.85 40.46
CA PRO J 47 -10.72 -16.13 39.11
C PRO J 47 -9.72 -16.79 38.17
N SER J 48 -8.42 -16.60 38.38
CA SER J 48 -7.46 -17.28 37.51
C SER J 48 -7.33 -18.76 37.90
N PHE J 49 -7.36 -19.06 39.20
CA PHE J 49 -7.54 -20.46 39.60
C PHE J 49 -8.80 -21.04 38.97
N ALA J 50 -9.90 -20.28 39.01
CA ALA J 50 -11.13 -20.76 38.40
C ALA J 50 -10.92 -21.11 36.94
N LYS J 51 -10.31 -20.20 36.16
CA LYS J 51 -10.11 -20.45 34.74
C LYS J 51 -9.14 -21.61 34.51
N TYR J 52 -8.15 -21.78 35.39
CA TYR J 52 -7.25 -22.92 35.27
C TYR J 52 -8.01 -24.23 35.34
N PHE J 53 -8.92 -24.37 36.30
CA PHE J 53 -9.67 -25.61 36.40
C PHE J 53 -10.71 -25.74 35.29
N LYS J 54 -11.28 -24.62 34.84
CA LYS J 54 -12.12 -24.64 33.66
C LYS J 54 -11.39 -25.25 32.47
N HIS J 55 -10.15 -24.78 32.22
CA HIS J 55 -9.36 -25.31 31.13
C HIS J 55 -9.03 -26.79 31.33
N ASN J 56 -8.67 -27.17 32.55
CA ASN J 56 -8.35 -28.58 32.79
C ASN J 56 -9.59 -29.46 32.64
N SER J 57 -10.77 -28.94 32.99
CA SER J 57 -11.99 -29.68 32.75
C SER J 57 -12.20 -29.91 31.26
N GLU J 58 -11.95 -28.89 30.44
CA GLU J 58 -12.12 -29.04 29.00
C GLU J 58 -11.11 -30.02 28.43
N GLU J 59 -9.87 -29.99 28.93
CA GLU J 59 -8.86 -30.91 28.44
C GLU J 59 -9.23 -32.35 28.75
N GLU J 60 -9.73 -32.61 29.97
CA GLU J 60 -10.13 -33.96 30.32
C GLU J 60 -11.29 -34.44 29.46
N ARG J 61 -12.24 -33.56 29.15
CA ARG J 61 -13.31 -33.94 28.22
C ARG J 61 -12.73 -34.29 26.86
N GLU J 62 -11.71 -33.55 26.41
CA GLU J 62 -11.08 -33.87 25.13
C GLU J 62 -10.32 -35.18 25.20
N HIS J 63 -9.68 -35.48 26.34
CA HIS J 63 -9.07 -36.80 26.50
C HIS J 63 -10.11 -37.90 26.34
N ALA J 64 -11.29 -37.72 26.95
CA ALA J 64 -12.32 -38.75 26.86
C ALA J 64 -12.83 -38.90 25.44
N GLU J 65 -13.06 -37.79 24.73
CA GLU J 65 -13.55 -37.89 23.36
C GLU J 65 -12.51 -38.51 22.42
N LYS J 66 -11.23 -38.23 22.65
CA LYS J 66 -10.20 -38.86 21.82
C LYS J 66 -10.17 -40.38 22.02
N LEU J 67 -10.44 -40.84 23.24
CA LEU J 67 -10.51 -42.28 23.48
C LEU J 67 -11.76 -42.88 22.87
N MET J 68 -12.88 -42.16 22.93
CA MET J 68 -14.10 -42.60 22.23
C MET J 68 -13.85 -42.72 20.74
N LYS J 69 -13.22 -41.71 20.14
CA LYS J 69 -12.89 -41.79 18.72
C LYS J 69 -12.01 -42.99 18.42
N TYR J 70 -11.02 -43.25 19.30
CA TYR J 70 -10.12 -44.38 19.09
C TYR J 70 -10.87 -45.71 19.19
N GLN J 71 -11.75 -45.83 20.18
CA GLN J 71 -12.61 -47.02 20.28
C GLN J 71 -13.31 -47.28 18.96
N ASN J 72 -13.95 -46.26 18.40
CA ASN J 72 -14.64 -46.42 17.10
C ASN J 72 -13.66 -46.80 16.00
N LYS J 73 -12.50 -46.15 15.98
CA LYS J 73 -11.52 -46.38 14.91
C LYS J 73 -11.09 -47.84 14.88
N ARG J 74 -10.88 -48.44 16.06
CA ARG J 74 -10.48 -49.85 16.13
C ARG J 74 -11.65 -50.81 15.94
N GLY J 75 -12.88 -50.32 15.85
CA GLY J 75 -14.01 -51.20 15.73
C GLY J 75 -14.58 -51.68 17.05
N GLY J 76 -14.18 -51.06 18.16
CA GLY J 76 -14.83 -51.33 19.42
C GLY J 76 -16.13 -50.56 19.51
N ARG J 77 -16.88 -50.83 20.55
CA ARG J 77 -18.16 -50.18 20.75
C ARG J 77 -18.15 -49.45 22.08
N ILE J 78 -18.39 -48.14 22.02
CA ILE J 78 -18.42 -47.30 23.19
C ILE J 78 -19.61 -47.67 24.07
N VAL J 79 -19.34 -47.95 25.34
CA VAL J 79 -20.39 -48.18 26.33
C VAL J 79 -20.18 -47.19 27.47
N LEU J 80 -21.08 -46.24 27.60
CA LEU J 80 -20.93 -45.19 28.59
C LEU J 80 -21.49 -45.66 29.93
N GLN J 81 -20.94 -45.08 30.99
CA GLN J 81 -21.41 -45.34 32.35
C GLN J 81 -21.71 -44.00 33.01
N ASP J 82 -22.43 -44.06 34.13
CA ASP J 82 -22.69 -42.83 34.87
C ASP J 82 -21.39 -42.12 35.19
N ILE J 83 -21.43 -40.80 35.18
CA ILE J 83 -20.29 -39.99 35.63
C ILE J 83 -20.53 -39.66 37.09
N GLN J 84 -19.76 -40.28 37.96
CA GLN J 84 -19.97 -40.13 39.40
C GLN J 84 -19.61 -38.72 39.83
N LYS J 85 -20.40 -38.16 40.75
CA LYS J 85 -20.10 -36.82 41.23
C LYS J 85 -18.80 -36.83 42.03
N PRO J 86 -18.09 -35.70 42.08
CA PRO J 86 -16.82 -35.65 42.82
C PRO J 86 -17.00 -35.93 44.31
N ASP J 87 -15.89 -36.27 44.97
CA ASP J 87 -15.95 -36.70 46.37
C ASP J 87 -16.36 -35.58 47.31
N LEU J 88 -16.06 -34.33 46.96
CA LEU J 88 -16.36 -33.19 47.82
C LEU J 88 -17.19 -32.17 47.06
N ASP J 89 -17.93 -31.34 47.82
CA ASP J 89 -18.59 -30.18 47.24
C ASP J 89 -17.72 -28.92 47.31
N GLU J 90 -16.76 -28.88 48.22
CA GLU J 90 -15.86 -27.74 48.44
C GLU J 90 -14.44 -28.26 48.53
N TRP J 91 -13.47 -27.46 48.08
CA TRP J 91 -12.12 -27.97 47.88
C TRP J 91 -11.06 -27.29 48.74
N GLY J 92 -11.46 -26.49 49.73
CA GLY J 92 -10.48 -25.93 50.65
C GLY J 92 -9.64 -24.83 50.01
N SER J 93 -8.36 -24.78 50.40
CA SER J 93 -7.46 -23.74 49.92
C SER J 93 -6.93 -24.06 48.54
N PRO J 94 -6.35 -23.08 47.86
CA PRO J 94 -5.66 -23.38 46.59
C PRO J 94 -4.66 -24.51 46.74
N LEU J 95 -3.86 -24.50 47.81
CA LEU J 95 -2.90 -25.58 48.03
C LEU J 95 -3.59 -26.93 48.13
N GLU J 96 -4.66 -27.03 48.94
CA GLU J 96 -5.37 -28.29 49.07
C GLU J 96 -5.99 -28.73 47.75
N ALA J 97 -6.60 -27.79 47.02
CA ALA J 97 -7.16 -28.14 45.71
C ALA J 97 -6.08 -28.72 44.79
N MET J 98 -4.89 -28.12 44.78
CA MET J 98 -3.83 -28.62 43.91
C MET J 98 -3.31 -29.97 44.39
N GLN J 99 -3.24 -30.19 45.70
CA GLN J 99 -2.86 -31.51 46.19
C GLN J 99 -3.88 -32.56 45.80
N THR J 100 -5.17 -32.21 45.86
CA THR J 100 -6.20 -33.11 45.35
C THR J 100 -6.01 -33.38 43.87
N THR J 101 -5.66 -32.36 43.09
CA THR J 101 -5.45 -32.53 41.65
C THR J 101 -4.27 -33.45 41.38
N LEU J 102 -3.20 -33.36 42.15
CA LEU J 102 -2.05 -34.24 41.95
C LEU J 102 -2.46 -35.71 42.14
N ALA J 103 -3.20 -35.98 43.20
CA ALA J 103 -3.67 -37.34 43.47
C ALA J 103 -4.57 -37.84 42.34
N LEU J 104 -5.45 -36.97 41.84
CA LEU J 104 -6.32 -37.36 40.72
C LEU J 104 -5.51 -37.70 39.48
N GLU J 105 -4.55 -36.82 39.11
CA GLU J 105 -3.78 -37.09 37.90
C GLU J 105 -2.91 -38.32 38.04
N LYS J 106 -2.38 -38.60 39.23
CA LYS J 106 -1.62 -39.84 39.43
C LYS J 106 -2.50 -41.07 39.34
N SER J 107 -3.75 -40.98 39.81
CA SER J 107 -4.63 -42.14 39.68
C SER J 107 -5.03 -42.35 38.22
N VAL J 108 -5.28 -41.27 37.48
CA VAL J 108 -5.53 -41.41 36.04
C VAL J 108 -4.32 -42.02 35.35
N ASN J 109 -3.13 -41.59 35.74
CA ASN J 109 -1.90 -42.12 35.14
C ASN J 109 -1.75 -43.60 35.43
N GLN J 110 -1.99 -44.03 36.67
CA GLN J 110 -1.91 -45.46 36.97
C GLN J 110 -2.91 -46.25 36.14
N ALA J 111 -4.11 -45.69 35.93
CA ALA J 111 -5.12 -46.37 35.11
C ALA J 111 -4.66 -46.49 33.66
N LEU J 112 -4.02 -45.43 33.13
CA LEU J 112 -3.48 -45.48 31.78
C LEU J 112 -2.36 -46.50 31.67
N LEU J 113 -1.49 -46.56 32.67
CA LEU J 113 -0.44 -47.56 32.66
C LEU J 113 -1.01 -48.97 32.71
N ASP J 114 -2.07 -49.17 33.50
CA ASP J 114 -2.71 -50.48 33.55
C ASP J 114 -3.36 -50.81 32.21
N LEU J 115 -3.97 -49.82 31.55
CA LEU J 115 -4.54 -50.06 30.22
C LEU J 115 -3.46 -50.40 29.21
N HIS J 116 -2.31 -49.73 29.30
CA HIS J 116 -1.18 -50.06 28.43
C HIS J 116 -0.71 -51.49 28.64
N LYS J 117 -0.72 -51.98 29.89
CA LYS J 117 -0.35 -53.38 30.15
C LYS J 117 -1.31 -54.34 29.46
N ILE J 118 -2.61 -54.00 29.41
CA ILE J 118 -3.57 -54.85 28.71
C ILE J 118 -3.24 -54.92 27.23
N ALA J 119 -2.96 -53.76 26.61
CA ALA J 119 -2.59 -53.77 25.20
C ALA J 119 -1.34 -54.61 24.96
N ASP J 120 -0.34 -54.46 25.84
CA ASP J 120 0.90 -55.23 25.71
C ASP J 120 0.64 -56.72 25.83
N LYS J 121 -0.20 -57.11 26.80
CA LYS J 121 -0.54 -58.51 26.98
C LYS J 121 -1.09 -59.12 25.70
N HIS J 122 -1.84 -58.36 24.91
CA HIS J 122 -2.47 -58.88 23.71
C HIS J 122 -1.74 -58.49 22.43
N GLY J 123 -0.50 -58.03 22.56
CA GLY J 123 0.31 -57.72 21.39
C GLY J 123 -0.25 -56.58 20.56
N ASP J 124 -0.95 -55.64 21.18
CA ASP J 124 -1.59 -54.55 20.44
C ASP J 124 -0.61 -53.40 20.32
N ALA J 125 0.30 -53.53 19.33
CA ALA J 125 1.38 -52.56 19.18
C ALA J 125 0.85 -51.16 18.89
N GLN J 126 -0.18 -51.07 18.05
CA GLN J 126 -0.70 -49.75 17.69
C GLN J 126 -1.37 -49.08 18.88
N MET J 127 -2.13 -49.84 19.68
CA MET J 127 -2.75 -49.24 20.86
C MET J 127 -1.70 -48.79 21.87
N MET J 128 -0.63 -49.57 22.05
CA MET J 128 0.44 -49.13 22.94
C MET J 128 1.02 -47.80 22.49
N ASP J 129 1.25 -47.65 21.19
CA ASP J 129 1.85 -46.41 20.70
C ASP J 129 0.89 -45.25 20.85
N PHE J 130 -0.39 -45.48 20.54
CA PHE J 130 -1.41 -44.46 20.78
C PHE J 130 -1.44 -44.01 22.23
N LEU J 131 -1.44 -44.95 23.17
CA LEU J 131 -1.48 -44.58 24.58
C LEU J 131 -0.20 -43.84 25.00
N GLU J 132 0.95 -44.31 24.54
CA GLU J 132 2.20 -43.66 24.91
C GLU J 132 2.25 -42.22 24.43
N GLY J 133 1.99 -42.00 23.15
CA GLY J 133 2.11 -40.68 22.57
C GLY J 133 1.00 -39.72 22.95
N GLU J 134 -0.23 -40.22 23.06
CA GLU J 134 -1.38 -39.34 23.27
C GLU J 134 -1.81 -39.22 24.72
N TYR J 135 -1.36 -40.13 25.60
CA TYR J 135 -1.82 -40.10 26.99
C TYR J 135 -0.68 -40.13 28.00
N LEU J 136 0.26 -41.05 27.84
CA LEU J 136 1.31 -41.20 28.85
C LEU J 136 2.22 -39.96 28.91
N LYS J 137 2.61 -39.45 27.74
CA LYS J 137 3.44 -38.25 27.71
C LYS J 137 2.73 -37.09 28.38
N GLU J 138 1.45 -36.88 28.03
CA GLU J 138 0.69 -35.78 28.61
C GLU J 138 0.59 -35.90 30.13
N GLN J 139 0.39 -37.12 30.65
CA GLN J 139 0.25 -37.29 32.10
C GLN J 139 1.55 -36.92 32.83
N VAL J 140 2.70 -37.31 32.27
CA VAL J 140 3.96 -36.95 32.93
C VAL J 140 4.11 -35.43 32.99
N ASP J 141 3.80 -34.75 31.88
CA ASP J 141 3.85 -33.28 31.87
C ASP J 141 2.88 -32.69 32.88
N ALA J 142 1.65 -33.22 32.95
CA ALA J 142 0.65 -32.69 33.87
C ALA J 142 1.08 -32.87 35.31
N ILE J 143 1.62 -34.04 35.66
CA ILE J 143 1.99 -34.32 37.03
C ILE J 143 3.13 -33.41 37.47
N GLU J 144 4.07 -33.14 36.58
CA GLU J 144 5.15 -32.22 36.93
C GLU J 144 4.63 -30.79 37.09
N GLU J 145 3.71 -30.36 36.22
CA GLU J 145 3.18 -29.01 36.33
C GLU J 145 2.43 -28.82 37.65
N ILE J 146 1.64 -29.81 38.05
CA ILE J 146 0.93 -29.70 39.32
C ILE J 146 1.90 -29.70 40.49
N SER J 147 2.94 -30.55 40.43
CA SER J 147 3.96 -30.54 41.46
C SER J 147 4.57 -29.15 41.62
N ASP J 148 4.86 -28.47 40.49
CA ASP J 148 5.37 -27.10 40.56
C ASP J 148 4.38 -26.18 41.27
N HIS J 149 3.08 -26.31 40.97
CA HIS J 149 2.08 -25.46 41.61
C HIS J 149 2.08 -25.64 43.12
N ILE J 150 2.12 -26.91 43.57
CA ILE J 150 2.10 -27.19 45.00
C ILE J 150 3.30 -26.58 45.68
N THR J 151 4.48 -26.73 45.08
CA THR J 151 5.68 -26.15 45.67
C THR J 151 5.56 -24.64 45.79
N ASN J 152 5.11 -23.99 44.72
CA ASN J 152 4.97 -22.53 44.77
C ASN J 152 3.92 -22.10 45.79
N LEU J 153 2.80 -22.82 45.86
CA LEU J 153 1.77 -22.44 46.83
C LEU J 153 2.25 -22.64 48.27
N LYS J 154 3.07 -23.67 48.52
CA LYS J 154 3.71 -23.75 49.83
C LYS J 154 4.66 -22.59 50.07
N ARG J 155 5.38 -22.17 49.03
CA ARG J 155 6.36 -21.09 49.22
C ARG J 155 5.67 -19.77 49.54
N VAL J 156 4.59 -19.42 48.82
CA VAL J 156 3.99 -18.10 48.98
C VAL J 156 3.09 -18.00 50.20
N GLY J 157 2.60 -19.14 50.74
CA GLY J 157 1.77 -19.13 51.94
C GLY J 157 0.34 -18.69 51.67
N THR J 158 -0.42 -18.52 52.76
CA THR J 158 -1.82 -18.13 52.68
C THR J 158 -1.97 -16.62 52.70
N GLY J 159 -3.11 -16.15 52.22
CA GLY J 159 -3.42 -14.72 52.23
C GLY J 159 -2.92 -14.03 50.97
N LEU J 160 -2.06 -13.02 51.15
CA LEU J 160 -1.55 -12.28 50.00
C LEU J 160 -0.86 -13.20 49.02
N GLY J 161 -0.18 -14.25 49.51
CA GLY J 161 0.51 -15.15 48.61
C GLY J 161 -0.41 -15.85 47.64
N GLU J 162 -1.58 -16.30 48.12
CA GLU J 162 -2.55 -16.95 47.25
C GLU J 162 -3.07 -15.98 46.20
N TYR J 163 -3.32 -14.74 46.61
CA TYR J 163 -3.80 -13.73 45.68
C TYR J 163 -2.76 -13.45 44.59
N MET J 164 -1.50 -13.29 44.98
CA MET J 164 -0.46 -12.99 43.99
C MET J 164 -0.21 -14.18 43.07
N TYR J 165 -0.28 -15.40 43.60
CA TYR J 165 -0.15 -16.57 42.73
C TYR J 165 -1.25 -16.60 41.68
N ASP J 166 -2.47 -16.27 42.09
CA ASP J 166 -3.57 -16.14 41.13
C ASP J 166 -3.23 -15.11 40.04
N LYS J 167 -2.67 -13.97 40.44
CA LYS J 167 -2.41 -12.91 39.48
C LYS J 167 -1.17 -13.14 38.63
N GLU J 168 -0.17 -13.85 39.14
CA GLU J 168 1.14 -13.92 38.48
C GLU J 168 1.39 -15.21 37.73
N THR J 169 1.01 -16.36 38.29
CA THR J 169 1.20 -17.63 37.61
C THR J 169 -0.08 -18.14 36.95
N MET J 170 -1.20 -18.09 37.66
CA MET J 170 -2.41 -18.72 37.14
C MET J 170 -3.06 -17.93 36.02
N SER J 171 -2.74 -16.64 35.87
CA SER J 171 -3.38 -15.84 34.83
C SER J 171 -2.58 -15.91 33.52
N GLN K 3 -5.34 40.52 -49.01
CA GLN K 3 -4.91 40.48 -47.62
C GLN K 3 -4.80 39.03 -47.14
N THR K 4 -4.03 38.79 -46.08
CA THR K 4 -3.96 37.46 -45.51
C THR K 4 -5.28 37.08 -44.85
N GLN K 5 -5.54 35.77 -44.71
CA GLN K 5 -6.92 35.44 -44.31
C GLN K 5 -7.26 35.92 -42.89
N PRO K 6 -6.34 35.93 -41.92
CA PRO K 6 -6.72 36.41 -40.58
C PRO K 6 -6.95 37.90 -40.50
N ARG K 7 -6.45 38.69 -41.44
CA ARG K 7 -6.22 40.11 -41.17
C ARG K 7 -7.50 40.87 -40.91
N GLN K 8 -7.57 41.54 -39.77
CA GLN K 8 -8.72 42.36 -39.42
C GLN K 8 -8.30 43.40 -38.40
N ASN K 9 -8.53 44.68 -38.71
CA ASN K 9 -8.21 45.78 -37.80
C ASN K 9 -6.72 45.81 -37.44
N PHE K 10 -5.85 45.51 -38.42
CA PHE K 10 -4.42 45.36 -38.18
C PHE K 10 -3.67 46.24 -39.18
N HIS K 11 -3.08 47.33 -38.69
CA HIS K 11 -2.51 48.32 -39.58
C HIS K 11 -1.08 47.94 -39.98
N VAL K 12 -0.69 48.33 -41.20
CA VAL K 12 0.67 48.01 -41.65
C VAL K 12 1.71 48.65 -40.74
N GLU K 13 1.38 49.77 -40.09
CA GLU K 13 2.35 50.39 -39.19
C GLU K 13 2.54 49.56 -37.93
N SER K 14 1.46 48.96 -37.42
CA SER K 14 1.58 48.04 -36.30
C SER K 14 2.39 46.80 -36.69
N GLU K 15 2.15 46.29 -37.89
CA GLU K 15 2.92 45.14 -38.39
C GLU K 15 4.41 45.46 -38.45
N ALA K 16 4.76 46.64 -38.98
CA ALA K 16 6.17 47.01 -39.07
C ALA K 16 6.76 47.18 -37.68
N GLY K 17 6.00 47.77 -36.76
CA GLY K 17 6.49 47.98 -35.41
C GLY K 17 6.76 46.69 -34.68
N ILE K 18 5.90 45.68 -34.91
CA ILE K 18 6.15 44.36 -34.31
C ILE K 18 7.44 43.76 -34.85
N ASN K 19 7.68 43.87 -36.17
CA ASN K 19 8.94 43.36 -36.71
C ASN K 19 10.14 44.04 -36.08
N LYS K 20 10.05 45.35 -35.85
CA LYS K 20 11.13 46.06 -35.18
C LYS K 20 11.34 45.55 -33.77
N GLN K 21 10.25 45.35 -33.03
CA GLN K 21 10.35 44.89 -31.65
C GLN K 21 10.89 43.47 -31.57
N ILE K 22 10.53 42.61 -32.52
CA ILE K 22 11.09 41.26 -32.56
C ILE K 22 12.61 41.34 -32.59
N ASN K 23 13.15 42.23 -33.42
CA ASN K 23 14.61 42.35 -33.52
C ASN K 23 15.21 42.86 -32.22
N MET K 24 14.53 43.79 -31.55
CA MET K 24 15.06 44.31 -30.30
C MET K 24 15.07 43.24 -29.22
N GLU K 25 14.04 42.39 -29.18
CA GLU K 25 14.02 41.29 -28.21
C GLU K 25 15.15 40.31 -28.47
N LEU K 26 15.40 39.98 -29.75
CA LEU K 26 16.52 39.10 -30.10
C LEU K 26 17.84 39.73 -29.71
N TYR K 27 17.98 41.03 -29.96
CA TYR K 27 19.18 41.74 -29.53
C TYR K 27 19.38 41.63 -28.02
N ALA K 28 18.33 41.88 -27.24
CA ALA K 28 18.45 41.75 -25.79
C ALA K 28 18.87 40.34 -25.41
N SER K 29 18.30 39.34 -26.08
CA SER K 29 18.69 37.96 -25.80
C SER K 29 20.19 37.78 -26.01
N TYR K 30 20.73 38.38 -27.07
CA TYR K 30 22.14 38.23 -27.39
C TYR K 30 23.02 38.92 -26.34
N VAL K 31 22.60 40.10 -25.88
CA VAL K 31 23.32 40.78 -24.81
C VAL K 31 23.42 39.88 -23.58
N TYR K 32 22.29 39.34 -23.14
CA TYR K 32 22.32 38.49 -21.96
C TYR K 32 23.16 37.23 -22.19
N GLN K 33 23.09 36.66 -23.39
CA GLN K 33 23.95 35.51 -23.69
C GLN K 33 25.42 35.89 -23.53
N SER K 34 25.80 37.08 -23.95
CA SER K 34 27.18 37.54 -23.80
C SER K 34 27.54 37.73 -22.33
N MET K 35 26.64 38.33 -21.54
CA MET K 35 26.91 38.45 -20.11
C MET K 35 27.02 37.09 -19.44
N TYR K 36 26.14 36.16 -19.80
CA TYR K 36 26.22 34.80 -19.30
C TYR K 36 27.62 34.23 -19.48
N MET K 37 28.14 34.28 -20.71
CA MET K 37 29.44 33.68 -20.99
C MET K 37 30.59 34.51 -20.44
N TYR K 38 30.35 35.80 -20.16
CA TYR K 38 31.37 36.60 -19.49
C TYR K 38 31.52 36.18 -18.04
N PHE K 39 30.40 36.00 -17.32
CA PHE K 39 30.53 35.56 -15.94
C PHE K 39 30.97 34.10 -15.82
N ASP K 40 30.92 33.36 -16.92
CA ASP K 40 31.46 32.00 -16.99
C ASP K 40 32.98 31.98 -17.25
N ARG K 41 33.60 33.10 -17.56
CA ARG K 41 35.05 33.14 -17.77
C ARG K 41 35.81 32.71 -16.52
N ASP K 42 36.96 32.06 -16.73
CA ASP K 42 37.75 31.58 -15.59
C ASP K 42 38.25 32.72 -14.71
N ASP K 43 38.42 33.92 -15.28
CA ASP K 43 38.89 35.07 -14.53
C ASP K 43 37.75 35.95 -14.02
N VAL K 44 36.51 35.48 -14.12
CA VAL K 44 35.38 36.17 -13.51
C VAL K 44 34.75 35.19 -12.54
N ALA K 45 34.23 34.08 -13.07
CA ALA K 45 33.93 32.87 -12.30
C ALA K 45 32.87 33.12 -11.23
N LEU K 46 31.75 33.69 -11.63
CA LEU K 46 30.60 33.89 -10.75
C LEU K 46 29.46 33.09 -11.36
N PRO K 47 29.29 31.82 -10.97
CA PRO K 47 28.43 30.93 -11.76
C PRO K 47 26.95 31.17 -11.59
N SER K 48 26.50 31.76 -10.48
CA SER K 48 25.07 32.04 -10.36
C SER K 48 24.68 33.31 -11.09
N PHE K 49 25.55 34.32 -11.08
CA PHE K 49 25.39 35.43 -12.03
C PHE K 49 25.32 34.91 -13.45
N ALA K 50 26.23 34.00 -13.80
CA ALA K 50 26.22 33.40 -15.14
C ALA K 50 24.86 32.78 -15.44
N LYS K 51 24.35 31.94 -14.54
CA LYS K 51 23.07 31.28 -14.76
C LYS K 51 21.91 32.26 -14.82
N TYR K 52 21.98 33.34 -14.05
CA TYR K 52 20.93 34.37 -14.08
C TYR K 52 20.82 35.01 -15.46
N PHE K 53 21.96 35.35 -16.06
CA PHE K 53 21.94 35.93 -17.40
C PHE K 53 21.59 34.90 -18.47
N LYS K 54 21.98 33.63 -18.27
CA LYS K 54 21.51 32.56 -19.15
C LYS K 54 19.99 32.52 -19.17
N HIS K 55 19.37 32.56 -18.00
CA HIS K 55 17.92 32.58 -17.90
C HIS K 55 17.32 33.81 -18.57
N ASN K 56 17.90 34.99 -18.31
CA ASN K 56 17.40 36.20 -18.93
C ASN K 56 17.49 36.12 -20.45
N SER K 57 18.58 35.53 -20.96
CA SER K 57 18.72 35.37 -22.41
C SER K 57 17.61 34.49 -22.99
N GLU K 58 17.29 33.39 -22.31
CA GLU K 58 16.24 32.51 -22.78
C GLU K 58 14.87 33.19 -22.70
N GLU K 59 14.64 33.97 -21.65
CA GLU K 59 13.36 34.70 -21.55
C GLU K 59 13.21 35.69 -22.70
N GLU K 60 14.27 36.44 -23.01
CA GLU K 60 14.19 37.39 -24.11
C GLU K 60 13.92 36.70 -25.44
N ARG K 61 14.51 35.51 -25.65
CA ARG K 61 14.20 34.76 -26.86
C ARG K 61 12.73 34.36 -26.88
N GLU K 62 12.18 33.98 -25.71
CA GLU K 62 10.76 33.67 -25.63
C GLU K 62 9.91 34.91 -25.92
N HIS K 63 10.32 36.09 -25.44
CA HIS K 63 9.57 37.30 -25.77
C HIS K 63 9.55 37.53 -27.28
N ALA K 64 10.69 37.31 -27.93
CA ALA K 64 10.76 37.47 -29.39
C ALA K 64 9.84 36.50 -30.10
N GLU K 65 9.87 35.23 -29.69
CA GLU K 65 9.06 34.23 -30.38
C GLU K 65 7.58 34.47 -30.15
N LYS K 66 7.20 34.97 -28.96
CA LYS K 66 5.79 35.27 -28.71
C LYS K 66 5.30 36.40 -29.61
N LEU K 67 6.16 37.38 -29.87
CA LEU K 67 5.82 38.43 -30.83
C LEU K 67 5.78 37.89 -32.26
N MET K 68 6.69 36.98 -32.62
CA MET K 68 6.59 36.36 -33.93
C MET K 68 5.28 35.60 -34.09
N LYS K 69 4.89 34.84 -33.05
CA LYS K 69 3.62 34.12 -33.13
C LYS K 69 2.45 35.09 -33.22
N TYR K 70 2.54 36.23 -32.52
CA TYR K 70 1.45 37.19 -32.57
C TYR K 70 1.32 37.81 -33.95
N GLN K 71 2.46 38.12 -34.58
CA GLN K 71 2.48 38.62 -35.95
C GLN K 71 1.71 37.67 -36.88
N ASN K 72 2.07 36.38 -36.86
CA ASN K 72 1.37 35.39 -37.67
C ASN K 72 -0.12 35.35 -37.33
N LYS K 73 -0.45 35.33 -36.04
CA LYS K 73 -1.85 35.24 -35.62
C LYS K 73 -2.70 36.37 -36.21
N ARG K 74 -2.15 37.58 -36.25
CA ARG K 74 -2.88 38.72 -36.78
C ARG K 74 -2.84 38.78 -38.30
N GLY K 75 -2.13 37.88 -38.96
CA GLY K 75 -1.99 37.93 -40.41
C GLY K 75 -0.88 38.83 -40.92
N GLY K 76 0.00 39.29 -40.04
CA GLY K 76 1.19 39.99 -40.49
C GLY K 76 2.24 39.00 -40.94
N ARG K 77 3.31 39.52 -41.51
CA ARG K 77 4.39 38.69 -42.03
C ARG K 77 5.69 39.07 -41.34
N ILE K 78 6.35 38.08 -40.74
CA ILE K 78 7.61 38.28 -40.04
C ILE K 78 8.70 38.60 -41.06
N VAL K 79 9.41 39.69 -40.81
CA VAL K 79 10.58 40.06 -41.61
C VAL K 79 11.74 40.22 -40.63
N LEU K 80 12.67 39.28 -40.66
CA LEU K 80 13.79 39.26 -39.72
C LEU K 80 14.89 40.19 -40.21
N GLN K 81 15.66 40.73 -39.26
CA GLN K 81 16.84 41.53 -39.59
C GLN K 81 18.05 40.95 -38.86
N ASP K 82 19.25 41.38 -39.26
CA ASP K 82 20.44 40.93 -38.54
C ASP K 82 20.29 41.22 -37.05
N ILE K 83 20.82 40.33 -36.23
CA ILE K 83 20.88 40.56 -34.79
C ILE K 83 22.25 41.13 -34.49
N GLN K 84 22.31 42.41 -34.12
CA GLN K 84 23.60 43.07 -33.92
C GLN K 84 24.30 42.50 -32.69
N LYS K 85 25.63 42.36 -32.78
CA LYS K 85 26.39 41.92 -31.62
C LYS K 85 26.28 42.95 -30.50
N PRO K 86 26.47 42.53 -29.25
CA PRO K 86 26.34 43.46 -28.13
C PRO K 86 27.36 44.58 -28.20
N ASP K 87 27.07 45.64 -27.45
CA ASP K 87 27.90 46.84 -27.48
C ASP K 87 29.31 46.59 -26.95
N LEU K 88 29.46 45.64 -26.03
CA LEU K 88 30.72 45.36 -25.39
C LEU K 88 31.02 43.86 -25.51
N ASP K 89 32.30 43.53 -25.37
CA ASP K 89 32.73 42.14 -25.26
C ASP K 89 32.92 41.69 -23.81
N GLU K 90 33.09 42.63 -22.89
CA GLU K 90 33.30 42.39 -21.48
C GLU K 90 32.44 43.37 -20.71
N TRP K 91 31.93 42.95 -19.55
CA TRP K 91 30.87 43.70 -18.90
C TRP K 91 31.24 44.25 -17.52
N GLY K 92 32.50 44.19 -17.13
CA GLY K 92 32.90 44.83 -15.88
C GLY K 92 32.50 44.01 -14.65
N SER K 93 32.22 44.72 -13.58
CA SER K 93 31.85 44.08 -12.32
C SER K 93 30.39 43.64 -12.37
N PRO K 94 29.97 42.80 -11.42
CA PRO K 94 28.54 42.51 -11.29
C PRO K 94 27.68 43.76 -11.20
N LEU K 95 28.09 44.77 -10.42
CA LEU K 95 27.31 46.01 -10.34
C LEU K 95 27.19 46.66 -11.71
N GLU K 96 28.30 46.81 -12.42
CA GLU K 96 28.27 47.44 -13.73
C GLU K 96 27.40 46.65 -14.72
N ALA K 97 27.49 45.31 -14.70
CA ALA K 97 26.65 44.53 -15.59
C ALA K 97 25.17 44.73 -15.27
N MET K 98 24.82 44.79 -13.98
CA MET K 98 23.41 45.01 -13.64
C MET K 98 22.96 46.41 -14.05
N GLN K 99 23.84 47.40 -13.90
CA GLN K 99 23.52 48.76 -14.38
C GLN K 99 23.30 48.77 -15.89
N THR K 100 24.15 48.08 -16.63
CA THR K 100 23.92 47.95 -18.07
C THR K 100 22.58 47.27 -18.35
N THR K 101 22.25 46.24 -17.57
CA THR K 101 21.00 45.53 -17.74
C THR K 101 19.79 46.42 -17.48
N LEU K 102 19.86 47.30 -16.48
CA LEU K 102 18.75 48.21 -16.23
C LEU K 102 18.52 49.13 -17.42
N ALA K 103 19.60 49.70 -17.97
CA ALA K 103 19.46 50.57 -19.12
C ALA K 103 18.86 49.82 -20.31
N LEU K 104 19.27 48.56 -20.50
CA LEU K 104 18.72 47.77 -21.60
C LEU K 104 17.23 47.52 -21.41
N GLU K 105 16.82 47.09 -20.22
CA GLU K 105 15.42 46.81 -20.00
C GLU K 105 14.57 48.09 -20.10
N LYS K 106 15.11 49.23 -19.68
CA LYS K 106 14.36 50.47 -19.85
C LYS K 106 14.25 50.86 -21.31
N SER K 107 15.29 50.60 -22.11
CA SER K 107 15.17 50.94 -23.52
C SER K 107 14.17 50.01 -24.21
N VAL K 108 14.17 48.73 -23.85
CA VAL K 108 13.14 47.82 -24.36
C VAL K 108 11.74 48.27 -23.94
N ASN K 109 11.60 48.70 -22.68
CA ASN K 109 10.30 49.16 -22.20
C ASN K 109 9.83 50.40 -22.99
N GLN K 110 10.73 51.34 -23.25
CA GLN K 110 10.33 52.51 -24.02
C GLN K 110 9.90 52.10 -25.43
N ALA K 111 10.60 51.14 -26.03
CA ALA K 111 10.20 50.67 -27.36
C ALA K 111 8.81 50.03 -27.33
N LEU K 112 8.51 49.25 -26.30
CA LEU K 112 7.19 48.64 -26.18
C LEU K 112 6.13 49.71 -25.95
N LEU K 113 6.43 50.72 -25.14
CA LEU K 113 5.47 51.81 -24.97
C LEU K 113 5.24 52.55 -26.27
N ASP K 114 6.28 52.71 -27.09
CA ASP K 114 6.09 53.34 -28.39
C ASP K 114 5.25 52.46 -29.32
N LEU K 115 5.45 51.13 -29.25
CA LEU K 115 4.64 50.22 -30.07
C LEU K 115 3.19 50.26 -29.64
N HIS K 116 2.95 50.33 -28.33
CA HIS K 116 1.60 50.50 -27.80
C HIS K 116 0.95 51.75 -28.35
N LYS K 117 1.72 52.84 -28.49
CA LYS K 117 1.15 54.07 -29.04
C LYS K 117 0.71 53.88 -30.49
N ILE K 118 1.48 53.11 -31.26
CA ILE K 118 1.08 52.82 -32.64
C ILE K 118 -0.24 52.05 -32.66
N ALA K 119 -0.37 51.03 -31.82
CA ALA K 119 -1.61 50.26 -31.78
C ALA K 119 -2.79 51.15 -31.38
N ASP K 120 -2.55 52.02 -30.39
CA ASP K 120 -3.59 52.95 -29.95
C ASP K 120 -3.99 53.91 -31.07
N LYS K 121 -3.01 54.49 -31.75
CA LYS K 121 -3.29 55.39 -32.86
C LYS K 121 -4.22 54.75 -33.89
N HIS K 122 -4.12 53.44 -34.11
CA HIS K 122 -4.91 52.76 -35.13
C HIS K 122 -6.10 52.01 -34.54
N GLY K 123 -6.46 52.29 -33.29
CA GLY K 123 -7.61 51.64 -32.67
C GLY K 123 -7.48 50.14 -32.57
N ASP K 124 -6.25 49.63 -32.39
CA ASP K 124 -6.03 48.18 -32.30
C ASP K 124 -6.16 47.77 -30.84
N ALA K 125 -7.42 47.61 -30.42
CA ALA K 125 -7.71 47.30 -29.03
C ALA K 125 -7.09 45.98 -28.59
N GLN K 126 -7.13 44.97 -29.45
CA GLN K 126 -6.61 43.67 -29.04
C GLN K 126 -5.09 43.69 -28.94
N MET K 127 -4.42 44.40 -29.87
CA MET K 127 -2.97 44.53 -29.78
C MET K 127 -2.56 45.28 -28.51
N MET K 128 -3.29 46.33 -28.15
CA MET K 128 -2.97 47.05 -26.93
C MET K 128 -3.08 46.13 -25.72
N ASP K 129 -4.14 45.33 -25.65
CA ASP K 129 -4.31 44.42 -24.53
C ASP K 129 -3.24 43.33 -24.51
N PHE K 130 -2.87 42.83 -25.70
CA PHE K 130 -1.77 41.87 -25.78
C PHE K 130 -0.47 42.47 -25.26
N LEU K 131 -0.15 43.68 -25.70
CA LEU K 131 1.09 44.33 -25.26
C LEU K 131 1.06 44.61 -23.75
N GLU K 132 -0.08 45.06 -23.23
CA GLU K 132 -0.17 45.40 -21.82
C GLU K 132 0.06 44.17 -20.94
N GLY K 133 -0.67 43.10 -21.21
CA GLY K 133 -0.64 41.94 -20.34
C GLY K 133 0.58 41.06 -20.53
N GLU K 134 1.08 40.96 -21.76
CA GLU K 134 2.18 40.07 -22.05
C GLU K 134 3.54 40.75 -22.03
N TYR K 135 3.60 42.08 -22.10
CA TYR K 135 4.89 42.75 -22.22
C TYR K 135 5.10 43.89 -21.22
N LEU K 136 4.15 44.82 -21.14
CA LEU K 136 4.33 45.96 -20.26
C LEU K 136 4.43 45.52 -18.80
N LYS K 137 3.58 44.58 -18.39
CA LYS K 137 3.61 44.11 -17.01
C LYS K 137 4.95 43.46 -16.69
N GLU K 138 5.41 42.58 -17.57
CA GLU K 138 6.69 41.93 -17.36
C GLU K 138 7.82 42.96 -17.25
N GLN K 139 7.78 44.02 -18.06
CA GLN K 139 8.88 44.99 -18.03
C GLN K 139 8.93 45.74 -16.70
N VAL K 140 7.78 46.12 -16.14
CA VAL K 140 7.83 46.82 -14.85
C VAL K 140 8.38 45.90 -13.77
N ASP K 141 7.99 44.63 -13.79
CA ASP K 141 8.54 43.67 -12.83
C ASP K 141 10.06 43.53 -13.01
N ALA K 142 10.52 43.44 -14.26
CA ALA K 142 11.93 43.23 -14.53
C ALA K 142 12.76 44.43 -14.08
N ILE K 143 12.29 45.64 -14.39
CA ILE K 143 13.01 46.85 -14.04
C ILE K 143 13.13 46.98 -12.52
N GLU K 144 12.08 46.63 -11.79
CA GLU K 144 12.15 46.70 -10.33
C GLU K 144 13.11 45.67 -9.78
N GLU K 145 13.09 44.45 -10.32
CA GLU K 145 13.98 43.42 -9.81
C GLU K 145 15.44 43.76 -10.07
N ILE K 146 15.74 44.34 -11.23
CA ILE K 146 17.11 44.77 -11.51
C ILE K 146 17.50 45.93 -10.60
N SER K 147 16.55 46.83 -10.33
CA SER K 147 16.80 47.91 -9.40
C SER K 147 17.18 47.36 -8.01
N ASP K 148 16.48 46.32 -7.55
CA ASP K 148 16.86 45.69 -6.28
C ASP K 148 18.29 45.15 -6.33
N HIS K 149 18.65 44.48 -7.43
CA HIS K 149 19.99 43.91 -7.57
C HIS K 149 21.07 44.98 -7.43
N ILE K 150 20.86 46.12 -8.09
CA ILE K 150 21.83 47.19 -8.08
C ILE K 150 21.98 47.75 -6.66
N THR K 151 20.86 47.98 -5.98
CA THR K 151 20.95 48.45 -4.60
C THR K 151 21.73 47.48 -3.73
N ASN K 152 21.43 46.18 -3.85
CA ASN K 152 22.13 45.22 -3.01
C ASN K 152 23.60 45.14 -3.37
N LEU K 153 23.94 45.18 -4.65
CA LEU K 153 25.34 45.13 -5.05
C LEU K 153 26.11 46.34 -4.52
N LYS K 154 25.49 47.51 -4.53
CA LYS K 154 26.12 48.67 -3.89
C LYS K 154 26.28 48.46 -2.39
N ARG K 155 25.29 47.80 -1.75
CA ARG K 155 25.35 47.58 -0.31
C ARG K 155 26.50 46.63 0.06
N VAL K 156 26.65 45.53 -0.68
CA VAL K 156 27.63 44.52 -0.26
C VAL K 156 29.05 44.86 -0.69
N GLY K 157 29.22 45.74 -1.68
CA GLY K 157 30.55 46.13 -2.09
C GLY K 157 31.25 45.08 -2.92
N THR K 158 32.53 45.33 -3.21
CA THR K 158 33.31 44.45 -4.07
C THR K 158 34.04 43.39 -3.23
N GLY K 159 34.40 42.31 -3.89
CA GLY K 159 35.16 41.24 -3.26
C GLY K 159 34.24 40.23 -2.59
N LEU K 160 34.41 40.04 -1.28
CA LEU K 160 33.60 39.04 -0.58
C LEU K 160 32.11 39.28 -0.81
N GLY K 161 31.69 40.56 -0.85
CA GLY K 161 30.27 40.85 -1.04
C GLY K 161 29.72 40.34 -2.35
N GLU K 162 30.48 40.50 -3.45
CA GLU K 162 30.05 39.97 -4.74
C GLU K 162 29.91 38.46 -4.69
N TYR K 163 30.89 37.80 -4.08
CA TYR K 163 30.84 36.34 -3.95
C TYR K 163 29.60 35.92 -3.16
N MET K 164 29.36 36.57 -2.02
CA MET K 164 28.21 36.21 -1.21
C MET K 164 26.90 36.48 -1.93
N TYR K 165 26.85 37.56 -2.73
CA TYR K 165 25.62 37.84 -3.46
C TYR K 165 25.35 36.76 -4.50
N ASP K 166 26.41 36.31 -5.18
CA ASP K 166 26.31 35.15 -6.06
C ASP K 166 25.74 33.94 -5.32
N LYS K 167 26.23 33.69 -4.10
CA LYS K 167 25.83 32.48 -3.37
C LYS K 167 24.44 32.59 -2.73
N GLU K 168 23.99 33.79 -2.37
CA GLU K 168 22.79 33.93 -1.53
C GLU K 168 21.57 34.46 -2.25
N THR K 169 21.72 35.35 -3.22
CA THR K 169 20.58 35.85 -3.98
C THR K 169 20.52 35.25 -5.38
N MET K 170 21.63 35.25 -6.10
CA MET K 170 21.62 34.84 -7.50
C MET K 170 21.39 33.34 -7.68
N SER K 171 21.65 32.53 -6.66
CA SER K 171 21.50 31.08 -6.83
C SER K 171 20.12 30.60 -6.36
N GLN L 3 49.17 35.29 -20.21
CA GLN L 3 48.14 34.41 -20.77
C GLN L 3 47.06 34.06 -19.74
N THR L 4 45.90 33.63 -20.22
CA THR L 4 44.83 33.23 -19.31
C THR L 4 45.24 31.99 -18.51
N GLN L 5 44.68 31.88 -17.31
CA GLN L 5 45.05 30.81 -16.38
C GLN L 5 44.98 29.42 -17.00
N PRO L 6 43.93 29.04 -17.71
CA PRO L 6 43.85 27.65 -18.19
C PRO L 6 44.75 27.36 -19.37
N ARG L 7 45.22 28.38 -20.08
CA ARG L 7 45.70 28.15 -21.44
C ARG L 7 46.88 27.21 -21.48
N GLN L 8 46.74 26.16 -22.29
CA GLN L 8 47.84 25.21 -22.48
C GLN L 8 47.61 24.47 -23.78
N ASN L 9 48.60 24.49 -24.68
CA ASN L 9 48.50 23.81 -25.97
C ASN L 9 47.30 24.30 -26.79
N PHE L 10 46.96 25.59 -26.68
CA PHE L 10 45.79 26.19 -27.33
C PHE L 10 46.24 27.35 -28.21
N HIS L 11 46.22 27.16 -29.52
CA HIS L 11 46.75 28.13 -30.47
C HIS L 11 45.73 29.23 -30.76
N VAL L 12 46.25 30.44 -31.02
CA VAL L 12 45.37 31.56 -31.36
C VAL L 12 44.54 31.27 -32.61
N GLU L 13 45.07 30.47 -33.54
CA GLU L 13 44.29 30.14 -34.74
C GLU L 13 43.09 29.27 -34.39
N SER L 14 43.26 28.37 -33.42
CA SER L 14 42.14 27.55 -32.98
C SER L 14 41.11 28.40 -32.24
N GLU L 15 41.58 29.28 -31.36
CA GLU L 15 40.71 30.22 -30.66
C GLU L 15 39.87 31.03 -31.65
N ALA L 16 40.51 31.56 -32.70
CA ALA L 16 39.78 32.36 -33.68
C ALA L 16 38.80 31.50 -34.48
N GLY L 17 39.19 30.25 -34.78
CA GLY L 17 38.30 29.39 -35.54
C GLY L 17 37.07 29.01 -34.73
N ILE L 18 37.24 28.83 -33.42
CA ILE L 18 36.10 28.53 -32.57
C ILE L 18 35.13 29.71 -32.56
N ASN L 19 35.65 30.93 -32.51
CA ASN L 19 34.77 32.10 -32.55
C ASN L 19 34.01 32.16 -33.87
N LYS L 20 34.65 31.81 -34.98
CA LYS L 20 33.94 31.79 -36.24
C LYS L 20 32.86 30.71 -36.25
N GLN L 21 33.17 29.53 -35.69
CA GLN L 21 32.17 28.46 -35.64
C GLN L 21 31.00 28.83 -34.75
N ILE L 22 31.27 29.51 -33.62
CA ILE L 22 30.17 29.95 -32.76
C ILE L 22 29.17 30.79 -33.55
N ASN L 23 29.67 31.73 -34.35
CA ASN L 23 28.76 32.56 -35.12
C ASN L 23 27.99 31.74 -36.15
N MET L 24 28.63 30.73 -36.75
CA MET L 24 27.94 29.93 -37.76
C MET L 24 26.83 29.09 -37.14
N GLU L 25 27.05 28.57 -35.93
CA GLU L 25 26.00 27.85 -35.21
C GLU L 25 24.83 28.77 -34.88
N LEU L 26 25.12 30.00 -34.42
CA LEU L 26 24.04 30.94 -34.15
C LEU L 26 23.28 31.28 -35.43
N TYR L 27 24.02 31.47 -36.53
CA TYR L 27 23.39 31.69 -37.83
C TYR L 27 22.44 30.56 -38.19
N ALA L 28 22.90 29.32 -38.02
CA ALA L 28 22.05 28.16 -38.31
C ALA L 28 20.81 28.17 -37.41
N SER L 29 20.99 28.52 -36.14
CA SER L 29 19.84 28.63 -35.24
C SER L 29 18.82 29.62 -35.78
N TYR L 30 19.29 30.75 -36.31
CA TYR L 30 18.40 31.79 -36.82
C TYR L 30 17.66 31.32 -38.06
N VAL L 31 18.35 30.60 -38.96
CA VAL L 31 17.67 30.05 -40.13
C VAL L 31 16.52 29.14 -39.68
N TYR L 32 16.79 28.21 -38.78
CA TYR L 32 15.75 27.30 -38.34
C TYR L 32 14.61 28.03 -37.64
N GLN L 33 14.93 29.10 -36.90
CA GLN L 33 13.86 29.88 -36.28
C GLN L 33 12.98 30.53 -37.35
N SER L 34 13.58 31.01 -38.44
CA SER L 34 12.78 31.55 -39.53
C SER L 34 11.90 30.48 -40.17
N MET L 35 12.46 29.28 -40.40
CA MET L 35 11.65 28.21 -40.97
C MET L 35 10.52 27.79 -40.04
N TYR L 36 10.82 27.72 -38.75
CA TYR L 36 9.78 27.46 -37.75
C TYR L 36 8.61 28.42 -37.93
N MET L 37 8.88 29.72 -37.94
CA MET L 37 7.79 30.67 -38.02
C MET L 37 7.17 30.75 -39.41
N TYR L 38 7.90 30.33 -40.45
CA TYR L 38 7.30 30.22 -41.77
C TYR L 38 6.26 29.10 -41.80
N PHE L 39 6.58 27.92 -41.26
CA PHE L 39 5.58 26.87 -41.26
C PHE L 39 4.46 27.13 -40.26
N ASP L 40 4.63 28.09 -39.35
CA ASP L 40 3.57 28.55 -38.46
C ASP L 40 2.60 29.53 -39.13
N ARG L 41 2.92 30.03 -40.33
CA ARG L 41 2.04 30.97 -41.01
C ARG L 41 0.67 30.34 -41.31
N ASP L 42 -0.37 31.18 -41.28
CA ASP L 42 -1.73 30.69 -41.51
C ASP L 42 -1.89 30.12 -42.91
N ASP L 43 -1.08 30.58 -43.87
CA ASP L 43 -1.18 30.09 -45.24
C ASP L 43 -0.16 29.00 -45.55
N VAL L 44 0.50 28.46 -44.52
CA VAL L 44 1.37 27.29 -44.67
C VAL L 44 0.83 26.21 -43.75
N ALA L 45 0.82 26.49 -42.45
CA ALA L 45 -0.01 25.76 -41.47
C ALA L 45 0.31 24.27 -41.43
N LEU L 46 1.61 23.95 -41.28
CA LEU L 46 2.06 22.58 -41.04
C LEU L 46 2.72 22.58 -39.68
N PRO L 47 1.98 22.27 -38.61
CA PRO L 47 2.48 22.53 -37.26
C PRO L 47 3.58 21.60 -36.81
N SER L 48 3.66 20.37 -37.34
CA SER L 48 4.74 19.49 -36.92
C SER L 48 6.06 19.81 -37.64
N PHE L 49 5.99 20.24 -38.90
CA PHE L 49 7.17 20.86 -39.50
C PHE L 49 7.62 22.06 -38.68
N ALA L 50 6.67 22.90 -38.27
CA ALA L 50 7.03 24.06 -37.46
C ALA L 50 7.79 23.62 -36.20
N LYS L 51 7.24 22.66 -35.47
CA LYS L 51 7.88 22.21 -34.23
C LYS L 51 9.24 21.58 -34.51
N TYR L 52 9.38 20.87 -35.63
CA TYR L 52 10.68 20.29 -35.98
C TYR L 52 11.75 21.36 -36.12
N PHE L 53 11.44 22.44 -36.85
CA PHE L 53 12.42 23.51 -37.02
C PHE L 53 12.61 24.30 -35.71
N LYS L 54 11.57 24.40 -34.88
CA LYS L 54 11.75 24.99 -33.56
C LYS L 54 12.79 24.22 -32.76
N HIS L 55 12.70 22.88 -32.76
CA HIS L 55 13.66 22.04 -32.05
C HIS L 55 15.05 22.16 -32.66
N ASN L 56 15.16 22.14 -33.99
CA ASN L 56 16.45 22.32 -34.65
C ASN L 56 17.07 23.66 -34.28
N SER L 57 16.25 24.72 -34.20
CA SER L 57 16.77 26.02 -33.80
C SER L 57 17.34 25.98 -32.40
N GLU L 58 16.64 25.32 -31.46
CA GLU L 58 17.15 25.20 -30.10
C GLU L 58 18.43 24.37 -30.06
N GLU L 59 18.47 23.28 -30.84
CA GLU L 59 19.69 22.47 -30.90
C GLU L 59 20.89 23.29 -31.37
N GLU L 60 20.70 24.13 -32.39
CA GLU L 60 21.82 24.90 -32.91
C GLU L 60 22.31 25.92 -31.90
N ARG L 61 21.39 26.52 -31.14
CA ARG L 61 21.81 27.44 -30.09
C ARG L 61 22.58 26.70 -28.99
N GLU L 62 22.20 25.45 -28.70
CA GLU L 62 22.98 24.65 -27.75
C GLU L 62 24.36 24.30 -28.30
N HIS L 63 24.44 23.99 -29.60
CA HIS L 63 25.75 23.78 -30.22
C HIS L 63 26.63 25.02 -30.06
N ALA L 64 26.02 26.21 -30.24
CA ALA L 64 26.79 27.44 -30.10
C ALA L 64 27.26 27.64 -28.67
N GLU L 65 26.39 27.40 -27.69
CA GLU L 65 26.77 27.63 -26.30
C GLU L 65 27.77 26.59 -25.81
N LYS L 66 27.70 25.36 -26.31
CA LYS L 66 28.72 24.37 -25.98
C LYS L 66 30.09 24.80 -26.47
N LEU L 67 30.15 25.42 -27.66
CA LEU L 67 31.42 25.94 -28.17
C LEU L 67 31.88 27.15 -27.39
N MET L 68 30.96 28.03 -26.98
CA MET L 68 31.34 29.14 -26.11
C MET L 68 31.92 28.63 -24.79
N LYS L 69 31.25 27.65 -24.18
CA LYS L 69 31.78 27.04 -22.95
C LYS L 69 33.16 26.45 -23.19
N TYR L 70 33.37 25.78 -24.33
CA TYR L 70 34.67 25.19 -24.62
C TYR L 70 35.74 26.28 -24.74
N GLN L 71 35.43 27.35 -25.50
CA GLN L 71 36.35 28.47 -25.59
C GLN L 71 36.83 28.91 -24.20
N ASN L 72 35.88 29.15 -23.29
CA ASN L 72 36.24 29.57 -21.93
C ASN L 72 37.07 28.50 -21.23
N LYS L 73 36.68 27.24 -21.38
CA LYS L 73 37.38 26.17 -20.67
C LYS L 73 38.86 26.11 -21.08
N ARG L 74 39.15 26.36 -22.35
CA ARG L 74 40.52 26.31 -22.83
C ARG L 74 41.29 27.60 -22.56
N GLY L 75 40.63 28.63 -22.03
CA GLY L 75 41.29 29.90 -21.83
C GLY L 75 41.25 30.83 -23.02
N GLY L 76 40.45 30.51 -24.04
CA GLY L 76 40.19 31.45 -25.10
C GLY L 76 39.18 32.49 -24.65
N ARG L 77 39.00 33.51 -25.49
CA ARG L 77 38.06 34.58 -25.19
C ARG L 77 37.02 34.68 -26.30
N ILE L 78 35.75 34.63 -25.90
CA ILE L 78 34.64 34.67 -26.83
C ILE L 78 34.51 36.08 -27.39
N VAL L 79 34.50 36.18 -28.72
CA VAL L 79 34.25 37.44 -29.41
C VAL L 79 33.05 37.19 -30.32
N LEU L 80 31.93 37.81 -30.00
CA LEU L 80 30.71 37.62 -30.77
C LEU L 80 30.67 38.57 -31.96
N GLN L 81 29.99 38.12 -33.02
CA GLN L 81 29.75 38.92 -34.21
C GLN L 81 28.25 38.98 -34.47
N ASP L 82 27.84 39.90 -35.35
CA ASP L 82 26.43 39.98 -35.70
C ASP L 82 25.93 38.63 -36.20
N ILE L 83 24.67 38.32 -35.90
CA ILE L 83 24.03 37.14 -36.46
C ILE L 83 23.28 37.60 -37.71
N GLN L 84 23.80 37.23 -38.88
CA GLN L 84 23.21 37.68 -40.13
C GLN L 84 21.83 37.05 -40.32
N LYS L 85 20.89 37.82 -40.86
CA LYS L 85 19.57 37.28 -41.12
C LYS L 85 19.63 36.20 -42.20
N PRO L 86 18.68 35.26 -42.22
CA PRO L 86 18.68 34.21 -43.23
C PRO L 86 18.50 34.78 -44.64
N ASP L 87 18.90 33.98 -45.63
CA ASP L 87 18.93 34.45 -47.02
C ASP L 87 17.54 34.71 -47.57
N LEU L 88 16.53 34.01 -47.07
CA LEU L 88 15.15 34.14 -47.54
C LEU L 88 14.24 34.52 -46.39
N ASP L 89 13.11 35.16 -46.73
CA ASP L 89 12.04 35.35 -45.76
C ASP L 89 11.02 34.22 -45.78
N GLU L 90 10.94 33.47 -46.89
CA GLU L 90 9.96 32.41 -47.09
C GLU L 90 10.69 31.22 -47.69
N TRP L 91 10.27 30.01 -47.32
CA TRP L 91 11.08 28.83 -47.60
C TRP L 91 10.41 27.81 -48.51
N GLY L 92 9.32 28.17 -49.17
CA GLY L 92 8.77 27.28 -50.19
C GLY L 92 8.03 26.08 -49.61
N SER L 93 8.10 24.97 -50.33
CA SER L 93 7.42 23.75 -49.92
C SER L 93 8.19 23.06 -48.82
N PRO L 94 7.57 22.10 -48.14
CA PRO L 94 8.34 21.25 -47.20
C PRO L 94 9.57 20.63 -47.84
N LEU L 95 9.44 20.09 -49.05
CA LEU L 95 10.61 19.53 -49.73
C LEU L 95 11.70 20.58 -49.91
N GLU L 96 11.33 21.77 -50.40
CA GLU L 96 12.33 22.81 -50.63
C GLU L 96 13.00 23.24 -49.33
N ALA L 97 12.21 23.39 -48.26
CA ALA L 97 12.81 23.74 -46.97
C ALA L 97 13.79 22.66 -46.50
N MET L 98 13.44 21.39 -46.67
CA MET L 98 14.35 20.33 -46.25
C MET L 98 15.62 20.32 -47.10
N GLN L 99 15.49 20.58 -48.40
CA GLN L 99 16.69 20.62 -49.24
C GLN L 99 17.60 21.78 -48.83
N THR L 100 17.01 22.92 -48.48
CA THR L 100 17.79 24.04 -47.94
C THR L 100 18.51 23.63 -46.66
N THR L 101 17.81 22.89 -45.79
CA THR L 101 18.40 22.43 -44.54
C THR L 101 19.59 21.51 -44.78
N LEU L 102 19.48 20.60 -45.77
CA LEU L 102 20.61 19.72 -46.07
C LEU L 102 21.83 20.55 -46.44
N ALA L 103 21.65 21.55 -47.29
CA ALA L 103 22.78 22.39 -47.70
C ALA L 103 23.36 23.14 -46.51
N LEU L 104 22.50 23.66 -45.63
CA LEU L 104 22.99 24.33 -44.43
C LEU L 104 23.80 23.37 -43.56
N GLU L 105 23.28 22.18 -43.28
CA GLU L 105 24.01 21.27 -42.40
C GLU L 105 25.31 20.80 -43.04
N LYS L 106 25.36 20.65 -44.37
CA LYS L 106 26.61 20.30 -45.02
C LYS L 106 27.61 21.46 -44.96
N SER L 107 27.14 22.70 -45.07
CA SER L 107 28.07 23.80 -44.94
C SER L 107 28.62 23.87 -43.52
N VAL L 108 27.76 23.68 -42.51
CA VAL L 108 28.21 23.64 -41.13
C VAL L 108 29.20 22.51 -40.93
N ASN L 109 28.92 21.34 -41.52
CA ASN L 109 29.83 20.20 -41.38
C ASN L 109 31.20 20.51 -41.99
N GLN L 110 31.22 21.10 -43.19
CA GLN L 110 32.51 21.44 -43.78
C GLN L 110 33.27 22.44 -42.91
N ALA L 111 32.56 23.38 -42.28
CA ALA L 111 33.24 24.33 -41.40
C ALA L 111 33.84 23.63 -40.18
N LEU L 112 33.12 22.64 -39.64
CA LEU L 112 33.65 21.88 -38.51
C LEU L 112 34.87 21.06 -38.93
N LEU L 113 34.82 20.46 -40.11
CA LEU L 113 35.97 19.71 -40.61
C LEU L 113 37.17 20.63 -40.82
N ASP L 114 36.92 21.86 -41.28
CA ASP L 114 38.02 22.81 -41.43
C ASP L 114 38.58 23.23 -40.08
N LEU L 115 37.71 23.40 -39.08
CA LEU L 115 38.17 23.73 -37.74
C LEU L 115 38.98 22.58 -37.14
N HIS L 116 38.55 21.34 -37.39
CA HIS L 116 39.32 20.17 -36.95
C HIS L 116 40.72 20.19 -37.54
N LYS L 117 40.85 20.60 -38.80
CA LYS L 117 42.17 20.64 -39.44
C LYS L 117 43.09 21.64 -38.78
N ILE L 118 42.52 22.77 -38.33
CA ILE L 118 43.31 23.75 -37.57
C ILE L 118 43.83 23.12 -36.28
N ALA L 119 42.96 22.47 -35.52
CA ALA L 119 43.41 21.80 -34.30
C ALA L 119 44.50 20.79 -34.60
N ASP L 120 44.31 19.99 -35.67
CA ASP L 120 45.31 18.99 -36.05
C ASP L 120 46.65 19.65 -36.38
N LYS L 121 46.61 20.71 -37.20
CA LYS L 121 47.82 21.44 -37.58
C LYS L 121 48.61 21.88 -36.36
N HIS L 122 47.93 22.25 -35.28
CA HIS L 122 48.59 22.76 -34.08
C HIS L 122 48.72 21.70 -33.00
N GLY L 123 48.54 20.43 -33.33
CA GLY L 123 48.73 19.36 -32.36
C GLY L 123 47.78 19.44 -31.18
N ASP L 124 46.58 19.97 -31.38
CA ASP L 124 45.62 20.11 -30.28
C ASP L 124 44.78 18.85 -30.20
N ALA L 125 45.35 17.83 -29.55
CA ALA L 125 44.71 16.52 -29.51
C ALA L 125 43.36 16.58 -28.80
N GLN L 126 43.27 17.36 -27.73
CA GLN L 126 42.02 17.41 -26.98
C GLN L 126 40.93 18.13 -27.77
N MET L 127 41.27 19.23 -28.45
CA MET L 127 40.27 19.90 -29.26
C MET L 127 39.77 19.01 -30.40
N MET L 128 40.67 18.25 -31.03
CA MET L 128 40.23 17.31 -32.06
C MET L 128 39.22 16.32 -31.48
N ASP L 129 39.51 15.75 -30.30
CA ASP L 129 38.58 14.79 -29.73
C ASP L 129 37.26 15.46 -29.34
N PHE L 130 37.32 16.67 -28.78
CA PHE L 130 36.10 17.41 -28.50
C PHE L 130 35.25 17.58 -29.77
N LEU L 131 35.87 18.03 -30.85
CA LEU L 131 35.12 18.26 -32.09
C LEU L 131 34.56 16.96 -32.66
N GLU L 132 35.35 15.89 -32.62
CA GLU L 132 34.90 14.61 -33.18
C GLU L 132 33.69 14.09 -32.43
N GLY L 133 33.79 14.00 -31.09
CA GLY L 133 32.72 13.39 -30.32
C GLY L 133 31.50 14.27 -30.16
N GLU L 134 31.68 15.58 -30.07
CA GLU L 134 30.56 16.45 -29.77
C GLU L 134 29.97 17.15 -30.99
N TYR L 135 30.66 17.16 -32.13
CA TYR L 135 30.17 17.91 -33.29
C TYR L 135 30.15 17.06 -34.57
N LEU L 136 31.26 16.40 -34.88
CA LEU L 136 31.35 15.65 -36.14
C LEU L 136 30.35 14.50 -36.18
N LYS L 137 30.21 13.76 -35.07
CA LYS L 137 29.27 12.64 -35.03
C LYS L 137 27.84 13.12 -35.22
N GLU L 138 27.47 14.18 -34.51
CA GLU L 138 26.12 14.72 -34.64
C GLU L 138 25.85 15.19 -36.07
N GLN L 139 26.85 15.80 -36.71
CA GLN L 139 26.62 16.28 -38.08
C GLN L 139 26.34 15.13 -39.04
N VAL L 140 27.06 14.02 -38.92
CA VAL L 140 26.78 12.90 -39.83
C VAL L 140 25.38 12.35 -39.57
N ASP L 141 24.96 12.27 -38.30
CA ASP L 141 23.59 11.82 -37.99
C ASP L 141 22.56 12.78 -38.57
N ALA L 142 22.76 14.10 -38.39
CA ALA L 142 21.80 15.08 -38.88
C ALA L 142 21.67 15.03 -40.38
N ILE L 143 22.79 14.92 -41.09
CA ILE L 143 22.77 14.94 -42.55
C ILE L 143 22.01 13.73 -43.08
N GLU L 144 22.21 12.57 -42.45
CA GLU L 144 21.47 11.38 -42.88
C GLU L 144 19.98 11.52 -42.58
N GLU L 145 19.64 12.08 -41.42
CA GLU L 145 18.21 12.26 -41.10
C GLU L 145 17.54 13.18 -42.10
N ILE L 146 18.20 14.28 -42.47
CA ILE L 146 17.61 15.20 -43.43
C ILE L 146 17.49 14.55 -44.80
N SER L 147 18.48 13.74 -45.18
CA SER L 147 18.41 13.00 -46.43
C SER L 147 17.19 12.08 -46.45
N ASP L 148 16.93 11.38 -45.33
CA ASP L 148 15.71 10.57 -45.22
C ASP L 148 14.46 11.41 -45.45
N HIS L 149 14.40 12.59 -44.82
CA HIS L 149 13.23 13.44 -44.96
C HIS L 149 13.00 13.83 -46.41
N ILE L 150 14.08 14.18 -47.12
CA ILE L 150 13.96 14.61 -48.52
C ILE L 150 13.43 13.46 -49.36
N THR L 151 13.99 12.27 -49.18
CA THR L 151 13.52 11.11 -49.92
C THR L 151 12.04 10.87 -49.68
N ASN L 152 11.61 10.90 -48.41
CA ASN L 152 10.21 10.65 -48.12
C ASN L 152 9.32 11.75 -48.70
N LEU L 153 9.78 13.01 -48.66
CA LEU L 153 8.98 14.08 -49.22
C LEU L 153 8.82 13.94 -50.74
N LYS L 154 9.88 13.51 -51.42
CA LYS L 154 9.74 13.19 -52.84
C LYS L 154 8.74 12.05 -53.04
N ARG L 155 8.79 11.04 -52.17
CA ARG L 155 7.92 9.88 -52.35
C ARG L 155 6.45 10.24 -52.19
N VAL L 156 6.11 11.03 -51.16
CA VAL L 156 4.69 11.30 -50.89
C VAL L 156 4.10 12.39 -51.78
N GLY L 157 4.92 13.24 -52.40
CA GLY L 157 4.42 14.26 -53.28
C GLY L 157 3.78 15.43 -52.54
N THR L 158 3.24 16.37 -53.32
CA THR L 158 2.61 17.56 -52.78
C THR L 158 1.14 17.31 -52.45
N GLY L 159 0.59 18.15 -51.59
CA GLY L 159 -0.83 18.08 -51.26
C GLY L 159 -1.09 17.16 -50.06
N LEU L 160 -1.93 16.14 -50.26
CA LEU L 160 -2.19 15.22 -49.15
C LEU L 160 -0.90 14.60 -48.62
N GLY L 161 0.08 14.34 -49.50
CA GLY L 161 1.33 13.74 -49.04
C GLY L 161 2.04 14.60 -48.00
N GLU L 162 2.06 15.91 -48.21
CA GLU L 162 2.74 16.78 -47.24
C GLU L 162 2.01 16.80 -45.91
N TYR L 163 0.68 16.83 -45.97
CA TYR L 163 -0.12 16.81 -44.74
C TYR L 163 0.14 15.53 -43.96
N MET L 164 0.15 14.39 -44.65
CA MET L 164 0.33 13.11 -43.95
C MET L 164 1.74 12.99 -43.39
N TYR L 165 2.74 13.52 -44.10
CA TYR L 165 4.10 13.50 -43.56
C TYR L 165 4.18 14.33 -42.29
N ASP L 166 3.52 15.48 -42.28
CA ASP L 166 3.45 16.29 -41.07
C ASP L 166 2.84 15.48 -39.92
N LYS L 167 1.78 14.72 -40.20
CA LYS L 167 1.08 13.99 -39.13
C LYS L 167 1.81 12.72 -38.71
N GLU L 168 2.50 12.06 -39.62
CA GLU L 168 3.01 10.71 -39.36
C GLU L 168 4.50 10.67 -39.00
N THR L 169 5.34 11.46 -39.65
CA THR L 169 6.77 11.44 -39.36
C THR L 169 7.20 12.61 -38.50
N MET L 170 6.77 13.83 -38.84
CA MET L 170 7.24 15.01 -38.14
C MET L 170 6.64 15.14 -36.74
N SER L 171 5.59 14.40 -36.42
CA SER L 171 4.96 14.54 -35.10
C SER L 171 5.45 13.46 -34.12
N GLN M 3 26.42 12.16 -56.81
CA GLN M 3 26.73 11.58 -55.52
C GLN M 3 25.46 11.34 -54.68
N THR M 4 25.54 10.44 -53.71
CA THR M 4 24.42 10.25 -52.80
C THR M 4 24.22 11.50 -51.94
N GLN M 5 22.98 11.69 -51.48
CA GLN M 5 22.64 12.87 -50.68
C GLN M 5 23.57 13.10 -49.50
N PRO M 6 23.88 12.10 -48.66
CA PRO M 6 24.65 12.38 -47.45
C PRO M 6 26.12 12.66 -47.73
N ARG M 7 26.64 12.29 -48.90
CA ARG M 7 28.08 12.09 -49.04
C ARG M 7 28.86 13.38 -48.83
N GLN M 8 29.83 13.32 -47.91
CA GLN M 8 30.69 14.48 -47.67
C GLN M 8 31.95 13.99 -46.98
N ASN M 9 33.11 14.32 -47.56
CA ASN M 9 34.41 13.92 -47.01
C ASN M 9 34.52 12.41 -46.85
N PHE M 10 33.95 11.66 -47.80
CA PHE M 10 33.88 10.20 -47.70
C PHE M 10 34.46 9.60 -48.98
N HIS M 11 35.67 9.01 -48.87
CA HIS M 11 36.40 8.55 -50.04
C HIS M 11 35.95 7.15 -50.46
N VAL M 12 35.98 6.89 -51.77
CA VAL M 12 35.56 5.57 -52.26
C VAL M 12 36.45 4.46 -51.69
N GLU M 13 37.71 4.75 -51.35
CA GLU M 13 38.54 3.71 -50.74
C GLU M 13 38.07 3.37 -49.33
N SER M 14 37.59 4.37 -48.60
CA SER M 14 36.99 4.13 -47.28
C SER M 14 35.70 3.34 -47.42
N GLU M 15 34.87 3.69 -48.39
CA GLU M 15 33.65 2.94 -48.68
C GLU M 15 33.98 1.48 -48.97
N ALA M 16 34.97 1.25 -49.85
CA ALA M 16 35.35 -0.12 -50.18
C ALA M 16 35.89 -0.85 -48.96
N GLY M 17 36.64 -0.14 -48.11
CA GLY M 17 37.20 -0.79 -46.94
C GLY M 17 36.14 -1.19 -45.93
N ILE M 18 35.09 -0.37 -45.79
CA ILE M 18 33.98 -0.71 -44.91
C ILE M 18 33.26 -1.96 -45.42
N ASN M 19 33.06 -2.05 -46.74
CA ASN M 19 32.42 -3.25 -47.27
C ASN M 19 33.26 -4.49 -46.98
N LYS M 20 34.58 -4.38 -47.09
CA LYS M 20 35.44 -5.53 -46.77
C LYS M 20 35.34 -5.89 -45.29
N GLN M 21 35.30 -4.88 -44.41
CA GLN M 21 35.23 -5.17 -42.98
C GLN M 21 33.88 -5.77 -42.60
N ILE M 22 32.80 -5.31 -43.24
CA ILE M 22 31.49 -5.92 -43.01
C ILE M 22 31.56 -7.42 -43.22
N ASN M 23 32.18 -7.84 -44.33
CA ASN M 23 32.27 -9.27 -44.61
C ASN M 23 33.08 -9.99 -43.54
N MET M 24 34.15 -9.34 -43.05
CA MET M 24 34.99 -9.97 -42.04
C MET M 24 34.24 -10.18 -40.74
N GLU M 25 33.43 -9.19 -40.34
CA GLU M 25 32.62 -9.34 -39.13
C GLU M 25 31.61 -10.48 -39.29
N LEU M 26 30.99 -10.59 -40.46
CA LEU M 26 30.06 -11.69 -40.71
C LEU M 26 30.78 -13.03 -40.67
N TYR M 27 31.99 -13.07 -41.25
CA TYR M 27 32.79 -14.29 -41.19
C TYR M 27 33.07 -14.70 -39.74
N ALA M 28 33.47 -13.74 -38.91
CA ALA M 28 33.75 -14.05 -37.52
C ALA M 28 32.50 -14.54 -36.80
N SER M 29 31.35 -13.95 -37.13
CA SER M 29 30.09 -14.43 -36.58
C SER M 29 29.87 -15.90 -36.91
N TYR M 30 30.17 -16.29 -38.16
CA TYR M 30 29.97 -17.68 -38.60
C TYR M 30 30.95 -18.62 -37.89
N VAL M 31 32.20 -18.21 -37.72
CA VAL M 31 33.14 -19.02 -36.94
C VAL M 31 32.59 -19.28 -35.55
N TYR M 32 32.11 -18.24 -34.87
CA TYR M 32 31.61 -18.44 -33.51
C TYR M 32 30.36 -19.29 -33.49
N GLN M 33 29.49 -19.14 -34.49
CA GLN M 33 28.33 -20.01 -34.58
C GLN M 33 28.74 -21.47 -34.71
N SER M 34 29.79 -21.74 -35.48
CA SER M 34 30.28 -23.11 -35.61
C SER M 34 30.82 -23.62 -34.27
N MET M 35 31.57 -22.77 -33.56
CA MET M 35 32.09 -23.19 -32.26
C MET M 35 30.95 -23.43 -31.28
N TYR M 36 29.96 -22.56 -31.27
CA TYR M 36 28.75 -22.75 -30.47
C TYR M 36 28.19 -24.15 -30.66
N MET M 37 27.89 -24.51 -31.91
CA MET M 37 27.28 -25.81 -32.17
C MET M 37 28.24 -26.96 -31.96
N TYR M 38 29.55 -26.72 -32.06
CA TYR M 38 30.51 -27.76 -31.73
C TYR M 38 30.49 -28.08 -30.24
N PHE M 39 30.48 -27.05 -29.38
CA PHE M 39 30.43 -27.36 -27.96
C PHE M 39 29.05 -27.84 -27.51
N ASP M 40 28.04 -27.70 -28.38
CA ASP M 40 26.71 -28.27 -28.18
C ASP M 40 26.64 -29.76 -28.55
N ARG M 41 27.66 -30.31 -29.21
CA ARG M 41 27.64 -31.72 -29.58
C ARG M 41 27.54 -32.63 -28.35
N ASP M 42 26.84 -33.76 -28.50
CA ASP M 42 26.68 -34.69 -27.39
C ASP M 42 28.01 -35.26 -26.91
N ASP M 43 29.01 -35.32 -27.80
CA ASP M 43 30.32 -35.84 -27.42
C ASP M 43 31.30 -34.74 -27.05
N VAL M 44 30.82 -33.51 -26.85
CA VAL M 44 31.64 -32.44 -26.31
C VAL M 44 30.96 -31.91 -25.05
N ALA M 45 29.75 -31.40 -25.21
CA ALA M 45 28.79 -31.21 -24.11
C ALA M 45 29.32 -30.30 -23.01
N LEU M 46 29.72 -29.09 -23.41
CA LEU M 46 30.12 -28.04 -22.48
C LEU M 46 29.20 -26.86 -22.74
N PRO M 47 28.06 -26.78 -22.03
CA PRO M 47 26.98 -25.87 -22.48
C PRO M 47 27.27 -24.40 -22.20
N SER M 48 28.10 -24.07 -21.22
CA SER M 48 28.41 -22.66 -20.99
C SER M 48 29.44 -22.15 -21.99
N PHE M 49 30.43 -22.97 -22.34
CA PHE M 49 31.24 -22.67 -23.53
C PHE M 49 30.35 -22.46 -24.75
N ALA M 50 29.37 -23.35 -24.93
CA ALA M 50 28.48 -23.21 -26.08
C ALA M 50 27.80 -21.84 -26.07
N LYS M 51 27.23 -21.44 -24.92
CA LYS M 51 26.54 -20.15 -24.84
C LYS M 51 27.48 -18.97 -25.01
N TYR M 52 28.72 -19.11 -24.56
CA TYR M 52 29.71 -18.05 -24.76
C TYR M 52 29.92 -17.79 -26.23
N PHE M 53 30.09 -18.84 -27.03
CA PHE M 53 30.29 -18.64 -28.47
C PHE M 53 29.00 -18.22 -29.17
N LYS M 54 27.85 -18.67 -28.67
CA LYS M 54 26.58 -18.14 -29.16
C LYS M 54 26.52 -16.62 -29.00
N HIS M 55 26.86 -16.13 -27.80
CA HIS M 55 26.86 -14.69 -27.55
C HIS M 55 27.89 -13.97 -28.41
N ASN M 56 29.09 -14.54 -28.56
CA ASN M 56 30.08 -13.87 -29.40
C ASN M 56 29.67 -13.86 -30.87
N SER M 57 28.98 -14.90 -31.33
CA SER M 57 28.45 -14.89 -32.69
C SER M 57 27.46 -13.77 -32.87
N GLU M 58 26.58 -13.56 -31.89
CA GLU M 58 25.60 -12.47 -31.99
C GLU M 58 26.28 -11.11 -31.95
N GLU M 59 27.31 -10.97 -31.12
CA GLU M 59 28.06 -9.72 -31.03
C GLU M 59 28.70 -9.38 -32.37
N GLU M 60 29.30 -10.38 -33.02
CA GLU M 60 29.94 -10.14 -34.32
C GLU M 60 28.91 -9.75 -35.37
N ARG M 61 27.73 -10.36 -35.35
CA ARG M 61 26.70 -9.95 -36.29
C ARG M 61 26.29 -8.50 -36.02
N GLU M 62 26.23 -8.11 -34.75
CA GLU M 62 25.93 -6.72 -34.41
C GLU M 62 27.05 -5.79 -34.87
N HIS M 63 28.30 -6.21 -34.75
CA HIS M 63 29.39 -5.40 -35.30
C HIS M 63 29.20 -5.18 -36.79
N ALA M 64 28.80 -6.23 -37.51
CA ALA M 64 28.63 -6.09 -38.96
C ALA M 64 27.45 -5.18 -39.29
N GLU M 65 26.34 -5.30 -38.57
CA GLU M 65 25.19 -4.44 -38.86
C GLU M 65 25.49 -2.98 -38.52
N LYS M 66 26.27 -2.73 -37.47
CA LYS M 66 26.62 -1.33 -37.16
C LYS M 66 27.48 -0.72 -38.27
N LEU M 67 28.34 -1.51 -38.90
CA LEU M 67 29.13 -1.02 -40.02
C LEU M 67 28.27 -0.82 -41.26
N MET M 68 27.31 -1.73 -41.50
CA MET M 68 26.35 -1.53 -42.57
C MET M 68 25.58 -0.22 -42.37
N LYS M 69 25.09 0.02 -41.15
CA LYS M 69 24.39 1.27 -40.86
C LYS M 69 25.30 2.46 -41.10
N TYR M 70 26.56 2.36 -40.67
CA TYR M 70 27.49 3.48 -40.86
C TYR M 70 27.73 3.74 -42.34
N GLN M 71 27.93 2.67 -43.12
CA GLN M 71 28.04 2.80 -44.58
C GLN M 71 26.87 3.62 -45.12
N ASN M 72 25.64 3.25 -44.77
CA ASN M 72 24.47 3.99 -45.25
C ASN M 72 24.48 5.45 -44.76
N LYS M 73 24.86 5.65 -43.50
CA LYS M 73 24.83 7.00 -42.93
C LYS M 73 25.75 7.94 -43.71
N ARG M 74 26.92 7.45 -44.12
CA ARG M 74 27.85 8.28 -44.88
C ARG M 74 27.48 8.39 -46.35
N GLY M 75 26.46 7.69 -46.81
CA GLY M 75 26.14 7.71 -48.23
C GLY M 75 26.92 6.71 -49.05
N GLY M 76 27.61 5.76 -48.40
CA GLY M 76 28.19 4.65 -49.13
C GLY M 76 27.12 3.64 -49.48
N ARG M 77 27.49 2.67 -50.29
CA ARG M 77 26.54 1.65 -50.71
C ARG M 77 27.08 0.28 -50.30
N ILE M 78 26.27 -0.44 -49.53
CA ILE M 78 26.65 -1.77 -49.03
C ILE M 78 26.71 -2.74 -50.20
N VAL M 79 27.83 -3.44 -50.32
CA VAL M 79 27.98 -4.53 -51.28
C VAL M 79 28.39 -5.77 -50.50
N LEU M 80 27.49 -6.74 -50.41
CA LEU M 80 27.76 -7.94 -49.66
C LEU M 80 28.52 -8.95 -50.50
N GLN M 81 29.29 -9.80 -49.81
CA GLN M 81 30.02 -10.88 -50.44
C GLN M 81 29.63 -12.18 -49.73
N ASP M 82 29.97 -13.31 -50.35
CA ASP M 82 29.72 -14.59 -49.71
C ASP M 82 30.37 -14.62 -48.34
N ILE M 83 29.72 -15.28 -47.39
CA ILE M 83 30.31 -15.52 -46.07
C ILE M 83 30.96 -16.89 -46.13
N GLN M 84 32.30 -16.91 -46.14
CA GLN M 84 33.03 -18.15 -46.29
C GLN M 84 32.86 -19.02 -45.04
N LYS M 85 32.75 -20.33 -45.25
CA LYS M 85 32.61 -21.22 -44.10
C LYS M 85 33.91 -21.25 -43.30
N PRO M 86 33.82 -21.57 -42.00
CA PRO M 86 35.03 -21.60 -41.17
C PRO M 86 36.03 -22.64 -41.65
N ASP M 87 37.30 -22.46 -41.21
CA ASP M 87 38.37 -23.32 -41.70
C ASP M 87 38.25 -24.76 -41.22
N LEU M 88 37.56 -24.99 -40.09
CA LEU M 88 37.44 -26.32 -39.52
C LEU M 88 35.96 -26.63 -39.28
N ASP M 89 35.64 -27.93 -39.22
CA ASP M 89 34.32 -28.37 -38.79
C ASP M 89 34.28 -28.66 -37.29
N GLU M 90 35.42 -28.98 -36.68
CA GLU M 90 35.56 -29.31 -35.27
C GLU M 90 36.71 -28.51 -34.69
N TRP M 91 36.60 -28.15 -33.41
CA TRP M 91 37.51 -27.14 -32.86
C TRP M 91 38.37 -27.64 -31.72
N GLY M 92 38.41 -28.95 -31.47
CA GLY M 92 39.34 -29.48 -30.47
C GLY M 92 38.89 -29.21 -29.04
N SER M 93 39.86 -28.97 -28.16
CA SER M 93 39.60 -28.75 -26.75
C SER M 93 39.15 -27.32 -26.50
N PRO M 94 38.59 -27.04 -25.33
CA PRO M 94 38.30 -25.64 -24.98
C PRO M 94 39.52 -24.74 -25.14
N LEU M 95 40.70 -25.21 -24.74
CA LEU M 95 41.90 -24.40 -24.89
C LEU M 95 42.21 -24.11 -26.35
N GLU M 96 42.16 -25.13 -27.21
CA GLU M 96 42.42 -24.91 -28.63
C GLU M 96 41.39 -23.97 -29.25
N ALA M 97 40.10 -24.14 -28.90
CA ALA M 97 39.09 -23.25 -29.42
C ALA M 97 39.36 -21.80 -29.01
N MET M 98 39.77 -21.58 -27.77
CA MET M 98 40.06 -20.22 -27.33
C MET M 98 41.31 -19.67 -28.02
N GLN M 99 42.32 -20.51 -28.24
CA GLN M 99 43.50 -20.05 -28.96
C GLN M 99 43.14 -19.68 -30.39
N THR M 100 42.27 -20.45 -31.02
CA THR M 100 41.76 -20.08 -32.34
C THR M 100 41.04 -18.74 -32.27
N THR M 101 40.25 -18.53 -31.22
CA THR M 101 39.51 -17.29 -31.07
C THR M 101 40.43 -16.09 -30.93
N LEU M 102 41.55 -16.25 -30.22
CA LEU M 102 42.49 -15.14 -30.06
C LEU M 102 43.07 -14.75 -31.42
N ALA M 103 43.47 -15.74 -32.20
CA ALA M 103 44.00 -15.47 -33.54
C ALA M 103 42.96 -14.76 -34.40
N LEU M 104 41.70 -15.20 -34.33
CA LEU M 104 40.65 -14.54 -35.09
C LEU M 104 40.48 -13.08 -34.67
N GLU M 105 40.38 -12.82 -33.36
CA GLU M 105 40.15 -11.45 -32.92
C GLU M 105 41.34 -10.54 -33.24
N LYS M 106 42.57 -11.08 -33.20
CA LYS M 106 43.72 -10.27 -33.60
C LYS M 106 43.70 -9.97 -35.10
N SER M 107 43.25 -10.92 -35.91
CA SER M 107 43.19 -10.63 -37.34
C SER M 107 42.09 -9.61 -37.64
N VAL M 108 40.96 -9.71 -36.94
CA VAL M 108 39.92 -8.69 -37.10
C VAL M 108 40.45 -7.34 -36.65
N ASN M 109 41.18 -7.31 -35.53
CA ASN M 109 41.75 -6.07 -35.04
C ASN M 109 42.73 -5.47 -36.05
N GLN M 110 43.60 -6.30 -36.64
CA GLN M 110 44.54 -5.78 -37.62
C GLN M 110 43.80 -5.21 -38.84
N ALA M 111 42.71 -5.86 -39.25
CA ALA M 111 41.92 -5.33 -40.36
C ALA M 111 41.30 -3.99 -39.98
N LEU M 112 40.83 -3.85 -38.74
CA LEU M 112 40.26 -2.56 -38.31
C LEU M 112 41.32 -1.48 -38.27
N LEU M 113 42.52 -1.81 -37.80
CA LEU M 113 43.61 -0.85 -37.83
C LEU M 113 43.95 -0.43 -39.25
N ASP M 114 43.93 -1.39 -40.18
CA ASP M 114 44.20 -1.06 -41.58
C ASP M 114 43.09 -0.17 -42.15
N LEU M 115 41.84 -0.41 -41.75
CA LEU M 115 40.74 0.44 -42.19
C LEU M 115 40.86 1.84 -41.61
N HIS M 116 41.25 1.94 -40.34
CA HIS M 116 41.52 3.24 -39.73
C HIS M 116 42.61 3.99 -40.49
N LYS M 117 43.65 3.29 -40.96
CA LYS M 117 44.69 3.96 -41.75
C LYS M 117 44.15 4.52 -43.05
N ILE M 118 43.17 3.85 -43.66
CA ILE M 118 42.55 4.37 -44.87
C ILE M 118 41.80 5.66 -44.56
N ALA M 119 41.01 5.67 -43.48
CA ALA M 119 40.32 6.89 -43.10
C ALA M 119 41.31 8.02 -42.84
N ASP M 120 42.41 7.72 -42.15
CA ASP M 120 43.41 8.74 -41.84
C ASP M 120 44.02 9.30 -43.11
N LYS M 121 44.36 8.42 -44.06
CA LYS M 121 44.96 8.86 -45.30
C LYS M 121 44.09 9.88 -46.02
N HIS M 122 42.76 9.73 -45.93
CA HIS M 122 41.85 10.62 -46.64
C HIS M 122 41.25 11.70 -45.74
N GLY M 123 41.82 11.91 -44.57
CA GLY M 123 41.35 12.99 -43.71
C GLY M 123 39.95 12.79 -43.18
N ASP M 124 39.51 11.54 -43.02
CA ASP M 124 38.14 11.27 -42.60
C ASP M 124 38.11 11.22 -41.08
N ALA M 125 38.06 12.41 -40.46
CA ALA M 125 38.15 12.49 -39.01
C ALA M 125 36.99 11.80 -38.32
N GLN M 126 35.79 11.91 -38.88
CA GLN M 126 34.63 11.30 -38.23
C GLN M 126 34.69 9.78 -38.30
N MET M 127 35.12 9.24 -39.45
CA MET M 127 35.26 7.79 -39.55
C MET M 127 36.34 7.27 -38.60
N MET M 128 37.45 7.99 -38.46
CA MET M 128 38.46 7.58 -37.49
C MET M 128 37.86 7.49 -36.09
N ASP M 129 37.06 8.50 -35.71
CA ASP M 129 36.53 8.51 -34.36
C ASP M 129 35.49 7.40 -34.18
N PHE M 130 34.64 7.18 -35.18
CA PHE M 130 33.72 6.05 -35.16
C PHE M 130 34.47 4.73 -34.98
N LEU M 131 35.51 4.50 -35.77
CA LEU M 131 36.26 3.25 -35.66
C LEU M 131 36.93 3.12 -34.28
N GLU M 132 37.55 4.20 -33.80
CA GLU M 132 38.21 4.14 -32.50
C GLU M 132 37.23 3.80 -31.38
N GLY M 133 36.14 4.56 -31.30
CA GLY M 133 35.22 4.41 -30.19
C GLY M 133 34.37 3.15 -30.26
N GLU M 134 33.95 2.76 -31.47
CA GLU M 134 33.00 1.67 -31.63
C GLU M 134 33.65 0.33 -31.96
N TYR M 135 34.91 0.32 -32.39
CA TYR M 135 35.53 -0.94 -32.81
C TYR M 135 36.86 -1.20 -32.14
N LEU M 136 37.77 -0.21 -32.16
CA LEU M 136 39.12 -0.44 -31.66
C LEU M 136 39.13 -0.69 -30.15
N LYS M 137 38.36 0.10 -29.40
CA LYS M 137 38.28 -0.11 -27.96
C LYS M 137 37.74 -1.50 -27.65
N GLU M 138 36.65 -1.90 -28.31
CA GLU M 138 36.05 -3.21 -28.07
C GLU M 138 37.03 -4.33 -28.38
N GLN M 139 37.82 -4.20 -29.46
CA GLN M 139 38.77 -5.26 -29.81
C GLN M 139 39.84 -5.42 -28.74
N VAL M 140 40.35 -4.31 -28.21
CA VAL M 140 41.36 -4.43 -27.14
C VAL M 140 40.77 -5.17 -25.94
N ASP M 141 39.54 -4.83 -25.56
CA ASP M 141 38.89 -5.51 -24.43
C ASP M 141 38.70 -7.00 -24.74
N ALA M 142 38.27 -7.32 -25.96
CA ALA M 142 38.03 -8.72 -26.32
C ALA M 142 39.32 -9.53 -26.31
N ILE M 143 40.40 -8.96 -26.84
CA ILE M 143 41.67 -9.69 -26.91
C ILE M 143 42.19 -9.96 -25.51
N GLU M 144 42.03 -9.01 -24.60
CA GLU M 144 42.47 -9.27 -23.23
C GLU M 144 41.61 -10.34 -22.56
N GLU M 145 40.29 -10.30 -22.78
CA GLU M 145 39.42 -11.29 -22.15
C GLU M 145 39.75 -12.70 -22.64
N ILE M 146 39.99 -12.85 -23.94
CA ILE M 146 40.35 -14.17 -24.47
C ILE M 146 41.70 -14.61 -23.92
N SER M 147 42.65 -13.69 -23.82
CA SER M 147 43.94 -14.03 -23.20
C SER M 147 43.74 -14.56 -21.79
N ASP M 148 42.86 -13.94 -21.00
CA ASP M 148 42.57 -14.45 -19.66
C ASP M 148 42.02 -15.87 -19.72
N HIS M 149 41.13 -16.15 -20.67
CA HIS M 149 40.56 -17.49 -20.79
C HIS M 149 41.66 -18.52 -21.07
N ILE M 150 42.55 -18.21 -22.01
CA ILE M 150 43.61 -19.15 -22.37
C ILE M 150 44.48 -19.45 -21.16
N THR M 151 44.85 -18.40 -20.42
CA THR M 151 45.68 -18.61 -19.23
C THR M 151 44.97 -19.50 -18.22
N ASN M 152 43.69 -19.24 -17.97
CA ASN M 152 42.96 -20.05 -17.01
C ASN M 152 42.79 -21.48 -17.50
N LEU M 153 42.53 -21.67 -18.79
CA LEU M 153 42.39 -23.04 -19.29
C LEU M 153 43.71 -23.80 -19.22
N LYS M 154 44.85 -23.12 -19.43
CA LYS M 154 46.13 -23.79 -19.18
C LYS M 154 46.28 -24.14 -17.71
N ARG M 155 45.84 -23.25 -16.82
CA ARG M 155 46.04 -23.50 -15.39
C ARG M 155 45.23 -24.71 -14.91
N VAL M 156 43.96 -24.82 -15.34
CA VAL M 156 43.10 -25.87 -14.79
C VAL M 156 43.31 -27.22 -15.46
N GLY M 157 43.92 -27.26 -16.64
CA GLY M 157 44.20 -28.52 -17.32
C GLY M 157 42.96 -29.16 -17.93
N THR M 158 43.16 -30.37 -18.45
CA THR M 158 42.10 -31.13 -19.11
C THR M 158 41.32 -31.98 -18.11
N GLY M 159 40.11 -32.36 -18.51
CA GLY M 159 39.27 -33.21 -17.68
C GLY M 159 38.41 -32.37 -16.72
N LEU M 160 38.56 -32.64 -15.41
CA LEU M 160 37.75 -31.94 -14.43
C LEU M 160 37.93 -30.44 -14.54
N GLY M 161 39.15 -29.99 -14.89
CA GLY M 161 39.40 -28.55 -14.97
C GLY M 161 38.56 -27.87 -16.04
N GLU M 162 38.42 -28.51 -17.20
CA GLU M 162 37.57 -27.96 -18.26
C GLU M 162 36.12 -27.91 -17.82
N TYR M 163 35.65 -28.93 -17.11
CA TYR M 163 34.27 -28.95 -16.63
C TYR M 163 34.03 -27.83 -15.63
N MET M 164 34.95 -27.64 -14.68
CA MET M 164 34.76 -26.61 -13.67
C MET M 164 34.85 -25.21 -14.28
N TYR M 165 35.73 -25.03 -15.26
CA TYR M 165 35.80 -23.73 -15.94
C TYR M 165 34.48 -23.40 -16.62
N ASP M 166 33.88 -24.39 -17.29
CA ASP M 166 32.53 -24.23 -17.85
C ASP M 166 31.55 -23.77 -16.77
N LYS M 167 31.59 -24.42 -15.61
CA LYS M 167 30.60 -24.14 -14.57
C LYS M 167 30.87 -22.84 -13.83
N GLU M 168 32.13 -22.45 -13.65
CA GLU M 168 32.46 -21.29 -12.82
C GLU M 168 32.61 -20.00 -13.63
N THR M 169 33.52 -19.99 -14.59
CA THR M 169 33.77 -18.77 -15.35
C THR M 169 32.80 -18.61 -16.52
N MET M 170 32.64 -19.65 -17.34
CA MET M 170 31.85 -19.50 -18.56
C MET M 170 30.36 -19.33 -18.27
N SER M 171 29.91 -19.68 -17.08
CA SER M 171 28.52 -19.48 -16.72
C SER M 171 28.09 -20.54 -15.74
N GLN N 3 29.17 -45.33 -34.28
CA GLN N 3 28.07 -44.36 -34.35
C GLN N 3 28.04 -43.43 -33.14
N THR N 4 27.50 -42.22 -33.33
CA THR N 4 27.40 -41.27 -32.22
C THR N 4 26.43 -41.81 -31.17
N GLN N 5 26.61 -41.33 -29.93
CA GLN N 5 25.80 -41.85 -28.82
C GLN N 5 24.31 -41.76 -29.06
N PRO N 6 23.75 -40.63 -29.53
CA PRO N 6 22.29 -40.53 -29.63
C PRO N 6 21.70 -41.29 -30.79
N ARG N 7 22.50 -41.69 -31.78
CA ARG N 7 21.95 -42.03 -33.08
C ARG N 7 21.01 -43.23 -32.99
N GLN N 8 19.78 -43.04 -33.49
CA GLN N 8 18.81 -44.12 -33.55
C GLN N 8 17.76 -43.77 -34.60
N ASN N 9 17.56 -44.66 -35.58
CA ASN N 9 16.57 -44.46 -36.63
C ASN N 9 16.84 -43.16 -37.41
N PHE N 10 18.11 -42.83 -37.66
CA PHE N 10 18.51 -41.57 -38.27
C PHE N 10 19.43 -41.85 -39.45
N HIS N 11 18.91 -41.67 -40.67
CA HIS N 11 19.61 -42.08 -41.88
C HIS N 11 20.59 -41.02 -42.35
N VAL N 12 21.68 -41.47 -42.99
CA VAL N 12 22.68 -40.51 -43.46
C VAL N 12 22.10 -39.54 -44.49
N GLU N 13 21.12 -39.98 -45.28
CA GLU N 13 20.51 -39.08 -46.25
C GLU N 13 19.72 -37.98 -45.55
N SER N 14 19.06 -38.32 -44.43
CA SER N 14 18.37 -37.29 -43.65
C SER N 14 19.37 -36.31 -43.03
N GLU N 15 20.47 -36.86 -42.49
CA GLU N 15 21.53 -36.02 -41.92
C GLU N 15 22.09 -35.06 -42.96
N ALA N 16 22.34 -35.55 -44.17
CA ALA N 16 22.85 -34.67 -45.23
C ALA N 16 21.82 -33.65 -45.65
N GLY N 17 20.55 -34.06 -45.72
CA GLY N 17 19.51 -33.12 -46.10
C GLY N 17 19.34 -32.01 -45.08
N ILE N 18 19.51 -32.32 -43.79
CA ILE N 18 19.44 -31.28 -42.76
C ILE N 18 20.56 -30.27 -42.95
N ASN N 19 21.78 -30.75 -43.27
CA ASN N 19 22.88 -29.83 -43.53
C ASN N 19 22.60 -28.93 -44.73
N LYS N 20 21.97 -29.48 -45.77
CA LYS N 20 21.62 -28.65 -46.91
C LYS N 20 20.59 -27.58 -46.51
N GLN N 21 19.58 -27.98 -45.73
CA GLN N 21 18.55 -27.04 -45.30
C GLN N 21 19.13 -25.97 -44.38
N ILE N 22 20.07 -26.34 -43.50
CA ILE N 22 20.71 -25.34 -42.64
C ILE N 22 21.31 -24.22 -43.50
N ASN N 23 22.00 -24.59 -44.57
CA ASN N 23 22.61 -23.58 -45.43
C ASN N 23 21.54 -22.71 -46.08
N MET N 24 20.43 -23.32 -46.50
CA MET N 24 19.39 -22.55 -47.16
C MET N 24 18.73 -21.56 -46.21
N GLU N 25 18.54 -21.94 -44.95
CA GLU N 25 18.00 -21.01 -43.96
C GLU N 25 18.96 -19.84 -43.74
N LEU N 26 20.26 -20.12 -43.60
CA LEU N 26 21.24 -19.06 -43.46
C LEU N 26 21.23 -18.14 -44.68
N TYR N 27 21.12 -18.73 -45.87
CA TYR N 27 21.03 -17.94 -47.09
C TYR N 27 19.84 -16.99 -47.05
N ALA N 28 18.67 -17.51 -46.66
CA ALA N 28 17.48 -16.65 -46.58
C ALA N 28 17.68 -15.55 -45.55
N SER N 29 18.30 -15.87 -44.41
CA SER N 29 18.63 -14.86 -43.43
C SER N 29 19.45 -13.73 -44.05
N TYR N 30 20.42 -14.09 -44.89
CA TYR N 30 21.30 -13.11 -45.53
C TYR N 30 20.52 -12.24 -46.51
N VAL N 31 19.60 -12.85 -47.27
CA VAL N 31 18.76 -12.08 -48.19
C VAL N 31 17.97 -11.03 -47.41
N TYR N 32 17.32 -11.44 -46.32
CA TYR N 32 16.55 -10.47 -45.54
C TYR N 32 17.45 -9.42 -44.92
N GLN N 33 18.68 -9.76 -44.56
CA GLN N 33 19.58 -8.74 -44.05
C GLN N 33 19.86 -7.70 -45.12
N SER N 34 20.09 -8.13 -46.36
CA SER N 34 20.32 -7.20 -47.45
C SER N 34 19.11 -6.30 -47.67
N MET N 35 17.91 -6.88 -47.66
CA MET N 35 16.70 -6.06 -47.85
C MET N 35 16.53 -5.06 -46.73
N TYR N 36 16.76 -5.50 -45.49
CA TYR N 36 16.80 -4.60 -44.34
C TYR N 36 17.68 -3.38 -44.61
N MET N 37 18.94 -3.61 -44.97
CA MET N 37 19.85 -2.49 -45.18
C MET N 37 19.55 -1.71 -46.45
N TYR N 38 18.88 -2.31 -47.42
CA TYR N 38 18.47 -1.57 -48.61
C TYR N 38 17.37 -0.57 -48.26
N PHE N 39 16.36 -0.98 -47.51
CA PHE N 39 15.31 -0.04 -47.12
C PHE N 39 15.80 0.99 -46.11
N ASP N 40 16.95 0.75 -45.48
CA ASP N 40 17.63 1.71 -44.62
C ASP N 40 18.42 2.76 -45.40
N ARG N 41 18.59 2.57 -46.71
CA ARG N 41 19.31 3.55 -47.51
C ARG N 41 18.61 4.91 -47.46
N ASP N 42 19.41 5.97 -47.47
CA ASP N 42 18.84 7.32 -47.43
C ASP N 42 17.97 7.62 -48.64
N ASP N 43 18.21 6.93 -49.76
CA ASP N 43 17.40 7.16 -50.97
C ASP N 43 16.27 6.15 -51.11
N VAL N 44 15.99 5.36 -50.06
CA VAL N 44 14.81 4.50 -50.00
C VAL N 44 14.01 4.91 -48.77
N ALA N 45 14.63 4.79 -47.59
CA ALA N 45 14.18 5.47 -46.37
C ALA N 45 12.76 5.08 -45.98
N LEU N 46 12.51 3.77 -45.89
CA LEU N 46 11.25 3.23 -45.38
C LEU N 46 11.58 2.42 -44.13
N PRO N 47 11.55 3.03 -42.96
CA PRO N 47 12.15 2.41 -41.78
C PRO N 47 11.35 1.24 -41.21
N SER N 48 10.05 1.17 -41.43
CA SER N 48 9.30 0.03 -40.91
C SER N 48 9.43 -1.19 -41.82
N PHE N 49 9.48 -0.98 -43.13
CA PHE N 49 9.92 -2.05 -44.01
C PHE N 49 11.29 -2.57 -43.60
N ALA N 50 12.21 -1.65 -43.31
CA ALA N 50 13.55 -2.06 -42.90
C ALA N 50 13.47 -2.95 -41.65
N LYS N 51 12.70 -2.53 -40.65
CA LYS N 51 12.58 -3.32 -39.43
C LYS N 51 11.92 -4.66 -39.69
N TYR N 52 10.98 -4.71 -40.63
CA TYR N 52 10.33 -5.97 -40.98
C TYR N 52 11.34 -6.98 -41.49
N PHE N 53 12.21 -6.56 -42.40
CA PHE N 53 13.20 -7.47 -42.95
C PHE N 53 14.27 -7.81 -41.93
N LYS N 54 14.62 -6.86 -41.05
CA LYS N 54 15.52 -7.16 -39.95
C LYS N 54 14.96 -8.29 -39.10
N HIS N 55 13.68 -8.21 -38.74
CA HIS N 55 13.06 -9.26 -37.95
C HIS N 55 13.04 -10.58 -38.71
N ASN N 56 12.71 -10.55 -40.00
CA ASN N 56 12.67 -11.80 -40.72
C ASN N 56 14.06 -12.39 -40.90
N SER N 57 15.09 -11.54 -41.01
CA SER N 57 16.45 -12.05 -41.03
C SER N 57 16.79 -12.78 -39.74
N GLU N 58 16.35 -12.23 -38.60
CA GLU N 58 16.59 -12.90 -37.32
C GLU N 58 15.81 -14.21 -37.24
N GLU N 59 14.56 -14.23 -37.70
CA GLU N 59 13.79 -15.47 -37.68
C GLU N 59 14.47 -16.56 -38.48
N GLU N 60 14.99 -16.23 -39.66
CA GLU N 60 15.63 -17.26 -40.48
C GLU N 60 16.90 -17.76 -39.82
N ARG N 61 17.67 -16.88 -39.19
CA ARG N 61 18.84 -17.34 -38.45
C ARG N 61 18.42 -18.30 -37.33
N GLU N 62 17.33 -17.99 -36.63
CA GLU N 62 16.80 -18.91 -35.63
C GLU N 62 16.38 -20.24 -36.26
N HIS N 63 15.68 -20.19 -37.40
CA HIS N 63 15.33 -21.43 -38.10
C HIS N 63 16.57 -22.28 -38.35
N ALA N 64 17.66 -21.65 -38.79
CA ALA N 64 18.90 -22.36 -39.05
C ALA N 64 19.46 -22.97 -37.78
N GLU N 65 19.50 -22.20 -36.69
CA GLU N 65 20.08 -22.72 -35.46
C GLU N 65 19.23 -23.83 -34.85
N LYS N 66 17.91 -23.79 -35.03
CA LYS N 66 17.07 -24.86 -34.53
C LYS N 66 17.32 -26.17 -35.28
N LEU N 67 17.59 -26.07 -36.59
CA LEU N 67 17.99 -27.26 -37.35
C LEU N 67 19.38 -27.75 -36.93
N MET N 68 20.30 -26.83 -36.66
CA MET N 68 21.60 -27.24 -36.15
C MET N 68 21.46 -27.99 -34.83
N LYS N 69 20.67 -27.43 -33.90
CA LYS N 69 20.42 -28.12 -32.63
C LYS N 69 19.80 -29.49 -32.88
N TYR N 70 18.88 -29.58 -33.85
CA TYR N 70 18.22 -30.85 -34.12
C TYR N 70 19.21 -31.87 -34.68
N GLN N 71 20.07 -31.43 -35.61
CA GLN N 71 21.14 -32.28 -36.10
C GLN N 71 21.93 -32.88 -34.93
N ASN N 72 22.37 -32.04 -33.98
CA ASN N 72 23.14 -32.53 -32.84
C ASN N 72 22.31 -33.49 -31.98
N LYS N 73 21.04 -33.15 -31.76
CA LYS N 73 20.18 -33.97 -30.90
C LYS N 73 20.05 -35.38 -31.44
N ARG N 74 19.97 -35.52 -32.76
CA ARG N 74 19.82 -36.84 -33.37
C ARG N 74 21.16 -37.57 -33.53
N GLY N 75 22.27 -36.92 -33.21
CA GLY N 75 23.56 -37.54 -33.39
C GLY N 75 24.16 -37.34 -34.76
N GLY N 76 23.57 -36.48 -35.57
CA GLY N 76 24.21 -36.07 -36.81
C GLY N 76 25.32 -35.07 -36.53
N ARG N 77 26.06 -34.75 -37.58
CA ARG N 77 27.20 -33.85 -37.46
C ARG N 77 27.00 -32.68 -38.42
N ILE N 78 26.97 -31.47 -37.86
CA ILE N 78 26.77 -30.26 -38.64
C ILE N 78 27.97 -30.05 -39.55
N VAL N 79 27.72 -29.84 -40.84
CA VAL N 79 28.76 -29.51 -41.80
C VAL N 79 28.32 -28.24 -42.52
N LEU N 80 28.97 -27.12 -42.20
CA LEU N 80 28.61 -25.83 -42.73
C LEU N 80 29.21 -25.63 -44.12
N GLN N 81 28.54 -24.80 -44.93
CA GLN N 81 29.04 -24.42 -46.24
C GLN N 81 29.02 -22.90 -46.34
N ASP N 82 29.72 -22.37 -47.35
CA ASP N 82 29.68 -20.92 -47.58
C ASP N 82 28.23 -20.44 -47.65
N ILE N 83 27.97 -19.25 -47.11
CA ILE N 83 26.67 -18.61 -47.26
C ILE N 83 26.75 -17.69 -48.46
N GLN N 84 26.08 -18.07 -49.57
CA GLN N 84 26.18 -17.28 -50.79
C GLN N 84 25.55 -15.90 -50.60
N LYS N 85 26.16 -14.88 -51.21
CA LYS N 85 25.56 -13.55 -51.17
C LYS N 85 24.25 -13.54 -51.95
N PRO N 86 23.33 -12.63 -51.61
CA PRO N 86 22.05 -12.59 -52.32
C PRO N 86 22.20 -12.29 -53.79
N ASP N 87 21.15 -12.61 -54.55
CA ASP N 87 21.18 -12.51 -56.01
C ASP N 87 21.31 -11.08 -56.49
N LEU N 88 20.79 -10.12 -55.72
CA LEU N 88 20.78 -8.71 -56.09
C LEU N 88 21.41 -7.88 -54.98
N ASP N 89 21.94 -6.70 -55.34
CA ASP N 89 22.41 -5.74 -54.35
C ASP N 89 21.33 -4.72 -53.96
N GLU N 90 20.30 -4.58 -54.79
CA GLU N 90 19.21 -3.61 -54.63
C GLU N 90 17.91 -4.30 -55.00
N TRP N 91 16.82 -3.94 -54.33
CA TRP N 91 15.61 -4.77 -54.35
C TRP N 91 14.39 -4.05 -54.91
N GLY N 92 14.54 -2.85 -55.44
CA GLY N 92 13.44 -2.20 -56.14
C GLY N 92 12.44 -1.56 -55.18
N SER N 93 11.18 -1.58 -55.59
CA SER N 93 10.11 -1.00 -54.80
C SER N 93 9.71 -1.93 -53.67
N PRO N 94 8.97 -1.42 -52.68
CA PRO N 94 8.38 -2.31 -51.68
C PRO N 94 7.64 -3.50 -52.30
N LEU N 95 6.81 -3.25 -53.32
CA LEU N 95 6.09 -4.34 -53.97
C LEU N 95 7.04 -5.38 -54.55
N GLU N 96 8.09 -4.91 -55.24
CA GLU N 96 9.04 -5.83 -55.86
C GLU N 96 9.79 -6.65 -54.81
N ALA N 97 10.19 -6.03 -53.70
CA ALA N 97 10.87 -6.76 -52.64
C ALA N 97 9.96 -7.82 -52.01
N MET N 98 8.68 -7.49 -51.81
CA MET N 98 7.76 -8.48 -51.24
C MET N 98 7.54 -9.64 -52.21
N GLN N 99 7.50 -9.34 -53.52
CA GLN N 99 7.36 -10.41 -54.50
C GLN N 99 8.58 -11.33 -54.49
N THR N 100 9.78 -10.75 -54.40
CA THR N 100 11.00 -11.55 -54.22
C THR N 100 10.90 -12.42 -52.98
N THR N 101 10.42 -11.85 -51.88
CA THR N 101 10.31 -12.57 -50.63
C THR N 101 9.33 -13.75 -50.74
N LEU N 102 8.22 -13.55 -51.43
CA LEU N 102 7.30 -14.67 -51.63
C LEU N 102 7.98 -15.82 -52.37
N ALA N 103 8.74 -15.50 -53.43
CA ALA N 103 9.44 -16.54 -54.17
C ALA N 103 10.47 -17.24 -53.30
N LEU N 104 11.19 -16.45 -52.48
CA LEU N 104 12.14 -17.04 -51.54
C LEU N 104 11.46 -18.00 -50.58
N GLU N 105 10.39 -17.56 -49.93
CA GLU N 105 9.75 -18.41 -48.94
C GLU N 105 9.14 -19.66 -49.57
N LYS N 106 8.66 -19.56 -50.81
CA LYS N 106 8.14 -20.76 -51.48
C LYS N 106 9.25 -21.72 -51.85
N SER N 107 10.43 -21.21 -52.21
CA SER N 107 11.52 -22.12 -52.49
C SER N 107 12.01 -22.80 -51.22
N VAL N 108 12.08 -22.07 -50.11
CA VAL N 108 12.42 -22.69 -48.83
C VAL N 108 11.38 -23.74 -48.45
N ASN N 109 10.10 -23.42 -48.63
CA ASN N 109 9.05 -24.39 -48.32
C ASN N 109 9.20 -25.67 -49.15
N GLN N 110 9.44 -25.53 -50.45
CA GLN N 110 9.61 -26.73 -51.27
C GLN N 110 10.81 -27.55 -50.78
N ALA N 111 11.89 -26.87 -50.40
CA ALA N 111 13.06 -27.59 -49.89
C ALA N 111 12.70 -28.35 -48.61
N LEU N 112 11.87 -27.74 -47.75
CA LEU N 112 11.47 -28.42 -46.52
C LEU N 112 10.56 -29.60 -46.82
N LEU N 113 9.64 -29.44 -47.77
CA LEU N 113 8.80 -30.56 -48.16
C LEU N 113 9.64 -31.69 -48.74
N ASP N 114 10.69 -31.34 -49.50
CA ASP N 114 11.59 -32.37 -50.01
C ASP N 114 12.34 -33.07 -48.89
N LEU N 115 12.76 -32.32 -47.87
CA LEU N 115 13.44 -32.91 -46.72
C LEU N 115 12.49 -33.83 -45.94
N HIS N 116 11.24 -33.40 -45.79
CA HIS N 116 10.23 -34.26 -45.18
C HIS N 116 10.08 -35.57 -45.95
N LYS N 117 10.19 -35.52 -47.28
CA LYS N 117 10.07 -36.75 -48.06
C LYS N 117 11.24 -37.70 -47.78
N ILE N 118 12.43 -37.17 -47.54
CA ILE N 118 13.56 -38.01 -47.17
C ILE N 118 13.29 -38.71 -45.84
N ALA N 119 12.83 -37.95 -44.85
CA ALA N 119 12.52 -38.55 -43.56
C ALA N 119 11.45 -39.64 -43.72
N ASP N 120 10.41 -39.36 -44.50
CA ASP N 120 9.36 -40.34 -44.72
C ASP N 120 9.91 -41.61 -45.37
N LYS N 121 10.75 -41.42 -46.39
CA LYS N 121 11.35 -42.54 -47.11
C LYS N 121 12.06 -43.49 -46.16
N HIS N 122 12.70 -42.95 -45.13
CA HIS N 122 13.47 -43.75 -44.19
C HIS N 122 12.72 -44.04 -42.89
N GLY N 123 11.42 -43.76 -42.87
CA GLY N 123 10.62 -44.08 -41.70
C GLY N 123 11.00 -43.29 -40.48
N ASP N 124 11.47 -42.05 -40.65
CA ASP N 124 11.90 -41.23 -39.53
C ASP N 124 10.69 -40.45 -39.02
N ALA N 125 9.89 -41.13 -38.20
CA ALA N 125 8.64 -40.56 -37.73
C ALA N 125 8.88 -39.29 -36.91
N GLN N 126 9.92 -39.29 -36.08
CA GLN N 126 10.15 -38.13 -35.21
C GLN N 126 10.64 -36.93 -36.01
N MET N 127 11.50 -37.16 -37.00
CA MET N 127 11.94 -36.06 -37.86
C MET N 127 10.78 -35.50 -38.69
N MET N 128 9.86 -36.36 -39.13
CA MET N 128 8.70 -35.85 -39.85
C MET N 128 7.89 -34.92 -38.97
N ASP N 129 7.62 -35.33 -37.72
CA ASP N 129 6.83 -34.50 -36.82
C ASP N 129 7.57 -33.22 -36.46
N PHE N 130 8.89 -33.29 -36.27
CA PHE N 130 9.68 -32.10 -36.03
C PHE N 130 9.52 -31.10 -37.17
N LEU N 131 9.67 -31.57 -38.41
CA LEU N 131 9.58 -30.67 -39.56
C LEU N 131 8.17 -30.11 -39.70
N GLU N 132 7.15 -30.94 -39.55
CA GLU N 132 5.77 -30.45 -39.66
C GLU N 132 5.50 -29.35 -38.65
N GLY N 133 5.75 -29.63 -37.37
CA GLY N 133 5.36 -28.69 -36.32
C GLY N 133 6.24 -27.46 -36.27
N GLU N 134 7.54 -27.62 -36.49
CA GLU N 134 8.48 -26.51 -36.33
C GLU N 134 8.80 -25.77 -37.62
N TYR N 135 8.53 -26.35 -38.80
CA TYR N 135 8.91 -25.69 -40.04
C TYR N 135 7.76 -25.55 -41.03
N LEU N 136 7.03 -26.65 -41.30
CA LEU N 136 5.98 -26.61 -42.32
C LEU N 136 4.85 -25.65 -41.95
N LYS N 137 4.42 -25.65 -40.67
CA LYS N 137 3.34 -24.75 -40.26
C LYS N 137 3.77 -23.29 -40.41
N GLU N 138 4.98 -22.96 -39.94
CA GLU N 138 5.44 -21.57 -40.04
C GLU N 138 5.55 -21.12 -41.49
N GLN N 139 5.97 -22.01 -42.40
CA GLN N 139 6.07 -21.62 -43.80
C GLN N 139 4.71 -21.28 -44.39
N VAL N 140 3.68 -22.06 -44.08
CA VAL N 140 2.35 -21.74 -44.61
C VAL N 140 1.89 -20.39 -44.07
N ASP N 141 2.13 -20.11 -42.78
CA ASP N 141 1.77 -18.81 -42.23
C ASP N 141 2.56 -17.68 -42.91
N ALA N 142 3.86 -17.87 -43.11
CA ALA N 142 4.69 -16.84 -43.71
C ALA N 142 4.26 -16.56 -45.15
N ILE N 143 3.96 -17.61 -45.92
CA ILE N 143 3.57 -17.41 -47.31
C ILE N 143 2.27 -16.63 -47.40
N GLU N 144 1.30 -16.95 -46.53
CA GLU N 144 0.05 -16.20 -46.54
C GLU N 144 0.28 -14.75 -46.14
N GLU N 145 1.11 -14.51 -45.12
CA GLU N 145 1.35 -13.13 -44.68
C GLU N 145 1.97 -12.31 -45.79
N ILE N 146 2.95 -12.86 -46.52
CA ILE N 146 3.58 -12.14 -47.61
C ILE N 146 2.57 -11.91 -48.74
N SER N 147 1.72 -12.90 -49.02
CA SER N 147 0.69 -12.71 -50.03
C SER N 147 -0.21 -11.52 -49.68
N ASP N 148 -0.58 -11.38 -48.41
CA ASP N 148 -1.35 -10.21 -47.95
C ASP N 148 -0.60 -8.91 -48.23
N HIS N 149 0.69 -8.87 -47.90
CA HIS N 149 1.47 -7.65 -48.15
C HIS N 149 1.45 -7.27 -49.62
N ILE N 150 1.63 -8.25 -50.50
CA ILE N 150 1.67 -7.96 -51.94
C ILE N 150 0.35 -7.39 -52.41
N THR N 151 -0.76 -8.02 -52.00
CA THR N 151 -2.08 -7.50 -52.35
C THR N 151 -2.25 -6.06 -51.87
N ASN N 152 -1.86 -5.78 -50.63
CA ASN N 152 -2.07 -4.42 -50.13
C ASN N 152 -1.16 -3.42 -50.83
N LEU N 153 0.07 -3.82 -51.15
CA LEU N 153 0.95 -2.91 -51.86
C LEU N 153 0.41 -2.60 -53.25
N LYS N 154 -0.16 -3.60 -53.91
CA LYS N 154 -0.82 -3.36 -55.18
C LYS N 154 -2.00 -2.41 -55.02
N ARG N 155 -2.76 -2.56 -53.93
CA ARG N 155 -3.93 -1.70 -53.73
C ARG N 155 -3.53 -0.25 -53.49
N VAL N 156 -2.52 0.00 -52.64
CA VAL N 156 -2.20 1.39 -52.28
C VAL N 156 -1.39 2.11 -53.36
N GLY N 157 -0.70 1.38 -54.24
CA GLY N 157 0.05 1.99 -55.31
C GLY N 157 1.38 2.57 -54.84
N THR N 158 2.06 3.27 -55.76
CA THR N 158 3.35 3.87 -55.46
C THR N 158 3.17 5.28 -54.89
N GLY N 159 4.23 5.76 -54.22
CA GLY N 159 4.24 7.11 -53.69
C GLY N 159 3.65 7.17 -52.28
N LEU N 160 2.61 7.98 -52.11
CA LEU N 160 1.99 8.10 -50.79
C LEU N 160 1.51 6.75 -50.26
N GLY N 161 1.03 5.86 -51.12
CA GLY N 161 0.57 4.56 -50.64
C GLY N 161 1.66 3.75 -49.97
N GLU N 162 2.86 3.76 -50.55
CA GLU N 162 3.99 3.05 -49.96
C GLU N 162 4.37 3.65 -48.61
N TYR N 163 4.36 4.97 -48.52
CA TYR N 163 4.66 5.64 -47.26
C TYR N 163 3.64 5.27 -46.20
N MET N 164 2.36 5.28 -46.56
CA MET N 164 1.31 4.97 -45.58
C MET N 164 1.35 3.50 -45.16
N TYR N 165 1.68 2.60 -46.07
CA TYR N 165 1.78 1.20 -45.70
C TYR N 165 2.90 0.99 -44.69
N ASP N 166 4.02 1.67 -44.92
CA ASP N 166 5.11 1.66 -43.95
C ASP N 166 4.62 2.14 -42.58
N LYS N 167 3.82 3.20 -42.54
CA LYS N 167 3.39 3.75 -41.25
C LYS N 167 2.27 2.96 -40.62
N GLU N 168 1.38 2.35 -41.41
CA GLU N 168 0.21 1.71 -40.83
C GLU N 168 0.41 0.22 -40.60
N THR N 169 0.75 -0.52 -41.65
CA THR N 169 0.86 -1.97 -41.51
C THR N 169 2.25 -2.41 -41.04
N MET N 170 3.32 -1.91 -41.67
CA MET N 170 4.64 -2.42 -41.36
C MET N 170 5.10 -2.01 -39.96
N SER N 171 4.47 -1.02 -39.35
CA SER N 171 4.89 -0.58 -38.02
C SER N 171 4.43 -1.52 -36.93
N GLN O 3 -2.82 -19.58 -60.67
CA GLN O 3 -3.00 -20.04 -59.29
C GLN O 3 -3.01 -18.86 -58.32
N THR O 4 -3.63 -19.05 -57.16
CA THR O 4 -3.58 -18.02 -56.13
C THR O 4 -2.16 -17.91 -55.58
N GLN O 5 -1.85 -16.73 -55.02
CA GLN O 5 -0.51 -16.43 -54.54
C GLN O 5 0.05 -17.47 -53.57
N PRO O 6 -0.68 -17.92 -52.56
CA PRO O 6 -0.06 -18.82 -51.58
C PRO O 6 0.11 -20.24 -52.08
N ARG O 7 -0.61 -20.63 -53.14
CA ARG O 7 -0.82 -22.05 -53.39
C ARG O 7 0.49 -22.80 -53.62
N GLN O 8 0.70 -23.86 -52.84
CA GLN O 8 1.88 -24.70 -52.99
C GLN O 8 1.60 -26.05 -52.36
N ASN O 9 1.74 -27.13 -53.14
CA ASN O 9 1.53 -28.49 -52.67
C ASN O 9 0.10 -28.68 -52.15
N PHE O 10 -0.86 -28.02 -52.80
CA PHE O 10 -2.25 -28.01 -52.34
C PHE O 10 -3.16 -28.47 -53.46
N HIS O 11 -3.68 -29.70 -53.36
CA HIS O 11 -4.43 -30.33 -54.45
C HIS O 11 -5.89 -29.89 -54.45
N VAL O 12 -6.48 -29.80 -55.65
CA VAL O 12 -7.87 -29.37 -55.73
C VAL O 12 -8.80 -30.32 -54.98
N GLU O 13 -8.43 -31.60 -54.89
CA GLU O 13 -9.26 -32.54 -54.14
C GLU O 13 -9.24 -32.21 -52.65
N SER O 14 -8.09 -31.79 -52.13
CA SER O 14 -8.01 -31.37 -50.74
C SER O 14 -8.83 -30.11 -50.51
N GLU O 15 -8.74 -29.17 -51.44
CA GLU O 15 -9.52 -27.94 -51.36
C GLU O 15 -11.02 -28.25 -51.34
N ALA O 16 -11.47 -29.17 -52.19
CA ALA O 16 -12.88 -29.53 -52.19
C ALA O 16 -13.28 -30.22 -50.89
N GLY O 17 -12.41 -31.08 -50.36
CA GLY O 17 -12.73 -31.77 -49.12
C GLY O 17 -12.82 -30.82 -47.94
N ILE O 18 -12.00 -29.78 -47.93
CA ILE O 18 -12.10 -28.80 -46.87
C ILE O 18 -13.42 -28.06 -46.96
N ASN O 19 -13.87 -27.73 -48.17
CA ASN O 19 -15.19 -27.09 -48.29
C ASN O 19 -16.30 -28.01 -47.78
N LYS O 20 -16.20 -29.30 -48.05
CA LYS O 20 -17.23 -30.21 -47.54
C LYS O 20 -17.19 -30.29 -46.02
N GLN O 21 -15.99 -30.32 -45.43
CA GLN O 21 -15.88 -30.39 -43.97
C GLN O 21 -16.37 -29.11 -43.32
N ILE O 22 -16.11 -27.96 -43.94
CA ILE O 22 -16.64 -26.70 -43.44
C ILE O 22 -18.15 -26.79 -43.26
N ASN O 23 -18.84 -27.33 -44.27
CA ASN O 23 -20.29 -27.43 -44.18
C ASN O 23 -20.72 -28.38 -43.06
N MET O 24 -20.02 -29.51 -42.93
CA MET O 24 -20.35 -30.47 -41.88
C MET O 24 -20.17 -29.88 -40.48
N GLU O 25 -19.12 -29.07 -40.28
CA GLU O 25 -18.93 -28.40 -39.00
C GLU O 25 -20.07 -27.43 -38.71
N LEU O 26 -20.49 -26.67 -39.73
CA LEU O 26 -21.63 -25.76 -39.56
C LEU O 26 -22.91 -26.53 -39.30
N TYR O 27 -23.13 -27.64 -40.03
CA TYR O 27 -24.24 -28.52 -39.73
C TYR O 27 -24.24 -28.97 -38.28
N ALA O 28 -23.07 -29.41 -37.79
CA ALA O 28 -22.97 -29.83 -36.39
C ALA O 28 -23.33 -28.70 -35.44
N SER O 29 -22.84 -27.48 -35.73
CA SER O 29 -23.18 -26.32 -34.91
C SER O 29 -24.69 -26.11 -34.85
N TYR O 30 -25.39 -26.30 -35.99
CA TYR O 30 -26.83 -26.10 -36.03
C TYR O 30 -27.55 -27.18 -35.23
N VAL O 31 -27.10 -28.43 -35.31
CA VAL O 31 -27.69 -29.48 -34.47
C VAL O 31 -27.61 -29.07 -33.00
N TYR O 32 -26.43 -28.65 -32.55
CA TYR O 32 -26.25 -28.31 -31.13
C TYR O 32 -27.08 -27.10 -30.74
N GLN O 33 -27.19 -26.10 -31.63
CA GLN O 33 -28.08 -24.97 -31.37
C GLN O 33 -29.53 -25.43 -31.17
N SER O 34 -29.97 -26.38 -31.99
CA SER O 34 -31.32 -26.94 -31.81
C SER O 34 -31.46 -27.65 -30.46
N MET O 35 -30.46 -28.45 -30.08
CA MET O 35 -30.53 -29.11 -28.78
C MET O 35 -30.48 -28.10 -27.64
N TYR O 36 -29.66 -27.07 -27.78
CA TYR O 36 -29.62 -25.99 -26.79
C TYR O 36 -31.02 -25.44 -26.55
N MET O 37 -31.71 -25.03 -27.62
CA MET O 37 -33.04 -24.42 -27.45
C MET O 37 -34.10 -25.44 -27.08
N TYR O 38 -33.87 -26.72 -27.36
CA TYR O 38 -34.79 -27.75 -26.91
C TYR O 38 -34.76 -27.90 -25.38
N PHE O 39 -33.55 -27.96 -24.80
CA PHE O 39 -33.48 -28.05 -23.35
C PHE O 39 -33.84 -26.74 -22.66
N ASP O 40 -33.93 -25.65 -23.40
CA ASP O 40 -34.45 -24.37 -22.91
C ASP O 40 -35.97 -24.31 -22.90
N ARG O 41 -36.65 -25.31 -23.47
CA ARG O 41 -38.11 -25.29 -23.49
C ARG O 41 -38.67 -25.38 -22.07
N ASP O 42 -39.81 -24.70 -21.83
CA ASP O 42 -40.41 -24.70 -20.50
C ASP O 42 -40.82 -26.11 -20.06
N ASP O 43 -41.07 -27.01 -21.00
CA ASP O 43 -41.48 -28.37 -20.67
C ASP O 43 -40.32 -29.35 -20.70
N VAL O 44 -39.08 -28.84 -20.76
CA VAL O 44 -37.88 -29.67 -20.63
C VAL O 44 -37.07 -29.10 -19.47
N ALA O 45 -36.65 -27.84 -19.61
CA ALA O 45 -36.24 -27.00 -18.48
C ALA O 45 -35.04 -27.58 -17.73
N LEU O 46 -34.01 -27.97 -18.48
CA LEU O 46 -32.74 -28.41 -17.91
C LEU O 46 -31.68 -27.42 -18.36
N PRO O 47 -31.42 -26.38 -17.56
CA PRO O 47 -30.65 -25.23 -18.07
C PRO O 47 -29.17 -25.48 -18.20
N SER O 48 -28.59 -26.42 -17.45
CA SER O 48 -27.17 -26.69 -17.65
C SER O 48 -26.94 -27.57 -18.87
N PHE O 49 -27.83 -28.53 -19.13
CA PHE O 49 -27.84 -29.20 -20.43
C PHE O 49 -27.96 -28.19 -21.56
N ALA O 50 -28.88 -27.24 -21.42
CA ALA O 50 -29.03 -26.18 -22.42
C ALA O 50 -27.70 -25.49 -22.67
N LYS O 51 -27.02 -25.06 -21.60
CA LYS O 51 -25.77 -24.32 -21.76
C LYS O 51 -24.65 -25.18 -22.34
N TYR O 52 -24.65 -26.47 -22.02
CA TYR O 52 -23.66 -27.38 -22.60
C TYR O 52 -23.79 -27.44 -24.11
N PHE O 53 -25.02 -27.56 -24.62
CA PHE O 53 -25.20 -27.59 -26.07
C PHE O 53 -24.98 -26.20 -26.70
N LYS O 54 -25.30 -25.14 -25.97
CA LYS O 54 -24.92 -23.80 -26.41
C LYS O 54 -23.41 -23.72 -26.65
N HIS O 55 -22.62 -24.21 -25.69
CA HIS O 55 -21.17 -24.16 -25.80
C HIS O 55 -20.67 -25.05 -26.94
N ASN O 56 -21.25 -26.24 -27.08
CA ASN O 56 -20.81 -27.10 -28.18
C ASN O 56 -21.18 -26.51 -29.53
N SER O 57 -22.31 -25.81 -29.62
CA SER O 57 -22.65 -25.13 -30.86
C SER O 57 -21.60 -24.08 -31.23
N GLU O 58 -21.15 -23.31 -30.24
CA GLU O 58 -20.12 -22.30 -30.49
C GLU O 58 -18.79 -22.95 -30.87
N GLU O 59 -18.44 -24.06 -30.23
CA GLU O 59 -17.19 -24.73 -30.58
C GLU O 59 -17.23 -25.26 -32.02
N GLU O 60 -18.38 -25.80 -32.45
CA GLU O 60 -18.46 -26.29 -33.82
C GLU O 60 -18.39 -25.15 -34.83
N ARG O 61 -18.96 -23.99 -34.48
CA ARG O 61 -18.79 -22.81 -35.33
C ARG O 61 -17.33 -22.40 -35.41
N GLU O 62 -16.62 -22.47 -34.28
CA GLU O 62 -15.18 -22.18 -34.30
C GLU O 62 -14.41 -23.20 -35.14
N HIS O 63 -14.77 -24.48 -35.05
CA HIS O 63 -14.13 -25.47 -35.92
C HIS O 63 -14.31 -25.11 -37.38
N ALA O 64 -15.52 -24.68 -37.75
CA ALA O 64 -15.79 -24.34 -39.14
C ALA O 64 -14.97 -23.13 -39.57
N GLU O 65 -14.89 -22.11 -38.71
CA GLU O 65 -14.17 -20.91 -39.09
C GLU O 65 -12.66 -21.16 -39.17
N LYS O 66 -12.13 -22.04 -38.32
CA LYS O 66 -10.72 -22.37 -38.41
C LYS O 66 -10.40 -23.09 -39.73
N LEU O 67 -11.32 -23.91 -40.23
CA LEU O 67 -11.11 -24.54 -41.54
C LEU O 67 -11.25 -23.53 -42.68
N MET O 68 -12.16 -22.56 -42.56
CA MET O 68 -12.26 -21.49 -43.53
C MET O 68 -10.97 -20.68 -43.59
N LYS O 69 -10.41 -20.34 -42.42
CA LYS O 69 -9.13 -19.64 -42.38
C LYS O 69 -8.03 -20.48 -43.00
N TYR O 70 -8.04 -21.79 -42.73
CA TYR O 70 -7.03 -22.67 -43.31
C TYR O 70 -7.15 -22.72 -44.83
N GLN O 71 -8.38 -22.84 -45.35
CA GLN O 71 -8.60 -22.79 -46.79
C GLN O 71 -7.95 -21.55 -47.38
N ASN O 72 -8.23 -20.39 -46.80
CA ASN O 72 -7.64 -19.14 -47.30
C ASN O 72 -6.12 -19.17 -47.19
N LYS O 73 -5.58 -19.67 -46.06
CA LYS O 73 -4.13 -19.68 -45.87
C LYS O 73 -3.44 -20.47 -46.96
N ARG O 74 -4.02 -21.59 -47.37
CA ARG O 74 -3.39 -22.42 -48.38
C ARG O 74 -3.64 -21.91 -49.79
N GLY O 75 -4.45 -20.87 -49.96
CA GLY O 75 -4.81 -20.41 -51.29
C GLY O 75 -6.02 -21.08 -51.89
N GLY O 76 -6.76 -21.88 -51.11
CA GLY O 76 -8.02 -22.40 -51.59
C GLY O 76 -9.07 -21.32 -51.57
N ARG O 77 -10.23 -21.62 -52.15
CA ARG O 77 -11.33 -20.68 -52.18
C ARG O 77 -12.52 -21.31 -51.48
N ILE O 78 -13.03 -20.61 -50.47
CA ILE O 78 -14.16 -21.09 -49.71
C ILE O 78 -15.41 -21.05 -50.57
N VAL O 79 -16.13 -22.17 -50.64
CA VAL O 79 -17.41 -22.24 -51.32
C VAL O 79 -18.44 -22.75 -50.32
N LEU O 80 -19.37 -21.90 -49.93
CA LEU O 80 -20.32 -22.26 -48.90
C LEU O 80 -21.52 -22.97 -49.52
N GLN O 81 -22.13 -23.85 -48.74
CA GLN O 81 -23.36 -24.52 -49.16
C GLN O 81 -24.42 -24.29 -48.09
N ASP O 82 -25.67 -24.57 -48.45
CA ASP O 82 -26.75 -24.46 -47.46
C ASP O 82 -26.40 -25.26 -46.21
N ILE O 83 -26.84 -24.77 -45.07
CA ILE O 83 -26.72 -25.51 -43.81
C ILE O 83 -28.05 -26.21 -43.58
N GLN O 84 -28.05 -27.53 -43.79
CA GLN O 84 -29.25 -28.32 -43.64
C GLN O 84 -29.76 -28.29 -42.19
N LYS O 85 -31.08 -28.19 -42.04
CA LYS O 85 -31.65 -28.21 -40.70
C LYS O 85 -31.46 -29.59 -40.07
N PRO O 86 -31.46 -29.67 -38.75
CA PRO O 86 -31.26 -30.96 -38.09
C PRO O 86 -32.36 -31.95 -38.41
N ASP O 87 -32.07 -33.24 -38.15
CA ASP O 87 -33.00 -34.31 -38.52
C ASP O 87 -34.28 -34.29 -37.72
N LEU O 88 -34.24 -33.80 -36.48
CA LEU O 88 -35.39 -33.76 -35.60
C LEU O 88 -35.61 -32.33 -35.12
N ASP O 89 -36.84 -32.06 -34.67
CA ASP O 89 -37.15 -30.79 -34.00
C ASP O 89 -37.05 -30.89 -32.49
N GLU O 90 -37.12 -32.09 -31.94
CA GLU O 90 -37.02 -32.31 -30.50
C GLU O 90 -36.24 -33.58 -30.26
N TRP O 91 -35.56 -33.65 -29.12
CA TRP O 91 -34.45 -34.58 -28.96
C TRP O 91 -34.64 -35.58 -27.83
N GLY O 92 -35.84 -35.70 -27.27
CA GLY O 92 -36.07 -36.75 -26.30
C GLY O 92 -35.46 -36.46 -24.94
N SER O 93 -35.01 -37.51 -24.27
CA SER O 93 -34.43 -37.36 -22.94
C SER O 93 -32.99 -36.89 -23.02
N PRO O 94 -32.43 -36.43 -21.91
CA PRO O 94 -30.99 -36.15 -21.89
C PRO O 94 -30.14 -37.31 -22.38
N LEU O 95 -30.46 -38.54 -21.98
CA LEU O 95 -29.71 -39.69 -22.47
C LEU O 95 -29.82 -39.82 -23.99
N GLU O 96 -31.04 -39.72 -24.53
CA GLU O 96 -31.23 -39.82 -25.97
C GLU O 96 -30.47 -38.74 -26.73
N ALA O 97 -30.51 -37.50 -26.22
CA ALA O 97 -29.78 -36.42 -26.87
C ALA O 97 -28.27 -36.67 -26.84
N MET O 98 -27.75 -37.19 -25.73
CA MET O 98 -26.32 -37.50 -25.67
C MET O 98 -25.94 -38.63 -26.62
N GLN O 99 -26.81 -39.64 -26.73
CA GLN O 99 -26.58 -40.71 -27.70
C GLN O 99 -26.58 -40.18 -29.13
N THR O 100 -27.50 -39.25 -29.45
CA THR O 100 -27.46 -38.60 -30.75
C THR O 100 -26.14 -37.84 -30.94
N THR O 101 -25.67 -37.15 -29.92
CA THR O 101 -24.44 -36.38 -30.09
C THR O 101 -23.23 -37.30 -30.26
N LEU O 102 -23.23 -38.47 -29.62
CA LEU O 102 -22.14 -39.41 -29.88
C LEU O 102 -22.11 -39.81 -31.35
N ALA O 103 -23.28 -40.13 -31.90
CA ALA O 103 -23.33 -40.50 -33.31
C ALA O 103 -22.87 -39.35 -34.20
N LEU O 104 -23.28 -38.12 -33.86
CA LEU O 104 -22.87 -36.99 -34.67
C LEU O 104 -21.35 -36.78 -34.61
N GLU O 105 -20.77 -36.88 -33.43
CA GLU O 105 -19.32 -36.64 -33.32
C GLU O 105 -18.52 -37.74 -34.00
N LYS O 106 -19.01 -38.99 -33.98
CA LYS O 106 -18.32 -40.06 -34.71
C LYS O 106 -18.43 -39.89 -36.21
N SER O 107 -19.56 -39.38 -36.72
CA SER O 107 -19.63 -39.15 -38.15
C SER O 107 -18.73 -37.97 -38.55
N VAL O 108 -18.64 -36.94 -37.70
CA VAL O 108 -17.70 -35.85 -37.98
C VAL O 108 -16.27 -36.39 -37.98
N ASN O 109 -15.95 -37.26 -37.02
CA ASN O 109 -14.60 -37.82 -36.94
C ASN O 109 -14.29 -38.68 -38.17
N GLN O 110 -15.24 -39.51 -38.60
CA GLN O 110 -14.98 -40.30 -39.80
C GLN O 110 -14.76 -39.39 -41.02
N ALA O 111 -15.51 -38.29 -41.09
CA ALA O 111 -15.32 -37.34 -42.18
C ALA O 111 -13.92 -36.73 -42.14
N LEU O 112 -13.44 -36.37 -40.93
CA LEU O 112 -12.10 -35.82 -40.81
C LEU O 112 -11.03 -36.85 -41.16
N LEU O 113 -11.23 -38.10 -40.73
CA LEU O 113 -10.29 -39.15 -41.11
C LEU O 113 -10.25 -39.33 -42.62
N ASP O 114 -11.41 -39.27 -43.28
CA ASP O 114 -11.43 -39.37 -44.75
C ASP O 114 -10.73 -38.16 -45.38
N LEU O 115 -10.90 -36.98 -44.80
CA LEU O 115 -10.17 -35.81 -45.29
C LEU O 115 -8.67 -35.97 -45.11
N HIS O 116 -8.25 -36.54 -43.97
CA HIS O 116 -6.83 -36.80 -43.75
C HIS O 116 -6.29 -37.73 -44.83
N LYS O 117 -7.07 -38.75 -45.23
CA LYS O 117 -6.65 -39.67 -46.28
C LYS O 117 -6.42 -38.95 -47.60
N ILE O 118 -7.28 -37.98 -47.94
CA ILE O 118 -7.09 -37.19 -49.16
C ILE O 118 -5.78 -36.42 -49.09
N ALA O 119 -5.53 -35.72 -47.98
CA ALA O 119 -4.26 -35.03 -47.82
C ALA O 119 -3.09 -35.99 -47.98
N ASP O 120 -3.21 -37.17 -47.39
CA ASP O 120 -2.13 -38.16 -47.43
C ASP O 120 -1.88 -38.63 -48.86
N LYS O 121 -2.97 -38.92 -49.59
CA LYS O 121 -2.87 -39.37 -50.98
C LYS O 121 -2.08 -38.39 -51.84
N HIS O 122 -2.18 -37.10 -51.56
CA HIS O 122 -1.52 -36.06 -52.34
C HIS O 122 -0.25 -35.52 -51.68
N GLY O 123 0.26 -36.21 -50.66
CA GLY O 123 1.51 -35.81 -50.05
C GLY O 123 1.45 -34.45 -49.38
N ASP O 124 0.28 -34.06 -48.87
CA ASP O 124 0.13 -32.76 -48.24
C ASP O 124 0.49 -32.91 -46.76
N ALA O 125 1.81 -32.87 -46.49
CA ALA O 125 2.31 -33.11 -45.15
C ALA O 125 1.78 -32.08 -44.16
N GLN O 126 1.72 -30.82 -44.56
CA GLN O 126 1.27 -29.78 -43.63
C GLN O 126 -0.22 -29.91 -43.33
N MET O 127 -1.03 -30.20 -44.34
CA MET O 127 -2.47 -30.38 -44.08
C MET O 127 -2.73 -31.55 -43.14
N MET O 128 -1.97 -32.64 -43.29
CA MET O 128 -2.12 -33.76 -42.36
C MET O 128 -1.81 -33.35 -40.93
N ASP O 129 -0.73 -32.59 -40.74
CA ASP O 129 -0.39 -32.16 -39.39
C ASP O 129 -1.45 -31.20 -38.84
N PHE O 130 -1.93 -30.27 -39.66
CA PHE O 130 -3.01 -29.38 -39.24
C PHE O 130 -4.23 -30.17 -38.78
N LEU O 131 -4.63 -31.16 -39.58
CA LEU O 131 -5.82 -31.94 -39.22
C LEU O 131 -5.58 -32.75 -37.95
N GLU O 132 -4.40 -33.35 -37.82
CA GLU O 132 -4.13 -34.18 -36.65
C GLU O 132 -4.19 -33.37 -35.37
N GLY O 133 -3.46 -32.25 -35.33
CA GLY O 133 -3.34 -31.51 -34.09
C GLY O 133 -4.55 -30.64 -33.78
N GLU O 134 -5.23 -30.14 -34.80
CA GLU O 134 -6.35 -29.22 -34.59
C GLU O 134 -7.71 -29.89 -34.66
N TYR O 135 -7.81 -31.09 -35.22
CA TYR O 135 -9.13 -31.72 -35.37
C TYR O 135 -9.19 -33.13 -34.82
N LEU O 136 -8.25 -33.98 -35.22
CA LEU O 136 -8.31 -35.40 -34.82
C LEU O 136 -8.22 -35.55 -33.31
N LYS O 137 -7.29 -34.82 -32.69
CA LYS O 137 -7.11 -34.90 -31.25
C LYS O 137 -8.38 -34.48 -30.52
N GLU O 138 -8.95 -33.33 -30.92
CA GLU O 138 -10.18 -32.86 -30.30
C GLU O 138 -11.30 -33.88 -30.44
N GLN O 139 -11.39 -34.56 -31.59
CA GLN O 139 -12.51 -35.50 -31.77
C GLN O 139 -12.40 -36.69 -30.82
N VAL O 140 -11.20 -37.25 -30.60
CA VAL O 140 -11.20 -38.38 -29.69
C VAL O 140 -11.50 -37.91 -28.26
N ASP O 141 -11.05 -36.71 -27.88
CA ASP O 141 -11.42 -36.14 -26.58
C ASP O 141 -12.93 -35.99 -26.46
N ALA O 142 -13.56 -35.37 -27.45
CA ALA O 142 -15.00 -35.16 -27.40
C ALA O 142 -15.77 -36.48 -27.34
N ILE O 143 -15.34 -37.46 -28.14
CA ILE O 143 -16.06 -38.74 -28.17
C ILE O 143 -15.98 -39.42 -26.81
N GLU O 144 -14.82 -39.37 -26.17
CA GLU O 144 -14.69 -39.96 -24.84
C GLU O 144 -15.56 -39.22 -23.83
N GLU O 145 -15.58 -37.90 -23.90
CA GLU O 145 -16.37 -37.13 -22.95
C GLU O 145 -17.86 -37.42 -23.09
N ILE O 146 -18.34 -37.51 -24.33
CA ILE O 146 -19.74 -37.86 -24.56
C ILE O 146 -20.02 -39.27 -24.09
N SER O 147 -19.08 -40.18 -24.31
CA SER O 147 -19.25 -41.54 -23.80
C SER O 147 -19.43 -41.53 -22.27
N ASP O 148 -18.62 -40.73 -21.56
CA ASP O 148 -18.77 -40.62 -20.11
C ASP O 148 -20.17 -40.12 -19.74
N HIS O 149 -20.67 -39.12 -20.46
CA HIS O 149 -22.01 -38.60 -20.18
C HIS O 149 -23.07 -39.67 -20.33
N ILE O 150 -22.98 -40.48 -21.39
CA ILE O 150 -23.98 -41.52 -21.62
C ILE O 150 -23.97 -42.52 -20.48
N THR O 151 -22.77 -42.97 -20.09
CA THR O 151 -22.66 -43.92 -18.99
C THR O 151 -23.28 -43.35 -17.70
N ASN O 152 -22.95 -42.12 -17.35
CA ASN O 152 -23.51 -41.51 -16.14
C ASN O 152 -25.02 -41.33 -16.24
N LEU O 153 -25.53 -40.95 -17.42
CA LEU O 153 -26.98 -40.79 -17.52
C LEU O 153 -27.69 -42.13 -17.40
N LYS O 154 -27.10 -43.21 -17.92
CA LYS O 154 -27.68 -44.53 -17.65
C LYS O 154 -27.63 -44.87 -16.16
N ARG O 155 -26.55 -44.47 -15.47
CA ARG O 155 -26.42 -44.82 -14.06
C ARG O 155 -27.43 -44.08 -13.20
N VAL O 156 -27.66 -42.79 -13.46
CA VAL O 156 -28.55 -42.02 -12.60
C VAL O 156 -30.03 -42.24 -12.92
N GLY O 157 -30.37 -42.74 -14.11
CA GLY O 157 -31.76 -43.00 -14.45
C GLY O 157 -32.55 -41.72 -14.72
N THR O 158 -33.84 -41.89 -14.94
CA THR O 158 -34.70 -40.77 -15.27
C THR O 158 -35.29 -40.12 -14.01
N GLY O 159 -35.70 -38.88 -14.15
CA GLY O 159 -36.34 -38.17 -13.05
C GLY O 159 -35.32 -37.40 -12.23
N LEU O 160 -35.27 -37.68 -10.92
CA LEU O 160 -34.33 -36.97 -10.07
C LEU O 160 -32.90 -37.11 -10.59
N GLY O 161 -32.56 -38.28 -11.13
CA GLY O 161 -31.22 -38.47 -11.64
C GLY O 161 -30.84 -37.48 -12.72
N GLU O 162 -31.78 -37.20 -13.65
CA GLU O 162 -31.51 -36.23 -14.71
C GLU O 162 -31.32 -34.84 -14.15
N TYR O 163 -32.14 -34.48 -13.17
CA TYR O 163 -32.05 -33.17 -12.55
C TYR O 163 -30.71 -33.01 -11.83
N MET O 164 -30.30 -34.03 -11.07
CA MET O 164 -29.03 -33.96 -10.34
C MET O 164 -27.85 -33.91 -11.30
N TYR O 165 -27.91 -34.66 -12.41
CA TYR O 165 -26.82 -34.61 -13.37
C TYR O 165 -26.70 -33.21 -13.96
N ASP O 166 -27.84 -32.59 -14.28
CA ASP O 166 -27.84 -31.19 -14.70
C ASP O 166 -27.13 -30.30 -13.69
N LYS O 167 -27.38 -30.54 -12.39
CA LYS O 167 -26.84 -29.64 -11.37
C LYS O 167 -25.39 -29.96 -11.00
N GLU O 168 -24.97 -31.22 -11.10
CA GLU O 168 -23.68 -31.65 -10.55
C GLU O 168 -22.59 -31.82 -11.59
N THR O 169 -22.92 -32.25 -12.80
CA THR O 169 -21.94 -32.45 -13.85
C THR O 169 -22.05 -31.41 -14.94
N MET O 170 -23.26 -31.17 -15.44
CA MET O 170 -23.43 -30.23 -16.54
C MET O 170 -23.15 -28.79 -16.12
N SER O 171 -23.23 -28.50 -14.82
CA SER O 171 -22.84 -27.20 -14.29
C SER O 171 -21.33 -27.14 -14.10
N GLN P 3 -52.52 -26.62 -24.61
CA GLN P 3 -51.57 -25.53 -24.84
C GLN P 3 -50.33 -25.68 -23.95
N THR P 4 -49.22 -25.11 -24.39
CA THR P 4 -48.04 -25.09 -23.55
C THR P 4 -48.28 -24.22 -22.32
N GLN P 5 -47.55 -24.53 -21.25
CA GLN P 5 -47.75 -23.87 -19.95
C GLN P 5 -47.73 -22.35 -20.01
N PRO P 6 -46.76 -21.70 -20.68
CA PRO P 6 -46.71 -20.23 -20.64
C PRO P 6 -47.75 -19.54 -21.49
N ARG P 7 -48.36 -20.24 -22.43
CA ARG P 7 -49.03 -19.57 -23.54
C ARG P 7 -50.17 -18.71 -23.06
N GLN P 8 -50.12 -17.43 -23.42
CA GLN P 8 -51.19 -16.49 -23.12
C GLN P 8 -51.11 -15.31 -24.07
N ASN P 9 -52.24 -15.01 -24.74
CA ASN P 9 -52.31 -13.91 -25.70
C ASN P 9 -51.26 -14.05 -26.82
N PHE P 10 -50.99 -15.29 -27.26
CA PHE P 10 -49.94 -15.58 -28.22
C PHE P 10 -50.52 -16.37 -29.38
N HIS P 11 -50.65 -15.72 -30.54
CA HIS P 11 -51.37 -16.29 -31.68
C HIS P 11 -50.44 -17.18 -32.51
N VAL P 12 -51.02 -18.22 -33.11
CA VAL P 12 -50.22 -19.12 -33.95
C VAL P 12 -49.55 -18.38 -35.10
N GLU P 13 -50.19 -17.33 -35.63
CA GLU P 13 -49.55 -16.57 -36.71
C GLU P 13 -48.31 -15.82 -36.22
N SER P 14 -48.33 -15.32 -34.99
CA SER P 14 -47.14 -14.69 -34.43
C SER P 14 -46.04 -15.72 -34.19
N GLU P 15 -46.42 -16.90 -33.71
CA GLU P 15 -45.48 -17.99 -33.53
C GLU P 15 -44.81 -18.37 -34.85
N ALA P 16 -45.60 -18.49 -35.92
CA ALA P 16 -45.03 -18.84 -37.22
C ALA P 16 -44.10 -17.74 -37.74
N GLY P 17 -44.51 -16.48 -37.56
CA GLY P 17 -43.70 -15.37 -38.03
C GLY P 17 -42.38 -15.27 -37.30
N ILE P 18 -42.36 -15.61 -36.01
CA ILE P 18 -41.10 -15.63 -35.28
C ILE P 18 -40.19 -16.71 -35.84
N ASN P 19 -40.75 -17.88 -36.18
CA ASN P 19 -39.92 -18.92 -36.78
C ASN P 19 -39.34 -18.46 -38.12
N LYS P 20 -40.14 -17.77 -38.92
CA LYS P 20 -39.62 -17.26 -40.19
C LYS P 20 -38.52 -16.23 -39.95
N GLN P 21 -38.69 -15.36 -38.95
CA GLN P 21 -37.68 -14.33 -38.67
C GLN P 21 -36.40 -14.95 -38.13
N ILE P 22 -36.50 -15.98 -37.29
CA ILE P 22 -35.31 -16.71 -36.82
C ILE P 22 -34.46 -17.15 -38.01
N ASN P 23 -35.09 -17.73 -39.03
CA ASN P 23 -34.33 -18.20 -40.18
C ASN P 23 -33.69 -17.04 -40.93
N MET P 24 -34.39 -15.91 -41.01
CA MET P 24 -33.82 -14.76 -41.70
C MET P 24 -32.62 -14.20 -40.96
N GLU P 25 -32.66 -14.18 -39.62
CA GLU P 25 -31.50 -13.73 -38.87
C GLU P 25 -30.31 -14.66 -39.07
N LEU P 26 -30.56 -15.98 -39.09
CA LEU P 26 -29.48 -16.94 -39.33
C LEU P 26 -28.90 -16.74 -40.73
N TYR P 27 -29.76 -16.54 -41.72
CA TYR P 27 -29.32 -16.24 -43.08
C TYR P 27 -28.42 -15.01 -43.10
N ALA P 28 -28.84 -13.91 -42.47
CA ALA P 28 -27.99 -12.73 -42.43
C ALA P 28 -26.64 -13.04 -41.77
N SER P 29 -26.67 -13.81 -40.68
CA SER P 29 -25.42 -14.22 -40.05
C SER P 29 -24.50 -14.94 -41.04
N TYR P 30 -25.06 -15.80 -41.88
CA TYR P 30 -24.26 -16.55 -42.85
C TYR P 30 -23.69 -15.64 -43.93
N VAL P 31 -24.50 -14.70 -44.42
CA VAL P 31 -23.99 -13.71 -45.38
C VAL P 31 -22.77 -13.00 -44.81
N TYR P 32 -22.88 -12.51 -43.58
CA TYR P 32 -21.76 -11.78 -42.98
C TYR P 32 -20.56 -12.68 -42.77
N GLN P 33 -20.79 -13.94 -42.43
CA GLN P 33 -19.66 -14.85 -42.29
C GLN P 33 -18.93 -15.03 -43.61
N SER P 34 -19.69 -15.11 -44.71
CA SER P 34 -19.07 -15.17 -46.03
C SER P 34 -18.27 -13.91 -46.33
N MET P 35 -18.83 -12.74 -46.02
CA MET P 35 -18.11 -11.50 -46.28
C MET P 35 -16.86 -11.43 -45.43
N TYR P 36 -16.96 -11.83 -44.16
CA TYR P 36 -15.79 -11.94 -43.30
C TYR P 36 -14.66 -12.70 -43.99
N MET P 37 -14.95 -13.94 -44.40
CA MET P 37 -13.89 -14.76 -45.00
C MET P 37 -13.51 -14.27 -46.39
N TYR P 38 -14.38 -13.52 -47.08
CA TYR P 38 -13.98 -12.94 -48.35
C TYR P 38 -12.89 -11.89 -48.15
N PHE P 39 -13.10 -10.97 -47.20
CA PHE P 39 -12.09 -9.96 -46.94
C PHE P 39 -10.86 -10.53 -46.26
N ASP P 40 -10.92 -11.77 -45.74
CA ASP P 40 -9.76 -12.51 -45.26
C ASP P 40 -8.97 -13.16 -46.39
N ARG P 41 -9.45 -13.14 -47.63
CA ARG P 41 -8.71 -13.75 -48.72
C ARG P 41 -7.37 -13.04 -48.94
N ASP P 42 -6.36 -13.82 -49.34
CA ASP P 42 -5.03 -13.25 -49.60
C ASP P 42 -5.06 -12.21 -50.72
N ASP P 43 -5.99 -12.33 -51.66
CA ASP P 43 -6.09 -11.38 -52.77
C ASP P 43 -7.10 -10.27 -52.50
N VAL P 44 -7.61 -10.16 -51.27
CA VAL P 44 -8.45 -9.05 -50.85
C VAL P 44 -7.73 -8.36 -49.69
N ALA P 45 -7.56 -9.10 -48.58
CA ALA P 45 -6.58 -8.76 -47.55
C ALA P 45 -6.87 -7.40 -46.90
N LEU P 46 -8.12 -7.19 -46.47
CA LEU P 46 -8.50 -6.01 -45.69
C LEU P 46 -8.98 -6.49 -44.33
N PRO P 47 -8.07 -6.60 -43.35
CA PRO P 47 -8.40 -7.37 -42.14
C PRO P 47 -9.36 -6.68 -41.19
N SER P 48 -9.46 -5.34 -41.19
CA SER P 48 -10.44 -4.71 -40.32
C SER P 48 -11.84 -4.77 -40.91
N PHE P 49 -11.97 -4.67 -42.23
CA PHE P 49 -13.24 -5.04 -42.87
C PHE P 49 -13.62 -6.47 -42.51
N ALA P 50 -12.67 -7.40 -42.60
CA ALA P 50 -12.95 -8.78 -42.24
C ALA P 50 -13.50 -8.88 -40.83
N LYS P 51 -12.83 -8.20 -39.87
CA LYS P 51 -13.30 -8.25 -38.49
C LYS P 51 -14.65 -7.58 -38.31
N TYR P 52 -14.92 -6.52 -39.07
CA TYR P 52 -16.23 -5.88 -39.01
C TYR P 52 -17.33 -6.86 -39.37
N PHE P 53 -17.15 -7.62 -40.46
CA PHE P 53 -18.17 -8.59 -40.85
C PHE P 53 -18.22 -9.79 -39.91
N LYS P 54 -17.07 -10.18 -39.34
CA LYS P 54 -17.08 -11.22 -38.31
C LYS P 54 -17.97 -10.83 -37.15
N HIS P 55 -17.83 -9.58 -36.68
CA HIS P 55 -18.66 -9.08 -35.60
C HIS P 55 -20.13 -9.01 -36.00
N ASN P 56 -20.42 -8.49 -37.20
CA ASN P 56 -21.80 -8.45 -37.68
C ASN P 56 -22.40 -9.86 -37.73
N SER P 57 -21.60 -10.86 -38.12
CA SER P 57 -22.12 -12.22 -38.19
C SER P 57 -22.47 -12.74 -36.81
N GLU P 58 -21.63 -12.44 -35.81
CA GLU P 58 -21.95 -12.83 -34.45
C GLU P 58 -23.20 -12.13 -33.96
N GLU P 59 -23.35 -10.84 -34.27
CA GLU P 59 -24.50 -10.09 -33.80
C GLU P 59 -25.80 -10.67 -34.36
N GLU P 60 -25.80 -11.07 -35.64
CA GLU P 60 -27.00 -11.64 -36.24
C GLU P 60 -27.32 -12.99 -35.64
N ARG P 61 -26.31 -13.79 -35.32
CA ARG P 61 -26.57 -15.04 -34.62
C ARG P 61 -27.21 -14.77 -33.26
N GLU P 62 -26.76 -13.72 -32.57
CA GLU P 62 -27.37 -13.38 -31.30
C GLU P 62 -28.79 -12.89 -31.49
N HIS P 63 -29.06 -12.11 -32.55
CA HIS P 63 -30.45 -11.76 -32.85
C HIS P 63 -31.30 -13.00 -33.03
N ALA P 64 -30.78 -14.00 -33.75
CA ALA P 64 -31.55 -15.22 -33.95
C ALA P 64 -31.83 -15.94 -32.64
N GLU P 65 -30.82 -16.02 -31.77
CA GLU P 65 -30.98 -16.77 -30.53
C GLU P 65 -31.90 -16.05 -29.55
N LYS P 66 -31.89 -14.70 -29.58
CA LYS P 66 -32.82 -13.94 -28.75
C LYS P 66 -34.26 -14.20 -29.16
N LEU P 67 -34.51 -14.34 -30.47
CA LEU P 67 -35.85 -14.67 -30.93
C LEU P 67 -36.21 -16.11 -30.58
N MET P 68 -35.26 -17.04 -30.69
CA MET P 68 -35.52 -18.40 -30.24
C MET P 68 -35.88 -18.41 -28.76
N LYS P 69 -35.15 -17.67 -27.94
CA LYS P 69 -35.48 -17.61 -26.52
C LYS P 69 -36.84 -16.99 -26.30
N TYR P 70 -37.21 -15.98 -27.11
CA TYR P 70 -38.52 -15.35 -26.96
C TYR P 70 -39.64 -16.33 -27.32
N GLN P 71 -39.46 -17.06 -28.41
CA GLN P 71 -40.40 -18.12 -28.79
C GLN P 71 -40.67 -19.05 -27.61
N ASN P 72 -39.60 -19.58 -27.00
CA ASN P 72 -39.78 -20.48 -25.85
C ASN P 72 -40.48 -19.76 -24.70
N LYS P 73 -40.10 -18.51 -24.43
CA LYS P 73 -40.68 -17.78 -23.30
C LYS P 73 -42.19 -17.65 -23.44
N ARG P 74 -42.69 -17.40 -24.65
CA ARG P 74 -44.11 -17.22 -24.86
C ARG P 74 -44.84 -18.55 -25.02
N GLY P 75 -44.14 -19.66 -24.99
CA GLY P 75 -44.76 -20.95 -25.18
C GLY P 75 -44.86 -21.41 -26.62
N GLY P 76 -44.25 -20.69 -27.56
CA GLY P 76 -44.17 -21.18 -28.92
C GLY P 76 -43.13 -22.29 -29.04
N ARG P 77 -43.12 -22.93 -30.20
CA ARG P 77 -42.19 -24.02 -30.46
C ARG P 77 -41.32 -23.64 -31.65
N ILE P 78 -40.00 -23.65 -31.44
CA ILE P 78 -39.06 -23.33 -32.50
C ILE P 78 -39.07 -24.43 -33.56
N VAL P 79 -39.22 -24.03 -34.81
CA VAL P 79 -39.10 -24.96 -35.93
C VAL P 79 -38.05 -24.40 -36.88
N LEU P 80 -36.90 -25.05 -36.93
CA LEU P 80 -35.79 -24.55 -37.74
C LEU P 80 -35.98 -24.97 -39.19
N GLN P 81 -35.37 -24.20 -40.09
CA GLN P 81 -35.33 -24.55 -41.50
C GLN P 81 -33.89 -24.46 -41.97
N ASP P 82 -33.62 -25.00 -43.16
CA ASP P 82 -32.28 -24.88 -43.73
C ASP P 82 -31.87 -23.42 -43.77
N ILE P 83 -30.59 -23.17 -43.56
CA ILE P 83 -30.02 -21.83 -43.72
C ILE P 83 -29.42 -21.76 -45.11
N GLN P 84 -30.04 -20.98 -46.00
CA GLN P 84 -29.60 -20.93 -47.39
C GLN P 84 -28.24 -20.26 -47.51
N LYS P 85 -27.41 -20.76 -48.43
CA LYS P 85 -26.11 -20.14 -48.64
C LYS P 85 -26.30 -18.73 -49.22
N PRO P 86 -25.35 -17.83 -49.00
CA PRO P 86 -25.49 -16.47 -49.53
C PRO P 86 -25.61 -16.46 -51.05
N ASP P 87 -26.09 -15.35 -51.57
CA ASP P 87 -26.39 -15.25 -52.99
C ASP P 87 -25.13 -15.24 -53.85
N LEU P 88 -24.00 -14.80 -53.30
CA LEU P 88 -22.74 -14.72 -54.01
C LEU P 88 -21.65 -15.42 -53.22
N ASP P 89 -20.60 -15.85 -53.92
CA ASP P 89 -19.41 -16.38 -53.26
C ASP P 89 -18.34 -15.32 -53.03
N GLU P 90 -18.41 -14.21 -53.77
CA GLU P 90 -17.45 -13.13 -53.75
C GLU P 90 -18.24 -11.82 -53.75
N TRP P 91 -17.74 -10.81 -53.04
CA TRP P 91 -18.55 -9.63 -52.74
C TRP P 91 -18.01 -8.33 -53.34
N GLY P 92 -16.97 -8.40 -54.18
CA GLY P 92 -16.52 -7.22 -54.89
C GLY P 92 -15.69 -6.26 -54.03
N SER P 93 -15.85 -4.96 -54.27
CA SER P 93 -15.10 -3.98 -53.52
C SER P 93 -15.69 -3.76 -52.13
N PRO P 94 -14.94 -3.13 -51.23
CA PRO P 94 -15.55 -2.70 -49.97
C PRO P 94 -16.83 -1.91 -50.17
N LEU P 95 -16.86 -0.99 -51.14
CA LEU P 95 -18.08 -0.23 -51.37
C LEU P 95 -19.23 -1.14 -51.79
N GLU P 96 -18.97 -2.06 -52.72
CA GLU P 96 -20.02 -2.98 -53.16
C GLU P 96 -20.52 -3.86 -52.01
N ALA P 97 -19.61 -4.38 -51.18
CA ALA P 97 -20.03 -5.21 -50.06
C ALA P 97 -20.91 -4.42 -49.08
N MET P 98 -20.56 -3.16 -48.85
CA MET P 98 -21.38 -2.34 -47.94
C MET P 98 -22.75 -2.05 -48.54
N GLN P 99 -22.80 -1.78 -49.85
CA GLN P 99 -24.09 -1.60 -50.52
C GLN P 99 -24.94 -2.85 -50.41
N THR P 100 -24.32 -4.03 -50.57
CA THR P 100 -25.05 -5.27 -50.35
C THR P 100 -25.57 -5.36 -48.92
N THR P 101 -24.76 -4.97 -47.96
CA THR P 101 -25.16 -5.06 -46.56
C THR P 101 -26.34 -4.12 -46.27
N LEU P 102 -26.34 -2.93 -46.88
CA LEU P 102 -27.47 -2.03 -46.69
C LEU P 102 -28.77 -2.67 -47.19
N ALA P 103 -28.73 -3.25 -48.38
CA ALA P 103 -29.91 -3.93 -48.90
C ALA P 103 -30.34 -5.07 -47.98
N LEU P 104 -29.39 -5.83 -47.45
CA LEU P 104 -29.73 -6.92 -46.54
C LEU P 104 -30.39 -6.38 -45.26
N GLU P 105 -29.80 -5.37 -44.64
CA GLU P 105 -30.36 -4.87 -43.39
C GLU P 105 -31.73 -4.24 -43.60
N LYS P 106 -31.97 -3.62 -44.76
CA LYS P 106 -33.31 -3.08 -45.04
C LYS P 106 -34.31 -4.21 -45.27
N SER P 107 -33.86 -5.30 -45.89
CA SER P 107 -34.73 -6.45 -46.05
C SER P 107 -35.12 -7.03 -44.70
N VAL P 108 -34.14 -7.18 -43.80
CA VAL P 108 -34.42 -7.66 -42.45
C VAL P 108 -35.35 -6.69 -41.72
N ASN P 109 -35.13 -5.38 -41.90
CA ASN P 109 -35.98 -4.40 -41.24
C ASN P 109 -37.43 -4.51 -41.71
N GLN P 110 -37.65 -4.62 -43.02
CA GLN P 110 -39.01 -4.76 -43.52
C GLN P 110 -39.66 -6.03 -42.96
N ALA P 111 -38.91 -7.13 -42.89
CA ALA P 111 -39.44 -8.36 -42.32
C ALA P 111 -39.84 -8.15 -40.86
N LEU P 112 -39.03 -7.41 -40.10
CA LEU P 112 -39.36 -7.15 -38.70
C LEU P 112 -40.60 -6.28 -38.59
N LEU P 113 -40.69 -5.24 -39.43
CA LEU P 113 -41.90 -4.41 -39.44
C LEU P 113 -43.12 -5.25 -39.78
N ASP P 114 -42.98 -6.20 -40.70
CA ASP P 114 -44.10 -7.06 -41.05
C ASP P 114 -44.48 -7.96 -39.88
N LEU P 115 -43.48 -8.47 -39.16
CA LEU P 115 -43.76 -9.30 -37.98
C LEU P 115 -44.46 -8.47 -36.91
N HIS P 116 -44.03 -7.22 -36.76
CA HIS P 116 -44.68 -6.33 -35.81
C HIS P 116 -46.16 -6.15 -36.16
N LYS P 117 -46.48 -6.03 -37.45
CA LYS P 117 -47.88 -5.89 -37.87
C LYS P 117 -48.70 -7.12 -37.50
N ILE P 118 -48.10 -8.31 -37.59
CA ILE P 118 -48.80 -9.51 -37.16
C ILE P 118 -49.12 -9.46 -35.67
N ALA P 119 -48.14 -9.04 -34.86
CA ALA P 119 -48.38 -8.93 -33.43
C ALA P 119 -49.46 -7.89 -33.15
N ASP P 120 -49.41 -6.77 -33.87
CA ASP P 120 -50.43 -5.74 -33.70
C ASP P 120 -51.81 -6.27 -34.08
N LYS P 121 -51.88 -7.01 -35.19
CA LYS P 121 -53.15 -7.55 -35.65
C LYS P 121 -53.83 -8.38 -34.57
N HIS P 122 -53.05 -9.08 -33.75
CA HIS P 122 -53.59 -9.97 -32.75
C HIS P 122 -53.52 -9.40 -31.34
N GLY P 123 -53.31 -8.09 -31.21
CA GLY P 123 -53.30 -7.45 -29.91
C GLY P 123 -52.21 -7.93 -28.99
N ASP P 124 -51.07 -8.36 -29.56
CA ASP P 124 -49.99 -8.89 -28.74
C ASP P 124 -49.10 -7.72 -28.31
N ALA P 125 -49.55 -7.03 -27.25
CA ALA P 125 -48.88 -5.81 -26.82
C ALA P 125 -47.44 -6.10 -26.40
N GLN P 126 -47.21 -7.22 -25.71
CA GLN P 126 -45.86 -7.50 -25.22
C GLN P 126 -44.91 -7.82 -26.37
N MET P 127 -45.39 -8.59 -27.35
CA MET P 127 -44.53 -8.90 -28.50
C MET P 127 -44.18 -7.64 -29.29
N MET P 128 -45.14 -6.73 -29.46
CA MET P 128 -44.83 -5.47 -30.13
C MET P 128 -43.74 -4.71 -29.41
N ASP P 129 -43.84 -4.62 -28.08
CA ASP P 129 -42.82 -3.90 -27.31
C ASP P 129 -41.47 -4.61 -27.38
N PHE P 130 -41.48 -5.93 -27.29
CA PHE P 130 -40.25 -6.71 -27.47
C PHE P 130 -39.59 -6.40 -28.81
N LEU P 131 -40.36 -6.44 -29.90
CA LEU P 131 -39.80 -6.17 -31.22
C LEU P 131 -39.28 -4.75 -31.32
N GLU P 132 -40.05 -3.79 -30.81
CA GLU P 132 -39.65 -2.38 -30.91
C GLU P 132 -38.33 -2.14 -30.20
N GLY P 133 -38.23 -2.59 -28.94
CA GLY P 133 -37.06 -2.26 -28.15
C GLY P 133 -35.84 -3.08 -28.50
N GLU P 134 -36.04 -4.34 -28.89
CA GLU P 134 -34.94 -5.25 -29.12
C GLU P 134 -34.55 -5.41 -30.58
N TYR P 135 -35.42 -5.02 -31.53
CA TYR P 135 -35.09 -5.24 -32.93
C TYR P 135 -35.21 -3.99 -33.79
N LEU P 136 -36.34 -3.30 -33.69
CA LEU P 136 -36.59 -2.15 -34.55
C LEU P 136 -35.57 -1.04 -34.30
N LYS P 137 -35.31 -0.74 -33.03
CA LYS P 137 -34.33 0.30 -32.69
C LYS P 137 -32.95 -0.03 -33.26
N GLU P 138 -32.49 -1.26 -33.03
CA GLU P 138 -31.19 -1.70 -33.54
C GLU P 138 -31.12 -1.61 -35.05
N GLN P 139 -32.21 -1.95 -35.76
CA GLN P 139 -32.18 -1.89 -37.23
C GLN P 139 -32.02 -0.46 -37.72
N VAL P 140 -32.69 0.50 -37.08
CA VAL P 140 -32.54 1.89 -37.50
C VAL P 140 -31.09 2.35 -37.31
N ASP P 141 -30.48 1.97 -36.19
CA ASP P 141 -29.07 2.32 -35.96
C ASP P 141 -28.17 1.66 -36.99
N ALA P 142 -28.40 0.36 -37.25
CA ALA P 142 -27.55 -0.37 -38.19
C ALA P 142 -27.63 0.22 -39.60
N ILE P 143 -28.84 0.56 -40.04
CA ILE P 143 -29.01 1.11 -41.39
C ILE P 143 -28.31 2.45 -41.53
N GLU P 144 -28.37 3.29 -40.49
CA GLU P 144 -27.67 4.57 -40.56
C GLU P 144 -26.16 4.37 -40.57
N GLU P 145 -25.66 3.42 -39.77
CA GLU P 145 -24.23 3.17 -39.72
C GLU P 145 -23.70 2.69 -41.07
N ILE P 146 -24.44 1.79 -41.73
CA ILE P 146 -24.03 1.32 -43.05
C ILE P 146 -24.09 2.44 -44.08
N SER P 147 -25.12 3.30 -43.99
CA SER P 147 -25.20 4.44 -44.89
C SER P 147 -23.98 5.34 -44.75
N ASP P 148 -23.54 5.59 -43.51
CA ASP P 148 -22.30 6.34 -43.28
C ASP P 148 -21.10 5.68 -43.94
N HIS P 149 -21.00 4.34 -43.83
CA HIS P 149 -19.87 3.63 -44.45
C HIS P 149 -19.86 3.82 -45.96
N ILE P 150 -21.03 3.70 -46.59
CA ILE P 150 -21.13 3.83 -48.04
C ILE P 150 -20.69 5.22 -48.47
N THR P 151 -21.18 6.25 -47.77
CA THR P 151 -20.79 7.62 -48.09
C THR P 151 -19.28 7.78 -47.99
N ASN P 152 -18.68 7.31 -46.90
CA ASN P 152 -17.24 7.48 -46.75
C ASN P 152 -16.45 6.68 -47.79
N LEU P 153 -16.91 5.48 -48.13
CA LEU P 153 -16.21 4.72 -49.15
C LEU P 153 -16.31 5.40 -50.52
N LYS P 154 -17.43 6.05 -50.82
CA LYS P 154 -17.49 6.84 -52.06
C LYS P 154 -16.53 8.01 -52.00
N ARG P 155 -16.42 8.64 -50.84
CA ARG P 155 -15.55 9.81 -50.68
C ARG P 155 -14.08 9.44 -50.87
N VAL P 156 -13.63 8.35 -50.25
CA VAL P 156 -12.20 8.03 -50.28
C VAL P 156 -11.76 7.37 -51.58
N GLY P 157 -12.68 6.79 -52.36
CA GLY P 157 -12.33 6.19 -53.63
C GLY P 157 -11.63 4.85 -53.46
N THR P 158 -11.17 4.32 -54.58
CA THR P 158 -10.53 3.00 -54.59
C THR P 158 -9.02 3.14 -54.39
N GLY P 159 -8.40 2.04 -53.99
CA GLY P 159 -6.95 1.99 -53.82
C GLY P 159 -6.55 2.42 -52.41
N LEU P 160 -5.71 3.45 -52.33
CA LEU P 160 -5.26 3.94 -51.03
C LEU P 160 -6.43 4.27 -50.12
N GLY P 161 -7.51 4.84 -50.68
CA GLY P 161 -8.67 5.17 -49.87
C GLY P 161 -9.27 3.96 -49.16
N GLU P 162 -9.38 2.83 -49.86
CA GLU P 162 -9.94 1.64 -49.22
C GLU P 162 -9.02 1.16 -48.11
N TYR P 163 -7.71 1.20 -48.36
CA TYR P 163 -6.75 0.80 -47.35
C TYR P 163 -6.84 1.69 -46.12
N MET P 164 -6.90 3.02 -46.33
CA MET P 164 -6.95 3.92 -45.19
C MET P 164 -8.25 3.78 -44.42
N TYR P 165 -9.35 3.53 -45.12
CA TYR P 165 -10.61 3.35 -44.42
C TYR P 165 -10.57 2.12 -43.53
N ASP P 166 -9.93 1.06 -44.02
CA ASP P 166 -9.70 -0.13 -43.21
C ASP P 166 -8.92 0.20 -41.95
N LYS P 167 -7.88 1.02 -42.08
CA LYS P 167 -7.04 1.32 -40.92
C LYS P 167 -7.66 2.35 -39.98
N GLU P 168 -8.44 3.29 -40.50
CA GLU P 168 -8.86 4.46 -39.73
C GLU P 168 -10.27 4.36 -39.17
N THR P 169 -11.22 3.83 -39.92
CA THR P 169 -12.58 3.67 -39.42
C THR P 169 -12.89 2.23 -39.01
N MET P 170 -12.56 1.25 -39.85
CA MET P 170 -12.97 -0.12 -39.57
C MET P 170 -12.19 -0.75 -38.42
N SER P 171 -11.07 -0.17 -38.01
CA SER P 171 -10.28 -0.72 -36.91
C SER P 171 -10.88 -0.38 -35.55
N GLN Q 3 15.91 61.02 -10.09
CA GLN Q 3 14.75 60.12 -10.15
C GLN Q 3 15.11 58.74 -9.59
N THR Q 4 14.11 58.04 -9.05
CA THR Q 4 14.33 56.69 -8.55
C THR Q 4 14.70 55.75 -9.70
N GLN Q 5 15.41 54.67 -9.35
CA GLN Q 5 15.90 53.73 -10.36
C GLN Q 5 14.82 53.20 -11.30
N PRO Q 6 13.67 52.74 -10.80
CA PRO Q 6 12.69 52.13 -11.72
C PRO Q 6 11.93 53.13 -12.57
N ARG Q 7 11.93 54.41 -12.21
CA ARG Q 7 10.91 55.31 -12.71
C ARG Q 7 10.97 55.44 -14.23
N GLN Q 8 9.83 55.20 -14.88
CA GLN Q 8 9.73 55.34 -16.33
C GLN Q 8 8.27 55.49 -16.70
N ASN Q 9 7.93 56.57 -17.40
CA ASN Q 9 6.55 56.83 -17.83
C ASN Q 9 5.58 56.90 -16.64
N PHE Q 10 6.05 57.47 -15.52
CA PHE Q 10 5.28 57.47 -14.26
C PHE Q 10 5.19 58.89 -13.74
N HIS Q 11 4.00 59.49 -13.84
CA HIS Q 11 3.80 60.91 -13.56
C HIS Q 11 3.56 61.16 -12.07
N VAL Q 12 4.00 62.33 -11.60
CA VAL Q 12 3.82 62.64 -10.18
C VAL Q 12 2.35 62.66 -9.80
N GLU Q 13 1.47 63.04 -10.73
CA GLU Q 13 0.04 63.06 -10.40
C GLU Q 13 -0.49 61.64 -10.20
N SER Q 14 0.00 60.68 -10.98
CA SER Q 14 -0.38 59.29 -10.76
C SER Q 14 0.16 58.77 -9.43
N GLU Q 15 1.43 59.09 -9.13
CA GLU Q 15 2.02 58.74 -7.84
C GLU Q 15 1.19 59.28 -6.68
N ALA Q 16 0.78 60.55 -6.78
CA ALA Q 16 -0.03 61.13 -5.71
C ALA Q 16 -1.39 60.46 -5.62
N GLY Q 17 -2.00 60.17 -6.78
CA GLY Q 17 -3.29 59.52 -6.78
C GLY Q 17 -3.23 58.13 -6.16
N ILE Q 18 -2.11 57.42 -6.35
CA ILE Q 18 -1.98 56.09 -5.75
C ILE Q 18 -1.91 56.22 -4.23
N ASN Q 19 -1.16 57.21 -3.72
CA ASN Q 19 -1.12 57.44 -2.28
C ASN Q 19 -2.51 57.76 -1.73
N LYS Q 20 -3.30 58.55 -2.46
CA LYS Q 20 -4.65 58.80 -1.97
C LYS Q 20 -5.49 57.53 -1.96
N GLN Q 21 -5.41 56.71 -3.01
CA GLN Q 21 -6.17 55.47 -3.05
C GLN Q 21 -5.73 54.51 -1.95
N ILE Q 22 -4.43 54.45 -1.65
CA ILE Q 22 -3.96 53.60 -0.57
C ILE Q 22 -4.69 53.92 0.73
N ASN Q 23 -4.82 55.21 1.02
CA ASN Q 23 -5.50 55.61 2.25
C ASN Q 23 -6.97 55.20 2.21
N MET Q 24 -7.62 55.33 1.05
CA MET Q 24 -9.03 54.97 0.97
C MET Q 24 -9.24 53.48 1.17
N GLU Q 25 -8.34 52.65 0.66
CA GLU Q 25 -8.45 51.20 0.87
C GLU Q 25 -8.28 50.87 2.35
N LEU Q 26 -7.33 51.51 3.03
CA LEU Q 26 -7.15 51.29 4.46
C LEU Q 26 -8.39 51.74 5.23
N TYR Q 27 -8.96 52.87 4.83
CA TYR Q 27 -10.20 53.36 5.44
C TYR Q 27 -11.32 52.33 5.30
N ALA Q 28 -11.50 51.78 4.10
CA ALA Q 28 -12.53 50.76 3.90
C ALA Q 28 -12.25 49.53 4.75
N SER Q 29 -10.98 49.12 4.84
CA SER Q 29 -10.62 48.01 5.72
C SER Q 29 -11.08 48.29 7.15
N TYR Q 30 -10.89 49.53 7.61
CA TYR Q 30 -11.26 49.90 8.98
C TYR Q 30 -12.78 49.86 9.17
N VAL Q 31 -13.54 50.32 8.17
CA VAL Q 31 -15.00 50.25 8.25
C VAL Q 31 -15.45 48.81 8.42
N TYR Q 32 -14.92 47.91 7.59
CA TYR Q 32 -15.33 46.51 7.70
C TYR Q 32 -14.89 45.90 9.02
N GLN Q 33 -13.75 46.32 9.56
CA GLN Q 33 -13.37 45.83 10.88
C GLN Q 33 -14.39 46.25 11.93
N SER Q 34 -14.86 47.50 11.86
CA SER Q 34 -15.88 47.96 12.79
C SER Q 34 -17.16 47.15 12.64
N MET Q 35 -17.59 46.90 11.40
CA MET Q 35 -18.80 46.12 11.20
C MET Q 35 -18.63 44.70 11.71
N TYR Q 36 -17.47 44.10 11.45
CA TYR Q 36 -17.14 42.79 12.01
C TYR Q 36 -17.36 42.76 13.52
N MET Q 37 -16.75 43.71 14.24
CA MET Q 37 -16.86 43.71 15.70
C MET Q 37 -18.25 44.13 16.17
N TYR Q 38 -19.00 44.86 15.36
CA TYR Q 38 -20.37 45.19 15.73
C TYR Q 38 -21.27 43.96 15.68
N PHE Q 39 -21.14 43.13 14.63
CA PHE Q 39 -21.95 41.93 14.57
C PHE Q 39 -21.48 40.85 15.55
N ASP Q 40 -20.28 41.01 16.12
CA ASP Q 40 -19.76 40.18 17.22
C ASP Q 40 -20.30 40.61 18.58
N ARG Q 41 -20.99 41.74 18.67
CA ARG Q 41 -21.56 42.18 19.95
C ARG Q 41 -22.57 41.15 20.45
N ASP Q 42 -22.62 40.99 21.77
CA ASP Q 42 -23.55 40.04 22.37
C ASP Q 42 -25.00 40.41 22.10
N ASP Q 43 -25.29 41.68 21.85
CA ASP Q 43 -26.66 42.11 21.57
C ASP Q 43 -26.94 42.24 20.07
N VAL Q 44 -26.05 41.72 19.22
CA VAL Q 44 -26.29 41.58 17.78
C VAL Q 44 -26.15 40.10 17.44
N ALA Q 45 -24.95 39.55 17.67
CA ALA Q 45 -24.74 38.09 17.74
C ALA Q 45 -25.13 37.37 16.44
N LEU Q 46 -24.61 37.85 15.31
CA LEU Q 46 -24.76 37.19 14.02
C LEU Q 46 -23.37 36.81 13.55
N PRO Q 47 -22.90 35.61 13.90
CA PRO Q 47 -21.46 35.31 13.75
C PRO Q 47 -21.02 35.14 12.30
N SER Q 48 -21.90 34.76 11.37
CA SER Q 48 -21.45 34.63 9.99
C SER Q 48 -21.42 35.96 9.28
N PHE Q 49 -22.34 36.87 9.59
CA PHE Q 49 -22.16 38.26 9.17
C PHE Q 49 -20.85 38.81 9.70
N ALA Q 50 -20.54 38.54 10.97
CA ALA Q 50 -19.29 39.04 11.54
C ALA Q 50 -18.11 38.53 10.73
N LYS Q 51 -18.10 37.22 10.43
CA LYS Q 51 -16.98 36.65 9.69
C LYS Q 51 -16.90 37.20 8.27
N TYR Q 52 -18.05 37.51 7.67
CA TYR Q 52 -18.06 38.12 6.34
C TYR Q 52 -17.34 39.46 6.34
N PHE Q 53 -17.64 40.31 7.32
CA PHE Q 53 -16.99 41.61 7.38
C PHE Q 53 -15.52 41.49 7.77
N LYS Q 54 -15.19 40.52 8.64
CA LYS Q 54 -13.78 40.21 8.90
C LYS Q 54 -13.03 39.91 7.62
N HIS Q 55 -13.62 39.06 6.77
CA HIS Q 55 -12.97 38.73 5.49
C HIS Q 55 -12.87 39.96 4.58
N ASN Q 56 -13.94 40.75 4.48
CA ASN Q 56 -13.88 41.97 3.67
C ASN Q 56 -12.81 42.91 4.20
N SER Q 57 -12.65 42.99 5.53
CA SER Q 57 -11.62 43.88 6.08
C SER Q 57 -10.24 43.44 5.65
N GLU Q 58 -9.99 42.12 5.68
CA GLU Q 58 -8.70 41.61 5.22
C GLU Q 58 -8.50 41.85 3.73
N GLU Q 59 -9.57 41.66 2.93
CA GLU Q 59 -9.45 41.91 1.50
C GLU Q 59 -9.05 43.36 1.22
N GLU Q 60 -9.65 44.31 1.94
CA GLU Q 60 -9.33 45.71 1.68
C GLU Q 60 -7.91 46.03 2.10
N ARG Q 61 -7.45 45.45 3.21
CA ARG Q 61 -6.06 45.62 3.60
C ARG Q 61 -5.12 45.08 2.51
N GLU Q 62 -5.48 43.94 1.91
CA GLU Q 62 -4.68 43.41 0.81
C GLU Q 62 -4.70 44.36 -0.39
N HIS Q 63 -5.89 44.91 -0.73
CA HIS Q 63 -5.96 45.90 -1.80
C HIS Q 63 -5.00 47.05 -1.55
N ALA Q 64 -4.98 47.56 -0.31
CA ALA Q 64 -4.08 48.65 0.05
C ALA Q 64 -2.62 48.23 -0.13
N GLU Q 65 -2.26 47.04 0.35
CA GLU Q 65 -0.86 46.64 0.27
C GLU Q 65 -0.42 46.35 -1.16
N LYS Q 66 -1.33 45.86 -2.01
CA LYS Q 66 -0.99 45.67 -3.41
C LYS Q 66 -0.74 47.00 -4.11
N LEU Q 67 -1.47 48.06 -3.74
CA LEU Q 67 -1.18 49.38 -4.29
C LEU Q 67 0.13 49.93 -3.74
N MET Q 68 0.44 49.66 -2.46
CA MET Q 68 1.73 50.06 -1.93
C MET Q 68 2.87 49.39 -2.69
N LYS Q 69 2.76 48.08 -2.91
CA LYS Q 69 3.76 47.36 -3.69
C LYS Q 69 3.89 47.96 -5.09
N TYR Q 70 2.76 48.32 -5.70
CA TYR Q 70 2.79 48.88 -7.06
C TYR Q 70 3.49 50.23 -7.07
N GLN Q 71 3.17 51.08 -6.08
CA GLN Q 71 3.88 52.34 -5.93
C GLN Q 71 5.38 52.13 -5.93
N ASN Q 72 5.86 51.19 -5.09
CA ASN Q 72 7.30 50.91 -5.02
C ASN Q 72 7.82 50.37 -6.35
N LYS Q 73 7.05 49.49 -7.00
CA LYS Q 73 7.52 48.89 -8.24
C LYS Q 73 7.75 49.94 -9.33
N ARG Q 74 6.88 50.95 -9.40
CA ARG Q 74 7.04 52.00 -10.40
C ARG Q 74 8.05 53.07 -10.00
N GLY Q 75 8.61 53.00 -8.80
CA GLY Q 75 9.54 54.01 -8.34
C GLY Q 75 8.89 55.19 -7.66
N GLY Q 76 7.60 55.11 -7.36
CA GLY Q 76 6.98 56.10 -6.51
C GLY Q 76 7.37 55.90 -5.05
N ARG Q 77 6.97 56.85 -4.21
CA ARG Q 77 7.28 56.79 -2.79
C ARG Q 77 5.97 56.84 -2.02
N ILE Q 78 5.74 55.80 -1.21
CA ILE Q 78 4.55 55.70 -0.38
C ILE Q 78 4.57 56.79 0.67
N VAL Q 79 3.48 57.55 0.76
CA VAL Q 79 3.30 58.56 1.81
C VAL Q 79 1.97 58.26 2.49
N LEU Q 80 2.03 57.76 3.72
CA LEU Q 80 0.84 57.34 4.45
C LEU Q 80 0.18 58.53 5.13
N GLN Q 81 -1.12 58.42 5.34
CA GLN Q 81 -1.87 59.43 6.08
C GLN Q 81 -2.66 58.75 7.19
N ASP Q 82 -3.17 59.54 8.13
CA ASP Q 82 -4.01 58.99 9.18
C ASP Q 82 -5.13 58.17 8.55
N ILE Q 83 -5.50 57.06 9.21
CA ILE Q 83 -6.66 56.28 8.79
C ILE Q 83 -7.84 56.76 9.62
N GLN Q 84 -8.78 57.46 8.99
CA GLN Q 84 -9.90 58.03 9.72
C GLN Q 84 -10.80 56.93 10.27
N LYS Q 85 -11.30 57.15 11.49
CA LYS Q 85 -12.26 56.20 12.07
C LYS Q 85 -13.55 56.20 11.25
N PRO Q 86 -14.29 55.09 11.26
CA PRO Q 86 -15.53 55.02 10.46
C PRO Q 86 -16.55 56.05 10.92
N ASP Q 87 -17.50 56.33 10.04
CA ASP Q 87 -18.50 57.37 10.25
C ASP Q 87 -19.41 57.05 11.45
N LEU Q 88 -19.70 55.78 11.69
CA LEU Q 88 -20.57 55.36 12.76
C LEU Q 88 -19.85 54.38 13.70
N ASP Q 89 -20.34 54.28 14.95
CA ASP Q 89 -19.86 53.25 15.88
C ASP Q 89 -20.72 51.99 15.85
N GLU Q 90 -21.94 52.09 15.32
CA GLU Q 90 -22.94 51.03 15.29
C GLU Q 90 -23.62 51.08 13.92
N TRP Q 91 -23.97 49.91 13.38
CA TRP Q 91 -24.31 49.82 11.96
C TRP Q 91 -25.74 49.36 11.71
N GLY Q 92 -26.56 49.24 12.74
CA GLY Q 92 -27.97 48.95 12.54
C GLY Q 92 -28.24 47.50 12.21
N SER Q 93 -29.22 47.28 11.35
CA SER Q 93 -29.61 45.92 10.99
C SER Q 93 -28.67 45.35 9.94
N PRO Q 94 -28.71 44.02 9.73
CA PRO Q 94 -27.96 43.47 8.58
C PRO Q 94 -28.24 44.21 7.28
N LEU Q 95 -29.51 44.50 6.99
CA LEU Q 95 -29.84 45.20 5.74
C LEU Q 95 -29.18 46.57 5.69
N GLU Q 96 -29.26 47.31 6.79
CA GLU Q 96 -28.66 48.64 6.85
C GLU Q 96 -27.14 48.59 6.67
N ALA Q 97 -26.49 47.61 7.30
CA ALA Q 97 -25.04 47.49 7.14
C ALA Q 97 -24.65 47.16 5.70
N MET Q 98 -25.42 46.29 5.04
CA MET Q 98 -25.12 45.97 3.64
C MET Q 98 -25.36 47.16 2.74
N GLN Q 99 -26.39 47.96 3.03
CA GLN Q 99 -26.63 49.17 2.24
C GLN Q 99 -25.47 50.16 2.40
N THR Q 100 -24.98 50.29 3.63
CA THR Q 100 -23.78 51.11 3.86
C THR Q 100 -22.60 50.58 3.06
N THR Q 101 -22.42 49.26 3.04
CA THR Q 101 -21.30 48.66 2.33
C THR Q 101 -21.40 48.91 0.82
N LEU Q 102 -22.61 48.83 0.26
CA LEU Q 102 -22.76 49.14 -1.16
C LEU Q 102 -22.32 50.56 -1.45
N ALA Q 103 -22.71 51.51 -0.60
CA ALA Q 103 -22.30 52.89 -0.80
C ALA Q 103 -20.80 53.04 -0.69
N LEU Q 104 -20.19 52.36 0.29
CA LEU Q 104 -18.74 52.39 0.43
C LEU Q 104 -18.06 51.82 -0.81
N GLU Q 105 -18.50 50.64 -1.25
CA GLU Q 105 -17.81 50.03 -2.39
C GLU Q 105 -17.99 50.87 -3.65
N LYS Q 106 -19.14 51.54 -3.81
CA LYS Q 106 -19.32 52.39 -4.98
C LYS Q 106 -18.46 53.64 -4.90
N SER Q 107 -18.24 54.17 -3.69
CA SER Q 107 -17.35 55.32 -3.60
C SER Q 107 -15.91 54.92 -3.88
N VAL Q 108 -15.49 53.74 -3.41
CA VAL Q 108 -14.15 53.25 -3.75
C VAL Q 108 -14.02 53.04 -5.26
N ASN Q 109 -15.06 52.47 -5.88
CA ASN Q 109 -15.03 52.26 -7.33
C ASN Q 109 -14.87 53.59 -8.08
N GLN Q 110 -15.63 54.61 -7.71
CA GLN Q 110 -15.50 55.89 -8.38
C GLN Q 110 -14.10 56.47 -8.21
N ALA Q 111 -13.52 56.34 -7.02
CA ALA Q 111 -12.15 56.80 -6.81
C ALA Q 111 -11.18 56.05 -7.71
N LEU Q 112 -11.39 54.74 -7.88
CA LEU Q 112 -10.51 53.98 -8.76
C LEU Q 112 -10.67 54.40 -10.21
N LEU Q 113 -11.90 54.65 -10.63
CA LEU Q 113 -12.13 55.13 -11.99
C LEU Q 113 -11.49 56.50 -12.20
N ASP Q 114 -11.55 57.36 -11.18
CA ASP Q 114 -10.87 58.65 -11.26
C ASP Q 114 -9.35 58.46 -11.36
N LEU Q 115 -8.80 57.53 -10.59
CA LEU Q 115 -7.36 57.25 -10.66
C LEU Q 115 -6.98 56.69 -12.03
N HIS Q 116 -7.83 55.83 -12.59
CA HIS Q 116 -7.63 55.35 -13.96
C HIS Q 116 -7.59 56.51 -14.95
N LYS Q 117 -8.45 57.52 -14.75
CA LYS Q 117 -8.43 58.67 -15.65
C LYS Q 117 -7.12 59.44 -15.56
N ILE Q 118 -6.51 59.51 -14.38
CA ILE Q 118 -5.21 60.17 -14.25
C ILE Q 118 -4.16 59.41 -15.06
N ALA Q 119 -4.13 58.09 -14.93
CA ALA Q 119 -3.17 57.30 -15.69
C ALA Q 119 -3.38 57.48 -17.20
N ASP Q 120 -4.65 57.48 -17.62
CA ASP Q 120 -4.96 57.67 -19.03
C ASP Q 120 -4.46 59.03 -19.52
N LYS Q 121 -4.72 60.07 -18.73
CA LYS Q 121 -4.30 61.43 -19.07
C LYS Q 121 -2.80 61.50 -19.37
N HIS Q 122 -2.00 60.74 -18.63
CA HIS Q 122 -0.54 60.78 -18.77
C HIS Q 122 0.01 59.63 -19.59
N GLY Q 123 -0.85 58.91 -20.31
CA GLY Q 123 -0.41 57.85 -21.18
C GLY Q 123 0.23 56.67 -20.47
N ASP Q 124 -0.17 56.42 -19.22
CA ASP Q 124 0.41 55.34 -18.43
C ASP Q 124 -0.35 54.06 -18.74
N ALA Q 125 0.04 53.42 -19.83
CA ALA Q 125 -0.66 52.24 -20.30
C ALA Q 125 -0.58 51.10 -19.29
N GLN Q 126 0.58 50.93 -18.64
CA GLN Q 126 0.75 49.82 -17.71
C GLN Q 126 -0.07 50.04 -16.45
N MET Q 127 -0.12 51.28 -15.95
CA MET Q 127 -0.93 51.55 -14.77
C MET Q 127 -2.42 51.37 -15.07
N MET Q 128 -2.87 51.74 -16.27
CA MET Q 128 -4.27 51.52 -16.63
C MET Q 128 -4.59 50.04 -16.60
N ASP Q 129 -3.72 49.21 -17.19
CA ASP Q 129 -3.97 47.77 -17.21
C ASP Q 129 -3.91 47.18 -15.80
N PHE Q 130 -2.96 47.64 -14.97
CA PHE Q 130 -2.91 47.19 -13.59
C PHE Q 130 -4.21 47.51 -12.86
N LEU Q 131 -4.71 48.74 -12.99
CA LEU Q 131 -5.95 49.13 -12.32
C LEU Q 131 -7.13 48.30 -12.84
N GLU Q 132 -7.23 48.15 -14.16
CA GLU Q 132 -8.34 47.40 -14.72
C GLU Q 132 -8.38 45.97 -14.20
N GLY Q 133 -7.26 45.25 -14.32
CA GLY Q 133 -7.27 43.84 -14.01
C GLY Q 133 -7.30 43.56 -12.53
N GLU Q 134 -6.58 44.37 -11.74
CA GLU Q 134 -6.45 44.11 -10.31
C GLU Q 134 -7.45 44.85 -9.44
N TYR Q 135 -8.14 45.89 -9.96
CA TYR Q 135 -9.01 46.68 -9.10
C TYR Q 135 -10.41 46.86 -9.67
N LEU Q 136 -10.52 47.26 -10.94
CA LEU Q 136 -11.85 47.56 -11.50
C LEU Q 136 -12.70 46.30 -11.64
N LYS Q 137 -12.11 45.20 -12.08
CA LYS Q 137 -12.86 43.95 -12.19
C LYS Q 137 -13.42 43.52 -10.83
N GLU Q 138 -12.56 43.52 -9.80
CA GLU Q 138 -12.99 43.10 -8.48
C GLU Q 138 -14.09 44.01 -7.93
N GLN Q 139 -14.02 45.32 -8.19
CA GLN Q 139 -15.06 46.22 -7.71
C GLN Q 139 -16.41 45.88 -8.33
N VAL Q 140 -16.45 45.60 -9.63
CA VAL Q 140 -17.71 45.26 -10.27
C VAL Q 140 -18.28 43.96 -9.67
N ASP Q 141 -17.42 42.97 -9.40
CA ASP Q 141 -17.89 41.75 -8.75
C ASP Q 141 -18.39 42.04 -7.33
N ALA Q 142 -17.66 42.86 -6.57
CA ALA Q 142 -18.07 43.15 -5.19
C ALA Q 142 -19.39 43.89 -5.15
N ILE Q 143 -19.59 44.87 -6.04
CA ILE Q 143 -20.82 45.64 -6.03
C ILE Q 143 -22.02 44.76 -6.36
N GLU Q 144 -21.86 43.85 -7.32
CA GLU Q 144 -22.95 42.92 -7.63
C GLU Q 144 -23.24 41.99 -6.46
N GLU Q 145 -22.21 41.44 -5.83
CA GLU Q 145 -22.42 40.55 -4.70
C GLU Q 145 -23.18 41.25 -3.57
N ILE Q 146 -22.82 42.51 -3.27
CA ILE Q 146 -23.50 43.23 -2.20
C ILE Q 146 -24.93 43.53 -2.60
N SER Q 147 -25.17 43.85 -3.87
CA SER Q 147 -26.53 44.07 -4.34
C SER Q 147 -27.39 42.82 -4.12
N ASP Q 148 -26.85 41.64 -4.39
CA ASP Q 148 -27.54 40.39 -4.11
C ASP Q 148 -27.89 40.27 -2.63
N HIS Q 149 -26.94 40.56 -1.74
CA HIS Q 149 -27.20 40.48 -0.30
C HIS Q 149 -28.36 41.39 0.10
N ILE Q 150 -28.38 42.62 -0.43
CA ILE Q 150 -29.44 43.57 -0.07
C ILE Q 150 -30.81 43.03 -0.50
N THR Q 151 -30.89 42.55 -1.74
CA THR Q 151 -32.13 41.98 -2.23
C THR Q 151 -32.60 40.84 -1.34
N ASN Q 152 -31.70 39.92 -0.98
CA ASN Q 152 -32.12 38.78 -0.17
C ASN Q 152 -32.52 39.21 1.23
N LEU Q 153 -31.82 40.19 1.81
CA LEU Q 153 -32.19 40.67 3.13
C LEU Q 153 -33.56 41.33 3.12
N LYS Q 154 -33.89 42.04 2.05
CA LYS Q 154 -35.22 42.60 1.90
C LYS Q 154 -36.26 41.49 1.78
N ARG Q 155 -35.93 40.44 1.02
CA ARG Q 155 -36.86 39.33 0.82
C ARG Q 155 -37.15 38.61 2.14
N VAL Q 156 -36.11 38.30 2.92
CA VAL Q 156 -36.33 37.48 4.12
C VAL Q 156 -36.89 38.27 5.30
N GLY Q 157 -36.71 39.59 5.34
CA GLY Q 157 -37.27 40.41 6.39
C GLY Q 157 -36.48 40.33 7.67
N THR Q 158 -37.01 40.96 8.72
CA THR Q 158 -36.34 41.00 10.01
C THR Q 158 -36.73 39.79 10.87
N GLY Q 159 -35.89 39.50 11.85
CA GLY Q 159 -36.17 38.43 12.80
C GLY Q 159 -35.61 37.09 12.32
N LEU Q 160 -36.49 36.09 12.20
CA LEU Q 160 -36.03 34.77 11.75
C LEU Q 160 -35.33 34.85 10.40
N GLY Q 161 -35.78 35.73 9.52
CA GLY Q 161 -35.13 35.86 8.21
C GLY Q 161 -33.66 36.25 8.32
N GLU Q 162 -33.34 37.20 9.19
CA GLU Q 162 -31.96 37.60 9.40
C GLU Q 162 -31.13 36.45 9.94
N TYR Q 163 -31.70 35.70 10.88
CA TYR Q 163 -31.00 34.56 11.45
C TYR Q 163 -30.72 33.50 10.40
N MET Q 164 -31.72 33.22 9.55
CA MET Q 164 -31.55 32.17 8.55
C MET Q 164 -30.56 32.60 7.47
N TYR Q 165 -30.55 33.88 7.10
CA TYR Q 165 -29.58 34.35 6.12
C TYR Q 165 -28.16 34.21 6.65
N ASP Q 166 -27.97 34.52 7.93
CA ASP Q 166 -26.69 34.26 8.59
C ASP Q 166 -26.29 32.80 8.47
N LYS Q 167 -27.24 31.88 8.69
CA LYS Q 167 -26.91 30.46 8.69
C LYS Q 167 -26.76 29.87 7.29
N GLU Q 168 -27.51 30.37 6.32
CA GLU Q 168 -27.48 29.76 4.99
C GLU Q 168 -26.49 30.47 4.09
N THR Q 169 -26.74 31.73 3.76
CA THR Q 169 -25.90 32.41 2.79
C THR Q 169 -24.57 32.85 3.39
N MET Q 170 -24.60 33.53 4.54
CA MET Q 170 -23.38 34.12 5.06
C MET Q 170 -22.39 33.08 5.56
N SER Q 171 -22.82 31.84 5.79
CA SER Q 171 -21.92 30.80 6.29
C SER Q 171 -20.97 30.31 5.21
N GLN R 3 -27.47 47.95 31.87
CA GLN R 3 -26.19 47.32 31.56
C GLN R 3 -26.31 46.29 30.44
N THR R 4 -25.22 46.09 29.70
CA THR R 4 -25.20 45.02 28.73
C THR R 4 -25.32 43.67 29.43
N GLN R 5 -25.83 42.67 28.70
CA GLN R 5 -26.07 41.35 29.28
C GLN R 5 -24.85 40.75 29.97
N PRO R 6 -23.66 40.77 29.38
CA PRO R 6 -22.52 40.08 30.01
C PRO R 6 -21.98 40.78 31.23
N ARG R 7 -22.26 42.07 31.41
CA ARG R 7 -21.42 42.91 32.26
C ARG R 7 -21.44 42.43 33.71
N GLN R 8 -20.25 42.19 34.25
CA GLN R 8 -20.11 41.81 35.64
C GLN R 8 -18.68 42.09 36.09
N ASN R 9 -18.53 42.85 37.16
CA ASN R 9 -17.23 43.21 37.70
C ASN R 9 -16.34 43.89 36.65
N PHE R 10 -16.95 44.75 35.83
CA PHE R 10 -16.26 45.38 34.70
C PHE R 10 -16.46 46.90 34.78
N HIS R 11 -15.41 47.63 35.16
CA HIS R 11 -15.53 49.05 35.42
C HIS R 11 -15.44 49.86 34.13
N VAL R 12 -16.16 50.99 34.09
CA VAL R 12 -16.11 51.84 32.89
C VAL R 12 -14.69 52.34 32.63
N GLU R 13 -13.87 52.48 33.67
CA GLU R 13 -12.49 52.92 33.44
C GLU R 13 -11.67 51.83 32.75
N SER R 14 -11.93 50.56 33.08
CA SER R 14 -11.28 49.46 32.37
C SER R 14 -11.76 49.40 30.92
N GLU R 15 -13.07 49.55 30.70
CA GLU R 15 -13.62 49.61 29.35
C GLU R 15 -12.94 50.72 28.53
N ALA R 16 -12.82 51.91 29.11
CA ALA R 16 -12.20 53.01 28.38
C ALA R 16 -10.73 52.72 28.12
N GLY R 17 -10.06 52.07 29.08
CA GLY R 17 -8.65 51.76 28.90
C GLY R 17 -8.42 50.72 27.81
N ILE R 18 -9.34 49.77 27.66
CA ILE R 18 -9.24 48.80 26.57
C ILE R 18 -9.41 49.49 25.23
N ASN R 19 -10.33 50.44 25.13
CA ASN R 19 -10.50 51.15 23.87
C ASN R 19 -9.24 51.93 23.51
N LYS R 20 -8.58 52.53 24.50
CA LYS R 20 -7.33 53.23 24.25
C LYS R 20 -6.25 52.26 23.78
N GLN R 21 -6.17 51.08 24.41
CA GLN R 21 -5.14 50.12 24.03
C GLN R 21 -5.40 49.53 22.65
N ILE R 22 -6.67 49.33 22.28
CA ILE R 22 -6.99 48.89 20.93
C ILE R 22 -6.37 49.83 19.90
N ASN R 23 -6.54 51.14 20.12
CA ASN R 23 -5.99 52.09 19.16
C ASN R 23 -4.47 52.00 19.11
N MET R 24 -3.82 51.78 20.25
CA MET R 24 -2.37 51.70 20.28
C MET R 24 -1.85 50.49 19.50
N GLU R 25 -2.52 49.33 19.66
CA GLU R 25 -2.15 48.16 18.87
C GLU R 25 -2.30 48.42 17.38
N LEU R 26 -3.39 49.07 16.98
CA LEU R 26 -3.59 49.40 15.57
C LEU R 26 -2.52 50.36 15.09
N TYR R 27 -2.19 51.34 15.92
CA TYR R 27 -1.10 52.25 15.58
C TYR R 27 0.20 51.49 15.36
N ALA R 28 0.54 50.57 16.27
CA ALA R 28 1.78 49.81 16.11
C ALA R 28 1.74 48.99 14.82
N SER R 29 0.58 48.43 14.49
CA SER R 29 0.42 47.71 13.23
C SER R 29 0.74 48.59 12.03
N TYR R 30 0.28 49.85 12.06
CA TYR R 30 0.53 50.80 10.98
C TYR R 30 2.02 51.14 10.87
N VAL R 31 2.68 51.36 12.01
CA VAL R 31 4.12 51.60 11.99
C VAL R 31 4.85 50.45 11.30
N TYR R 32 4.54 49.21 11.68
CA TYR R 32 5.23 48.07 11.07
C TYR R 32 4.90 47.93 9.59
N GLN R 33 3.66 48.24 9.20
CA GLN R 33 3.31 48.21 7.78
C GLN R 33 4.16 49.22 7.00
N SER R 34 4.39 50.40 7.59
CA SER R 34 5.24 51.39 6.94
C SER R 34 6.67 50.89 6.83
N MET R 35 7.19 50.26 7.88
CA MET R 35 8.54 49.71 7.82
C MET R 35 8.65 48.62 6.77
N TYR R 36 7.65 47.72 6.72
CA TYR R 36 7.57 46.69 5.69
C TYR R 36 7.76 47.29 4.30
N MET R 37 6.94 48.28 3.96
CA MET R 37 7.01 48.86 2.62
C MET R 37 8.24 49.71 2.42
N TYR R 38 8.85 50.21 3.50
CA TYR R 38 10.12 50.91 3.37
C TYR R 38 11.24 49.95 2.99
N PHE R 39 11.34 48.80 3.68
CA PHE R 39 12.38 47.86 3.28
C PHE R 39 12.08 47.20 1.94
N ASP R 40 10.85 47.34 1.42
CA ASP R 40 10.47 46.88 0.09
C ASP R 40 10.86 47.88 -1.00
N ARG R 41 11.31 49.08 -0.66
CA ARG R 41 11.72 50.06 -1.67
C ARG R 41 12.89 49.54 -2.49
N ASP R 42 12.92 49.92 -3.77
CA ASP R 42 13.98 49.47 -4.66
C ASP R 42 15.35 49.96 -4.21
N ASP R 43 15.40 51.08 -3.49
CA ASP R 43 16.65 51.63 -3.01
C ASP R 43 16.97 51.24 -1.58
N VAL R 44 16.25 50.27 -1.03
CA VAL R 44 16.57 49.68 0.27
C VAL R 44 16.74 48.18 0.07
N ALA R 45 15.67 47.51 -0.40
CA ALA R 45 15.76 46.18 -1.01
C ALA R 45 16.36 45.13 -0.06
N LEU R 46 15.78 45.04 1.15
CA LEU R 46 16.13 43.98 2.09
C LEU R 46 14.85 43.20 2.33
N PRO R 47 14.62 42.13 1.56
CA PRO R 47 13.28 41.53 1.53
C PRO R 47 12.91 40.72 2.77
N SER R 48 13.89 40.17 3.49
CA SER R 48 13.54 39.42 4.70
C SER R 48 13.24 40.37 5.86
N PHE R 49 13.98 41.48 5.97
CA PHE R 49 13.54 42.57 6.83
C PHE R 49 12.13 43.00 6.48
N ALA R 50 11.85 43.16 5.19
CA ALA R 50 10.50 43.53 4.78
C ALA R 50 9.47 42.55 5.33
N LYS R 51 9.69 41.24 5.12
CA LYS R 51 8.73 40.24 5.57
C LYS R 51 8.64 40.18 7.09
N TYR R 52 9.74 40.50 7.80
CA TYR R 52 9.70 40.52 9.25
C TYR R 52 8.72 41.59 9.74
N PHE R 53 8.80 42.79 9.16
CA PHE R 53 7.88 43.85 9.57
C PHE R 53 6.46 43.59 9.08
N LYS R 54 6.31 42.97 7.91
CA LYS R 54 4.99 42.53 7.46
C LYS R 54 4.34 41.60 8.49
N HIS R 55 5.10 40.62 8.98
CA HIS R 55 4.59 39.69 9.98
C HIS R 55 4.28 40.40 11.29
N ASN R 56 5.15 41.32 11.72
CA ASN R 56 4.88 42.03 12.96
C ASN R 56 3.67 42.96 12.83
N SER R 57 3.44 43.52 11.65
CA SER R 57 2.23 44.31 11.43
C SER R 57 0.99 43.46 11.58
N GLU R 58 1.03 42.22 11.06
CA GLU R 58 -0.12 41.33 11.18
C GLU R 58 -0.34 40.89 12.62
N GLU R 59 0.74 40.63 13.36
CA GLU R 59 0.60 40.28 14.77
C GLU R 59 -0.04 41.41 15.57
N GLU R 60 0.39 42.65 15.32
CA GLU R 60 -0.19 43.77 16.04
C GLU R 60 -1.67 43.93 15.72
N ARG R 61 -2.06 43.69 14.46
CA ARG R 61 -3.49 43.72 14.15
C ARG R 61 -4.22 42.63 14.91
N GLU R 62 -3.61 41.45 15.05
CA GLU R 62 -4.21 40.37 15.82
C GLU R 62 -4.32 40.74 17.30
N HIS R 63 -3.31 41.42 17.84
CA HIS R 63 -3.42 41.90 19.23
C HIS R 63 -4.60 42.84 19.39
N ALA R 64 -4.81 43.73 18.40
CA ALA R 64 -5.91 44.67 18.51
C ALA R 64 -7.26 43.95 18.39
N GLU R 65 -7.36 42.99 17.49
CA GLU R 65 -8.64 42.28 17.35
C GLU R 65 -8.93 41.41 18.57
N LYS R 66 -7.91 40.86 19.22
CA LYS R 66 -8.15 40.08 20.43
C LYS R 66 -8.67 40.96 21.57
N LEU R 67 -8.20 42.21 21.64
CA LEU R 67 -8.72 43.15 22.64
C LEU R 67 -10.13 43.60 22.30
N MET R 68 -10.41 43.80 21.01
CA MET R 68 -11.78 44.09 20.59
C MET R 68 -12.72 42.96 20.99
N LYS R 69 -12.32 41.71 20.74
CA LYS R 69 -13.15 40.58 21.13
C LYS R 69 -13.33 40.53 22.64
N TYR R 70 -12.26 40.81 23.39
CA TYR R 70 -12.36 40.81 24.85
C TYR R 70 -13.31 41.90 25.34
N GLN R 71 -13.21 43.09 24.76
CA GLN R 71 -14.15 44.16 25.08
C GLN R 71 -15.59 43.66 24.93
N ASN R 72 -15.92 43.07 23.79
CA ASN R 72 -17.27 42.54 23.58
C ASN R 72 -17.60 41.46 24.61
N LYS R 73 -16.65 40.58 24.89
CA LYS R 73 -16.91 39.46 25.80
C LYS R 73 -17.31 39.97 27.18
N ARG R 74 -16.65 41.03 27.66
CA ARG R 74 -16.99 41.59 28.97
C ARG R 74 -18.23 42.47 28.93
N GLY R 75 -18.82 42.71 27.77
CA GLY R 75 -19.95 43.62 27.70
C GLY R 75 -19.58 45.08 27.56
N GLY R 76 -18.31 45.37 27.25
CA GLY R 76 -17.93 46.72 26.90
C GLY R 76 -18.31 47.00 25.46
N ARG R 77 -18.18 48.27 25.09
CA ARG R 77 -18.52 48.70 23.74
C ARG R 77 -17.29 49.29 23.08
N ILE R 78 -16.92 48.72 21.94
CA ILE R 78 -15.75 49.17 21.19
C ILE R 78 -16.02 50.56 20.62
N VAL R 79 -15.10 51.49 20.88
CA VAL R 79 -15.15 52.82 20.30
C VAL R 79 -13.82 53.06 19.61
N LEU R 80 -13.85 53.08 18.28
CA LEU R 80 -12.62 53.22 17.51
C LEU R 80 -12.26 54.69 17.35
N GLN R 81 -10.97 54.94 17.23
CA GLN R 81 -10.41 56.26 16.97
C GLN R 81 -9.56 56.21 15.72
N ASP R 82 -9.24 57.39 15.18
CA ASP R 82 -8.37 57.44 14.01
C ASP R 82 -7.07 56.71 14.32
N ILE R 83 -6.51 56.07 13.31
CA ILE R 83 -5.19 55.46 13.41
C ILE R 83 -4.20 56.47 12.86
N GLN R 84 -3.43 57.06 13.75
CA GLN R 84 -2.49 58.10 13.37
C GLN R 84 -1.38 57.52 12.50
N LYS R 85 -0.96 58.28 11.49
CA LYS R 85 0.14 57.81 10.65
C LYS R 85 1.44 57.79 11.46
N PRO R 86 2.40 56.94 11.08
CA PRO R 86 3.67 56.86 11.81
C PRO R 86 4.44 58.18 11.78
N ASP R 87 5.41 58.31 12.69
CA ASP R 87 6.12 59.57 12.85
C ASP R 87 7.03 59.88 11.67
N LEU R 88 7.48 58.87 10.95
CA LEU R 88 8.38 59.05 9.83
C LEU R 88 7.81 58.36 8.59
N ASP R 89 8.26 58.83 7.42
CA ASP R 89 7.99 58.15 6.16
C ASP R 89 9.10 57.17 5.79
N GLU R 90 10.30 57.36 6.34
CA GLU R 90 11.48 56.56 6.03
C GLU R 90 12.17 56.21 7.34
N TRP R 91 12.77 55.03 7.42
CA TRP R 91 13.19 54.51 8.71
C TRP R 91 14.70 54.28 8.83
N GLY R 92 15.51 54.76 7.89
CA GLY R 92 16.95 54.67 8.05
C GLY R 92 17.51 53.29 7.80
N SER R 93 18.57 52.95 8.54
CA SER R 93 19.24 51.66 8.40
C SER R 93 18.45 50.56 9.11
N PRO R 94 18.75 49.30 8.82
CA PRO R 94 18.16 48.21 9.61
C PRO R 94 18.35 48.43 11.11
N LEU R 95 19.55 48.84 11.54
CA LEU R 95 19.78 49.08 12.97
C LEU R 95 18.84 50.15 13.51
N GLU R 96 18.72 51.29 12.80
CA GLU R 96 17.86 52.36 13.28
C GLU R 96 16.39 51.92 13.33
N ALA R 97 15.94 51.19 12.30
CA ALA R 97 14.58 50.69 12.31
C ALA R 97 14.32 49.77 13.51
N MET R 98 15.28 48.91 13.83
CA MET R 98 15.09 48.02 14.98
C MET R 98 15.13 48.80 16.29
N GLN R 99 15.98 49.81 16.40
CA GLN R 99 15.96 50.66 17.60
C GLN R 99 14.64 51.40 17.73
N THR R 100 14.08 51.85 16.61
CA THR R 100 12.76 52.44 16.65
C THR R 100 11.72 51.42 17.14
N THR R 101 11.84 50.18 16.68
CA THR R 101 10.90 49.13 17.07
C THR R 101 10.98 48.83 18.57
N LEU R 102 12.19 48.82 19.13
CA LEU R 102 12.33 48.59 20.56
C LEU R 102 11.61 49.67 21.36
N ALA R 103 11.78 50.93 20.96
CA ALA R 103 11.09 52.02 21.63
C ALA R 103 9.59 51.86 21.52
N LEU R 104 9.09 51.48 20.34
CA LEU R 104 7.66 51.27 20.18
C LEU R 104 7.15 50.15 21.07
N GLU R 105 7.85 49.01 21.09
CA GLU R 105 7.36 47.89 21.90
C GLU R 105 7.42 48.19 23.39
N LYS R 106 8.43 48.95 23.85
CA LYS R 106 8.47 49.35 25.25
C LYS R 106 7.33 50.30 25.60
N SER R 107 6.96 51.20 24.68
CA SER R 107 5.84 52.10 24.98
C SER R 107 4.53 51.34 25.00
N VAL R 108 4.36 50.35 24.10
CA VAL R 108 3.16 49.51 24.16
C VAL R 108 3.14 48.74 25.47
N ASN R 109 4.29 48.22 25.89
CA ASN R 109 4.36 47.47 27.14
C ASN R 109 3.98 48.34 28.33
N GLN R 110 4.49 49.58 28.37
CA GLN R 110 4.13 50.46 29.48
C GLN R 110 2.64 50.77 29.48
N ALA R 111 2.05 50.95 28.30
CA ALA R 111 0.60 51.14 28.22
C ALA R 111 -0.15 49.92 28.76
N LEU R 112 0.32 48.71 28.42
CA LEU R 112 -0.33 47.50 28.93
C LEU R 112 -0.18 47.40 30.43
N LEU R 113 1.00 47.73 30.97
CA LEU R 113 1.17 47.73 32.41
C LEU R 113 0.24 48.74 33.08
N ASP R 114 0.08 49.91 32.46
CA ASP R 114 -0.84 50.90 33.00
C ASP R 114 -2.28 50.41 32.96
N LEU R 115 -2.65 49.69 31.88
CA LEU R 115 -4.00 49.13 31.79
C LEU R 115 -4.20 48.05 32.83
N HIS R 116 -3.18 47.23 33.07
CA HIS R 116 -3.24 46.25 34.15
C HIS R 116 -3.47 46.92 35.50
N LYS R 117 -2.85 48.07 35.73
CA LYS R 117 -3.07 48.78 37.00
C LYS R 117 -4.52 49.22 37.14
N ILE R 118 -5.16 49.60 36.04
CA ILE R 118 -6.57 49.98 36.11
C ILE R 118 -7.41 48.77 36.51
N ALA R 119 -7.16 47.61 35.88
CA ALA R 119 -7.88 46.40 36.27
C ALA R 119 -7.67 46.08 37.75
N ASP R 120 -6.42 46.19 38.22
CA ASP R 120 -6.12 45.89 39.62
C ASP R 120 -6.85 46.83 40.56
N LYS R 121 -6.85 48.12 40.24
CA LYS R 121 -7.53 49.11 41.06
C LYS R 121 -9.00 48.75 41.26
N HIS R 122 -9.64 48.17 40.25
CA HIS R 122 -11.06 47.85 40.34
C HIS R 122 -11.33 46.38 40.64
N GLY R 123 -10.32 45.65 41.10
CA GLY R 123 -10.52 44.26 41.48
C GLY R 123 -10.90 43.35 40.33
N ASP R 124 -10.47 43.67 39.11
CA ASP R 124 -10.87 42.89 37.94
C ASP R 124 -9.88 41.75 37.75
N ALA R 125 -10.07 40.68 38.52
CA ALA R 125 -9.12 39.57 38.53
C ALA R 125 -9.02 38.91 37.16
N GLN R 126 -10.15 38.75 36.47
CA GLN R 126 -10.12 38.06 35.19
C GLN R 126 -9.43 38.91 34.13
N MET R 127 -9.66 40.23 34.13
CA MET R 127 -8.97 41.09 33.18
C MET R 127 -7.47 41.08 33.44
N MET R 128 -7.06 41.11 34.71
CA MET R 128 -5.63 41.03 35.02
C MET R 128 -5.01 39.77 34.43
N ASP R 129 -5.68 38.63 34.60
CA ASP R 129 -5.11 37.39 34.09
C ASP R 129 -5.08 37.38 32.57
N PHE R 130 -6.16 37.84 31.93
CA PHE R 130 -6.15 37.99 30.47
C PHE R 130 -4.98 38.84 30.00
N LEU R 131 -4.76 39.99 30.63
CA LEU R 131 -3.64 40.84 30.21
C LEU R 131 -2.29 40.19 30.45
N GLU R 132 -2.13 39.51 31.59
CA GLU R 132 -0.86 38.88 31.90
C GLU R 132 -0.51 37.80 30.89
N GLY R 133 -1.45 36.86 30.67
CA GLY R 133 -1.16 35.73 29.82
C GLY R 133 -1.16 36.04 28.33
N GLU R 134 -2.02 36.97 27.90
CA GLU R 134 -2.18 37.23 26.48
C GLU R 134 -1.40 38.44 25.97
N TYR R 135 -0.91 39.29 26.86
CA TYR R 135 -0.24 40.52 26.42
C TYR R 135 1.10 40.74 27.09
N LEU R 136 1.15 40.64 28.42
CA LEU R 136 2.38 40.95 29.14
C LEU R 136 3.48 39.97 28.80
N LYS R 137 3.15 38.67 28.75
CA LYS R 137 4.14 37.66 28.43
C LYS R 137 4.70 37.88 27.03
N GLU R 138 3.81 38.11 26.05
CA GLU R 138 4.25 38.33 24.68
C GLU R 138 5.16 39.54 24.57
N GLN R 139 4.85 40.64 25.29
CA GLN R 139 5.67 41.84 25.19
C GLN R 139 7.08 41.59 25.70
N VAL R 140 7.22 40.85 26.81
CA VAL R 140 8.56 40.56 27.32
C VAL R 140 9.35 39.77 26.29
N ASP R 141 8.74 38.75 25.68
CA ASP R 141 9.41 37.98 24.65
C ASP R 141 9.79 38.86 23.46
N ALA R 142 8.90 39.77 23.05
CA ALA R 142 9.17 40.63 21.90
C ALA R 142 10.31 41.60 22.17
N ILE R 143 10.32 42.18 23.37
CA ILE R 143 11.36 43.15 23.70
C ILE R 143 12.72 42.48 23.72
N GLU R 144 12.79 41.25 24.24
CA GLU R 144 14.06 40.55 24.22
C GLU R 144 14.50 40.21 22.79
N GLU R 145 13.56 39.77 21.95
CA GLU R 145 13.92 39.42 20.58
C GLU R 145 14.46 40.63 19.82
N ILE R 146 13.82 41.79 19.98
CA ILE R 146 14.30 42.99 19.32
C ILE R 146 15.67 43.38 19.87
N SER R 147 15.86 43.29 21.17
CA SER R 147 17.17 43.56 21.75
C SER R 147 18.24 42.68 21.10
N ASP R 148 17.95 41.39 20.90
CA ASP R 148 18.89 40.52 20.19
C ASP R 148 19.20 41.05 18.80
N HIS R 149 18.18 41.50 18.07
CA HIS R 149 18.40 42.00 16.71
C HIS R 149 19.35 43.20 16.73
N ILE R 150 19.11 44.13 17.65
CA ILE R 150 19.95 45.34 17.71
C ILE R 150 21.40 44.96 17.98
N THR R 151 21.62 44.07 18.95
CA THR R 151 22.98 43.63 19.24
C THR R 151 23.64 43.01 18.02
N ASN R 152 22.92 42.12 17.33
CA ASN R 152 23.51 41.47 16.16
C ASN R 152 23.78 42.48 15.06
N LEU R 153 22.86 43.43 14.86
CA LEU R 153 23.08 44.42 13.80
C LEU R 153 24.26 45.34 14.14
N LYS R 154 24.49 45.63 15.42
CA LYS R 154 25.71 46.35 15.78
C LYS R 154 26.95 45.51 15.50
N ARG R 155 26.85 44.21 15.76
CA ARG R 155 28.03 43.35 15.59
C ARG R 155 28.41 43.23 14.12
N VAL R 156 27.43 43.07 13.23
CA VAL R 156 27.76 42.78 11.83
C VAL R 156 28.09 44.05 11.03
N GLY R 157 27.68 45.23 11.51
CA GLY R 157 28.02 46.49 10.85
C GLY R 157 27.19 46.75 9.60
N THR R 158 27.56 47.83 8.89
CA THR R 158 26.84 48.22 7.68
C THR R 158 27.43 47.55 6.45
N GLY R 159 26.63 47.49 5.40
CA GLY R 159 27.08 46.93 4.13
C GLY R 159 26.84 45.43 4.05
N LEU R 160 27.90 44.66 3.84
CA LEU R 160 27.74 43.22 3.73
C LEU R 160 27.07 42.64 4.95
N GLY R 161 27.32 43.21 6.14
CA GLY R 161 26.74 42.66 7.35
C GLY R 161 25.23 42.75 7.37
N GLU R 162 24.66 43.88 6.93
CA GLU R 162 23.21 44.01 6.85
C GLU R 162 22.61 43.02 5.87
N TYR R 163 23.28 42.84 4.73
CA TYR R 163 22.82 41.86 3.74
C TYR R 163 22.81 40.44 4.30
N MET R 164 23.91 40.04 4.95
CA MET R 164 23.97 38.69 5.50
C MET R 164 22.97 38.50 6.63
N TYR R 165 22.75 39.54 7.45
CA TYR R 165 21.73 39.42 8.49
C TYR R 165 20.35 39.20 7.89
N ASP R 166 20.04 39.89 6.80
CA ASP R 166 18.80 39.65 6.07
C ASP R 166 18.72 38.19 5.62
N LYS R 167 19.82 37.67 5.08
CA LYS R 167 19.82 36.32 4.51
C LYS R 167 19.78 35.24 5.58
N GLU R 168 20.47 35.44 6.70
CA GLU R 168 20.59 34.39 7.71
C GLU R 168 19.49 34.51 8.75
N THR R 169 19.53 35.54 9.58
CA THR R 169 18.61 35.62 10.70
C THR R 169 17.20 35.97 10.26
N MET R 170 17.04 37.00 9.42
CA MET R 170 15.69 37.49 9.13
C MET R 170 14.92 36.56 8.20
N SER R 171 15.58 35.66 7.49
CA SER R 171 14.86 34.80 6.56
C SER R 171 14.44 33.48 7.21
N GLN S 3 -0.99 19.14 60.86
CA GLN S 3 -1.48 19.50 59.54
C GLN S 3 -1.33 18.34 58.55
N THR S 4 -2.09 18.38 57.47
CA THR S 4 -1.94 17.40 56.41
C THR S 4 -0.59 17.58 55.70
N GLN S 5 -0.08 16.49 55.13
CA GLN S 5 1.25 16.51 54.52
C GLN S 5 1.46 17.64 53.52
N PRO S 6 0.53 17.91 52.59
CA PRO S 6 0.80 18.94 51.57
C PRO S 6 0.71 20.36 52.09
N ARG S 7 0.04 20.58 53.20
CA ARG S 7 -0.49 21.91 53.49
C ARG S 7 0.63 22.93 53.60
N GLN S 8 0.53 24.00 52.80
CA GLN S 8 1.49 25.09 52.87
C GLN S 8 0.84 26.33 52.28
N ASN S 9 0.84 27.42 53.06
CA ASN S 9 0.25 28.69 52.63
C ASN S 9 -1.22 28.53 52.25
N PHE S 10 -1.95 27.66 52.94
CA PHE S 10 -3.34 27.33 52.61
C PHE S 10 -4.21 27.59 53.84
N HIS S 11 -5.00 28.68 53.80
CA HIS S 11 -5.74 29.13 54.97
C HIS S 11 -7.05 28.36 55.11
N VAL S 12 -7.50 28.20 56.37
CA VAL S 12 -8.76 27.49 56.62
C VAL S 12 -9.94 28.18 55.95
N GLU S 13 -9.91 29.51 55.86
CA GLU S 13 -11.01 30.21 55.20
C GLU S 13 -11.04 29.91 53.70
N SER S 14 -9.87 29.71 53.08
CA SER S 14 -9.86 29.31 51.67
C SER S 14 -10.37 27.89 51.51
N GLU S 15 -9.93 26.98 52.38
CA GLU S 15 -10.43 25.61 52.39
C GLU S 15 -11.95 25.58 52.53
N ALA S 16 -12.50 26.37 53.44
CA ALA S 16 -13.96 26.38 53.61
C ALA S 16 -14.64 26.97 52.37
N GLY S 17 -14.03 27.98 51.78
CA GLY S 17 -14.62 28.60 50.60
C GLY S 17 -14.66 27.65 49.43
N ILE S 18 -13.63 26.81 49.30
CA ILE S 18 -13.61 25.82 48.22
C ILE S 18 -14.73 24.80 48.43
N ASN S 19 -14.96 24.38 49.68
CA ASN S 19 -16.06 23.45 49.93
C ASN S 19 -17.41 24.09 49.57
N LYS S 20 -17.58 25.37 49.85
CA LYS S 20 -18.82 26.03 49.45
C LYS S 20 -18.95 26.11 47.94
N GLN S 21 -17.86 26.43 47.23
CA GLN S 21 -17.90 26.49 45.78
C GLN S 21 -18.18 25.12 45.17
N ILE S 22 -17.60 24.05 45.74
CA ILE S 22 -17.88 22.71 45.25
C ILE S 22 -19.38 22.45 45.23
N ASN S 23 -20.05 22.77 46.33
CA ASN S 23 -21.48 22.53 46.39
C ASN S 23 -22.23 23.39 45.36
N MET S 24 -21.77 24.62 45.12
CA MET S 24 -22.46 25.46 44.15
C MET S 24 -22.33 24.92 42.73
N GLU S 25 -21.15 24.39 42.40
CA GLU S 25 -20.97 23.75 41.09
C GLU S 25 -21.86 22.53 40.94
N LEU S 26 -21.98 21.70 41.99
CA LEU S 26 -22.89 20.57 41.91
C LEU S 26 -24.33 21.03 41.75
N TYR S 27 -24.70 22.08 42.49
CA TYR S 27 -26.03 22.66 42.35
C TYR S 27 -26.29 23.09 40.91
N ALA S 28 -25.33 23.78 40.30
CA ALA S 28 -25.49 24.19 38.91
C ALA S 28 -25.63 22.98 38.00
N SER S 29 -24.84 21.94 38.24
CA SER S 29 -24.98 20.70 37.48
C SER S 29 -26.41 20.16 37.55
N TYR S 30 -26.99 20.18 38.75
CA TYR S 30 -28.34 19.67 38.93
C TYR S 30 -29.37 20.52 38.21
N VAL S 31 -29.21 21.85 38.23
CA VAL S 31 -30.12 22.70 37.48
C VAL S 31 -30.09 22.34 36.00
N TYR S 32 -28.89 22.23 35.43
CA TYR S 32 -28.79 21.91 34.00
C TYR S 32 -29.34 20.52 33.70
N GLN S 33 -29.17 19.57 34.62
CA GLN S 33 -29.76 18.25 34.42
C GLN S 33 -31.28 18.33 34.36
N SER S 34 -31.88 19.16 35.21
CA SER S 34 -33.33 19.37 35.16
C SER S 34 -33.77 20.00 33.84
N MET S 35 -33.02 21.01 33.36
CA MET S 35 -33.38 21.63 32.09
C MET S 35 -33.22 20.66 30.93
N TYR S 36 -32.15 19.86 30.96
CA TYR S 36 -31.98 18.78 29.99
C TYR S 36 -33.24 17.93 29.90
N MET S 37 -33.71 17.42 31.04
CA MET S 37 -34.84 16.50 31.01
C MET S 37 -36.16 17.22 30.75
N TYR S 38 -36.23 18.52 31.03
CA TYR S 38 -37.41 19.30 30.66
C TYR S 38 -37.51 19.45 29.14
N PHE S 39 -36.41 19.79 28.46
CA PHE S 39 -36.47 19.87 27.00
C PHE S 39 -36.59 18.50 26.34
N ASP S 40 -36.36 17.43 27.09
CA ASP S 40 -36.61 16.07 26.63
C ASP S 40 -38.08 15.66 26.74
N ARG S 41 -38.92 16.45 27.41
CA ARG S 41 -40.34 16.11 27.56
C ARG S 41 -41.04 16.05 26.20
N ASP S 42 -42.04 15.15 26.11
CA ASP S 42 -42.75 14.97 24.86
C ASP S 42 -43.50 16.23 24.44
N ASP S 43 -43.89 17.07 25.40
CA ASP S 43 -44.62 18.30 25.11
C ASP S 43 -43.72 19.52 25.03
N VAL S 44 -42.40 19.32 25.00
CA VAL S 44 -41.42 20.38 24.75
C VAL S 44 -40.62 19.99 23.51
N ALA S 45 -39.92 18.86 23.59
CA ALA S 45 -39.41 18.13 22.43
C ALA S 45 -38.48 18.98 21.55
N LEU S 46 -37.49 19.60 22.18
CA LEU S 46 -36.41 20.31 21.48
C LEU S 46 -35.12 19.58 21.82
N PRO S 47 -34.71 18.63 20.99
CA PRO S 47 -33.65 17.70 21.41
C PRO S 47 -32.26 18.30 21.43
N SER S 48 -31.98 19.32 20.61
CA SER S 48 -30.66 19.94 20.67
C SER S 48 -30.52 20.89 21.86
N PHE S 49 -31.59 21.58 22.24
CA PHE S 49 -31.60 22.25 23.54
C PHE S 49 -31.35 21.24 24.65
N ALA S 50 -32.01 20.07 24.57
CA ALA S 50 -31.78 19.05 25.58
C ALA S 50 -30.31 18.68 25.67
N LYS S 51 -29.70 18.36 24.53
CA LYS S 51 -28.28 18.00 24.46
C LYS S 51 -27.40 19.10 25.04
N TYR S 52 -27.71 20.35 24.74
CA TYR S 52 -26.92 21.47 25.23
C TYR S 52 -26.89 21.49 26.76
N PHE S 53 -28.06 21.40 27.39
CA PHE S 53 -28.10 21.40 28.85
C PHE S 53 -27.51 20.11 29.43
N LYS S 54 -27.64 19.00 28.72
CA LYS S 54 -26.94 17.78 29.13
C LYS S 54 -25.44 18.02 29.20
N HIS S 55 -24.86 18.64 28.17
CA HIS S 55 -23.43 18.94 28.17
C HIS S 55 -23.06 19.95 29.25
N ASN S 56 -23.88 20.99 29.45
CA ASN S 56 -23.63 21.96 30.52
C ASN S 56 -23.64 21.28 31.89
N SER S 57 -24.56 20.33 32.10
CA SER S 57 -24.60 19.61 33.37
C SER S 57 -23.32 18.82 33.59
N GLU S 58 -22.81 18.15 32.55
CA GLU S 58 -21.56 17.42 32.69
C GLU S 58 -20.39 18.37 32.95
N GLU S 59 -20.36 19.51 32.26
CA GLU S 59 -19.31 20.49 32.49
C GLU S 59 -19.30 20.96 33.94
N GLU S 60 -20.47 21.23 34.51
CA GLU S 60 -20.52 21.71 35.89
C GLU S 60 -20.04 20.64 36.87
N ARG S 61 -20.38 19.38 36.59
CA ARG S 61 -19.88 18.30 37.45
C ARG S 61 -18.36 18.20 37.36
N GLU S 62 -17.80 18.43 36.17
CA GLU S 62 -16.34 18.45 36.02
C GLU S 62 -15.73 19.64 36.76
N HIS S 63 -16.39 20.81 36.73
CA HIS S 63 -15.90 21.94 37.52
C HIS S 63 -15.87 21.59 39.00
N ALA S 64 -16.89 20.89 39.48
CA ALA S 64 -16.94 20.51 40.89
C ALA S 64 -15.81 19.54 41.22
N GLU S 65 -15.59 18.54 40.37
CA GLU S 65 -14.55 17.55 40.64
C GLU S 65 -13.16 18.15 40.53
N LYS S 66 -12.96 19.10 39.62
CA LYS S 66 -11.68 19.78 39.56
C LYS S 66 -11.39 20.53 40.86
N LEU S 67 -12.42 21.13 41.47
CA LEU S 67 -12.25 21.81 42.75
C LEU S 67 -12.03 20.82 43.89
N MET S 68 -12.70 19.67 43.85
CA MET S 68 -12.42 18.63 44.84
C MET S 68 -10.97 18.14 44.74
N LYS S 69 -10.50 17.89 43.52
CA LYS S 69 -9.10 17.50 43.34
C LYS S 69 -8.16 18.60 43.86
N TYR S 70 -8.51 19.87 43.64
CA TYR S 70 -7.65 20.94 44.12
C TYR S 70 -7.64 20.98 45.63
N GLN S 71 -8.81 20.85 46.26
CA GLN S 71 -8.86 20.77 47.72
C GLN S 71 -7.88 19.72 48.23
N ASN S 72 -7.92 18.52 47.66
CA ASN S 72 -7.02 17.45 48.09
C ASN S 72 -5.56 17.81 47.82
N LYS S 73 -5.28 18.40 46.66
CA LYS S 73 -3.89 18.73 46.33
C LYS S 73 -3.29 19.67 47.36
N ARG S 74 -4.06 20.64 47.84
CA ARG S 74 -3.54 21.61 48.78
C ARG S 74 -3.52 21.11 50.21
N GLY S 75 -4.07 19.92 50.46
CA GLY S 75 -4.14 19.38 51.81
C GLY S 75 -5.40 19.78 52.57
N GLY S 76 -6.38 20.36 51.88
CA GLY S 76 -7.67 20.57 52.48
C GLY S 76 -8.46 19.27 52.52
N ARG S 77 -9.59 19.32 53.21
CA ARG S 77 -10.46 18.15 53.32
C ARG S 77 -11.84 18.49 52.77
N ILE S 78 -12.28 17.68 51.82
CA ILE S 78 -13.57 17.87 51.18
C ILE S 78 -14.67 17.54 52.18
N VAL S 79 -15.62 18.46 52.34
CA VAL S 79 -16.80 18.25 53.16
C VAL S 79 -17.99 18.52 52.25
N LEU S 80 -18.71 17.48 51.89
CA LEU S 80 -19.85 17.63 50.99
C LEU S 80 -21.10 18.05 51.76
N GLN S 81 -22.00 18.73 51.05
CA GLN S 81 -23.28 19.13 51.59
C GLN S 81 -24.38 18.63 50.66
N ASP S 82 -25.62 18.64 51.13
CA ASP S 82 -26.72 18.25 50.26
C ASP S 82 -26.72 19.09 48.98
N ILE S 83 -27.14 18.47 47.88
CA ILE S 83 -27.34 19.19 46.63
C ILE S 83 -28.81 19.56 46.55
N GLN S 84 -29.10 20.85 46.75
CA GLN S 84 -30.47 21.31 46.79
C GLN S 84 -31.11 21.16 45.41
N LYS S 85 -32.40 20.79 45.39
CA LYS S 85 -33.08 20.67 44.11
C LYS S 85 -33.25 22.05 43.46
N PRO S 86 -33.37 22.10 42.13
CA PRO S 86 -33.55 23.39 41.44
C PRO S 86 -34.84 24.08 41.89
N ASP S 87 -34.89 25.39 41.65
CA ASP S 87 -35.99 26.21 42.13
C ASP S 87 -37.31 25.89 41.41
N LEU S 88 -37.24 25.43 40.17
CA LEU S 88 -38.42 25.13 39.37
C LEU S 88 -38.37 23.67 38.90
N ASP S 89 -39.55 23.10 38.64
CA ASP S 89 -39.63 21.82 37.95
C ASP S 89 -39.73 21.95 36.44
N GLU S 90 -40.17 23.11 35.94
CA GLU S 90 -40.35 23.37 34.53
C GLU S 90 -39.75 24.73 34.23
N TRP S 91 -39.22 24.90 33.01
CA TRP S 91 -38.38 26.06 32.74
C TRP S 91 -38.90 26.96 31.62
N GLY S 92 -40.14 26.80 31.19
CA GLY S 92 -40.72 27.75 30.25
C GLY S 92 -40.21 27.59 28.84
N SER S 93 -40.08 28.71 28.14
CA SER S 93 -39.64 28.71 26.76
C SER S 93 -38.13 28.56 26.68
N PRO S 94 -37.60 28.25 25.49
CA PRO S 94 -36.14 28.30 25.31
C PRO S 94 -35.53 29.63 25.77
N LEU S 95 -36.16 30.75 25.40
CA LEU S 95 -35.66 32.05 25.83
C LEU S 95 -35.62 32.16 27.36
N GLU S 96 -36.72 31.79 28.03
CA GLU S 96 -36.76 31.88 29.48
C GLU S 96 -35.71 30.99 30.13
N ALA S 97 -35.56 29.77 29.62
CA ALA S 97 -34.54 28.87 30.16
C ALA S 97 -33.14 29.47 30.00
N MET S 98 -32.87 30.09 28.85
CA MET S 98 -31.55 30.70 28.65
C MET S 98 -31.35 31.89 29.59
N GLN S 99 -32.39 32.70 29.80
CA GLN S 99 -32.25 33.81 30.74
C GLN S 99 -31.99 33.31 32.16
N THR S 100 -32.65 32.22 32.55
CA THR S 100 -32.35 31.61 33.85
C THR S 100 -30.90 31.16 33.92
N THR S 101 -30.39 30.59 32.84
CA THR S 101 -29.00 30.14 32.79
C THR S 101 -28.03 31.30 32.94
N LEU S 102 -28.33 32.44 32.32
CA LEU S 102 -27.46 33.61 32.48
C LEU S 102 -27.37 34.01 33.95
N ALA S 103 -28.52 34.08 34.62
CA ALA S 103 -28.52 34.45 36.04
C ALA S 103 -27.74 33.43 36.87
N LEU S 104 -27.90 32.16 36.55
CA LEU S 104 -27.16 31.12 37.27
C LEU S 104 -25.65 31.30 37.07
N GLU S 105 -25.21 31.46 35.82
CA GLU S 105 -23.78 31.56 35.57
C GLU S 105 -23.19 32.84 36.18
N LYS S 106 -23.97 33.93 36.22
CA LYS S 106 -23.49 35.14 36.88
C LYS S 106 -23.42 34.94 38.38
N SER S 107 -24.36 34.19 38.94
CA SER S 107 -24.28 33.90 40.37
C SER S 107 -23.05 33.08 40.67
N VAL S 108 -22.78 32.05 39.86
CA VAL S 108 -21.57 31.25 40.03
C VAL S 108 -20.33 32.11 39.88
N ASN S 109 -20.35 33.04 38.91
CA ASN S 109 -19.18 33.88 38.67
C ASN S 109 -18.91 34.78 39.88
N GLN S 110 -19.96 35.40 40.44
CA GLN S 110 -19.75 36.23 41.62
C GLN S 110 -19.19 35.43 42.78
N ALA S 111 -19.61 34.17 42.93
CA ALA S 111 -19.08 33.33 44.00
C ALA S 111 -17.61 33.02 43.79
N LEU S 112 -17.20 32.79 42.54
CA LEU S 112 -15.80 32.57 42.24
C LEU S 112 -14.96 33.82 42.51
N LEU S 113 -15.50 34.99 42.16
CA LEU S 113 -14.78 36.23 42.45
C LEU S 113 -14.66 36.46 43.94
N ASP S 114 -15.71 36.11 44.71
CA ASP S 114 -15.60 36.21 46.17
C ASP S 114 -14.59 35.22 46.72
N LEU S 115 -14.55 34.00 46.17
CA LEU S 115 -13.57 33.03 46.60
C LEU S 115 -12.15 33.50 46.25
N HIS S 116 -11.99 34.13 45.09
CA HIS S 116 -10.70 34.70 44.70
C HIS S 116 -10.26 35.75 45.72
N LYS S 117 -11.20 36.55 46.22
CA LYS S 117 -10.85 37.59 47.18
C LYS S 117 -10.36 37.01 48.50
N ILE S 118 -10.91 35.86 48.90
CA ILE S 118 -10.40 35.15 50.08
C ILE S 118 -8.96 34.73 49.86
N ALA S 119 -8.67 34.11 48.71
CA ALA S 119 -7.29 33.71 48.42
C ALA S 119 -6.37 34.93 48.45
N ASP S 120 -6.80 36.03 47.85
CA ASP S 120 -6.00 37.25 47.83
C ASP S 120 -5.75 37.74 49.26
N LYS S 121 -6.81 37.80 50.08
CA LYS S 121 -6.70 38.26 51.46
C LYS S 121 -5.63 37.49 52.21
N HIS S 122 -5.48 36.20 51.92
CA HIS S 122 -4.54 35.36 52.64
C HIS S 122 -3.24 35.13 51.87
N GLY S 123 -2.98 35.92 50.84
CA GLY S 123 -1.74 35.81 50.10
C GLY S 123 -1.57 34.46 49.42
N ASP S 124 -2.66 33.82 49.00
CA ASP S 124 -2.58 32.51 48.37
C ASP S 124 -2.43 32.71 46.86
N ALA S 125 -1.18 32.98 46.45
CA ALA S 125 -0.93 33.33 45.06
C ALA S 125 -1.26 32.17 44.12
N GLN S 126 -0.97 30.94 44.53
CA GLN S 126 -1.22 29.81 43.65
C GLN S 126 -2.72 29.55 43.51
N MET S 127 -3.47 29.70 44.59
CA MET S 127 -4.92 29.52 44.48
C MET S 127 -5.53 30.61 43.59
N MET S 128 -5.07 31.86 43.72
CA MET S 128 -5.56 32.90 42.82
C MET S 128 -5.32 32.52 41.36
N ASP S 129 -4.11 32.06 41.05
CA ASP S 129 -3.81 31.69 39.67
C ASP S 129 -4.67 30.51 39.22
N PHE S 130 -4.85 29.52 40.09
CA PHE S 130 -5.72 28.38 39.76
C PHE S 130 -7.14 28.86 39.44
N LEU S 131 -7.71 29.72 40.28
CA LEU S 131 -9.08 30.19 40.01
C LEU S 131 -9.15 31.03 38.74
N GLU S 132 -8.14 31.88 38.50
CA GLU S 132 -8.16 32.74 37.32
C GLU S 132 -8.13 31.92 36.03
N GLY S 133 -7.15 31.02 35.91
CA GLY S 133 -7.00 30.26 34.68
C GLY S 133 -8.00 29.15 34.49
N GLU S 134 -8.47 28.54 35.58
CA GLU S 134 -9.33 27.38 35.43
C GLU S 134 -10.81 27.69 35.63
N TYR S 135 -11.16 28.84 36.21
CA TYR S 135 -12.57 29.12 36.52
C TYR S 135 -13.03 30.47 36.01
N LEU S 136 -12.26 31.53 36.30
CA LEU S 136 -12.69 32.88 35.91
C LEU S 136 -12.75 33.04 34.40
N LYS S 137 -11.75 32.52 33.69
CA LYS S 137 -11.74 32.63 32.24
C LYS S 137 -12.95 31.93 31.64
N GLU S 138 -13.21 30.70 32.08
CA GLU S 138 -14.34 29.95 31.54
C GLU S 138 -15.67 30.64 31.85
N GLN S 139 -15.79 31.26 33.01
CA GLN S 139 -17.04 31.93 33.34
C GLN S 139 -17.31 33.12 32.41
N VAL S 140 -16.29 33.92 32.09
CA VAL S 140 -16.53 35.02 31.16
C VAL S 140 -16.91 34.50 29.79
N ASP S 141 -16.28 33.40 29.34
CA ASP S 141 -16.65 32.78 28.06
C ASP S 141 -18.10 32.29 28.09
N ALA S 142 -18.49 31.60 29.16
CA ALA S 142 -19.85 31.06 29.26
C ALA S 142 -20.89 32.16 29.26
N ILE S 143 -20.65 33.22 30.04
CA ILE S 143 -21.61 34.31 30.15
C ILE S 143 -21.83 34.97 28.80
N GLU S 144 -20.76 35.14 28.03
CA GLU S 144 -20.93 35.76 26.72
C GLU S 144 -21.66 34.82 25.76
N GLU S 145 -21.38 33.52 25.83
CA GLU S 145 -22.07 32.59 24.94
C GLU S 145 -23.57 32.56 25.25
N ILE S 146 -23.93 32.57 26.53
CA ILE S 146 -25.35 32.56 26.88
C ILE S 146 -26.01 33.86 26.45
N SER S 147 -25.29 34.99 26.57
CA SER S 147 -25.82 36.27 26.09
C SER S 147 -26.13 36.19 24.59
N ASP S 148 -25.21 35.62 23.81
CA ASP S 148 -25.47 35.42 22.38
C ASP S 148 -26.75 34.60 22.16
N HIS S 149 -26.92 33.53 22.93
CA HIS S 149 -28.11 32.70 22.78
C HIS S 149 -29.39 33.50 23.03
N ILE S 150 -29.40 34.29 24.11
CA ILE S 150 -30.58 35.08 24.44
C ILE S 150 -30.90 36.04 23.31
N THR S 151 -29.88 36.73 22.81
CA THR S 151 -30.10 37.67 21.71
C THR S 151 -30.71 36.96 20.50
N ASN S 152 -30.14 35.81 20.11
CA ASN S 152 -30.68 35.12 18.95
C ASN S 152 -32.09 34.61 19.21
N LEU S 153 -32.38 34.14 20.42
CA LEU S 153 -33.75 33.69 20.68
C LEU S 153 -34.75 34.83 20.65
N LYS S 154 -34.36 36.02 21.09
CA LYS S 154 -35.23 37.18 20.89
C LYS S 154 -35.42 37.48 19.41
N ARG S 155 -34.35 37.34 18.62
CA ARG S 155 -34.45 37.68 17.21
C ARG S 155 -35.38 36.74 16.44
N VAL S 156 -35.28 35.42 16.68
CA VAL S 156 -36.06 34.47 15.90
C VAL S 156 -37.51 34.34 16.38
N GLY S 157 -37.82 34.76 17.61
CA GLY S 157 -39.17 34.68 18.13
C GLY S 157 -39.59 33.25 18.46
N THR S 158 -40.87 33.12 18.84
CA THR S 158 -41.41 31.82 19.21
C THR S 158 -41.94 31.07 18.00
N GLY S 159 -42.12 29.77 18.17
CA GLY S 159 -42.70 28.93 17.11
C GLY S 159 -41.64 28.40 16.17
N LEU S 160 -41.78 28.71 14.87
CA LEU S 160 -40.77 28.22 13.93
C LEU S 160 -39.38 28.68 14.32
N GLY S 161 -39.24 29.89 14.87
CA GLY S 161 -37.92 30.37 15.26
C GLY S 161 -37.23 29.48 16.26
N GLU S 162 -37.97 29.02 17.28
CA GLU S 162 -37.35 28.16 18.29
C GLU S 162 -36.92 26.83 17.67
N TYR S 163 -37.76 26.30 16.78
CA TYR S 163 -37.42 25.04 16.11
C TYR S 163 -36.15 25.20 15.28
N MET S 164 -36.06 26.29 14.51
CA MET S 164 -34.89 26.47 13.65
C MET S 164 -33.63 26.73 14.47
N TYR S 165 -33.75 27.43 15.60
CA TYR S 165 -32.59 27.63 16.45
C TYR S 165 -32.10 26.28 17.01
N ASP S 166 -33.03 25.41 17.37
CA ASP S 166 -32.65 24.08 17.81
C ASP S 166 -31.85 23.36 16.72
N LYS S 167 -32.30 23.47 15.46
CA LYS S 167 -31.65 22.72 14.38
C LYS S 167 -30.35 23.36 13.91
N GLU S 168 -30.24 24.69 13.96
CA GLU S 168 -29.11 25.37 13.33
C GLU S 168 -27.99 25.74 14.30
N THR S 169 -28.32 26.31 15.45
CA THR S 169 -27.28 26.72 16.39
C THR S 169 -27.03 25.66 17.46
N MET S 170 -28.08 25.14 18.07
CA MET S 170 -27.90 24.20 19.18
C MET S 170 -27.39 22.84 18.73
N SER S 171 -27.46 22.52 17.43
CA SER S 171 -27.03 21.20 16.95
C SER S 171 -25.51 21.11 16.84
N GLN T 3 -54.40 14.20 30.22
CA GLN T 3 -53.26 13.28 30.30
C GLN T 3 -52.19 13.70 29.30
N THR T 4 -50.93 13.32 29.57
CA THR T 4 -49.87 13.59 28.61
C THR T 4 -50.04 12.72 27.37
N GLN T 5 -49.48 13.18 26.24
CA GLN T 5 -49.66 12.49 24.97
C GLN T 5 -49.28 11.02 25.02
N PRO T 6 -48.14 10.63 25.60
CA PRO T 6 -47.74 9.21 25.54
C PRO T 6 -48.52 8.30 26.47
N ARG T 7 -49.22 8.85 27.46
CA ARG T 7 -49.57 8.05 28.63
C ARG T 7 -50.54 6.92 28.27
N GLN T 8 -50.15 5.69 28.64
CA GLN T 8 -50.99 4.52 28.40
C GLN T 8 -50.56 3.41 29.35
N ASN T 9 -51.50 2.90 30.14
CA ASN T 9 -51.22 1.82 31.09
C ASN T 9 -50.11 2.19 32.08
N PHE T 10 -50.11 3.45 32.54
CA PHE T 10 -49.04 3.99 33.38
C PHE T 10 -49.67 4.62 34.62
N HIS T 11 -49.50 3.97 35.76
CA HIS T 11 -50.21 4.39 36.97
C HIS T 11 -49.46 5.50 37.70
N VAL T 12 -50.21 6.38 38.37
CA VAL T 12 -49.56 7.46 39.11
C VAL T 12 -48.66 6.91 40.21
N GLU T 13 -48.97 5.72 40.75
CA GLU T 13 -48.10 5.14 41.78
C GLU T 13 -46.77 4.71 41.17
N SER T 14 -46.79 4.20 39.94
CA SER T 14 -45.55 3.84 39.26
C SER T 14 -44.74 5.10 38.93
N GLU T 15 -45.42 6.16 38.50
CA GLU T 15 -44.76 7.43 38.22
C GLU T 15 -44.08 7.97 39.48
N ALA T 16 -44.79 7.96 40.61
CA ALA T 16 -44.19 8.44 41.85
C ALA T 16 -43.00 7.56 42.26
N GLY T 17 -43.14 6.25 42.09
CA GLY T 17 -42.06 5.35 42.46
C GLY T 17 -40.82 5.56 41.63
N ILE T 18 -40.99 5.88 40.34
CA ILE T 18 -39.83 6.19 39.51
C ILE T 18 -39.14 7.46 39.99
N ASN T 19 -39.92 8.48 40.38
CA ASN T 19 -39.29 9.70 40.90
C ASN T 19 -38.49 9.43 42.17
N LYS T 20 -39.01 8.56 43.04
CA LYS T 20 -38.27 8.17 44.23
C LYS T 20 -36.98 7.45 43.87
N GLN T 21 -37.05 6.53 42.91
CA GLN T 21 -35.87 5.76 42.52
C GLN T 21 -34.82 6.65 41.87
N ILE T 22 -35.26 7.63 41.06
CA ILE T 22 -34.31 8.58 40.48
C ILE T 22 -33.46 9.24 41.56
N ASN T 23 -34.11 9.68 42.64
CA ASN T 23 -33.37 10.31 43.73
C ASN T 23 -32.39 9.33 44.37
N MET T 24 -32.80 8.07 44.51
CA MET T 24 -31.91 7.10 45.15
C MET T 24 -30.69 6.81 44.30
N GLU T 25 -30.86 6.75 42.97
CA GLU T 25 -29.71 6.59 42.07
C GLU T 25 -28.76 7.78 42.16
N LEU T 26 -29.31 9.00 42.18
CA LEU T 26 -28.47 10.19 42.34
C LEU T 26 -27.74 10.17 43.67
N TYR T 27 -28.43 9.74 44.73
CA TYR T 27 -27.79 9.60 46.03
C TYR T 27 -26.61 8.63 45.95
N ALA T 28 -26.82 7.44 45.36
CA ALA T 28 -25.72 6.49 45.23
C ALA T 28 -24.57 7.08 44.44
N SER T 29 -24.87 7.84 43.38
CA SER T 29 -23.81 8.50 42.63
C SER T 29 -22.99 9.41 43.53
N TYR T 30 -23.67 10.14 44.43
CA TYR T 30 -22.97 11.07 45.31
C TYR T 30 -22.09 10.31 46.31
N VAL T 31 -22.60 9.20 46.88
CA VAL T 31 -21.78 8.38 47.76
C VAL T 31 -20.50 7.95 47.07
N TYR T 32 -20.62 7.40 45.85
CA TYR T 32 -19.43 6.96 45.14
C TYR T 32 -18.49 8.11 44.83
N GLN T 33 -19.04 9.29 44.47
CA GLN T 33 -18.19 10.44 44.27
C GLN T 33 -17.39 10.77 45.53
N SER T 34 -18.03 10.66 46.69
CA SER T 34 -17.31 10.90 47.95
C SER T 34 -16.21 9.87 48.18
N MET T 35 -16.50 8.59 47.90
CA MET T 35 -15.46 7.57 48.06
C MET T 35 -14.31 7.80 47.08
N TYR T 36 -14.63 8.13 45.83
CA TYR T 36 -13.61 8.50 44.85
C TYR T 36 -12.65 9.54 45.42
N MET T 37 -13.18 10.64 45.92
CA MET T 37 -12.33 11.73 46.40
C MET T 37 -11.68 11.40 47.73
N TYR T 38 -12.25 10.46 48.50
CA TYR T 38 -11.59 10.01 49.72
C TYR T 38 -10.35 9.18 49.38
N PHE T 39 -10.46 8.24 48.44
CA PHE T 39 -9.27 7.49 48.07
C PHE T 39 -8.25 8.32 47.30
N ASP T 40 -8.65 9.50 46.80
CA ASP T 40 -7.73 10.48 46.22
C ASP T 40 -6.98 11.32 47.25
N ARG T 41 -7.35 11.25 48.54
CA ARG T 41 -6.65 12.03 49.57
C ARG T 41 -5.18 11.63 49.65
N ASP T 42 -4.32 12.62 49.96
CA ASP T 42 -2.89 12.34 50.05
C ASP T 42 -2.57 11.33 51.15
N ASP T 43 -3.40 11.23 52.18
CA ASP T 43 -3.17 10.31 53.28
C ASP T 43 -3.93 9.00 53.11
N VAL T 44 -4.50 8.75 51.93
CA VAL T 44 -5.10 7.47 51.59
C VAL T 44 -4.38 6.95 50.36
N ALA T 45 -4.49 7.70 49.26
CA ALA T 45 -3.60 7.58 48.11
C ALA T 45 -3.63 6.18 47.47
N LEU T 46 -4.84 5.70 47.18
CA LEU T 46 -5.02 4.45 46.45
C LEU T 46 -5.72 4.82 45.14
N PRO T 47 -4.97 5.09 44.08
CA PRO T 47 -5.58 5.75 42.91
C PRO T 47 -6.44 4.85 42.05
N SER T 48 -6.22 3.54 42.05
CA SER T 48 -7.11 2.68 41.27
C SER T 48 -8.42 2.43 42.01
N PHE T 49 -8.39 2.32 43.34
CA PHE T 49 -9.63 2.39 44.11
C PHE T 49 -10.37 3.69 43.82
N ALA T 50 -9.65 4.82 43.83
CA ALA T 50 -10.26 6.10 43.48
C ALA T 50 -10.97 6.02 42.13
N LYS T 51 -10.28 5.52 41.11
CA LYS T 51 -10.86 5.47 39.77
C LYS T 51 -12.03 4.50 39.67
N TYR T 52 -11.99 3.41 40.44
CA TYR T 52 -13.12 2.48 40.49
C TYR T 52 -14.38 3.17 41.02
N PHE T 53 -14.27 3.93 42.11
CA PHE T 53 -15.44 4.63 42.62
C PHE T 53 -15.86 5.79 41.73
N LYS T 54 -14.91 6.44 41.05
CA LYS T 54 -15.27 7.43 40.05
C LYS T 54 -16.15 6.81 38.98
N HIS T 55 -15.75 5.65 38.46
CA HIS T 55 -16.55 4.96 37.47
C HIS T 55 -17.92 4.57 38.01
N ASN T 56 -17.96 4.05 39.23
CA ASN T 56 -19.24 3.67 39.83
C ASN T 56 -20.14 4.89 40.00
N SER T 57 -19.56 6.05 40.35
CA SER T 57 -20.36 7.27 40.45
C SER T 57 -20.95 7.65 39.11
N GLU T 58 -20.16 7.56 38.05
CA GLU T 58 -20.69 7.91 36.73
C GLU T 58 -21.75 6.91 36.29
N GLU T 59 -21.58 5.63 36.62
CA GLU T 59 -22.60 4.63 36.25
C GLU T 59 -23.92 4.90 36.96
N GLU T 60 -23.87 5.28 38.24
CA GLU T 60 -25.09 5.57 38.98
C GLU T 60 -25.79 6.80 38.42
N ARG T 61 -25.03 7.83 38.04
CA ARG T 61 -25.66 8.96 37.36
C ARG T 61 -26.34 8.51 36.06
N GLU T 62 -25.71 7.58 35.33
CA GLU T 62 -26.35 7.05 34.13
C GLU T 62 -27.62 6.28 34.47
N HIS T 63 -27.61 5.51 35.55
CA HIS T 63 -28.84 4.82 35.96
C HIS T 63 -29.95 5.83 36.24
N ALA T 64 -29.61 6.92 36.92
CA ALA T 64 -30.60 7.95 37.21
C ALA T 64 -31.15 8.56 35.93
N GLU T 65 -30.27 8.89 34.99
CA GLU T 65 -30.73 9.56 33.78
C GLU T 65 -31.57 8.63 32.91
N LYS T 66 -31.24 7.34 32.90
CA LYS T 66 -32.06 6.39 32.15
C LYS T 66 -33.47 6.27 32.72
N LEU T 67 -33.60 6.38 34.05
CA LEU T 67 -34.93 6.41 34.66
C LEU T 67 -35.65 7.72 34.35
N MET T 68 -34.92 8.84 34.35
CA MET T 68 -35.55 10.10 33.95
C MET T 68 -36.07 10.01 32.52
N LYS T 69 -35.26 9.45 31.61
CA LYS T 69 -35.71 9.31 30.24
C LYS T 69 -36.92 8.38 30.16
N TYR T 70 -36.93 7.33 30.98
CA TYR T 70 -38.06 6.40 30.96
C TYR T 70 -39.33 7.08 31.46
N GLN T 71 -39.21 7.88 32.53
CA GLN T 71 -40.34 8.69 33.00
C GLN T 71 -40.94 9.50 31.86
N ASN T 72 -40.11 10.28 31.15
CA ASN T 72 -40.60 11.08 30.04
C ASN T 72 -41.23 10.22 28.95
N LYS T 73 -40.59 9.10 28.61
CA LYS T 73 -41.10 8.24 27.54
C LYS T 73 -42.51 7.74 27.84
N ARG T 74 -42.78 7.38 29.10
CA ARG T 74 -44.11 6.89 29.47
C ARG T 74 -45.11 8.03 29.70
N GLY T 75 -44.69 9.29 29.59
CA GLY T 75 -45.59 10.40 29.86
C GLY T 75 -45.66 10.82 31.31
N GLY T 76 -44.81 10.30 32.16
CA GLY T 76 -44.71 10.81 33.51
C GLY T 76 -43.94 12.11 33.55
N ARG T 77 -43.93 12.74 34.72
CA ARG T 77 -43.26 14.03 34.88
C ARG T 77 -42.22 13.90 35.98
N ILE T 78 -40.97 14.22 35.64
CA ILE T 78 -39.87 14.15 36.58
C ILE T 78 -40.04 15.22 37.65
N VAL T 79 -39.99 14.81 38.91
CA VAL T 79 -39.99 15.73 40.04
C VAL T 79 -38.74 15.41 40.85
N LEU T 80 -37.78 16.31 40.81
CA LEU T 80 -36.50 16.10 41.48
C LEU T 80 -36.60 16.51 42.95
N GLN T 81 -35.76 15.88 43.79
CA GLN T 81 -35.68 16.23 45.20
C GLN T 81 -34.23 16.51 45.55
N ASP T 82 -33.98 17.10 46.72
CA ASP T 82 -32.60 17.31 47.13
C ASP T 82 -31.85 15.98 47.09
N ILE T 83 -30.56 16.04 46.74
CA ILE T 83 -29.68 14.88 46.83
C ILE T 83 -28.94 14.96 48.15
N GLN T 84 -29.25 14.06 49.08
CA GLN T 84 -28.66 14.15 50.41
C GLN T 84 -27.18 13.83 50.37
N LYS T 85 -26.40 14.53 51.19
CA LYS T 85 -24.99 14.21 51.27
C LYS T 85 -24.78 12.81 51.85
N PRO T 86 -23.66 12.17 51.53
CA PRO T 86 -23.42 10.82 52.04
C PRO T 86 -23.37 10.78 53.55
N ASP T 87 -23.54 9.56 54.07
CA ASP T 87 -23.66 9.35 55.51
C ASP T 87 -22.37 9.70 56.25
N LEU T 88 -21.23 9.48 55.61
CA LEU T 88 -19.92 9.72 56.20
C LEU T 88 -19.13 10.69 55.33
N ASP T 89 -18.13 11.34 55.94
CA ASP T 89 -17.16 12.13 55.20
C ASP T 89 -15.90 11.36 54.86
N GLU T 90 -15.66 10.25 55.55
CA GLU T 90 -14.47 9.42 55.39
C GLU T 90 -14.91 7.96 55.46
N TRP T 91 -14.26 7.09 54.69
CA TRP T 91 -14.83 5.76 54.48
C TRP T 91 -13.96 4.62 55.01
N GLY T 92 -12.91 4.92 55.76
CA GLY T 92 -12.13 3.86 56.39
C GLY T 92 -11.17 3.18 55.43
N SER T 93 -10.94 1.89 55.68
CA SER T 93 -10.07 1.07 54.86
C SER T 93 -10.74 0.70 53.54
N PRO T 94 -9.97 0.23 52.55
CA PRO T 94 -10.61 -0.33 51.36
C PRO T 94 -11.66 -1.40 51.69
N LEU T 95 -11.36 -2.31 52.62
CA LEU T 95 -12.35 -3.33 52.98
C LEU T 95 -13.63 -2.69 53.50
N GLU T 96 -13.51 -1.72 54.41
CA GLU T 96 -14.69 -1.07 54.97
C GLU T 96 -15.49 -0.33 53.90
N ALA T 97 -14.80 0.38 52.99
CA ALA T 97 -15.53 1.07 51.94
C ALA T 97 -16.27 0.08 51.04
N MET T 98 -15.66 -1.08 50.77
CA MET T 98 -16.34 -2.07 49.93
C MET T 98 -17.54 -2.66 50.66
N GLN T 99 -17.41 -2.87 51.98
CA GLN T 99 -18.54 -3.34 52.77
C GLN T 99 -19.68 -2.32 52.75
N THR T 100 -19.35 -1.04 52.88
CA THR T 100 -20.37 0.00 52.75
C THR T 100 -21.03 -0.06 51.37
N THR T 101 -20.23 -0.29 50.33
CA THR T 101 -20.74 -0.34 48.96
C THR T 101 -21.72 -1.50 48.77
N LEU T 102 -21.41 -2.66 49.36
CA LEU T 102 -22.33 -3.79 49.26
C LEU T 102 -23.68 -3.45 49.87
N ALA T 103 -23.68 -2.85 51.07
CA ALA T 103 -24.94 -2.47 51.71
C ALA T 103 -25.70 -1.45 50.88
N LEU T 104 -24.99 -0.49 50.27
CA LEU T 104 -25.64 0.48 49.41
C LEU T 104 -26.29 -0.21 48.20
N GLU T 105 -25.56 -1.08 47.52
CA GLU T 105 -26.12 -1.71 46.33
C GLU T 105 -27.26 -2.65 46.70
N LYS T 106 -27.21 -3.28 47.87
CA LYS T 106 -28.33 -4.12 48.28
C LYS T 106 -29.55 -3.28 48.61
N SER T 107 -29.35 -2.10 49.19
CA SER T 107 -30.52 -1.27 49.48
C SER T 107 -31.11 -0.72 48.19
N VAL T 108 -30.27 -0.34 47.23
CA VAL T 108 -30.78 0.07 45.92
C VAL T 108 -31.53 -1.07 45.26
N ASN T 109 -30.99 -2.29 45.34
CA ASN T 109 -31.65 -3.45 44.74
C ASN T 109 -33.02 -3.69 45.38
N GLN T 110 -33.11 -3.59 46.71
CA GLN T 110 -34.40 -3.76 47.35
C GLN T 110 -35.40 -2.71 46.88
N ALA T 111 -34.95 -1.46 46.76
CA ALA T 111 -35.83 -0.41 46.25
C ALA T 111 -36.32 -0.73 44.84
N LEU T 112 -35.43 -1.24 43.98
CA LEU T 112 -35.83 -1.59 42.62
C LEU T 112 -36.83 -2.74 42.63
N LEU T 113 -36.60 -3.73 43.50
CA LEU T 113 -37.56 -4.82 43.61
C LEU T 113 -38.90 -4.32 44.10
N ASP T 114 -38.90 -3.34 45.02
CA ASP T 114 -40.17 -2.78 45.47
C ASP T 114 -40.86 -2.00 44.35
N LEU T 115 -40.08 -1.30 43.52
CA LEU T 115 -40.68 -0.58 42.40
C LEU T 115 -41.26 -1.54 41.37
N HIS T 116 -40.57 -2.66 41.14
CA HIS T 116 -41.10 -3.73 40.30
C HIS T 116 -42.44 -4.23 40.82
N LYS T 117 -42.58 -4.36 42.15
CA LYS T 117 -43.85 -4.80 42.71
C LYS T 117 -44.97 -3.81 42.41
N ILE T 118 -44.65 -2.51 42.42
CA ILE T 118 -45.66 -1.51 42.07
C ILE T 118 -46.10 -1.68 40.62
N ALA T 119 -45.14 -1.85 39.70
CA ALA T 119 -45.49 -2.05 38.30
C ALA T 119 -46.34 -3.30 38.11
N ASP T 120 -45.95 -4.38 38.78
CA ASP T 120 -46.69 -5.63 38.72
C ASP T 120 -48.12 -5.46 39.23
N LYS T 121 -48.27 -4.78 40.38
CA LYS T 121 -49.59 -4.54 40.96
C LYS T 121 -50.53 -3.88 39.95
N HIS T 122 -49.99 -2.99 39.11
CA HIS T 122 -50.80 -2.23 38.16
C HIS T 122 -50.76 -2.82 36.75
N GLY T 123 -50.29 -4.05 36.61
CA GLY T 123 -50.27 -4.67 35.30
C GLY T 123 -49.41 -3.93 34.29
N ASP T 124 -48.35 -3.26 34.74
CA ASP T 124 -47.48 -2.52 33.84
C ASP T 124 -46.40 -3.46 33.30
N ALA T 125 -46.79 -4.25 32.29
CA ALA T 125 -45.90 -5.27 31.77
C ALA T 125 -44.63 -4.67 31.19
N GLN T 126 -44.74 -3.53 30.52
CA GLN T 126 -43.56 -2.97 29.88
C GLN T 126 -42.60 -2.41 30.92
N MET T 127 -43.13 -1.74 31.94
CA MET T 127 -42.26 -1.25 33.02
C MET T 127 -41.56 -2.39 33.73
N MET T 128 -42.25 -3.51 33.95
CA MET T 128 -41.60 -4.66 34.57
C MET T 128 -40.43 -5.15 33.74
N ASP T 129 -40.62 -5.25 32.42
CA ASP T 129 -39.54 -5.72 31.56
C ASP T 129 -38.39 -4.73 31.52
N PHE T 130 -38.72 -3.42 31.48
CA PHE T 130 -37.68 -2.39 31.55
C PHE T 130 -36.85 -2.53 32.82
N LEU T 131 -37.51 -2.68 33.97
CA LEU T 131 -36.79 -2.78 35.23
C LEU T 131 -35.96 -4.06 35.30
N GLU T 132 -36.49 -5.18 34.80
CA GLU T 132 -35.75 -6.44 34.86
C GLU T 132 -34.48 -6.37 34.01
N GLY T 133 -34.60 -5.97 32.76
CA GLY T 133 -33.46 -6.00 31.86
C GLY T 133 -32.47 -4.89 32.08
N GLU T 134 -32.93 -3.71 32.47
CA GLU T 134 -32.05 -2.55 32.60
C GLU T 134 -31.58 -2.29 34.01
N TYR T 135 -32.21 -2.89 35.03
CA TYR T 135 -31.84 -2.59 36.42
C TYR T 135 -31.60 -3.82 37.27
N LEU T 136 -32.53 -4.76 37.28
CA LEU T 136 -32.40 -5.92 38.17
C LEU T 136 -31.17 -6.76 37.81
N LYS T 137 -30.94 -6.99 36.51
CA LYS T 137 -29.77 -7.79 36.12
C LYS T 137 -28.48 -7.10 36.52
N GLU T 138 -28.39 -5.80 36.26
CA GLU T 138 -27.20 -5.05 36.65
C GLU T 138 -26.94 -5.16 38.16
N GLN T 139 -28.01 -5.09 38.97
CA GLN T 139 -27.80 -5.12 40.42
C GLN T 139 -27.25 -6.46 40.87
N VAL T 140 -27.76 -7.56 40.31
CA VAL T 140 -27.22 -8.87 40.66
C VAL T 140 -25.75 -8.97 40.29
N ASP T 141 -25.38 -8.47 39.11
CA ASP T 141 -23.96 -8.48 38.73
C ASP T 141 -23.13 -7.63 39.68
N ALA T 142 -23.64 -6.45 40.04
CA ALA T 142 -22.87 -5.53 40.88
C ALA T 142 -22.66 -6.09 42.27
N ILE T 143 -23.71 -6.68 42.86
CA ILE T 143 -23.62 -7.23 44.20
C ILE T 143 -22.60 -8.37 44.25
N GLU T 144 -22.56 -9.20 43.21
CA GLU T 144 -21.59 -10.29 43.17
C GLU T 144 -20.17 -9.75 43.00
N GLU T 145 -20.00 -8.74 42.14
CA GLU T 145 -18.68 -8.15 41.96
C GLU T 145 -18.15 -7.57 43.28
N ILE T 146 -19.00 -6.85 44.01
CA ILE T 146 -18.57 -6.27 45.28
C ILE T 146 -18.28 -7.37 46.29
N SER T 147 -19.08 -8.44 46.28
CA SER T 147 -18.80 -9.58 47.16
C SER T 147 -17.40 -10.16 46.89
N ASP T 148 -17.03 -10.30 45.61
CA ASP T 148 -15.69 -10.75 45.27
C ASP T 148 -14.61 -9.83 45.83
N HIS T 149 -14.81 -8.51 45.70
CA HIS T 149 -13.84 -7.55 46.22
C HIS T 149 -13.63 -7.72 47.72
N ILE T 150 -14.73 -7.87 48.46
CA ILE T 150 -14.66 -8.00 49.90
C ILE T 150 -13.90 -9.26 50.27
N THR T 151 -14.22 -10.37 49.62
CA THR T 151 -13.49 -11.61 49.91
C THR T 151 -12.00 -11.43 49.66
N ASN T 152 -11.64 -10.83 48.53
CA ASN T 152 -10.22 -10.68 48.21
C ASN T 152 -9.53 -9.74 49.19
N LEU T 153 -10.22 -8.67 49.59
CA LEU T 153 -9.63 -7.73 50.54
C LEU T 153 -9.40 -8.38 51.90
N LYS T 154 -10.32 -9.23 52.34
CA LYS T 154 -10.07 -10.02 53.54
C LYS T 154 -8.88 -10.95 53.35
N ARG T 155 -8.76 -11.55 52.17
CA ARG T 155 -7.65 -12.47 51.91
C ARG T 155 -6.30 -11.76 51.97
N VAL T 156 -6.17 -10.61 51.30
CA VAL T 156 -4.85 -9.98 51.20
C VAL T 156 -4.45 -9.22 52.46
N GLY T 157 -5.40 -8.84 53.30
CA GLY T 157 -5.06 -8.16 54.54
C GLY T 157 -4.71 -6.70 54.33
N THR T 158 -4.28 -6.06 55.41
CA THR T 158 -3.95 -4.64 55.37
C THR T 158 -2.48 -4.43 55.01
N GLY T 159 -2.18 -3.22 54.55
CA GLY T 159 -0.80 -2.85 54.23
C GLY T 159 -0.44 -3.24 52.80
N LEU T 160 0.60 -4.05 52.65
CA LEU T 160 1.04 -4.43 51.30
C LEU T 160 -0.12 -5.03 50.50
N GLY T 161 -0.99 -5.81 51.15
CA GLY T 161 -2.10 -6.43 50.43
C GLY T 161 -3.05 -5.42 49.80
N GLU T 162 -3.38 -4.35 50.53
CA GLU T 162 -4.22 -3.30 49.97
C GLU T 162 -3.56 -2.65 48.77
N TYR T 163 -2.26 -2.37 48.88
CA TYR T 163 -1.53 -1.76 47.78
C TYR T 163 -1.54 -2.68 46.55
N MET T 164 -1.25 -3.96 46.75
CA MET T 164 -1.21 -4.89 45.62
C MET T 164 -2.60 -5.06 45.00
N TYR T 165 -3.65 -5.03 45.80
CA TYR T 165 -5.00 -5.15 45.23
C TYR T 165 -5.32 -3.95 44.37
N ASP T 166 -4.94 -2.75 44.83
CA ASP T 166 -5.01 -1.55 44.01
C ASP T 166 -4.30 -1.73 42.67
N LYS T 167 -3.10 -2.34 42.71
CA LYS T 167 -2.31 -2.44 41.49
C LYS T 167 -2.73 -3.58 40.58
N GLU T 168 -3.34 -4.63 41.12
CA GLU T 168 -3.53 -5.87 40.36
C GLU T 168 -4.98 -6.14 39.98
N THR T 169 -5.94 -5.77 40.81
CA THR T 169 -7.35 -5.95 40.48
C THR T 169 -8.02 -4.63 40.13
N MET T 170 -7.87 -3.62 40.99
CA MET T 170 -8.59 -2.37 40.76
C MET T 170 -8.08 -1.64 39.52
N SER T 171 -6.86 -1.93 39.06
CA SER T 171 -6.34 -1.36 37.82
C SER T 171 -6.95 -2.08 36.63
N GLN U 3 -59.25 20.16 -12.49
CA GLN U 3 -58.42 18.96 -12.61
C GLN U 3 -57.15 19.08 -11.77
N THR U 4 -56.54 17.95 -11.44
CA THR U 4 -55.27 17.98 -10.74
C THR U 4 -54.19 18.57 -11.64
N GLN U 5 -53.17 19.16 -11.02
CA GLN U 5 -52.13 19.87 -11.76
C GLN U 5 -51.49 19.06 -12.88
N PRO U 6 -51.11 17.79 -12.67
CA PRO U 6 -50.39 17.07 -13.74
C PRO U 6 -51.27 16.58 -14.86
N ARG U 7 -52.59 16.53 -14.66
CA ARG U 7 -53.44 15.69 -15.51
C ARG U 7 -53.38 16.14 -16.97
N GLN U 8 -53.05 15.21 -17.85
CA GLN U 8 -53.05 15.49 -19.28
C GLN U 8 -53.14 14.17 -20.02
N ASN U 9 -54.14 14.06 -20.91
CA ASN U 9 -54.35 12.85 -21.71
C ASN U 9 -54.55 11.61 -20.81
N PHE U 10 -55.22 11.79 -19.69
CA PHE U 10 -55.38 10.74 -18.68
C PHE U 10 -56.87 10.56 -18.37
N HIS U 11 -57.45 9.46 -18.83
CA HIS U 11 -58.88 9.25 -18.77
C HIS U 11 -59.31 8.67 -17.43
N VAL U 12 -60.52 9.02 -16.98
CA VAL U 12 -61.01 8.50 -15.71
C VAL U 12 -61.07 6.98 -15.72
N GLU U 13 -61.36 6.37 -16.88
CA GLU U 13 -61.39 4.92 -16.94
C GLU U 13 -60.00 4.30 -16.74
N SER U 14 -58.95 4.97 -17.22
CA SER U 14 -57.60 4.52 -16.95
C SER U 14 -57.24 4.67 -15.48
N GLU U 15 -57.65 5.80 -14.88
CA GLU U 15 -57.44 6.03 -13.45
C GLU U 15 -58.12 4.94 -12.62
N ALA U 16 -59.36 4.58 -12.97
CA ALA U 16 -60.07 3.55 -12.22
C ALA U 16 -59.42 2.18 -12.40
N GLY U 17 -58.99 1.87 -13.63
CA GLY U 17 -58.34 0.60 -13.87
C GLY U 17 -57.02 0.47 -13.15
N ILE U 18 -56.30 1.57 -12.98
CA ILE U 18 -55.07 1.50 -12.20
C ILE U 18 -55.36 1.20 -10.74
N ASN U 19 -56.42 1.81 -10.18
CA ASN U 19 -56.78 1.50 -8.80
C ASN U 19 -57.15 0.02 -8.66
N LYS U 20 -57.84 -0.53 -9.65
CA LYS U 20 -58.19 -1.94 -9.59
C LYS U 20 -56.94 -2.82 -9.65
N GLN U 21 -55.97 -2.46 -10.49
CA GLN U 21 -54.74 -3.24 -10.62
C GLN U 21 -53.89 -3.15 -9.36
N ILE U 22 -53.82 -1.96 -8.74
CA ILE U 22 -53.14 -1.81 -7.46
C ILE U 22 -53.64 -2.85 -6.46
N ASN U 23 -54.96 -2.99 -6.35
CA ASN U 23 -55.51 -3.95 -5.39
C ASN U 23 -55.14 -5.38 -5.77
N MET U 24 -55.13 -5.69 -7.07
CA MET U 24 -54.76 -7.03 -7.50
C MET U 24 -53.30 -7.35 -7.20
N GLU U 25 -52.41 -6.36 -7.34
CA GLU U 25 -51.02 -6.58 -7.00
C GLU U 25 -50.85 -6.82 -5.50
N LEU U 26 -51.58 -6.05 -4.68
CA LEU U 26 -51.52 -6.26 -3.23
C LEU U 26 -52.04 -7.63 -2.86
N TYR U 27 -53.14 -8.06 -3.49
CA TYR U 27 -53.67 -9.40 -3.30
C TYR U 27 -52.63 -10.46 -3.63
N ALA U 28 -51.96 -10.33 -4.77
CA ALA U 28 -50.92 -11.29 -5.12
C ALA U 28 -49.81 -11.30 -4.08
N SER U 29 -49.42 -10.13 -3.59
CA SER U 29 -48.43 -10.06 -2.53
C SER U 29 -48.87 -10.85 -1.30
N TYR U 30 -50.15 -10.75 -0.95
CA TYR U 30 -50.68 -11.46 0.22
C TYR U 30 -50.67 -12.97 0.01
N VAL U 31 -51.05 -13.43 -1.19
CA VAL U 31 -50.97 -14.86 -1.51
C VAL U 31 -49.55 -15.37 -1.29
N TYR U 32 -48.56 -14.65 -1.82
CA TYR U 32 -47.18 -15.12 -1.69
C TYR U 32 -46.72 -15.08 -0.24
N GLN U 33 -47.16 -14.08 0.53
CA GLN U 33 -46.82 -14.06 1.94
C GLN U 33 -47.38 -15.29 2.65
N SER U 34 -48.61 -15.68 2.30
CA SER U 34 -49.20 -16.88 2.87
C SER U 34 -48.39 -18.12 2.49
N MET U 35 -47.97 -18.22 1.23
CA MET U 35 -47.18 -19.37 0.81
C MET U 35 -45.82 -19.40 1.50
N TYR U 36 -45.19 -18.23 1.63
CA TYR U 36 -43.97 -18.09 2.40
C TYR U 36 -44.11 -18.74 3.78
N MET U 37 -45.08 -18.29 4.57
CA MET U 37 -45.23 -18.82 5.91
C MET U 37 -45.76 -20.26 5.92
N TYR U 38 -46.41 -20.69 4.85
CA TYR U 38 -46.79 -22.10 4.79
C TYR U 38 -45.57 -22.99 4.68
N PHE U 39 -44.64 -22.64 3.78
CA PHE U 39 -43.41 -23.43 3.67
C PHE U 39 -42.48 -23.25 4.85
N ASP U 40 -42.70 -22.23 5.67
CA ASP U 40 -42.02 -22.05 6.95
C ASP U 40 -42.60 -22.92 8.07
N ARG U 41 -43.71 -23.60 7.85
CA ARG U 41 -44.29 -24.44 8.89
C ARG U 41 -43.35 -25.59 9.25
N ASP U 42 -43.36 -25.97 10.53
CA ASP U 42 -42.49 -27.06 10.99
C ASP U 42 -42.82 -28.38 10.30
N ASP U 43 -44.07 -28.58 9.87
CA ASP U 43 -44.45 -29.81 9.20
C ASP U 43 -44.39 -29.68 7.67
N VAL U 44 -43.80 -28.61 7.15
CA VAL U 44 -43.51 -28.48 5.74
C VAL U 44 -42.01 -28.31 5.58
N ALA U 45 -41.47 -27.23 6.15
CA ALA U 45 -40.04 -27.11 6.45
C ALA U 45 -39.17 -27.17 5.19
N LEU U 46 -39.54 -26.39 4.18
CA LEU U 46 -38.72 -26.24 2.97
C LEU U 46 -38.30 -24.78 2.91
N PRO U 47 -37.14 -24.44 3.47
CA PRO U 47 -36.85 -23.02 3.74
C PRO U 47 -36.48 -22.21 2.51
N SER U 48 -35.95 -22.83 1.44
CA SER U 48 -35.65 -22.04 0.25
C SER U 48 -36.90 -21.78 -0.59
N PHE U 49 -37.83 -22.75 -0.63
CA PHE U 49 -39.16 -22.45 -1.13
C PHE U 49 -39.77 -21.28 -0.35
N ALA U 50 -39.67 -21.34 0.97
CA ALA U 50 -40.19 -20.25 1.79
C ALA U 50 -39.59 -18.90 1.37
N LYS U 51 -38.26 -18.84 1.25
CA LYS U 51 -37.61 -17.59 0.86
C LYS U 51 -38.01 -17.15 -0.54
N TYR U 52 -38.21 -18.11 -1.45
CA TYR U 52 -38.66 -17.77 -2.80
C TYR U 52 -39.98 -17.02 -2.76
N PHE U 53 -40.96 -17.53 -2.01
CA PHE U 53 -42.25 -16.86 -1.92
C PHE U 53 -42.16 -15.56 -1.12
N LYS U 54 -41.27 -15.49 -0.13
CA LYS U 54 -41.02 -14.21 0.55
C LYS U 54 -40.58 -13.15 -0.45
N HIS U 55 -39.61 -13.49 -1.31
CA HIS U 55 -39.15 -12.57 -2.33
C HIS U 55 -40.27 -12.20 -3.31
N ASN U 56 -41.05 -13.19 -3.74
CA ASN U 56 -42.18 -12.91 -4.63
C ASN U 56 -43.18 -11.96 -3.98
N SER U 57 -43.44 -12.14 -2.69
CA SER U 57 -44.36 -11.25 -2.00
C SER U 57 -43.84 -9.82 -1.99
N GLU U 58 -42.53 -9.66 -1.76
CA GLU U 58 -41.95 -8.31 -1.80
C GLU U 58 -42.07 -7.71 -3.19
N GLU U 59 -41.79 -8.51 -4.22
CA GLU U 59 -41.84 -7.98 -5.59
C GLU U 59 -43.23 -7.50 -5.95
N GLU U 60 -44.27 -8.24 -5.55
CA GLU U 60 -45.63 -7.84 -5.85
C GLU U 60 -46.01 -6.56 -5.12
N ARG U 61 -45.55 -6.44 -3.87
CA ARG U 61 -45.72 -5.19 -3.13
C ARG U 61 -45.08 -4.04 -3.89
N GLU U 62 -43.89 -4.27 -4.46
CA GLU U 62 -43.23 -3.21 -5.23
C GLU U 62 -43.99 -2.91 -6.52
N HIS U 63 -44.56 -3.94 -7.17
CA HIS U 63 -45.41 -3.70 -8.33
C HIS U 63 -46.58 -2.80 -7.97
N ALA U 64 -47.20 -3.05 -6.81
CA ALA U 64 -48.32 -2.25 -6.36
C ALA U 64 -47.90 -0.81 -6.12
N GLU U 65 -46.77 -0.60 -5.44
CA GLU U 65 -46.35 0.76 -5.11
C GLU U 65 -45.90 1.53 -6.35
N LYS U 66 -45.33 0.83 -7.34
CA LYS U 66 -44.97 1.49 -8.59
C LYS U 66 -46.21 1.99 -9.32
N LEU U 67 -47.31 1.24 -9.25
CA LEU U 67 -48.57 1.71 -9.84
C LEU U 67 -49.17 2.85 -9.05
N MET U 68 -49.10 2.78 -7.72
CA MET U 68 -49.54 3.91 -6.90
C MET U 68 -48.75 5.17 -7.28
N LYS U 69 -47.44 5.04 -7.41
CA LYS U 69 -46.64 6.19 -7.80
C LYS U 69 -47.02 6.68 -9.19
N TYR U 70 -47.33 5.76 -10.10
CA TYR U 70 -47.72 6.17 -11.44
C TYR U 70 -49.05 6.92 -11.41
N GLN U 71 -50.01 6.42 -10.64
CA GLN U 71 -51.28 7.11 -10.44
C GLN U 71 -51.05 8.57 -10.03
N ASN U 72 -50.22 8.77 -9.00
CA ASN U 72 -49.94 10.14 -8.55
C ASN U 72 -49.27 10.96 -9.65
N LYS U 73 -48.30 10.35 -10.35
CA LYS U 73 -47.56 11.09 -11.37
C LYS U 73 -48.48 11.61 -12.47
N ARG U 74 -49.48 10.83 -12.86
CA ARG U 74 -50.40 11.26 -13.91
C ARG U 74 -51.51 12.16 -13.38
N GLY U 75 -51.57 12.39 -12.07
CA GLY U 75 -52.62 13.20 -11.50
C GLY U 75 -53.87 12.44 -11.12
N GLY U 76 -53.84 11.12 -11.17
CA GLY U 76 -54.91 10.33 -10.61
C GLY U 76 -54.86 10.32 -9.10
N ARG U 77 -55.92 9.77 -8.51
CA ARG U 77 -56.03 9.69 -7.06
C ARG U 77 -56.17 8.24 -6.67
N ILE U 78 -55.26 7.77 -5.81
CA ILE U 78 -55.29 6.39 -5.34
C ILE U 78 -56.50 6.19 -4.44
N VAL U 79 -57.29 5.15 -4.73
CA VAL U 79 -58.39 4.74 -3.86
C VAL U 79 -58.15 3.27 -3.51
N LEU U 80 -57.81 3.01 -2.26
CA LEU U 80 -57.48 1.66 -1.83
C LEU U 80 -58.75 0.89 -1.50
N GLN U 81 -58.68 -0.43 -1.63
CA GLN U 81 -59.77 -1.31 -1.22
C GLN U 81 -59.19 -2.36 -0.29
N ASP U 82 -60.09 -3.08 0.40
CA ASP U 82 -59.64 -4.18 1.25
C ASP U 82 -58.79 -5.14 0.43
N ILE U 83 -57.77 -5.70 1.07
CA ILE U 83 -56.96 -6.76 0.47
C ILE U 83 -57.55 -8.09 0.94
N GLN U 84 -58.19 -8.82 0.02
CA GLN U 84 -58.83 -10.08 0.41
C GLN U 84 -57.80 -11.12 0.81
N LYS U 85 -58.14 -11.93 1.81
CA LYS U 85 -57.26 -13.01 2.22
C LYS U 85 -57.16 -14.04 1.09
N PRO U 86 -56.07 -14.80 1.04
CA PRO U 86 -55.92 -15.79 -0.04
C PRO U 86 -57.01 -16.85 0.02
N ASP U 87 -57.16 -17.56 -1.09
CA ASP U 87 -58.25 -18.52 -1.23
C ASP U 87 -58.08 -19.74 -0.34
N LEU U 88 -56.84 -20.07 0.03
CA LEU U 88 -56.55 -21.22 0.86
C LEU U 88 -55.68 -20.80 2.03
N ASP U 89 -55.71 -21.58 3.10
CA ASP U 89 -54.79 -21.39 4.22
C ASP U 89 -53.54 -22.26 4.11
N GLU U 90 -53.61 -23.33 3.31
CA GLU U 90 -52.54 -24.31 3.12
C GLU U 90 -52.44 -24.58 1.63
N TRP U 91 -51.23 -24.84 1.14
CA TRP U 91 -51.00 -24.81 -0.29
C TRP U 91 -50.51 -26.14 -0.87
N GLY U 92 -50.53 -27.22 -0.09
CA GLY U 92 -50.23 -28.54 -0.63
C GLY U 92 -48.74 -28.76 -0.86
N SER U 93 -48.42 -29.53 -1.90
CA SER U 93 -47.02 -29.84 -2.19
C SER U 93 -46.36 -28.65 -2.87
N PRO U 94 -45.02 -28.66 -2.94
CA PRO U 94 -44.33 -27.67 -3.77
C PRO U 94 -44.90 -27.60 -5.18
N LEU U 95 -45.14 -28.75 -5.83
CA LEU U 95 -45.70 -28.72 -7.17
C LEU U 95 -47.06 -28.03 -7.20
N GLU U 96 -47.94 -28.38 -6.26
CA GLU U 96 -49.26 -27.75 -6.23
C GLU U 96 -49.16 -26.25 -5.99
N ALA U 97 -48.28 -25.81 -5.10
CA ALA U 97 -48.14 -24.38 -4.85
C ALA U 97 -47.64 -23.65 -6.09
N MET U 98 -46.73 -24.26 -6.84
CA MET U 98 -46.24 -23.62 -8.06
C MET U 98 -47.32 -23.56 -9.13
N GLN U 99 -48.12 -24.62 -9.25
CA GLN U 99 -49.25 -24.60 -10.18
C GLN U 99 -50.23 -23.50 -9.80
N THR U 100 -50.47 -23.30 -8.51
CA THR U 100 -51.30 -22.18 -8.07
C THR U 100 -50.68 -20.85 -8.47
N THR U 101 -49.37 -20.72 -8.31
CA THR U 101 -48.69 -19.49 -8.64
C THR U 101 -48.77 -19.18 -10.14
N LEU U 102 -48.67 -20.22 -10.97
CA LEU U 102 -48.82 -19.99 -12.41
C LEU U 102 -50.21 -19.44 -12.73
N ALA U 103 -51.25 -20.03 -12.15
CA ALA U 103 -52.60 -19.52 -12.38
C ALA U 103 -52.73 -18.08 -11.89
N LEU U 104 -52.14 -17.77 -10.74
CA LEU U 104 -52.17 -16.39 -10.24
C LEU U 104 -51.47 -15.44 -11.20
N GLU U 105 -50.25 -15.76 -11.62
CA GLU U 105 -49.52 -14.83 -12.48
C GLU U 105 -50.20 -14.66 -13.83
N LYS U 106 -50.86 -15.72 -14.35
CA LYS U 106 -51.60 -15.58 -15.60
C LYS U 106 -52.83 -14.70 -15.41
N SER U 107 -53.48 -14.82 -14.24
CA SER U 107 -54.60 -13.95 -13.95
C SER U 107 -54.16 -12.49 -13.88
N VAL U 108 -53.03 -12.23 -13.20
CA VAL U 108 -52.49 -10.88 -13.15
C VAL U 108 -52.12 -10.39 -14.55
N ASN U 109 -51.56 -11.27 -15.37
CA ASN U 109 -51.18 -10.89 -16.73
C ASN U 109 -52.40 -10.50 -17.56
N GLN U 110 -53.47 -11.28 -17.49
CA GLN U 110 -54.68 -10.92 -18.23
C GLN U 110 -55.22 -9.58 -17.74
N ALA U 111 -55.20 -9.33 -16.43
CA ALA U 111 -55.66 -8.05 -15.91
C ALA U 111 -54.82 -6.90 -16.48
N LEU U 112 -53.50 -7.10 -16.59
CA LEU U 112 -52.64 -6.04 -17.11
C LEU U 112 -52.91 -5.80 -18.59
N LEU U 113 -53.10 -6.88 -19.35
CA LEU U 113 -53.45 -6.73 -20.77
C LEU U 113 -54.77 -5.99 -20.92
N ASP U 114 -55.73 -6.28 -20.03
CA ASP U 114 -57.00 -5.56 -20.09
C ASP U 114 -56.80 -4.09 -19.75
N LEU U 115 -55.94 -3.79 -18.77
CA LEU U 115 -55.67 -2.39 -18.45
C LEU U 115 -54.99 -1.68 -19.62
N HIS U 116 -54.06 -2.38 -20.28
CA HIS U 116 -53.43 -1.85 -21.48
C HIS U 116 -54.47 -1.49 -22.55
N LYS U 117 -55.49 -2.34 -22.72
CA LYS U 117 -56.54 -2.06 -23.71
C LYS U 117 -57.31 -0.79 -23.37
N ILE U 118 -57.54 -0.55 -22.08
CA ILE U 118 -58.19 0.70 -21.68
C ILE U 118 -57.33 1.90 -22.07
N ALA U 119 -56.02 1.82 -21.82
CA ALA U 119 -55.13 2.92 -22.19
C ALA U 119 -55.12 3.11 -23.70
N ASP U 120 -55.07 2.02 -24.45
CA ASP U 120 -55.11 2.10 -25.91
C ASP U 120 -56.42 2.74 -26.36
N LYS U 121 -57.53 2.31 -25.77
CA LYS U 121 -58.85 2.84 -26.13
C LYS U 121 -58.86 4.36 -26.07
N HIS U 122 -58.16 4.94 -25.10
CA HIS U 122 -58.17 6.37 -24.87
C HIS U 122 -56.91 7.06 -25.37
N GLY U 123 -56.15 6.42 -26.24
CA GLY U 123 -54.98 7.03 -26.83
C GLY U 123 -53.92 7.42 -25.82
N ASP U 124 -53.83 6.70 -24.71
CA ASP U 124 -52.86 7.05 -23.67
C ASP U 124 -51.55 6.35 -24.00
N ALA U 125 -50.79 6.97 -24.91
CA ALA U 125 -49.57 6.36 -25.41
C ALA U 125 -48.55 6.14 -24.30
N GLN U 126 -48.46 7.09 -23.37
CA GLN U 126 -47.43 6.97 -22.33
C GLN U 126 -47.79 5.86 -21.35
N MET U 127 -49.07 5.74 -20.99
CA MET U 127 -49.49 4.66 -20.10
C MET U 127 -49.26 3.29 -20.74
N MET U 128 -49.55 3.17 -22.03
CA MET U 128 -49.29 1.91 -22.72
C MET U 128 -47.82 1.53 -22.63
N ASP U 129 -46.93 2.50 -22.89
CA ASP U 129 -45.49 2.20 -22.82
C ASP U 129 -45.07 1.89 -21.39
N PHE U 130 -45.57 2.63 -20.41
CA PHE U 130 -45.32 2.33 -19.01
C PHE U 130 -45.70 0.89 -18.68
N LEU U 131 -46.91 0.49 -19.05
CA LEU U 131 -47.36 -0.88 -18.77
C LEU U 131 -46.50 -1.91 -19.50
N GLU U 132 -46.19 -1.67 -20.77
CA GLU U 132 -45.42 -2.65 -21.54
C GLU U 132 -44.05 -2.88 -20.91
N GLY U 133 -43.32 -1.79 -20.62
CA GLY U 133 -41.95 -1.94 -20.16
C GLY U 133 -41.83 -2.32 -18.72
N GLU U 134 -42.76 -1.88 -17.87
CA GLU U 134 -42.66 -2.10 -16.44
C GLU U 134 -43.52 -3.25 -15.93
N TYR U 135 -44.47 -3.74 -16.73
CA TYR U 135 -45.33 -4.82 -16.23
C TYR U 135 -45.42 -6.00 -17.19
N LEU U 136 -45.73 -5.73 -18.45
CA LEU U 136 -45.98 -6.83 -19.39
C LEU U 136 -44.73 -7.68 -19.58
N LYS U 137 -43.56 -7.04 -19.74
CA LYS U 137 -42.32 -7.79 -19.91
C LYS U 137 -42.03 -8.67 -18.70
N GLU U 138 -42.13 -8.09 -17.50
CA GLU U 138 -41.90 -8.85 -16.28
C GLU U 138 -42.86 -10.02 -16.15
N GLN U 139 -44.12 -9.86 -16.56
CA GLN U 139 -45.07 -10.97 -16.46
C GLN U 139 -44.68 -12.13 -17.35
N VAL U 140 -44.20 -11.84 -18.57
CA VAL U 140 -43.80 -12.92 -19.47
C VAL U 140 -42.61 -13.68 -18.88
N ASP U 141 -41.65 -12.97 -18.29
CA ASP U 141 -40.52 -13.64 -17.64
C ASP U 141 -41.00 -14.50 -16.47
N ALA U 142 -41.89 -13.96 -15.64
CA ALA U 142 -42.35 -14.69 -14.45
C ALA U 142 -43.11 -15.95 -14.82
N ILE U 143 -43.98 -15.85 -15.83
CA ILE U 143 -44.76 -17.02 -16.23
C ILE U 143 -43.85 -18.13 -16.75
N GLU U 144 -42.81 -17.76 -17.52
CA GLU U 144 -41.89 -18.78 -18.01
C GLU U 144 -41.09 -19.40 -16.87
N GLU U 145 -40.64 -18.57 -15.93
CA GLU U 145 -39.88 -19.09 -14.80
C GLU U 145 -40.71 -20.07 -13.97
N ILE U 146 -41.98 -19.76 -13.73
CA ILE U 146 -42.84 -20.66 -12.98
C ILE U 146 -43.09 -21.95 -13.76
N SER U 147 -43.26 -21.82 -15.08
CA SER U 147 -43.42 -23.00 -15.92
C SER U 147 -42.21 -23.92 -15.79
N ASP U 148 -41.00 -23.36 -15.79
CA ASP U 148 -39.79 -24.15 -15.56
C ASP U 148 -39.85 -24.88 -14.23
N HIS U 149 -40.27 -24.19 -13.16
CA HIS U 149 -40.32 -24.82 -11.84
C HIS U 149 -41.27 -25.99 -11.83
N ILE U 150 -42.45 -25.83 -12.46
CA ILE U 150 -43.43 -26.91 -12.49
C ILE U 150 -42.86 -28.12 -13.20
N THR U 151 -42.25 -27.89 -14.36
CA THR U 151 -41.64 -28.98 -15.10
C THR U 151 -40.60 -29.69 -14.25
N ASN U 152 -39.70 -28.93 -13.60
CA ASN U 152 -38.67 -29.58 -12.79
C ASN U 152 -39.27 -30.32 -11.60
N LEU U 153 -40.30 -29.76 -10.97
CA LEU U 153 -40.89 -30.46 -9.84
C LEU U 153 -41.60 -31.73 -10.27
N LYS U 154 -42.20 -31.74 -11.46
CA LYS U 154 -42.71 -33.00 -12.01
C LYS U 154 -41.59 -34.00 -12.26
N ARG U 155 -40.46 -33.52 -12.76
CA ARG U 155 -39.34 -34.41 -13.09
C ARG U 155 -38.79 -35.08 -11.83
N VAL U 156 -38.58 -34.30 -10.77
CA VAL U 156 -37.88 -34.83 -9.59
C VAL U 156 -38.80 -35.66 -8.68
N GLY U 157 -40.12 -35.47 -8.77
CA GLY U 157 -41.02 -36.26 -7.98
C GLY U 157 -41.07 -35.81 -6.52
N THR U 158 -41.82 -36.56 -5.72
CA THR U 158 -42.02 -36.23 -4.32
C THR U 158 -40.94 -36.88 -3.46
N GLY U 159 -40.78 -36.34 -2.26
CA GLY U 159 -39.82 -36.88 -1.29
C GLY U 159 -38.45 -36.25 -1.46
N LEU U 160 -37.45 -37.09 -1.71
CA LEU U 160 -36.08 -36.59 -1.89
C LEU U 160 -36.01 -35.54 -2.99
N GLY U 161 -36.79 -35.72 -4.06
CA GLY U 161 -36.77 -34.75 -5.15
C GLY U 161 -37.15 -33.36 -4.71
N GLU U 162 -38.21 -33.24 -3.89
CA GLU U 162 -38.61 -31.91 -3.41
C GLU U 162 -37.53 -31.31 -2.55
N TYR U 163 -36.93 -32.14 -1.69
CA TYR U 163 -35.84 -31.66 -0.85
C TYR U 163 -34.67 -31.16 -1.70
N MET U 164 -34.25 -31.96 -2.68
CA MET U 164 -33.11 -31.56 -3.49
C MET U 164 -33.42 -30.31 -4.31
N TYR U 165 -34.66 -30.18 -4.78
CA TYR U 165 -35.01 -28.99 -5.54
C TYR U 165 -34.90 -27.75 -4.67
N ASP U 166 -35.34 -27.86 -3.41
CA ASP U 166 -35.17 -26.78 -2.44
C ASP U 166 -33.70 -26.40 -2.30
N LYS U 167 -32.81 -27.40 -2.22
CA LYS U 167 -31.41 -27.09 -1.99
C LYS U 167 -30.69 -26.64 -3.25
N GLU U 168 -31.09 -27.11 -4.43
CA GLU U 168 -30.29 -26.93 -5.64
C GLU U 168 -30.77 -25.81 -6.54
N THR U 169 -32.07 -25.63 -6.68
CA THR U 169 -32.62 -24.55 -7.51
C THR U 169 -33.14 -23.39 -6.69
N MET U 170 -33.95 -23.67 -5.65
CA MET U 170 -34.59 -22.59 -4.92
C MET U 170 -33.63 -21.82 -4.04
N SER U 171 -32.44 -22.36 -3.79
CA SER U 171 -31.44 -21.65 -2.98
C SER U 171 -30.72 -20.57 -3.78
N GLN V 3 -51.48 -33.02 18.15
CA GLN V 3 -50.84 -31.71 18.28
C GLN V 3 -49.70 -31.56 17.28
N THR V 4 -49.33 -30.32 16.97
CA THR V 4 -48.17 -30.09 16.12
C THR V 4 -46.89 -30.42 16.88
N GLN V 5 -45.84 -30.77 16.14
CA GLN V 5 -44.59 -31.21 16.77
C GLN V 5 -44.06 -30.25 17.83
N PRO V 6 -44.00 -28.94 17.59
CA PRO V 6 -43.36 -28.07 18.59
C PRO V 6 -44.22 -27.83 19.82
N ARG V 7 -45.52 -28.07 19.75
CA ARG V 7 -46.43 -27.42 20.69
C ARG V 7 -46.13 -27.83 22.13
N GLN V 8 -45.97 -26.83 23.00
CA GLN V 8 -45.73 -27.06 24.42
C GLN V 8 -46.06 -25.79 25.18
N ASN V 9 -46.95 -25.91 26.16
CA ASN V 9 -47.37 -24.78 26.99
C ASN V 9 -47.95 -23.64 26.15
N PHE V 10 -48.66 -23.97 25.08
CA PHE V 10 -49.16 -22.99 24.11
C PHE V 10 -50.67 -23.16 23.97
N HIS V 11 -51.44 -22.22 24.51
CA HIS V 11 -52.89 -22.36 24.60
C HIS V 11 -53.57 -21.91 23.30
N VAL V 12 -54.70 -22.53 22.96
CA VAL V 12 -55.39 -22.14 21.74
C VAL V 12 -55.83 -20.68 21.78
N GLU V 13 -56.11 -20.15 22.97
CA GLU V 13 -56.48 -18.74 23.07
C GLU V 13 -55.31 -17.84 22.68
N SER V 14 -54.10 -18.20 23.08
CA SER V 14 -52.92 -17.42 22.70
C SER V 14 -52.69 -17.52 21.20
N GLU V 15 -52.88 -18.70 20.64
CA GLU V 15 -52.74 -18.90 19.20
C GLU V 15 -53.74 -18.03 18.43
N ALA V 16 -54.99 -18.01 18.88
CA ALA V 16 -55.99 -17.16 18.24
C ALA V 16 -55.63 -15.68 18.37
N GLY V 17 -55.13 -15.28 19.55
CA GLY V 17 -54.81 -13.88 19.75
C GLY V 17 -53.65 -13.42 18.88
N ILE V 18 -52.68 -14.31 18.67
CA ILE V 18 -51.59 -13.99 17.76
C ILE V 18 -52.12 -13.80 16.34
N ASN V 19 -53.06 -14.64 15.92
CA ASN V 19 -53.62 -14.44 14.58
C ASN V 19 -54.33 -13.09 14.47
N LYS V 20 -55.02 -12.67 15.54
CA LYS V 20 -55.68 -11.37 15.49
C LYS V 20 -54.66 -10.24 15.44
N GLN V 21 -53.57 -10.35 16.20
CA GLN V 21 -52.54 -9.31 16.20
C GLN V 21 -51.83 -9.25 14.86
N ILE V 22 -51.61 -10.40 14.21
CA ILE V 22 -51.02 -10.41 12.88
C ILE V 22 -51.84 -9.53 11.94
N ASN V 23 -53.17 -9.67 11.98
CA ASN V 23 -54.00 -8.86 11.09
C ASN V 23 -53.91 -7.38 11.44
N MET V 24 -53.86 -7.06 12.74
CA MET V 24 -53.78 -5.65 13.13
C MET V 24 -52.48 -5.02 12.67
N GLU V 25 -51.36 -5.75 12.77
CA GLU V 25 -50.08 -5.23 12.27
C GLU V 25 -50.14 -4.99 10.76
N LEU V 26 -50.74 -5.92 10.01
CA LEU V 26 -50.92 -5.73 8.58
C LEU V 26 -51.83 -4.55 8.29
N TYR V 27 -52.91 -4.41 9.06
CA TYR V 27 -53.76 -3.23 8.92
C TYR V 27 -52.96 -1.96 9.12
N ALA V 28 -52.13 -1.91 10.17
CA ALA V 28 -51.34 -0.72 10.44
C ALA V 28 -50.39 -0.43 9.28
N SER V 29 -49.77 -1.47 8.73
CA SER V 29 -48.91 -1.30 7.56
C SER V 29 -49.65 -0.66 6.40
N TYR V 30 -50.90 -1.07 6.19
CA TYR V 30 -51.71 -0.52 5.10
C TYR V 30 -52.06 0.94 5.36
N VAL V 31 -52.40 1.30 6.60
CA VAL V 31 -52.63 2.71 6.91
C VAL V 31 -51.41 3.55 6.54
N TYR V 32 -50.22 3.12 6.96
CA TYR V 32 -49.01 3.89 6.68
C TYR V 32 -48.70 3.96 5.20
N GLN V 33 -48.95 2.87 4.47
CA GLN V 33 -48.79 2.89 3.01
C GLN V 33 -49.71 3.94 2.39
N SER V 34 -50.95 4.04 2.86
CA SER V 34 -51.84 5.08 2.38
C SER V 34 -51.31 6.48 2.70
N MET V 35 -50.81 6.69 3.91
CA MET V 35 -50.26 7.99 4.25
C MET V 35 -49.02 8.30 3.41
N TYR V 36 -48.15 7.31 3.22
CA TYR V 36 -46.99 7.47 2.34
C TYR V 36 -47.41 8.02 0.97
N MET V 37 -48.38 7.37 0.32
CA MET V 37 -48.78 7.81 -1.01
C MET V 37 -49.62 9.09 -0.97
N TYR V 38 -50.25 9.40 0.16
CA TYR V 38 -50.93 10.68 0.28
C TYR V 38 -49.93 11.84 0.27
N PHE V 39 -48.84 11.71 1.05
CA PHE V 39 -47.86 12.78 1.05
C PHE V 39 -47.03 12.83 -0.24
N ASP V 40 -47.10 11.77 -1.05
CA ASP V 40 -46.51 11.74 -2.38
C ASP V 40 -47.38 12.44 -3.43
N ARG V 41 -48.61 12.83 -3.09
CA ARG V 41 -49.47 13.50 -4.07
C ARG V 41 -48.87 14.84 -4.50
N ASP V 42 -49.08 15.21 -5.76
CA ASP V 42 -48.53 16.46 -6.29
C ASP V 42 -49.08 17.67 -5.53
N ASP V 43 -50.28 17.58 -4.97
CA ASP V 43 -50.86 18.68 -4.22
C ASP V 43 -50.63 18.57 -2.73
N VAL V 44 -49.73 17.69 -2.29
CA VAL V 44 -49.29 17.64 -0.90
C VAL V 44 -47.77 17.82 -0.90
N ALA V 45 -47.07 16.90 -1.56
CA ALA V 45 -45.70 17.12 -2.01
C ALA V 45 -44.75 17.40 -0.85
N LEU V 46 -44.81 16.58 0.20
CA LEU V 46 -43.85 16.59 1.30
C LEU V 46 -43.11 15.26 1.28
N PRO V 47 -41.95 15.19 0.60
CA PRO V 47 -41.35 13.87 0.31
C PRO V 47 -40.67 13.20 1.48
N SER V 48 -40.24 13.95 2.50
CA SER V 48 -39.66 13.28 3.66
C SER V 48 -40.74 12.73 4.59
N PHE V 49 -41.88 13.44 4.72
CA PHE V 49 -43.05 12.82 5.33
C PHE V 49 -43.43 11.55 4.61
N ALA V 50 -43.48 11.62 3.27
CA ALA V 50 -43.76 10.42 2.48
C ALA V 50 -42.83 9.28 2.86
N LYS V 51 -41.52 9.54 2.86
CA LYS V 51 -40.56 8.48 3.17
C LYS V 51 -40.69 7.96 4.60
N TYR V 52 -41.05 8.85 5.53
CA TYR V 52 -41.26 8.42 6.91
C TYR V 52 -42.39 7.39 7.00
N PHE V 53 -43.50 7.65 6.31
CA PHE V 53 -44.61 6.71 6.35
C PHE V 53 -44.30 5.45 5.55
N LYS V 54 -43.53 5.57 4.47
CA LYS V 54 -43.04 4.39 3.76
C LYS V 54 -42.27 3.47 4.72
N HIS V 55 -41.36 4.04 5.50
CA HIS V 55 -40.56 3.24 6.41
C HIS V 55 -41.42 2.63 7.52
N ASN V 56 -42.39 3.38 8.03
CA ASN V 56 -43.24 2.82 9.07
C ASN V 56 -44.13 1.72 8.52
N SER V 57 -44.58 1.86 7.27
CA SER V 57 -45.34 0.77 6.65
C SER V 57 -44.50 -0.50 6.58
N GLU V 58 -43.23 -0.38 6.19
CA GLU V 58 -42.35 -1.55 6.14
C GLU V 58 -42.11 -2.13 7.53
N GLU V 59 -41.96 -1.27 8.54
CA GLU V 59 -41.76 -1.78 9.89
C GLU V 59 -42.98 -2.57 10.38
N GLU V 60 -44.18 -2.07 10.12
CA GLU V 60 -45.38 -2.79 10.54
C GLU V 60 -45.51 -4.12 9.82
N ARG V 61 -45.13 -4.16 8.54
CA ARG V 61 -45.08 -5.44 7.83
C ARG V 61 -44.10 -6.40 8.49
N GLU V 62 -42.94 -5.87 8.94
CA GLU V 62 -41.97 -6.70 9.65
C GLU V 62 -42.52 -7.17 11.00
N HIS V 63 -43.25 -6.30 11.71
CA HIS V 63 -43.88 -6.74 12.95
C HIS V 63 -44.83 -7.90 12.70
N ALA V 64 -45.62 -7.82 11.62
CA ALA V 64 -46.56 -8.89 11.31
C ALA V 64 -45.83 -10.17 10.98
N GLU V 65 -44.76 -10.09 10.19
CA GLU V 65 -44.06 -11.31 9.80
C GLU V 65 -43.33 -11.95 10.99
N LYS V 66 -42.82 -11.14 11.92
CA LYS V 66 -42.20 -11.70 13.11
C LYS V 66 -43.23 -12.46 13.97
N LEU V 67 -44.48 -11.97 14.02
CA LEU V 67 -45.52 -12.70 14.73
C LEU V 67 -45.92 -13.98 13.98
N MET V 68 -45.96 -13.92 12.65
CA MET V 68 -46.23 -15.13 11.88
C MET V 68 -45.15 -16.18 12.13
N LYS V 69 -43.88 -15.77 12.14
CA LYS V 69 -42.80 -16.70 12.44
C LYS V 69 -42.94 -17.25 13.85
N TYR V 70 -43.35 -16.41 14.80
CA TYR V 70 -43.52 -16.87 16.17
C TYR V 70 -44.65 -17.89 16.26
N GLN V 71 -45.77 -17.62 15.60
CA GLN V 71 -46.87 -18.59 15.54
C GLN V 71 -46.36 -19.96 15.10
N ASN V 72 -45.62 -20.00 13.99
CA ASN V 72 -45.07 -21.26 13.50
C ASN V 72 -44.11 -21.88 14.50
N LYS V 73 -43.25 -21.06 15.13
CA LYS V 73 -42.25 -21.58 16.05
C LYS V 73 -42.91 -22.32 17.22
N ARG V 74 -44.02 -21.78 17.72
CA ARG V 74 -44.71 -22.39 18.84
C ARG V 74 -45.60 -23.56 18.41
N GLY V 75 -45.72 -23.81 17.11
CA GLY V 75 -46.64 -24.85 16.67
C GLY V 75 -48.06 -24.38 16.43
N GLY V 76 -48.30 -23.08 16.46
CA GLY V 76 -49.58 -22.56 16.06
C GLY V 76 -49.73 -22.59 14.55
N ARG V 77 -50.94 -22.32 14.07
CA ARG V 77 -51.20 -22.28 12.64
C ARG V 77 -51.70 -20.89 12.29
N ILE V 78 -51.00 -20.23 11.36
CA ILE V 78 -51.37 -18.91 10.89
C ILE V 78 -52.68 -18.99 10.12
N VAL V 79 -53.63 -18.14 10.47
CA VAL V 79 -54.88 -18.00 9.74
C VAL V 79 -55.01 -16.53 9.36
N LEU V 80 -54.89 -16.23 8.09
CA LEU V 80 -54.94 -14.84 7.63
C LEU V 80 -56.38 -14.41 7.42
N GLN V 81 -56.61 -13.11 7.61
CA GLN V 81 -57.91 -12.50 7.35
C GLN V 81 -57.70 -11.33 6.38
N ASP V 82 -58.81 -10.87 5.80
CA ASP V 82 -58.72 -9.71 4.91
C ASP V 82 -58.02 -8.57 5.61
N ILE V 83 -57.27 -7.77 4.86
CA ILE V 83 -56.68 -6.54 5.39
C ILE V 83 -57.60 -5.39 5.03
N GLN V 84 -58.31 -4.88 6.04
CA GLN V 84 -59.27 -3.82 5.84
C GLN V 84 -58.58 -2.54 5.36
N LYS V 85 -59.21 -1.85 4.41
CA LYS V 85 -58.65 -0.59 3.94
C LYS V 85 -58.72 0.47 5.04
N PRO V 86 -57.84 1.46 4.99
CA PRO V 86 -57.85 2.52 6.01
C PRO V 86 -59.16 3.30 6.02
N ASP V 87 -59.37 3.99 7.14
CA ASP V 87 -60.63 4.69 7.37
C ASP V 87 -60.82 5.86 6.42
N LEU V 88 -59.74 6.49 5.98
CA LEU V 88 -59.79 7.66 5.11
C LEU V 88 -58.96 7.42 3.87
N ASP V 89 -59.28 8.16 2.80
CA ASP V 89 -58.46 8.15 1.60
C ASP V 89 -57.41 9.26 1.60
N GLU V 90 -57.62 10.31 2.39
CA GLU V 90 -56.67 11.41 2.49
C GLU V 90 -56.60 11.83 3.95
N TRP V 91 -55.44 12.37 4.34
CA TRP V 91 -55.10 12.41 5.76
C TRP V 91 -54.87 13.81 6.31
N GLY V 92 -55.26 14.86 5.57
CA GLY V 92 -55.20 16.20 6.11
C GLY V 92 -53.77 16.75 6.17
N SER V 93 -53.52 17.58 7.19
CA SER V 93 -52.21 18.20 7.33
C SER V 93 -51.21 17.24 7.94
N PRO V 94 -49.92 17.55 7.86
CA PRO V 94 -48.93 16.74 8.60
C PRO V 94 -49.28 16.58 10.06
N LEU V 95 -49.74 17.62 10.73
CA LEU V 95 -50.13 17.49 12.14
C LEU V 95 -51.29 16.50 12.30
N GLU V 96 -52.32 16.63 11.46
CA GLU V 96 -53.46 15.70 11.54
C GLU V 96 -53.03 14.26 11.30
N ALA V 97 -52.19 14.03 10.29
CA ALA V 97 -51.71 12.68 10.02
C ALA V 97 -50.93 12.11 11.20
N MET V 98 -50.11 12.94 11.86
CA MET V 98 -49.36 12.45 13.01
C MET V 98 -50.29 12.16 14.18
N GLN V 99 -51.32 12.97 14.37
CA GLN V 99 -52.28 12.70 15.42
C GLN V 99 -53.02 11.39 15.16
N THR V 100 -53.37 11.14 13.89
CA THR V 100 -53.95 9.85 13.52
C THR V 100 -53.00 8.70 13.84
N THR V 101 -51.70 8.88 13.56
CA THR V 101 -50.76 7.79 13.82
C THR V 101 -50.58 7.55 15.31
N LEU V 102 -50.62 8.60 16.14
CA LEU V 102 -50.57 8.37 17.58
C LEU V 102 -51.73 7.48 18.02
N ALA V 103 -52.94 7.79 17.55
CA ALA V 103 -54.09 6.98 17.92
C ALA V 103 -53.92 5.54 17.45
N LEU V 104 -53.41 5.36 16.22
CA LEU V 104 -53.22 4.00 15.71
C LEU V 104 -52.20 3.24 16.55
N GLU V 105 -51.07 3.87 16.88
CA GLU V 105 -50.06 3.16 17.65
C GLU V 105 -50.53 2.84 19.07
N LYS V 106 -51.36 3.69 19.67
CA LYS V 106 -51.90 3.38 20.99
C LYS V 106 -52.93 2.27 20.93
N SER V 107 -53.71 2.23 19.84
CA SER V 107 -54.60 1.10 19.62
C SER V 107 -53.82 -0.21 19.48
N VAL V 108 -52.72 -0.18 18.72
CA VAL V 108 -51.91 -1.39 18.56
C VAL V 108 -51.30 -1.79 19.90
N ASN V 109 -50.84 -0.81 20.67
CA ASN V 109 -50.25 -1.09 21.96
C ASN V 109 -51.27 -1.72 22.92
N GLN V 110 -52.49 -1.17 22.95
CA GLN V 110 -53.50 -1.76 23.83
C GLN V 110 -53.80 -3.19 23.41
N ALA V 111 -53.83 -3.47 22.09
CA ALA V 111 -54.04 -4.83 21.63
C ALA V 111 -52.91 -5.75 22.08
N LEU V 112 -51.67 -5.26 22.03
CA LEU V 112 -50.54 -6.08 22.46
C LEU V 112 -50.60 -6.33 23.96
N LEU V 113 -50.97 -5.31 24.73
CA LEU V 113 -51.12 -5.51 26.17
C LEU V 113 -52.21 -6.54 26.47
N ASP V 114 -53.32 -6.50 25.73
CA ASP V 114 -54.37 -7.50 25.92
C ASP V 114 -53.85 -8.89 25.53
N LEU V 115 -53.05 -8.98 24.47
CA LEU V 115 -52.46 -10.26 24.11
C LEU V 115 -51.51 -10.76 25.19
N HIS V 116 -50.74 -9.86 25.78
CA HIS V 116 -49.87 -10.22 26.91
C HIS V 116 -50.70 -10.78 28.07
N LYS V 117 -51.87 -10.18 28.34
CA LYS V 117 -52.73 -10.69 29.42
C LYS V 117 -53.18 -12.13 29.14
N ILE V 118 -53.46 -12.46 27.87
CA ILE V 118 -53.84 -13.83 27.52
C ILE V 118 -52.69 -14.80 27.81
N ALA V 119 -51.48 -14.46 27.34
CA ALA V 119 -50.32 -15.28 27.66
C ALA V 119 -50.16 -15.46 29.17
N ASP V 120 -50.37 -14.39 29.92
CA ASP V 120 -50.20 -14.44 31.37
C ASP V 120 -51.24 -15.35 32.00
N LYS V 121 -52.50 -15.23 31.57
CA LYS V 121 -53.59 -16.05 32.09
C LYS V 121 -53.28 -17.54 31.97
N HIS V 122 -52.59 -17.93 30.90
CA HIS V 122 -52.27 -19.33 30.64
C HIS V 122 -50.84 -19.70 31.01
N GLY V 123 -50.14 -18.84 31.75
CA GLY V 123 -48.81 -19.18 32.21
C GLY V 123 -47.80 -19.36 31.10
N ASP V 124 -47.96 -18.64 30.00
CA ASP V 124 -47.05 -18.77 28.87
C ASP V 124 -45.90 -17.78 29.08
N ALA V 125 -44.93 -18.21 29.90
CA ALA V 125 -43.84 -17.33 30.29
C ALA V 125 -43.01 -16.90 29.09
N GLN V 126 -42.78 -17.81 28.14
CA GLN V 126 -41.96 -17.46 26.98
C GLN V 126 -42.68 -16.46 26.07
N MET V 127 -43.98 -16.66 25.85
CA MET V 127 -44.71 -15.71 25.01
C MET V 127 -44.73 -14.32 25.63
N MET V 128 -44.84 -14.24 26.96
CA MET V 128 -44.82 -12.94 27.62
C MET V 128 -43.50 -12.23 27.39
N ASP V 129 -42.39 -12.96 27.53
CA ASP V 129 -41.09 -12.35 27.30
C ASP V 129 -40.92 -11.93 25.84
N PHE V 130 -41.34 -12.80 24.91
CA PHE V 130 -41.30 -12.44 23.49
C PHE V 130 -42.05 -11.13 23.24
N LEU V 131 -43.27 -11.03 23.76
CA LEU V 131 -44.06 -9.82 23.54
C LEU V 131 -43.42 -8.60 24.18
N GLU V 132 -42.90 -8.75 25.40
CA GLU V 132 -42.30 -7.61 26.10
C GLU V 132 -41.10 -7.07 25.34
N GLY V 133 -40.16 -7.95 25.00
CA GLY V 133 -38.92 -7.50 24.38
C GLY V 133 -39.06 -7.12 22.92
N GLU V 134 -39.94 -7.80 22.18
CA GLU V 134 -40.03 -7.57 20.74
C GLU V 134 -41.19 -6.64 20.36
N TYR V 135 -42.14 -6.39 21.26
CA TYR V 135 -43.28 -5.56 20.87
C TYR V 135 -43.57 -4.42 21.84
N LEU V 136 -43.64 -4.73 23.13
CA LEU V 136 -44.05 -3.71 24.09
C LEU V 136 -43.02 -2.59 24.16
N LYS V 137 -41.74 -2.94 24.19
CA LYS V 137 -40.69 -1.93 24.22
C LYS V 137 -40.78 -1.03 23.00
N GLU V 138 -40.85 -1.62 21.81
CA GLU V 138 -40.92 -0.84 20.58
C GLU V 138 -42.11 0.12 20.59
N GLN V 139 -43.26 -0.33 21.12
CA GLN V 139 -44.45 0.53 21.10
C GLN V 139 -44.28 1.76 21.97
N VAL V 140 -43.70 1.62 23.17
CA VAL V 140 -43.58 2.85 23.96
C VAL V 140 -42.58 3.79 23.30
N ASP V 141 -41.51 3.26 22.69
CA ASP V 141 -40.60 4.10 21.91
C ASP V 141 -41.33 4.83 20.78
N ALA V 142 -42.12 4.08 20.00
CA ALA V 142 -42.84 4.68 18.88
C ALA V 142 -43.83 5.74 19.36
N ILE V 143 -44.55 5.46 20.44
CA ILE V 143 -45.55 6.42 20.92
C ILE V 143 -44.88 7.72 21.36
N GLU V 144 -43.74 7.61 22.04
CA GLU V 144 -43.02 8.82 22.44
C GLU V 144 -42.51 9.59 21.23
N GLU V 145 -42.01 8.88 20.22
CA GLU V 145 -41.48 9.56 19.04
C GLU V 145 -42.58 10.30 18.29
N ILE V 146 -43.75 9.66 18.14
CA ILE V 146 -44.88 10.34 17.51
C ILE V 146 -45.33 11.52 18.35
N SER V 147 -45.33 11.37 19.67
CA SER V 147 -45.66 12.50 20.53
C SER V 147 -44.73 13.69 20.26
N ASP V 148 -43.43 13.41 20.11
CA ASP V 148 -42.48 14.49 19.80
C ASP V 148 -42.82 15.17 18.48
N HIS V 149 -43.20 14.38 17.46
CA HIS V 149 -43.55 14.96 16.17
C HIS V 149 -44.75 15.90 16.29
N ILE V 150 -45.76 15.50 17.06
CA ILE V 150 -46.96 16.32 17.19
C ILE V 150 -46.63 17.65 17.86
N THR V 151 -45.86 17.59 18.94
CA THR V 151 -45.46 18.82 19.64
C THR V 151 -44.71 19.75 18.69
N ASN V 152 -43.75 19.23 17.93
CA ASN V 152 -42.98 20.06 17.01
C ASN V 152 -43.85 20.61 15.89
N LEU V 153 -44.78 19.79 15.36
CA LEU V 153 -45.65 20.30 14.31
C LEU V 153 -46.55 21.42 14.82
N LYS V 154 -47.02 21.31 16.07
CA LYS V 154 -47.75 22.42 16.67
C LYS V 154 -46.86 23.65 16.81
N ARG V 155 -45.59 23.45 17.16
CA ARG V 155 -44.70 24.58 17.40
C ARG V 155 -44.39 25.33 16.11
N VAL V 156 -44.14 24.61 15.01
CA VAL V 156 -43.74 25.28 13.77
C VAL V 156 -44.91 25.84 13.00
N GLY V 157 -46.14 25.38 13.26
CA GLY V 157 -47.31 25.91 12.56
C GLY V 157 -47.38 25.45 11.12
N THR V 158 -48.37 25.98 10.41
CA THR V 158 -48.61 25.59 9.04
C THR V 158 -47.82 26.46 8.06
N GLY V 159 -47.64 25.95 6.86
CA GLY V 159 -46.95 26.70 5.81
C GLY V 159 -45.45 26.43 5.83
N LEU V 160 -44.67 27.49 5.98
CA LEU V 160 -43.22 27.32 5.99
C LEU V 160 -42.78 26.33 7.07
N GLY V 161 -43.46 26.34 8.21
CA GLY V 161 -43.09 25.43 9.29
C GLY V 161 -43.19 23.97 8.88
N GLU V 162 -44.25 23.61 8.15
CA GLU V 162 -44.40 22.23 7.68
C GLU V 162 -43.29 21.86 6.72
N TYR V 163 -42.95 22.79 5.81
CA TYR V 163 -41.89 22.55 4.85
C TYR V 163 -40.55 22.36 5.55
N MET V 164 -40.24 23.21 6.52
CA MET V 164 -38.97 23.11 7.24
C MET V 164 -38.90 21.85 8.08
N TYR V 165 -40.02 21.44 8.68
CA TYR V 165 -40.01 20.21 9.44
C TYR V 165 -39.71 19.02 8.53
N ASP V 166 -40.32 19.01 7.34
CA ASP V 166 -40.00 18.03 6.33
C ASP V 166 -38.49 17.98 6.04
N LYS V 167 -37.85 19.16 5.91
CA LYS V 167 -36.44 19.17 5.52
C LYS V 167 -35.49 18.94 6.69
N GLU V 168 -35.87 19.31 7.91
CA GLU V 168 -34.92 19.30 9.03
C GLU V 168 -35.07 18.11 9.96
N THR V 169 -36.28 17.63 10.19
CA THR V 169 -36.50 16.49 11.08
C THR V 169 -36.86 15.21 10.34
N MET V 170 -37.76 15.29 9.36
CA MET V 170 -38.21 14.09 8.69
C MET V 170 -37.15 13.53 7.73
N SER V 171 -36.16 14.33 7.34
CA SER V 171 -35.12 13.87 6.41
C SER V 171 -34.06 13.02 7.11
N GLN W 3 -34.55 8.93 -52.94
CA GLN W 3 -34.66 8.85 -51.49
C GLN W 3 -33.27 8.79 -50.83
N THR W 4 -33.18 9.31 -49.61
CA THR W 4 -31.93 9.20 -48.86
C THR W 4 -31.66 7.73 -48.50
N GLN W 5 -30.39 7.40 -48.32
CA GLN W 5 -29.98 6.02 -48.10
C GLN W 5 -30.73 5.32 -46.98
N PRO W 6 -30.92 5.93 -45.80
CA PRO W 6 -31.53 5.18 -44.69
C PRO W 6 -33.02 5.02 -44.83
N ARG W 7 -33.69 5.82 -45.66
CA ARG W 7 -35.12 6.01 -45.52
C ARG W 7 -35.89 4.72 -45.70
N GLN W 8 -36.70 4.38 -44.69
CA GLN W 8 -37.56 3.19 -44.77
C GLN W 8 -38.70 3.35 -43.78
N ASN W 9 -39.94 3.22 -44.28
CA ASN W 9 -41.13 3.35 -43.45
C ASN W 9 -41.19 4.71 -42.73
N PHE W 10 -40.72 5.77 -43.41
CA PHE W 10 -40.60 7.11 -42.82
C PHE W 10 -41.34 8.11 -43.71
N HIS W 11 -42.48 8.59 -43.22
CA HIS W 11 -43.39 9.41 -44.01
C HIS W 11 -42.97 10.88 -43.96
N VAL W 12 -43.24 11.60 -45.06
CA VAL W 12 -42.86 13.01 -45.10
C VAL W 12 -43.58 13.81 -44.01
N GLU W 13 -44.79 13.40 -43.63
CA GLU W 13 -45.49 14.11 -42.56
C GLU W 13 -44.82 13.90 -41.20
N SER W 14 -44.25 12.72 -40.95
CA SER W 14 -43.49 12.50 -39.72
C SER W 14 -42.20 13.34 -39.74
N GLU W 15 -41.53 13.39 -40.89
CA GLU W 15 -40.34 14.21 -41.07
C GLU W 15 -40.63 15.69 -40.79
N ALA W 16 -41.76 16.19 -41.30
CA ALA W 16 -42.13 17.58 -41.06
C ALA W 16 -42.44 17.82 -39.59
N GLY W 17 -43.15 16.88 -38.95
CA GLY W 17 -43.49 17.05 -37.56
C GLY W 17 -42.27 17.05 -36.66
N ILE W 18 -41.26 16.26 -37.01
CA ILE W 18 -40.02 16.26 -36.24
C ILE W 18 -39.33 17.63 -36.35
N ASN W 19 -39.31 18.20 -37.55
CA ASN W 19 -38.73 19.54 -37.69
C ASN W 19 -39.51 20.55 -36.85
N LYS W 20 -40.83 20.42 -36.80
CA LYS W 20 -41.62 21.33 -35.99
C LYS W 20 -41.32 21.14 -34.51
N GLN W 21 -41.18 19.89 -34.06
CA GLN W 21 -40.89 19.63 -32.65
C GLN W 21 -39.48 20.11 -32.26
N ILE W 22 -38.51 19.96 -33.17
CA ILE W 22 -37.16 20.48 -32.94
C ILE W 22 -37.22 21.96 -32.59
N ASN W 23 -37.99 22.73 -33.35
CA ASN W 23 -38.08 24.16 -33.08
C ASN W 23 -38.73 24.42 -31.74
N MET W 24 -39.76 23.62 -31.38
CA MET W 24 -40.41 23.81 -30.09
C MET W 24 -39.47 23.51 -28.93
N GLU W 25 -38.61 22.50 -29.07
CA GLU W 25 -37.65 22.21 -28.02
C GLU W 25 -36.64 23.34 -27.87
N LEU W 26 -36.17 23.90 -28.99
CA LEU W 26 -35.26 25.03 -28.93
C LEU W 26 -35.93 26.23 -28.26
N TYR W 27 -37.20 26.47 -28.59
CA TYR W 27 -37.95 27.55 -27.96
C TYR W 27 -38.02 27.35 -26.45
N ALA W 28 -38.35 26.14 -26.01
CA ALA W 28 -38.39 25.88 -24.58
C ALA W 28 -37.03 26.12 -23.93
N SER W 29 -35.96 25.69 -24.59
CA SER W 29 -34.62 25.97 -24.09
C SER W 29 -34.40 27.47 -23.89
N TYR W 30 -34.86 28.29 -24.83
CA TYR W 30 -34.68 29.73 -24.74
C TYR W 30 -35.50 30.33 -23.60
N VAL W 31 -36.73 29.87 -23.42
CA VAL W 31 -37.53 30.32 -22.26
C VAL W 31 -36.76 30.07 -20.97
N TYR W 32 -36.22 28.86 -20.82
CA TYR W 32 -35.53 28.52 -19.58
C TYR W 32 -34.25 29.34 -19.42
N GLN W 33 -33.56 29.60 -20.53
CA GLN W 33 -32.40 30.46 -20.44
C GLN W 33 -32.78 31.86 -19.96
N SER W 34 -33.90 32.38 -20.46
CA SER W 34 -34.40 33.67 -19.98
C SER W 34 -34.71 33.63 -18.50
N MET W 35 -35.37 32.56 -18.04
CA MET W 35 -35.69 32.47 -16.61
C MET W 35 -34.42 32.35 -15.77
N TYR W 36 -33.46 31.57 -16.25
CA TYR W 36 -32.16 31.47 -15.60
C TYR W 36 -31.58 32.86 -15.33
N MET W 37 -31.44 33.67 -16.38
CA MET W 37 -30.83 34.98 -16.20
C MET W 37 -31.75 35.95 -15.47
N TYR W 38 -33.06 35.72 -15.50
CA TYR W 38 -33.95 36.53 -14.68
C TYR W 38 -33.67 36.31 -13.19
N PHE W 39 -33.60 35.05 -12.76
CA PHE W 39 -33.32 34.79 -11.36
C PHE W 39 -31.90 35.14 -10.96
N ASP W 40 -31.01 35.33 -11.96
CA ASP W 40 -29.65 35.84 -11.76
C ASP W 40 -29.61 37.36 -11.58
N ARG W 41 -30.72 38.07 -11.81
CA ARG W 41 -30.71 39.53 -11.65
C ARG W 41 -30.40 39.92 -10.21
N ASP W 42 -29.71 41.06 -10.04
CA ASP W 42 -29.36 41.53 -8.70
C ASP W 42 -30.60 41.81 -7.86
N ASP W 43 -31.73 42.17 -8.48
CA ASP W 43 -32.96 42.48 -7.77
C ASP W 43 -33.90 41.29 -7.67
N VAL W 44 -33.45 40.10 -8.06
CA VAL W 44 -34.18 38.85 -7.84
C VAL W 44 -33.31 37.95 -6.96
N ALA W 45 -32.14 37.57 -7.47
CA ALA W 45 -31.04 37.06 -6.66
C ALA W 45 -31.42 35.78 -5.91
N LEU W 46 -31.98 34.80 -6.64
CA LEU W 46 -32.25 33.47 -6.09
C LEU W 46 -31.41 32.50 -6.90
N PRO W 47 -30.19 32.21 -6.44
CA PRO W 47 -29.21 31.55 -7.33
C PRO W 47 -29.46 30.08 -7.57
N SER W 48 -30.15 29.36 -6.68
CA SER W 48 -30.44 27.96 -6.98
C SER W 48 -31.65 27.81 -7.90
N PHE W 49 -32.64 28.71 -7.81
CA PHE W 49 -33.63 28.81 -8.88
C PHE W 49 -32.94 29.06 -10.21
N ALA W 50 -32.02 30.02 -10.24
CA ALA W 50 -31.29 30.32 -11.47
C ALA W 50 -30.63 29.06 -12.03
N LYS W 51 -29.91 28.30 -11.18
CA LYS W 51 -29.24 27.10 -11.67
C LYS W 51 -30.23 26.04 -12.12
N TYR W 52 -31.39 25.94 -11.45
CA TYR W 52 -32.43 25.02 -11.90
C TYR W 52 -32.85 25.32 -13.33
N PHE W 53 -33.12 26.60 -13.65
CA PHE W 53 -33.53 26.92 -15.00
C PHE W 53 -32.38 26.80 -16.00
N LYS W 54 -31.15 27.08 -15.56
CA LYS W 54 -29.99 26.81 -16.42
C LYS W 54 -29.93 25.35 -16.82
N HIS W 55 -30.14 24.44 -15.86
CA HIS W 55 -30.14 23.01 -16.16
C HIS W 55 -31.31 22.62 -17.06
N ASN W 56 -32.50 23.16 -16.80
CA ASN W 56 -33.64 22.89 -17.68
C ASN W 56 -33.38 23.36 -19.09
N SER W 57 -32.71 24.51 -19.24
CA SER W 57 -32.41 25.04 -20.56
C SER W 57 -31.46 24.11 -21.30
N GLU W 58 -30.46 23.58 -20.59
CA GLU W 58 -29.55 22.63 -21.22
C GLU W 58 -30.28 21.35 -21.59
N GLU W 59 -31.18 20.87 -20.72
CA GLU W 59 -31.90 19.64 -21.02
C GLU W 59 -32.76 19.79 -22.28
N GLU W 60 -33.44 20.94 -22.43
CA GLU W 60 -34.27 21.16 -23.61
C GLU W 60 -33.43 21.22 -24.88
N ARG W 61 -32.26 21.84 -24.80
CA ARG W 61 -31.35 21.82 -25.95
C ARG W 61 -30.97 20.39 -26.31
N GLU W 62 -30.75 19.55 -25.29
CA GLU W 62 -30.41 18.16 -25.59
C GLU W 62 -31.60 17.42 -26.18
N HIS W 63 -32.82 17.71 -25.72
CA HIS W 63 -34.01 17.14 -26.37
C HIS W 63 -34.04 17.51 -27.84
N ALA W 64 -33.77 18.78 -28.15
CA ALA W 64 -33.77 19.23 -29.54
C ALA W 64 -32.71 18.49 -30.35
N GLU W 65 -31.51 18.35 -29.79
CA GLU W 65 -30.44 17.73 -30.56
C GLU W 65 -30.67 16.23 -30.75
N LYS W 66 -31.30 15.58 -29.78
CA LYS W 66 -31.65 14.17 -29.93
C LYS W 66 -32.66 13.97 -31.06
N LEU W 67 -33.59 14.90 -31.21
CA LEU W 67 -34.53 14.84 -32.33
C LEU W 67 -33.84 15.13 -33.65
N MET W 68 -32.90 16.06 -33.65
CA MET W 68 -32.12 16.30 -34.86
C MET W 68 -31.35 15.05 -35.27
N LYS W 69 -30.74 14.37 -34.31
CA LYS W 69 -30.04 13.14 -34.62
C LYS W 69 -31.00 12.08 -35.13
N TYR W 70 -32.21 12.02 -34.56
CA TYR W 70 -33.18 11.04 -35.00
C TYR W 70 -33.63 11.30 -36.43
N GLN W 71 -33.88 12.56 -36.76
CA GLN W 71 -34.19 12.97 -38.14
C GLN W 71 -33.13 12.44 -39.10
N ASN W 72 -31.85 12.71 -38.82
CA ASN W 72 -30.78 12.22 -39.69
C ASN W 72 -30.78 10.70 -39.75
N LYS W 73 -30.97 10.03 -38.61
CA LYS W 73 -30.89 8.56 -38.57
C LYS W 73 -31.94 7.93 -39.47
N ARG W 74 -33.13 8.50 -39.53
CA ARG W 74 -34.20 7.95 -40.35
C ARG W 74 -34.10 8.40 -41.80
N GLY W 75 -33.15 9.27 -42.13
CA GLY W 75 -33.03 9.77 -43.48
C GLY W 75 -33.84 11.02 -43.76
N GLY W 76 -34.40 11.65 -42.73
CA GLY W 76 -35.01 12.95 -42.91
C GLY W 76 -33.96 14.04 -43.01
N ARG W 77 -34.42 15.24 -43.34
CA ARG W 77 -33.54 16.39 -43.49
C ARG W 77 -33.99 17.47 -42.53
N ILE W 78 -33.08 17.88 -41.66
CA ILE W 78 -33.38 18.92 -40.68
C ILE W 78 -33.56 20.26 -41.40
N VAL W 79 -34.68 20.92 -41.12
CA VAL W 79 -34.93 22.27 -41.61
C VAL W 79 -35.20 23.14 -40.39
N LEU W 80 -34.25 24.03 -40.07
CA LEU W 80 -34.36 24.87 -38.90
C LEU W 80 -35.20 26.11 -39.19
N GLN W 81 -35.81 26.66 -38.14
CA GLN W 81 -36.57 27.89 -38.22
C GLN W 81 -36.08 28.84 -37.14
N ASP W 82 -36.43 30.11 -37.25
CA ASP W 82 -36.09 31.06 -36.20
C ASP W 82 -36.56 30.54 -34.86
N ILE W 83 -35.76 30.79 -33.82
CA ILE W 83 -36.16 30.48 -32.45
C ILE W 83 -36.77 31.76 -31.87
N GLN W 84 -38.08 31.75 -31.64
CA GLN W 84 -38.75 32.97 -31.18
C GLN W 84 -38.34 33.33 -29.75
N LYS W 85 -38.20 34.62 -29.47
CA LYS W 85 -37.88 35.05 -28.12
C LYS W 85 -39.04 34.70 -27.18
N PRO W 86 -38.75 34.52 -25.89
CA PRO W 86 -39.82 34.16 -24.95
C PRO W 86 -40.89 35.24 -24.88
N ASP W 87 -42.05 34.85 -24.36
CA ASP W 87 -43.21 35.74 -24.35
C ASP W 87 -43.03 36.93 -23.42
N LEU W 88 -42.25 36.78 -22.36
CA LEU W 88 -42.00 37.83 -21.39
C LEU W 88 -40.50 38.07 -21.25
N ASP W 89 -40.13 39.26 -20.80
CA ASP W 89 -38.74 39.55 -20.44
C ASP W 89 -38.45 39.29 -18.97
N GLU W 90 -39.48 39.25 -18.14
CA GLU W 90 -39.32 38.98 -16.73
C GLU W 90 -40.48 38.12 -16.27
N TRP W 91 -40.24 37.32 -15.23
CA TRP W 91 -41.08 36.16 -14.95
C TRP W 91 -41.76 36.19 -13.59
N GLY W 92 -41.70 37.32 -12.88
CA GLY W 92 -42.45 37.46 -11.63
C GLY W 92 -41.83 36.72 -10.46
N SER W 93 -42.67 36.16 -9.60
CA SER W 93 -42.20 35.45 -8.42
C SER W 93 -41.75 34.05 -8.79
N PRO W 94 -41.03 33.37 -7.89
CA PRO W 94 -40.74 31.95 -8.13
C PRO W 94 -42.00 31.14 -8.42
N LEU W 95 -43.09 31.39 -7.68
CA LEU W 95 -44.32 30.63 -7.94
C LEU W 95 -44.84 30.90 -9.35
N GLU W 96 -44.88 32.17 -9.76
CA GLU W 96 -45.34 32.50 -11.10
C GLU W 96 -44.46 31.88 -12.18
N ALA W 97 -43.14 31.90 -11.99
CA ALA W 97 -42.26 31.29 -12.98
C ALA W 97 -42.51 29.79 -13.09
N MET W 98 -42.78 29.13 -11.96
CA MET W 98 -43.03 27.70 -12.01
C MET W 98 -44.37 27.39 -12.67
N GLN W 99 -45.38 28.22 -12.41
CA GLN W 99 -46.66 28.06 -13.10
C GLN W 99 -46.49 28.24 -14.60
N THR W 100 -45.68 29.20 -15.02
CA THR W 100 -45.38 29.33 -16.44
C THR W 100 -44.70 28.09 -16.99
N THR W 101 -43.77 27.53 -16.23
CA THR W 101 -43.05 26.34 -16.66
C THR W 101 -43.99 25.16 -16.83
N LEU W 102 -44.96 25.01 -15.93
CA LEU W 102 -45.92 23.92 -16.06
C LEU W 102 -46.70 24.04 -17.35
N ALA W 103 -47.18 25.26 -17.67
CA ALA W 103 -47.92 25.45 -18.91
C ALA W 103 -47.04 25.16 -20.11
N LEU W 104 -45.77 25.57 -20.06
CA LEU W 104 -44.86 25.29 -21.17
C LEU W 104 -44.66 23.78 -21.34
N GLU W 105 -44.39 23.06 -20.25
CA GLU W 105 -44.11 21.64 -20.38
C GLU W 105 -45.35 20.86 -20.83
N LYS W 106 -46.55 21.31 -20.43
CA LYS W 106 -47.76 20.67 -20.93
C LYS W 106 -47.98 20.96 -22.40
N SER W 107 -47.63 22.18 -22.83
CA SER W 107 -47.71 22.49 -24.25
C SER W 107 -46.75 21.61 -25.05
N VAL W 108 -45.52 21.45 -24.57
CA VAL W 108 -44.57 20.56 -25.24
C VAL W 108 -45.07 19.12 -25.23
N ASN W 109 -45.68 18.70 -24.13
CA ASN W 109 -46.21 17.34 -24.05
C ASN W 109 -47.33 17.12 -25.07
N GLN W 110 -48.26 18.08 -25.19
CA GLN W 110 -49.31 17.91 -26.18
C GLN W 110 -48.73 17.85 -27.60
N ALA W 111 -47.72 18.65 -27.87
CA ALA W 111 -47.09 18.60 -29.19
C ALA W 111 -46.48 17.23 -29.45
N LEU W 112 -45.85 16.63 -28.43
CA LEU W 112 -45.25 15.31 -28.60
C LEU W 112 -46.32 14.25 -28.82
N LEU W 113 -47.42 14.33 -28.06
CA LEU W 113 -48.52 13.39 -28.27
C LEU W 113 -49.09 13.54 -29.68
N ASP W 114 -49.22 14.78 -30.17
CA ASP W 114 -49.68 14.98 -31.54
C ASP W 114 -48.70 14.39 -32.55
N LEU W 115 -47.39 14.54 -32.30
CA LEU W 115 -46.39 13.95 -33.19
C LEU W 115 -46.47 12.43 -33.16
N HIS W 116 -46.70 11.86 -31.97
CA HIS W 116 -46.88 10.42 -31.85
C HIS W 116 -48.05 9.95 -32.70
N LYS W 117 -49.15 10.72 -32.73
CA LYS W 117 -50.32 10.36 -33.54
C LYS W 117 -49.98 10.34 -35.03
N ILE W 118 -49.13 11.27 -35.48
CA ILE W 118 -48.69 11.25 -36.87
C ILE W 118 -47.93 9.96 -37.17
N ALA W 119 -47.01 9.59 -36.26
CA ALA W 119 -46.26 8.34 -36.45
C ALA W 119 -47.21 7.15 -36.47
N ASP W 120 -48.17 7.12 -35.54
CA ASP W 120 -49.16 6.05 -35.51
C ASP W 120 -49.95 6.01 -36.81
N LYS W 121 -50.41 7.17 -37.28
CA LYS W 121 -51.19 7.23 -38.51
C LYS W 121 -50.47 6.53 -39.66
N HIS W 122 -49.15 6.61 -39.69
CA HIS W 122 -48.37 6.09 -40.81
C HIS W 122 -47.68 4.79 -40.47
N GLY W 123 -48.09 4.12 -39.40
CA GLY W 123 -47.53 2.82 -39.05
C GLY W 123 -46.07 2.87 -38.72
N ASP W 124 -45.56 4.00 -38.21
CA ASP W 124 -44.14 4.12 -37.92
C ASP W 124 -43.90 3.60 -36.52
N ALA W 125 -43.81 2.27 -36.41
CA ALA W 125 -43.67 1.63 -35.10
C ALA W 125 -42.42 2.08 -34.36
N GLN W 126 -41.32 2.24 -35.09
CA GLN W 126 -40.07 2.60 -34.43
C GLN W 126 -40.10 4.03 -33.92
N MET W 127 -40.66 4.95 -34.71
CA MET W 127 -40.78 6.33 -34.26
C MET W 127 -41.67 6.44 -33.02
N MET W 128 -42.79 5.72 -33.00
CA MET W 128 -43.65 5.71 -31.82
C MET W 128 -42.86 5.27 -30.57
N ASP W 129 -42.09 4.19 -30.70
CA ASP W 129 -41.32 3.70 -29.55
C ASP W 129 -40.22 4.69 -29.16
N PHE W 130 -39.56 5.31 -30.15
CA PHE W 130 -38.59 6.35 -29.85
C PHE W 130 -39.22 7.49 -29.06
N LEU W 131 -40.37 7.98 -29.52
CA LEU W 131 -41.05 9.08 -28.80
C LEU W 131 -41.48 8.65 -27.41
N GLU W 132 -42.08 7.46 -27.28
CA GLU W 132 -42.56 7.02 -25.98
C GLU W 132 -41.42 6.95 -24.97
N GLY W 133 -40.33 6.28 -25.33
CA GLY W 133 -39.28 6.03 -24.36
C GLY W 133 -38.40 7.22 -24.11
N GLU W 134 -38.15 8.03 -25.14
CA GLU W 134 -37.21 9.13 -25.02
C GLU W 134 -37.87 10.47 -24.74
N TYR W 135 -39.19 10.60 -24.96
CA TYR W 135 -39.83 11.91 -24.79
C TYR W 135 -41.05 11.86 -23.88
N LEU W 136 -41.99 10.96 -24.16
CA LEU W 136 -43.23 10.98 -23.40
C LEU W 136 -43.00 10.64 -21.93
N LYS W 137 -42.14 9.66 -21.65
CA LYS W 137 -41.83 9.32 -20.26
C LYS W 137 -41.24 10.51 -19.52
N GLU W 138 -40.24 11.16 -20.13
CA GLU W 138 -39.61 12.31 -19.50
C GLU W 138 -40.60 13.45 -19.24
N GLN W 139 -41.55 13.67 -20.16
CA GLN W 139 -42.51 14.75 -19.97
C GLN W 139 -43.40 14.49 -18.77
N VAL W 140 -43.84 13.24 -18.58
CA VAL W 140 -44.67 12.93 -17.42
C VAL W 140 -43.90 13.18 -16.13
N ASP W 141 -42.63 12.79 -16.09
CA ASP W 141 -41.81 13.05 -14.89
C ASP W 141 -41.67 14.55 -14.65
N ALA W 142 -41.38 15.31 -15.72
CA ALA W 142 -41.14 16.74 -15.58
C ALA W 142 -42.40 17.46 -15.11
N ILE W 143 -43.56 17.10 -15.67
CA ILE W 143 -44.81 17.74 -15.29
C ILE W 143 -45.11 17.48 -13.82
N GLU W 144 -44.86 16.26 -13.33
CA GLU W 144 -45.12 15.99 -11.92
C GLU W 144 -44.14 16.74 -11.04
N GLU W 145 -42.88 16.80 -11.45
CA GLU W 145 -41.88 17.52 -10.67
C GLU W 145 -42.23 19.00 -10.55
N ILE W 146 -42.68 19.61 -11.64
CA ILE W 146 -43.07 21.03 -11.59
C ILE W 146 -44.30 21.21 -10.73
N SER W 147 -45.25 20.29 -10.82
CA SER W 147 -46.42 20.35 -9.95
C SER W 147 -46.03 20.33 -8.48
N ASP W 148 -45.07 19.48 -8.12
CA ASP W 148 -44.55 19.47 -6.75
C ASP W 148 -43.98 20.83 -6.35
N HIS W 149 -43.21 21.46 -7.24
CA HIS W 149 -42.63 22.78 -6.92
C HIS W 149 -43.71 23.81 -6.66
N ILE W 150 -44.75 23.84 -7.51
CA ILE W 150 -45.83 24.81 -7.35
C ILE W 150 -46.50 24.62 -5.99
N THR W 151 -46.82 23.37 -5.65
CA THR W 151 -47.44 23.09 -4.36
C THR W 151 -46.56 23.57 -3.21
N ASN W 152 -45.27 23.26 -3.25
CA ASN W 152 -44.40 23.69 -2.15
C ASN W 152 -44.25 25.20 -2.10
N LEU W 153 -44.20 25.86 -3.27
CA LEU W 153 -44.09 27.31 -3.27
C LEU W 153 -45.35 27.95 -2.70
N LYS W 154 -46.52 27.37 -2.97
CA LYS W 154 -47.73 27.87 -2.32
C LYS W 154 -47.70 27.65 -0.81
N ARG W 155 -47.16 26.49 -0.39
CA ARG W 155 -47.09 26.19 1.04
C ARG W 155 -46.19 27.17 1.78
N VAL W 156 -44.99 27.45 1.25
CA VAL W 156 -44.03 28.25 2.00
C VAL W 156 -44.31 29.74 1.94
N GLY W 157 -45.07 30.22 0.94
CA GLY W 157 -45.42 31.62 0.86
C GLY W 157 -44.26 32.48 0.35
N THR W 158 -44.50 33.78 0.32
CA THR W 158 -43.51 34.73 -0.18
C THR W 158 -42.57 35.19 0.95
N GLY W 159 -41.42 35.70 0.55
CA GLY W 159 -40.44 36.23 1.50
C GLY W 159 -39.48 35.15 1.96
N LEU W 160 -39.43 34.92 3.28
CA LEU W 160 -38.52 33.91 3.82
C LEU W 160 -38.77 32.55 3.18
N GLY W 161 -40.03 32.22 2.89
CA GLY W 161 -40.34 30.94 2.28
C GLY W 161 -39.67 30.74 0.93
N GLU W 162 -39.66 31.77 0.09
CA GLU W 162 -38.98 31.64 -1.20
C GLU W 162 -37.49 31.45 -1.02
N TYR W 163 -36.91 32.19 -0.07
CA TYR W 163 -35.49 32.06 0.19
C TYR W 163 -35.14 30.66 0.67
N MET W 164 -35.93 30.13 1.61
CA MET W 164 -35.64 28.79 2.13
C MET W 164 -35.86 27.71 1.07
N TYR W 165 -36.84 27.88 0.20
CA TYR W 165 -37.04 26.90 -0.86
C TYR W 165 -35.85 26.88 -1.81
N ASP W 166 -35.31 28.06 -2.11
CA ASP W 166 -34.07 28.15 -2.87
C ASP W 166 -32.95 27.36 -2.20
N LYS W 167 -32.81 27.50 -0.88
CA LYS W 167 -31.69 26.87 -0.18
C LYS W 167 -31.90 25.37 0.05
N GLU W 168 -33.14 24.93 0.25
CA GLU W 168 -33.41 23.58 0.72
C GLU W 168 -33.80 22.61 -0.38
N THR W 169 -34.61 23.05 -1.34
CA THR W 169 -35.05 22.18 -2.42
C THR W 169 -34.29 22.43 -3.71
N MET W 170 -34.20 23.68 -4.15
CA MET W 170 -33.59 23.97 -5.44
C MET W 170 -32.08 23.78 -5.43
N SER W 171 -31.46 23.68 -4.26
CA SER W 171 -30.06 23.32 -4.18
C SER W 171 -29.87 21.81 -4.30
N GLN X 3 -32.28 53.99 -10.66
CA GLN X 3 -31.35 53.06 -11.30
C GLN X 3 -31.30 51.72 -10.57
N THR X 4 -30.76 50.70 -11.23
CA THR X 4 -30.55 49.42 -10.57
C THR X 4 -29.39 49.54 -9.58
N GLN X 5 -29.43 48.70 -8.55
CA GLN X 5 -28.46 48.77 -7.46
C GLN X 5 -27.00 48.81 -7.93
N PRO X 6 -26.57 47.95 -8.84
CA PRO X 6 -25.13 47.93 -9.19
C PRO X 6 -24.70 49.09 -10.05
N ARG X 7 -25.64 49.78 -10.71
CA ARG X 7 -25.26 50.59 -11.87
C ARG X 7 -24.28 51.70 -11.49
N GLN X 8 -23.16 51.76 -12.22
CA GLN X 8 -22.16 52.80 -12.00
C GLN X 8 -21.28 52.87 -13.25
N ASN X 9 -21.20 54.06 -13.85
CA ASN X 9 -20.38 54.29 -15.03
C ASN X 9 -20.78 53.38 -16.18
N PHE X 10 -22.08 53.10 -16.30
CA PHE X 10 -22.61 52.15 -17.29
C PHE X 10 -23.66 52.85 -18.14
N HIS X 11 -23.31 53.15 -19.39
CA HIS X 11 -24.17 53.96 -20.25
C HIS X 11 -25.24 53.10 -20.92
N VAL X 12 -26.41 53.69 -21.17
CA VAL X 12 -27.49 52.93 -21.79
C VAL X 12 -27.09 52.46 -23.19
N GLU X 13 -26.21 53.19 -23.88
CA GLU X 13 -25.76 52.73 -25.19
C GLU X 13 -24.94 51.45 -25.08
N SER X 14 -24.11 51.34 -24.03
CA SER X 14 -23.35 50.11 -23.80
C SER X 14 -24.26 48.96 -23.45
N GLU X 15 -25.25 49.21 -22.59
CA GLU X 15 -26.25 48.22 -22.24
C GLU X 15 -26.97 47.70 -23.49
N ALA X 16 -27.38 48.61 -24.37
CA ALA X 16 -28.03 48.20 -25.61
C ALA X 16 -27.09 47.39 -26.49
N GLY X 17 -25.82 47.80 -26.56
CA GLY X 17 -24.88 47.08 -27.41
C GLY X 17 -24.59 45.69 -26.91
N ILE X 18 -24.58 45.51 -25.59
CA ILE X 18 -24.42 44.17 -25.03
C ILE X 18 -25.61 43.30 -25.40
N ASN X 19 -26.83 43.84 -25.34
CA ASN X 19 -27.97 43.03 -25.75
C ASN X 19 -27.87 42.61 -27.21
N LYS X 20 -27.38 43.52 -28.07
CA LYS X 20 -27.22 43.16 -29.47
C LYS X 20 -26.16 42.08 -29.64
N GLN X 21 -25.05 42.18 -28.89
CA GLN X 21 -24.00 41.18 -29.01
C GLN X 21 -24.45 39.82 -28.48
N ILE X 22 -25.25 39.80 -27.41
CA ILE X 22 -25.81 38.55 -26.91
C ILE X 22 -26.55 37.81 -28.02
N ASN X 23 -27.37 38.54 -28.79
CA ASN X 23 -28.12 37.89 -29.86
C ASN X 23 -27.18 37.36 -30.94
N MET X 24 -26.13 38.11 -31.26
CA MET X 24 -25.21 37.67 -32.30
C MET X 24 -24.46 36.41 -31.88
N GLU X 25 -24.07 36.32 -30.61
CA GLU X 25 -23.44 35.11 -30.11
C GLU X 25 -24.38 33.91 -30.21
N LEU X 26 -25.65 34.09 -29.83
CA LEU X 26 -26.64 33.03 -29.96
C LEU X 26 -26.88 32.67 -31.41
N TYR X 27 -26.93 33.67 -32.29
CA TYR X 27 -27.01 33.40 -33.72
C TYR X 27 -25.83 32.53 -34.16
N ALA X 28 -24.61 32.90 -33.75
CA ALA X 28 -23.44 32.11 -34.15
C ALA X 28 -23.55 30.67 -33.64
N SER X 29 -24.01 30.51 -32.39
CA SER X 29 -24.23 29.17 -31.85
C SER X 29 -25.16 28.34 -32.72
N TYR X 30 -26.23 28.97 -33.22
CA TYR X 30 -27.20 28.28 -34.06
C TYR X 30 -26.60 27.89 -35.40
N VAL X 31 -25.81 28.77 -36.01
CA VAL X 31 -25.11 28.41 -37.25
C VAL X 31 -24.28 27.15 -37.04
N TYR X 32 -23.48 27.13 -35.97
CA TYR X 32 -22.60 25.98 -35.73
C TYR X 32 -23.40 24.72 -35.44
N GLN X 33 -24.54 24.85 -34.74
CA GLN X 33 -25.41 23.69 -34.53
C GLN X 33 -25.91 23.14 -35.85
N SER X 34 -26.27 24.02 -36.78
CA SER X 34 -26.67 23.56 -38.11
C SER X 34 -25.53 22.85 -38.83
N MET X 35 -24.32 23.42 -38.76
CA MET X 35 -23.19 22.75 -39.40
C MET X 35 -22.91 21.40 -38.75
N TYR X 36 -22.96 21.34 -37.42
CA TYR X 36 -22.84 20.08 -36.70
C TYR X 36 -23.76 19.01 -37.29
N MET X 37 -25.06 19.33 -37.38
CA MET X 37 -26.02 18.33 -37.85
C MET X 37 -25.92 18.10 -39.34
N TYR X 38 -25.36 19.05 -40.10
CA TYR X 38 -25.12 18.81 -41.52
C TYR X 38 -24.02 17.76 -41.73
N PHE X 39 -22.91 17.89 -40.98
CA PHE X 39 -21.85 16.89 -41.12
C PHE X 39 -22.23 15.56 -40.48
N ASP X 40 -23.30 15.52 -39.69
CA ASP X 40 -23.88 14.29 -39.15
C ASP X 40 -24.79 13.58 -40.15
N ARG X 41 -25.13 14.20 -41.28
CA ARG X 41 -26.00 13.57 -42.26
C ARG X 41 -25.35 12.31 -42.83
N ASP X 42 -26.18 11.31 -43.15
CA ASP X 42 -25.66 10.05 -43.68
C ASP X 42 -24.93 10.23 -45.00
N ASP X 43 -25.29 11.25 -45.78
CA ASP X 43 -24.64 11.51 -47.05
C ASP X 43 -23.53 12.55 -46.95
N VAL X 44 -23.10 12.89 -45.74
CA VAL X 44 -21.92 13.72 -45.53
C VAL X 44 -20.95 12.91 -44.68
N ALA X 45 -21.36 12.56 -43.46
CA ALA X 45 -20.75 11.49 -42.68
C ALA X 45 -19.29 11.74 -42.37
N LEU X 46 -18.99 12.95 -41.89
CA LEU X 46 -17.67 13.30 -41.38
C LEU X 46 -17.82 13.59 -39.89
N PRO X 47 -17.64 12.59 -39.02
CA PRO X 47 -18.08 12.74 -37.62
C PRO X 47 -17.16 13.61 -36.77
N SER X 48 -15.90 13.76 -37.12
CA SER X 48 -15.07 14.68 -36.34
C SER X 48 -15.31 16.13 -36.74
N PHE X 49 -15.56 16.40 -38.02
CA PHE X 49 -16.08 17.71 -38.40
C PHE X 49 -17.37 18.01 -37.63
N ALA X 50 -18.27 17.03 -37.58
CA ALA X 50 -19.51 17.21 -36.82
C ALA X 50 -19.21 17.62 -35.38
N LYS X 51 -18.30 16.89 -34.71
CA LYS X 51 -18.02 17.17 -33.30
C LYS X 51 -17.34 18.52 -33.13
N TYR X 52 -16.52 18.92 -34.09
CA TYR X 52 -15.90 20.24 -34.04
C TYR X 52 -16.95 21.34 -34.03
N PHE X 53 -17.96 21.23 -34.88
CA PHE X 53 -19.01 22.26 -34.92
C PHE X 53 -19.93 22.15 -33.71
N LYS X 54 -20.15 20.94 -33.20
CA LYS X 54 -20.86 20.77 -31.93
C LYS X 54 -20.16 21.56 -30.83
N HIS X 55 -18.84 21.42 -30.73
CA HIS X 55 -18.08 22.12 -29.69
C HIS X 55 -18.15 23.63 -29.89
N ASN X 56 -17.99 24.09 -31.13
CA ASN X 56 -18.06 25.54 -31.36
C ASN X 56 -19.45 26.10 -31.07
N SER X 57 -20.49 25.32 -31.35
CA SER X 57 -21.84 25.77 -30.97
C SER X 57 -21.95 25.98 -29.46
N GLU X 58 -21.40 25.05 -28.68
CA GLU X 58 -21.42 25.19 -27.22
C GLU X 58 -20.58 26.38 -26.77
N GLU X 59 -19.42 26.59 -27.39
CA GLU X 59 -18.60 27.74 -27.01
C GLU X 59 -19.34 29.05 -27.26
N GLU X 60 -20.05 29.15 -28.40
CA GLU X 60 -20.77 30.39 -28.68
C GLU X 60 -21.92 30.60 -27.71
N ARG X 61 -22.58 29.50 -27.29
CA ARG X 61 -23.59 29.63 -26.27
C ARG X 61 -22.98 30.13 -24.97
N GLU X 62 -21.78 29.64 -24.63
CA GLU X 62 -21.08 30.12 -23.44
C GLU X 62 -20.70 31.59 -23.58
N HIS X 63 -20.24 32.00 -24.76
CA HIS X 63 -19.98 33.43 -24.98
C HIS X 63 -21.21 34.27 -24.71
N ALA X 64 -22.37 33.81 -25.19
CA ALA X 64 -23.59 34.58 -24.99
C ALA X 64 -23.97 34.64 -23.51
N GLU X 65 -23.85 33.53 -22.80
CA GLU X 65 -24.22 33.52 -21.39
C GLU X 65 -23.27 34.35 -20.55
N LYS X 66 -21.97 34.38 -20.90
CA LYS X 66 -21.05 35.24 -20.17
C LYS X 66 -21.42 36.72 -20.35
N LEU X 67 -21.88 37.11 -21.54
CA LEU X 67 -22.33 38.48 -21.74
C LEU X 67 -23.63 38.77 -20.99
N MET X 68 -24.54 37.79 -20.92
CA MET X 68 -25.74 37.95 -20.13
C MET X 68 -25.41 38.16 -18.65
N LYS X 69 -24.48 37.35 -18.13
CA LYS X 69 -24.03 37.53 -16.74
C LYS X 69 -23.38 38.89 -16.55
N TYR X 70 -22.58 39.33 -17.53
CA TYR X 70 -21.97 40.66 -17.44
C TYR X 70 -23.02 41.76 -17.42
N GLN X 71 -24.02 41.65 -18.31
CA GLN X 71 -25.11 42.62 -18.31
C GLN X 71 -25.73 42.74 -16.91
N ASN X 72 -26.08 41.61 -16.31
CA ASN X 72 -26.64 41.62 -14.96
C ASN X 72 -25.67 42.21 -13.96
N LYS X 73 -24.37 41.86 -14.07
CA LYS X 73 -23.39 42.31 -13.10
C LYS X 73 -23.30 43.84 -13.07
N ARG X 74 -23.39 44.46 -14.24
CA ARG X 74 -23.29 45.91 -14.33
C ARG X 74 -24.61 46.60 -14.02
N GLY X 75 -25.68 45.86 -13.79
CA GLY X 75 -26.99 46.45 -13.58
C GLY X 75 -27.78 46.73 -14.84
N GLY X 76 -27.32 46.22 -15.98
CA GLY X 76 -28.14 46.28 -17.18
C GLY X 76 -29.24 45.25 -17.11
N ARG X 77 -30.17 45.34 -18.06
CA ARG X 77 -31.28 44.40 -18.14
C ARG X 77 -31.22 43.69 -19.49
N ILE X 78 -31.14 42.37 -19.43
CA ILE X 78 -31.10 41.53 -20.62
C ILE X 78 -32.43 41.62 -21.35
N VAL X 79 -32.37 41.91 -22.64
CA VAL X 79 -33.56 41.89 -23.49
C VAL X 79 -33.25 40.97 -24.66
N LEU X 80 -33.93 39.84 -24.71
CA LEU X 80 -33.65 38.84 -25.73
C LEU X 80 -34.44 39.13 -26.99
N GLN X 81 -33.89 38.72 -28.13
CA GLN X 81 -34.57 38.83 -29.41
C GLN X 81 -34.59 37.45 -30.06
N ASP X 82 -35.42 37.30 -31.09
CA ASP X 82 -35.45 36.04 -31.81
C ASP X 82 -34.05 35.66 -32.28
N ILE X 83 -33.78 34.37 -32.30
CA ILE X 83 -32.54 33.84 -32.87
C ILE X 83 -32.85 33.44 -34.30
N GLN X 84 -32.36 34.25 -35.23
CA GLN X 84 -32.62 34.02 -36.64
C GLN X 84 -31.97 32.71 -37.11
N LYS X 85 -32.69 31.97 -37.95
CA LYS X 85 -32.13 30.74 -38.48
C LYS X 85 -30.95 31.04 -39.41
N PRO X 86 -30.05 30.08 -39.58
CA PRO X 86 -28.90 30.31 -40.46
C PRO X 86 -29.30 30.55 -41.91
N ASP X 87 -28.37 31.12 -42.67
CA ASP X 87 -28.65 31.52 -44.05
C ASP X 87 -28.89 30.33 -44.96
N LEU X 88 -28.26 29.20 -44.69
CA LEU X 88 -28.38 28.00 -45.51
C LEU X 88 -28.85 26.83 -44.66
N ASP X 89 -29.44 25.83 -45.31
CA ASP X 89 -29.77 24.57 -44.65
C ASP X 89 -28.66 23.53 -44.81
N GLU X 90 -27.77 23.72 -45.78
CA GLU X 90 -26.67 22.79 -46.02
C GLU X 90 -25.45 23.62 -46.44
N TRP X 91 -24.27 23.10 -46.13
CA TRP X 91 -23.08 23.93 -46.05
C TRP X 91 -21.96 23.51 -47.00
N GLY X 92 -22.24 22.63 -47.96
CA GLY X 92 -21.24 22.32 -48.97
C GLY X 92 -20.13 21.41 -48.46
N SER X 93 -18.93 21.60 -49.01
CA SER X 93 -17.78 20.79 -48.63
C SER X 93 -17.21 21.25 -47.29
N PRO X 94 -16.36 20.43 -46.66
CA PRO X 94 -15.64 20.90 -45.46
C PRO X 94 -14.91 22.22 -45.71
N LEU X 95 -14.24 22.37 -46.85
CA LEU X 95 -13.59 23.65 -47.15
C LEU X 95 -14.60 24.80 -47.17
N GLU X 96 -15.72 24.61 -47.85
CA GLU X 96 -16.73 25.68 -47.92
C GLU X 96 -17.30 26.02 -46.55
N ALA X 97 -17.59 25.01 -45.72
CA ALA X 97 -18.08 25.28 -44.39
C ALA X 97 -17.07 26.04 -43.55
N MET X 98 -15.77 25.72 -43.69
CA MET X 98 -14.75 26.44 -42.94
C MET X 98 -14.62 27.88 -43.42
N GLN X 99 -14.73 28.09 -44.74
CA GLN X 99 -14.72 29.45 -45.27
C GLN X 99 -15.90 30.25 -44.76
N THR X 100 -17.09 29.63 -44.67
CA THR X 100 -18.24 30.28 -44.06
C THR X 100 -17.96 30.65 -42.60
N THR X 101 -17.31 29.74 -41.85
CA THR X 101 -17.08 30.04 -40.44
C THR X 101 -16.06 31.14 -40.26
N LEU X 102 -15.07 31.25 -41.16
CA LEU X 102 -14.16 32.39 -41.07
C LEU X 102 -14.92 33.70 -41.22
N ALA X 103 -15.80 33.77 -42.22
CA ALA X 103 -16.60 34.98 -42.41
C ALA X 103 -17.45 35.27 -41.17
N LEU X 104 -18.05 34.23 -40.58
CA LEU X 104 -18.87 34.45 -39.40
C LEU X 104 -18.04 34.98 -38.23
N GLU X 105 -16.86 34.40 -38.02
CA GLU X 105 -16.07 34.81 -36.86
C GLU X 105 -15.51 36.22 -37.04
N LYS X 106 -15.19 36.62 -38.29
CA LYS X 106 -14.76 38.00 -38.53
C LYS X 106 -15.93 38.98 -38.37
N SER X 107 -17.13 38.56 -38.76
CA SER X 107 -18.30 39.39 -38.49
C SER X 107 -18.52 39.55 -36.99
N VAL X 108 -18.38 38.47 -36.23
CA VAL X 108 -18.52 38.55 -34.77
C VAL X 108 -17.45 39.46 -34.19
N ASN X 109 -16.22 39.34 -34.70
CA ASN X 109 -15.11 40.15 -34.22
C ASN X 109 -15.34 41.63 -34.50
N GLN X 110 -15.81 41.97 -35.71
CA GLN X 110 -16.08 43.38 -36.00
C GLN X 110 -17.15 43.93 -35.08
N ALA X 111 -18.17 43.13 -34.79
CA ALA X 111 -19.21 43.55 -33.85
C ALA X 111 -18.63 43.80 -32.46
N LEU X 112 -17.71 42.94 -32.00
CA LEU X 112 -17.11 43.14 -30.69
C LEU X 112 -16.23 44.38 -30.67
N LEU X 113 -15.47 44.61 -31.75
CA LEU X 113 -14.70 45.83 -31.83
C LEU X 113 -15.60 47.06 -31.81
N ASP X 114 -16.75 47.00 -32.50
CA ASP X 114 -17.67 48.12 -32.46
C ASP X 114 -18.25 48.32 -31.06
N LEU X 115 -18.51 47.22 -30.35
CA LEU X 115 -18.96 47.33 -28.97
C LEU X 115 -17.88 47.94 -28.08
N HIS X 116 -16.63 47.55 -28.30
CA HIS X 116 -15.52 48.14 -27.56
C HIS X 116 -15.48 49.66 -27.77
N LYS X 117 -15.73 50.11 -29.01
CA LYS X 117 -15.73 51.54 -29.28
C LYS X 117 -16.81 52.26 -28.49
N ILE X 118 -18.00 51.65 -28.35
CA ILE X 118 -19.05 52.24 -27.52
C ILE X 118 -18.58 52.39 -26.07
N ALA X 119 -17.99 51.33 -25.52
CA ALA X 119 -17.48 51.40 -24.14
C ALA X 119 -16.44 52.52 -24.02
N ASP X 120 -15.56 52.62 -25.03
CA ASP X 120 -14.50 53.61 -25.00
C ASP X 120 -15.08 55.03 -25.06
N LYS X 121 -16.06 55.23 -25.93
CA LYS X 121 -16.70 56.54 -26.09
C LYS X 121 -17.26 57.04 -24.76
N HIS X 122 -17.79 56.15 -23.93
CA HIS X 122 -18.38 56.52 -22.66
C HIS X 122 -17.45 56.31 -21.47
N GLY X 123 -16.16 56.10 -21.72
CA GLY X 123 -15.21 55.98 -20.64
C GLY X 123 -15.45 54.78 -19.74
N ASP X 124 -15.98 53.69 -20.29
CA ASP X 124 -16.26 52.50 -19.50
C ASP X 124 -15.00 51.63 -19.50
N ALA X 125 -14.08 51.98 -18.59
CA ALA X 125 -12.78 51.33 -18.54
C ALA X 125 -12.90 49.85 -18.23
N GLN X 126 -13.81 49.48 -17.32
CA GLN X 126 -13.94 48.07 -16.95
C GLN X 126 -14.55 47.25 -18.07
N MET X 127 -15.56 47.81 -18.76
CA MET X 127 -16.16 47.09 -19.88
C MET X 127 -15.13 46.85 -20.99
N MET X 128 -14.28 47.84 -21.26
CA MET X 128 -13.25 47.63 -22.28
C MET X 128 -12.32 46.48 -21.90
N ASP X 129 -11.88 46.43 -20.64
CA ASP X 129 -11.02 45.35 -20.21
C ASP X 129 -11.73 44.00 -20.27
N PHE X 130 -12.99 43.95 -19.83
CA PHE X 130 -13.78 42.73 -19.95
C PHE X 130 -13.82 42.25 -21.41
N LEU X 131 -14.13 43.15 -22.34
CA LEU X 131 -14.22 42.72 -23.74
C LEU X 131 -12.86 42.29 -24.27
N GLU X 132 -11.79 43.01 -23.92
CA GLU X 132 -10.48 42.69 -24.45
C GLU X 132 -10.03 41.30 -24.01
N GLY X 133 -10.11 41.04 -22.70
CA GLY X 133 -9.59 39.78 -22.18
C GLY X 133 -10.49 38.59 -22.41
N GLU X 134 -11.81 38.82 -22.42
CA GLU X 134 -12.75 37.71 -22.51
C GLU X 134 -13.31 37.48 -23.91
N TYR X 135 -13.15 38.45 -24.83
CA TYR X 135 -13.74 38.29 -26.16
C TYR X 135 -12.75 38.57 -27.29
N LEU X 136 -12.04 39.69 -27.21
CA LEU X 136 -11.17 40.08 -28.32
C LEU X 136 -10.03 39.10 -28.51
N LYS X 137 -9.41 38.67 -27.40
CA LYS X 137 -8.34 37.71 -27.48
C LYS X 137 -8.83 36.40 -28.10
N GLU X 138 -9.95 35.87 -27.59
CA GLU X 138 -10.50 34.64 -28.13
C GLU X 138 -10.77 34.74 -29.63
N GLN X 139 -11.27 35.90 -30.10
CA GLN X 139 -11.59 36.03 -31.51
C GLN X 139 -10.35 35.96 -32.40
N VAL X 140 -9.25 36.60 -32.02
CA VAL X 140 -8.10 36.50 -32.93
C VAL X 140 -7.56 35.07 -32.91
N ASP X 141 -7.58 34.40 -31.75
CA ASP X 141 -7.22 32.97 -31.71
C ASP X 141 -8.10 32.14 -32.63
N ALA X 142 -9.42 32.31 -32.52
CA ALA X 142 -10.33 31.53 -33.35
C ALA X 142 -10.12 31.82 -34.84
N ILE X 143 -9.92 33.09 -35.19
CA ILE X 143 -9.78 33.44 -36.61
C ILE X 143 -8.52 32.80 -37.18
N GLU X 144 -7.43 32.81 -36.42
CA GLU X 144 -6.21 32.17 -36.90
C GLU X 144 -6.41 30.66 -37.02
N GLU X 145 -7.09 30.04 -36.06
CA GLU X 145 -7.30 28.60 -36.11
C GLU X 145 -8.11 28.21 -37.34
N ILE X 146 -9.17 28.98 -37.63
CA ILE X 146 -9.98 28.68 -38.81
C ILE X 146 -9.15 28.91 -40.08
N SER X 147 -8.32 29.95 -40.10
CA SER X 147 -7.43 30.15 -41.23
C SER X 147 -6.54 28.94 -41.47
N ASP X 148 -5.99 28.36 -40.39
CA ASP X 148 -5.18 27.15 -40.54
C ASP X 148 -5.99 26.01 -41.17
N HIS X 149 -7.24 25.85 -40.74
CA HIS X 149 -8.09 24.78 -41.28
C HIS X 149 -8.31 24.96 -42.77
N ILE X 150 -8.61 26.18 -43.20
CA ILE X 150 -8.85 26.46 -44.62
C ILE X 150 -7.60 26.11 -45.43
N THR X 151 -6.44 26.56 -44.97
CA THR X 151 -5.20 26.27 -45.68
C THR X 151 -4.99 24.76 -45.82
N ASN X 152 -5.16 24.02 -44.72
CA ASN X 152 -4.95 22.58 -44.77
C ASN X 152 -5.97 21.89 -45.66
N LEU X 153 -7.23 22.34 -45.63
CA LEU X 153 -8.24 21.72 -46.50
C LEU X 153 -7.93 21.96 -47.97
N LYS X 154 -7.40 23.13 -48.31
CA LYS X 154 -6.95 23.35 -49.68
C LYS X 154 -5.79 22.43 -50.04
N ARG X 155 -4.86 22.23 -49.10
CA ARG X 155 -3.70 21.38 -49.38
C ARG X 155 -4.10 19.92 -49.60
N VAL X 156 -5.01 19.38 -48.79
CA VAL X 156 -5.32 17.95 -48.90
C VAL X 156 -6.28 17.64 -50.04
N GLY X 157 -7.04 18.63 -50.52
CA GLY X 157 -7.96 18.40 -51.63
C GLY X 157 -9.21 17.65 -51.21
N THR X 158 -10.04 17.33 -52.20
CA THR X 158 -11.30 16.64 -51.94
C THR X 158 -11.11 15.12 -51.98
N GLY X 159 -12.05 14.43 -51.34
CA GLY X 159 -12.04 12.97 -51.34
C GLY X 159 -11.25 12.41 -50.17
N LEU X 160 -10.23 11.61 -50.46
CA LEU X 160 -9.45 11.02 -49.38
C LEU X 160 -8.87 12.10 -48.46
N GLY X 161 -8.48 13.24 -49.03
CA GLY X 161 -7.92 14.30 -48.19
C GLY X 161 -8.89 14.79 -47.11
N GLU X 162 -10.16 14.99 -47.49
CA GLU X 162 -11.17 15.39 -46.51
C GLU X 162 -11.35 14.33 -45.43
N TYR X 163 -11.38 13.07 -45.84
CA TYR X 163 -11.51 11.97 -44.87
C TYR X 163 -10.33 11.96 -43.90
N MET X 164 -9.12 12.08 -44.44
CA MET X 164 -7.92 12.04 -43.58
C MET X 164 -7.85 13.25 -42.66
N TYR X 165 -8.28 14.42 -43.14
CA TYR X 165 -8.30 15.58 -42.27
C TYR X 165 -9.28 15.38 -41.11
N ASP X 166 -10.42 14.78 -41.39
CA ASP X 166 -11.37 14.40 -40.34
C ASP X 166 -10.70 13.50 -39.29
N LYS X 167 -9.91 12.52 -39.73
CA LYS X 167 -9.33 11.56 -38.79
C LYS X 167 -8.08 12.08 -38.09
N GLU X 168 -7.31 12.97 -38.72
CA GLU X 168 -6.00 13.34 -38.20
C GLU X 168 -5.97 14.69 -37.48
N THR X 169 -6.73 15.66 -37.95
CA THR X 169 -6.76 16.98 -37.32
C THR X 169 -8.04 17.21 -36.54
N MET X 170 -9.20 16.93 -37.14
CA MET X 170 -10.45 17.25 -36.47
C MET X 170 -10.70 16.37 -35.26
N SER X 171 -10.05 15.22 -35.17
CA SER X 171 -10.30 14.28 -34.07
C SER X 171 -9.64 14.72 -32.75
FE FE Y . 28.45 -24.94 -6.26
FE FE2 Z . 23.43 -37.12 21.82
FE FE2 AA . 7.11 -50.41 22.79
FE FE2 BA . 7.89 -56.07 25.17
FE FE2 CA . 6.61 -46.57 21.06
NA NA DA . 21.88 -40.26 2.91
FE FE EA . 4.49 -5.69 37.40
FE FE2 FA . 33.22 -16.07 32.11
FE FE2 GA . 52.63 -0.80 32.35
FE FE2 HA . 47.45 -0.75 29.22
NA NA IA . 39.89 -35.48 35.98
NA NA JA . 22.87 -1.72 39.80
FE FE2 KA . 43.68 -0.66 26.88
FE FE LA . 24.22 29.49 1.65
FE FE2 MA . 45.58 12.45 -13.00
FE FE2 NA . 42.84 11.29 -33.89
FE FE2 OA . 47.55 12.52 -37.68
FE FE2 PA . 39.57 10.40 -31.22
NA NA QA . 33.72 27.53 -14.66
FE FE RA . 25.61 28.13 3.98
FE FE SA . 29.88 -23.07 -4.34
FE FE2 TA . 48.21 -1.52 8.09
NA NA UA . 63.81 8.21 -1.85
NA NA VA . 40.44 -18.94 10.80
FE FE WA . 28.87 -23.32 -8.75
FE FE2 XA . 8.97 -43.40 -20.93
FE FE2 YA . 2.76 -42.58 -44.72
FE FE2 ZA . 2.48 -38.46 -40.37
FE FE2 AB . 2.21 -35.57 -37.30
NA NA BB . 22.99 -30.91 -25.03
FE FE CB . -23.33 -30.16 -1.89
FE FE2 DB . 0.92 -48.90 2.58
NA NA EB . 7.89 -62.91 -11.25
NA NA FB . -15.18 -42.02 10.55
FE FE2 GB . 34.39 15.76 31.01
NA NA HB . 32.47 25.11 49.57
NA NA IB . 39.79 19.01 12.77
FE FE JB . 1.42 -5.40 37.79
FE FE2 KB . 12.40 23.38 41.25
FE FE2 LB . -2.36 38.44 40.40
FE FE2 MB . -2.64 42.70 44.85
FE FE2 NB . -2.17 35.45 37.25
NA NA OB . -2.75 11.94 44.27
FE FE PB . -25.62 -28.44 -2.97
FE FE2 QB . -42.79 -11.26 33.92
FE FE2 RB . -39.61 -10.41 31.38
FE FE2 SB . -47.45 -12.57 37.62
FE FE2 TB . -30.10 -26.97 27.71
NA NA UB . -38.04 -23.44 10.49
FE FE VB . 3.83 -8.75 37.03
FE FE2 WB . -7.02 -37.10 31.11
NA NA XB . -24.71 -44.83 38.96
NA NA YB . 8.72 -27.22 35.96
FE FE ZB . 22.32 30.71 3.49
FE FE2 AC . -7.07 50.48 -22.70
FE FE2 BC . 11.93 41.24 -23.63
FE FE2 CC . -7.82 55.95 -25.13
FE FE2 DC . -6.52 46.60 -21.04
NA NA EC . 11.64 44.28 -4.62
FE FE FC . -0.75 6.30 -37.71
FE FE2 GC . 25.21 22.90 -35.19
NA NA HC . 26.78 43.30 -39.42
NA NA IC . 17.79 6.51 -41.88
FE FE JC . 30.69 -21.61 -6.98
FE FE2 KC . 33.81 -7.79 -34.54
NA NA LC . 32.18 -17.52 -52.91
NA NA MC . 41.56 -9.51 -17.04
FE FE NC . -3.64 5.27 -37.80
FE FE2 OC . 13.21 -20.41 -42.55
NA NA PC . -4.46 -12.71 -43.88
FE FE QC . -22.18 -30.44 -4.79
FE FE2 RC . -16.21 -30.04 -35.11
NA NA SC . -30.38 -26.66 -50.04
NA NA TC . -13.33 -39.72 -18.76
FE FE UC . -4.81 7.89 -36.78
FE FE2 VC . -30.56 -9.09 -37.17
FE FE2 WC . -52.66 0.81 -32.40
FE FE2 XC . -44.26 0.68 -27.21
FE FE2 YC . -48.22 0.64 -29.56
NA NA ZC . -23.69 8.84 -38.37
FE FE AD . -29.40 24.00 4.63
FE FE2 BD . -10.65 47.77 -2.11
NA NA CD . -25.52 37.22 -8.41
FE FE DD . 23.39 29.19 5.88
FE FE2 ED . 0.82 44.48 20.39
NA NA FD . -7.66 62.36 13.84
NA NA GD . 17.73 35.62 22.82
FE FE HD . -28.26 24.76 7.38
FE FE2 ID . -19.09 25.91 36.95
NA NA JD . -30.54 19.54 53.24
NA NA KD . -20.11 35.83 20.51
FE FE LD . 0.86 -8.29 37.27
FE FE2 MD . -27.96 2.27 40.24
NA NA ND . -17.01 -13.53 40.46
FE FE OD . -24.49 -28.53 -5.74
FE FE2 PD . -47.29 -8.10 -10.02
NA NA QD . -36.17 -21.16 -18.80
FE FE RD . -29.63 22.20 8.61
FE FE2 SD . -46.56 -2.91 14.90
NA NA TD . -63.58 -8.76 4.44
NA NA UD . -37.97 12.49 22.59
FE FE VD . -30.78 21.40 5.72
FE FE2 WD . -38.18 19.02 -24.14
NA NA XD . -43.35 13.89 -6.32
FE FE YD . -1.82 9.15 -36.91
FE FE2 ZD . -18.54 34.20 -29.78
NA NA AE . -38.27 37.50 -35.65
NA NA BE . -1.53 28.03 -36.37
#